data_7BL1
#
_entry.id   7BL1
#
_cell.length_a   1.00
_cell.length_b   1.00
_cell.length_c   1.00
_cell.angle_alpha   90.00
_cell.angle_beta   90.00
_cell.angle_gamma   90.00
#
_symmetry.space_group_name_H-M   'P 1'
#
loop_
_entity.id
_entity.type
_entity.pdbx_description
1 polymer 'UV radiation resistance-associated gene protein'
2 polymer 'Phosphatidylinositol 3-kinase catalytic subunit type 3'
3 polymer 'Phosphoinositide 3-kinase regulatory subunit 4'
4 polymer Beclin-1
5 polymer 'unknown peptide'
6 polymer 'Ras-related protein Rab-5A'
7 non-polymer "GUANOSINE-5'-TRIPHOSPHATE"
8 non-polymer 'MAGNESIUM ION'
#
loop_
_entity_poly.entity_id
_entity_poly.type
_entity_poly.pdbx_seq_one_letter_code
_entity_poly.pdbx_strand_id
1 'polypeptide(L)'
;MSASASVGGPVPQPPPGPAAALPPGSAARALHVELPSQQRRLRHLRNIAARNIVNRNGHQLLDTYFTLHLCSTEKIYKEF
YRSEVIKNSLNPTWRSLDFGIMPDRLDTSVSCFVVKIWGGKENIYQLLIEWKVCLDGLKYLGQQIHARNQNEIIFGLNDG
YYGAPFEHKGYSNAQKTILLQVDQNCVRNSYDVFSLLRLHRAQCAIKQTQVTVQKIGKEIEEKLRLTSTSNELKKKSECL
QLKILVLQNELERQKKALGREVALLHKQQIALQDKGSAFSAEHLKLQLQKESLNELRKECTAKRELFLKTNAQLTIRCRQ
LLSELSYIYPIDLNEHKDYFVCGVKLPNSEDFQAKDDGSIAVALGYTAHLVSMISFFLQVPLRYPIIHKGSRSTIKDNIN
DKLTEKEREFPLYPKGGEKLQFDYGVYLLNKNIAQLRYQHGLGTPDLRQTLPNLKNFMEHGLMVRCDRHHTSSAIPVPKR
QSSIFGGADVGFSGGIPSPDKGHRKRASSENERLQYKTPPPSYNSALAQPVTTVPSMGETERKITSLSSSLDTSLDFSKE
NKKKGEDLVGSLNGGHANVHPSQEQGEALSGHRATVNGTLLPSEQAGSASVQLPGEFHPVSEAELCCTVEQAEEIIGLEA
TGFASGDQLEAFNCIPVDSAVAVECDEQVLGEFEEFSRRIYALNENVSSFRRPRRSSDK
;
AAA
2 'polypeptide(L)'
;MGEAEKFHYIYSCDLDINVQLKIGSLEGKREQKSYKAVLEDPMLKFSGLYQETCSDLYVTCQVFAEGKPLALPVRTSYKA
FSTRWNWNEWLKLPVKYPDLPRNAQVALTIWDVYGPGKAVPVGGTTVSLFGKYGMFRQGMHDLKVWPNVEADGSEPTKTP
GRTSSTLSEDQMSRLAKLTKAHRQGHMVKVDWLDRLTFREIEMINESEKRSSNFMYLMVEFRCVKCDDKEYGIVYYEKDG
DESSPILTSFELVKVPDPQMSMENLVESKHHKLARSLRSGPSDHDLKPNAATRDQLNIIVSYPPTKQLTYEEQDLVWKFR
YYLTNQEKALTKFLKCVNWDLPQEAKQALELLGKWKPMDVEDSLELLSSHYTNPTVRRYAVARLRQADDEDLLMYLLQLV
QALKYENFDDIKNGLEPTKKDSQSSVSENVSNSGINSAEIDSSQIITSPLPSVSSPPPASKTKEVPDGENLEQDLCTFLI
SRACKNSTLANYLYWYVIVECEDQDTQQRDPKTHEMYLNVMRRFSQALLKGDKSVRVMRSLLAAQQTFVDRLVHLMKAVQ
RESGNRKKKNERLQALLGDNEKMNLSDVELIPLPLEPQVKIRGIIPETATLFKSALMPAQLFFKTEDGGKYPVIFKHGDD
LRQDQLILQIISLMDKLLRKENLDLKLTPYKVLATSTKHGFMQFIQSVPVAEVLDTEGSIQNFFRKYAPSENGPNGISAE
VMDTYVKSCAGYCVITYILGVGDRHLDNLLLTKTGKLFHIDFGYILGRDPKPLPPPMKLNKEMVEGMGGTQSEQYQEFRK
QCYTAFLHLRRYSNLILNLFSLMVDANIPDIALEPDKTVKKVQDKFRLDLSDEEAVHYMQSLIDESVHALFAAVVEQIHK
FAQYWRK
;
BBB
3 'polypeptide(L)'
;MGNQLAGIAPSQILSVESYFSDIHDFEYDKSLGSTRFFKVARAKHREGLVVVKVFAIQDPTLPLTSYKQELEELKIRLNS
AQNCLPFQKASEKASEKAAMLFRQYVRDNLYDRISTRPFLNNIEKRWIAFQILTAVDQAHKSGVRHGDIKTENVMVTSWN
WVLLTDFASFKPTYLPEDNPADFNYFFDTSRRRTCYIAPERFVDGGMFATELEYMRDPSTPLVDLNSNQRTRGELKRAMD
IFSAGCVIAELFTEGVPLFDLSQLLAYRNGHFFPEQVLNKIEDHSIRELVTQMIHREPDKRLEAEDYLKQQRGNAFPEIF
YTFLQPYMAQFAKETFLSADERILVIRKDLGNIIHNLCGHDLPEKAEGEPKENGLVILVSVITSCLQTLKYCDSKLAALE
LILHLAPRLSVEILLDRITPYLLHFSNDSVPRVRAEALRTLTKVLALVKEVPRNDINIYPEYILPGIAHLAQDDATIVRL
AYAENIALLAETALRFLELVQLKNLNMENDPNNEEIDEVTHPNGNYDTELQALHEMVQQKVVTLLSDPENIVKQTLMENG
ITRLCVFFGRQKANDVLLSHMITFLNDKNDWHLRGAFFDSIVGVAAYVGWQSSSILKPLLQQGLSDAEEFVIVKALYALT
CMCQLGLLQKPHVYEFASDIAPFLCHPNLWIRYGAVGFITVVARQISTADVYCKLMPYLDPYITQPIIQIERKLVLLSVL
KEPVSRSIFDYALRSKDITSLFRHLHMRQKKRNGSLPDCPPPEDPAIAQLLKKLLSQGMTEEEEDKLLALKDFMMKSNKA
KANIVDQSHLHDSSQKGVIDLAALGITGRQVDLVKTKQEPDDKRARKHVKQDSNVNEEWKSMFGSLDPPNMPQALPKGSD
QEVIQTGKPPRSESSAGICVPLSTSSQVPEVTTVQNKKPVIPVLSSTILPSTYQIRITTCKTELQQLIQQKREQCNAERI
AKQMMENAEWESKPPPPGWRPKGLLVAHLHEHKSAVNRIRVSDEHSLFATCSNDGTVKIWNSQKMEGKTTTTRSILTYSR
IGGRVKTLTFCQGSHYLAIASDNGAVQLLGIEASKLPKSPKIHPLQSRILDQKEDGCVVDMHHFNSGAQSVLAYATVNGS
LVGWDLRSSSNAWTLKHDLKSGLITSFAVDIHQCWLCIGTSSGTMACWDMRFQLPISSHCHPSRARIRRLSMHPLYQSWV
IAAVQGNNEVSMWDMETGDRRFTLWASSAPPLSELQPSPHSVHGIYCSPADGNPILLTAGSDMKIRFWDLAYPERSYVVA
GSTSSPSVSYYRKIIEGTEVVQEIQNKQKVGPSDDTPRRGPESLPVGHHDIITDVATFQTTQGFIVTASRDGIVKVWKSR
PTTASENLYFQ
;
CCC
4 'polypeptide(L)'
;MEGSKTSNNSTMQVSFVCQRCSQPLKLDTSFKILDRVTIQELTAPLLTTAQAKPGETQEEETNSGEEPFIETPRQDGVSR
RFIPPARMMSTESANSFTLIGEASDGGTMENLSRRLKVTGDLFDIMSGQTDVDHPLCEECTDTLLDQLDTQLNVTENECQ
NYKRCLEILEQMNEDDSEQLQMELKELALEEERLIQELEDVEKNRKIVAENLEKVQAEAERLDQEEAQYQREYSEFKRQQ
LELDDELKSVENQMRYAQTQLDKLKKTNVFNATFHIWHSGQFGTINNFRLGRLPSVPVEWNEINAAWGQTVLLLHALANK
MGLKFQRYRLVPYGNHSYLESLTDKSKELPLYCSGGLRFFWDNKFDHAMVAFLDCVQQFKEEVEKGETRFCLPYRMDVEK
GKIEDTGGSGGSYSIKTQFNSEEQWTKALKFMLTNLKWGLAWVSSQFYNK
;
EEE
5 'polypeptide(L)' AAAAAAAAAAAAAAAAAAAAAA FFF
6 'polypeptide(L)'
;NKISQFKLVLLGESAVGKSSLVLRFVKGQFHEFQESTIGAAFLTQTVSLDDTTVKFEIWDTAGLERYHSLAPMYYRGAQA
AIVVYDITNEESFARAKNWVKELQRQASPNIVIALSGNKADLANKRAVDFQEAQSYADDNSLLFMETSAKTSMNVNEIFM
AIAKKLPK
;
DDD
#
loop_
_chem_comp.id
_chem_comp.type
_chem_comp.name
_chem_comp.formula
GTP non-polymer GUANOSINE-5'-TRIPHOSPHATE 'C10 H16 N5 O14 P3'
MG non-polymer 'MAGNESIUM ION' 'Mg 2'
#
# COMPACT_ATOMS: atom_id res chain seq x y z
N ILE A 53 -41.50 9.32 -57.72
CA ILE A 53 -40.36 9.20 -56.78
C ILE A 53 -40.18 10.50 -55.99
N VAL A 54 -39.70 10.43 -54.71
CA VAL A 54 -39.42 11.61 -53.88
C VAL A 54 -38.38 11.34 -52.76
N ASN A 55 -37.56 12.35 -52.36
CA ASN A 55 -36.51 12.27 -51.33
C ASN A 55 -36.60 13.41 -50.31
N ARG A 56 -36.44 13.09 -49.01
CA ARG A 56 -36.75 14.00 -47.91
C ARG A 56 -36.27 13.46 -46.55
N ASN A 57 -36.89 13.96 -45.44
CA ASN A 57 -36.73 13.39 -44.10
C ASN A 57 -38.00 13.50 -43.24
N GLY A 58 -38.53 12.38 -42.76
CA GLY A 58 -39.48 12.40 -41.64
C GLY A 58 -38.78 12.87 -40.35
N HIS A 59 -39.51 13.59 -39.48
CA HIS A 59 -38.88 14.38 -38.41
C HIS A 59 -39.42 14.17 -36.99
N GLN A 60 -40.13 13.05 -36.75
CA GLN A 60 -40.59 12.67 -35.42
C GLN A 60 -40.94 11.17 -35.39
N LEU A 61 -41.38 10.65 -34.24
CA LEU A 61 -41.99 9.32 -34.13
C LEU A 61 -43.19 9.30 -33.17
N LEU A 62 -44.09 8.35 -33.41
CA LEU A 62 -45.24 8.07 -32.55
C LEU A 62 -45.47 6.56 -32.49
N ASP A 63 -45.18 5.99 -31.31
CA ASP A 63 -45.07 4.56 -31.07
C ASP A 63 -43.98 3.86 -31.88
N THR A 64 -43.51 2.73 -31.34
CA THR A 64 -42.57 1.88 -32.04
C THR A 64 -43.11 1.41 -33.39
N TYR A 65 -44.42 1.16 -33.45
CA TYR A 65 -45.21 1.07 -34.66
C TYR A 65 -46.45 1.96 -34.53
N PHE A 66 -46.81 2.62 -35.64
CA PHE A 66 -48.02 3.44 -35.74
C PHE A 66 -48.70 3.25 -37.09
N THR A 67 -49.91 3.78 -37.22
CA THR A 67 -50.80 3.51 -38.32
C THR A 67 -50.22 3.85 -39.71
N LEU A 68 -50.55 3.00 -40.70
CA LEU A 68 -49.93 2.96 -42.01
C LEU A 68 -50.26 4.16 -42.89
N HIS A 69 -49.54 4.30 -44.00
CA HIS A 69 -49.86 5.30 -45.01
C HIS A 69 -51.27 5.16 -45.58
N LEU A 70 -51.84 3.94 -45.59
CA LEU A 70 -53.25 3.64 -45.89
C LEU A 70 -53.60 2.16 -45.64
N CYS A 71 -54.86 1.75 -45.85
CA CYS A 71 -55.26 0.34 -45.78
C CYS A 71 -56.44 0.00 -46.70
N SER A 72 -56.39 -1.20 -47.31
CA SER A 72 -57.47 -1.77 -48.11
C SER A 72 -58.72 -2.10 -47.28
N THR A 73 -58.57 -2.24 -45.97
CA THR A 73 -59.66 -2.46 -45.03
C THR A 73 -60.64 -1.27 -44.94
N GLU A 74 -60.29 -0.08 -45.47
CA GLU A 74 -61.24 1.03 -45.62
C GLU A 74 -61.18 1.73 -46.98
N LYS A 75 -60.10 1.58 -47.75
CA LYS A 75 -60.02 2.11 -49.11
C LYS A 75 -59.05 1.29 -49.98
N ILE A 76 -57.77 1.65 -49.93
CA ILE A 76 -56.66 0.96 -50.58
C ILE A 76 -55.40 1.14 -49.71
N TYR A 77 -54.43 0.23 -49.79
CA TYR A 77 -53.30 0.18 -48.86
C TYR A 77 -52.20 1.23 -49.11
N LYS A 78 -51.46 1.57 -48.05
CA LYS A 78 -50.14 2.20 -48.14
C LYS A 78 -49.35 1.83 -46.88
N GLU A 79 -48.04 1.70 -47.03
CA GLU A 79 -47.26 0.85 -46.15
C GLU A 79 -47.51 1.09 -44.67
N PHE A 80 -47.88 0.02 -43.99
CA PHE A 80 -47.63 -0.09 -42.56
C PHE A 80 -46.13 -0.29 -42.35
N TYR A 81 -45.56 0.48 -41.43
CA TYR A 81 -44.15 0.44 -41.07
C TYR A 81 -43.95 1.06 -39.68
N ARG A 82 -42.77 0.86 -39.10
CA ARG A 82 -42.52 1.22 -37.71
C ARG A 82 -41.10 1.75 -37.51
N SER A 83 -40.93 2.70 -36.58
CA SER A 83 -39.63 3.10 -36.07
C SER A 83 -39.71 3.10 -34.54
N GLU A 84 -38.92 2.23 -33.93
CA GLU A 84 -39.15 1.62 -32.62
C GLU A 84 -39.15 2.52 -31.37
N VAL A 85 -38.94 3.82 -31.48
CA VAL A 85 -38.63 4.67 -30.32
C VAL A 85 -39.69 4.65 -29.21
N ILE A 86 -39.22 4.63 -27.96
CA ILE A 86 -40.04 4.38 -26.77
C ILE A 86 -39.97 5.52 -25.76
N LYS A 87 -41.09 5.72 -25.07
CA LYS A 87 -41.24 6.73 -24.04
C LYS A 87 -42.46 6.40 -23.18
N ASN A 88 -42.68 7.19 -22.13
CA ASN A 88 -43.86 7.09 -21.27
C ASN A 88 -45.18 7.29 -22.05
N SER A 89 -46.28 6.73 -21.55
CA SER A 89 -47.55 6.61 -22.28
C SER A 89 -48.77 7.33 -21.67
N LEU A 90 -48.60 8.22 -20.65
CA LEU A 90 -49.73 8.98 -20.09
C LEU A 90 -49.36 10.41 -19.63
N ASN A 91 -48.08 10.77 -19.75
CA ASN A 91 -47.51 12.08 -19.44
C ASN A 91 -46.20 12.27 -20.22
N PRO A 92 -45.66 13.51 -20.27
CA PRO A 92 -44.75 13.97 -21.32
C PRO A 92 -43.49 13.18 -21.71
N THR A 93 -43.29 13.07 -23.04
CA THR A 93 -42.06 12.76 -23.78
C THR A 93 -42.24 13.21 -25.26
N TRP A 94 -41.17 13.39 -26.07
CA TRP A 94 -41.35 13.80 -27.48
C TRP A 94 -40.33 13.19 -28.47
N ARG A 95 -40.35 11.86 -28.55
CA ARG A 95 -39.44 11.00 -29.33
C ARG A 95 -39.47 11.16 -30.87
N SER A 96 -38.61 10.38 -31.54
CA SER A 96 -38.28 10.47 -32.97
C SER A 96 -38.19 9.10 -33.67
N LEU A 97 -38.44 9.07 -34.99
CA LEU A 97 -38.37 7.89 -35.85
C LEU A 97 -37.57 8.22 -37.11
N ASP A 98 -36.68 7.32 -37.49
CA ASP A 98 -35.59 7.67 -38.38
C ASP A 98 -35.21 6.56 -39.36
N PHE A 99 -34.68 6.99 -40.49
CA PHE A 99 -34.02 6.15 -41.48
C PHE A 99 -33.33 7.01 -42.55
N GLY A 100 -32.45 6.39 -43.35
CA GLY A 100 -32.13 6.89 -44.68
C GLY A 100 -33.08 6.28 -45.72
N ILE A 101 -33.39 4.98 -45.54
CA ILE A 101 -34.20 4.18 -46.45
C ILE A 101 -35.70 4.47 -46.27
N MET A 102 -36.15 4.78 -45.05
CA MET A 102 -37.54 5.22 -44.86
C MET A 102 -37.75 6.56 -45.56
N PRO A 103 -37.00 7.66 -45.25
CA PRO A 103 -36.96 8.87 -46.08
C PRO A 103 -36.13 8.73 -47.36
N ASP A 104 -36.42 7.63 -48.07
CA ASP A 104 -35.86 7.23 -49.35
C ASP A 104 -36.07 8.31 -50.40
N ARG A 105 -35.36 8.14 -51.51
CA ARG A 105 -35.47 8.94 -52.72
C ARG A 105 -36.48 8.40 -53.73
N LEU A 106 -36.83 7.10 -53.68
CA LEU A 106 -37.99 6.53 -54.39
C LEU A 106 -39.22 6.65 -53.51
N ASP A 107 -40.39 6.82 -54.16
CA ASP A 107 -41.66 7.00 -53.48
C ASP A 107 -42.86 7.02 -54.43
N THR A 108 -44.06 6.66 -53.92
CA THR A 108 -45.34 7.09 -54.48
C THR A 108 -45.41 8.62 -54.37
N SER A 109 -45.48 9.33 -55.52
CA SER A 109 -45.09 10.73 -55.64
C SER A 109 -45.89 11.70 -54.78
N VAL A 110 -47.22 11.50 -54.64
CA VAL A 110 -48.10 12.46 -53.97
C VAL A 110 -49.40 11.81 -53.46
N SER A 111 -50.04 12.49 -52.50
CA SER A 111 -51.34 12.15 -51.90
C SER A 111 -51.91 13.31 -51.04
N CYS A 112 -53.24 13.43 -50.97
CA CYS A 112 -53.90 14.23 -49.94
C CYS A 112 -54.05 13.37 -48.68
N PHE A 113 -53.20 13.61 -47.69
CA PHE A 113 -52.77 12.62 -46.71
C PHE A 113 -53.61 12.56 -45.43
N VAL A 114 -53.58 11.38 -44.81
CA VAL A 114 -54.15 11.12 -43.49
C VAL A 114 -53.07 10.66 -42.50
N VAL A 115 -52.95 11.38 -41.40
CA VAL A 115 -52.07 11.05 -40.29
C VAL A 115 -52.82 10.22 -39.25
N LYS A 116 -52.38 8.99 -39.05
CA LYS A 116 -52.89 8.11 -37.99
C LYS A 116 -51.74 7.45 -37.24
N ILE A 117 -51.82 7.46 -35.91
CA ILE A 117 -50.89 6.72 -35.07
C ILE A 117 -51.50 5.42 -34.55
N TRP A 118 -50.67 4.57 -33.94
CA TRP A 118 -51.07 3.30 -33.36
C TRP A 118 -50.10 2.94 -32.23
N GLY A 119 -50.31 1.80 -31.56
CA GLY A 119 -49.31 1.15 -30.72
C GLY A 119 -48.73 2.00 -29.57
N GLY A 120 -47.45 1.81 -29.28
CA GLY A 120 -46.72 2.59 -28.28
C GLY A 120 -46.40 1.74 -27.06
N LYS A 121 -45.44 0.83 -27.23
CA LYS A 121 -45.19 -0.21 -26.26
C LYS A 121 -46.52 -0.91 -25.89
N GLU A 122 -46.74 -1.08 -24.59
CA GLU A 122 -47.92 -1.72 -24.02
C GLU A 122 -48.68 -0.76 -23.12
N ASN A 123 -47.97 0.23 -22.57
CA ASN A 123 -48.55 1.34 -21.86
C ASN A 123 -49.46 2.16 -22.79
N ILE A 124 -49.02 2.44 -24.02
CA ILE A 124 -49.86 3.06 -25.02
C ILE A 124 -50.64 1.98 -25.80
N TYR A 125 -49.92 1.10 -26.50
CA TYR A 125 -50.47 -0.05 -27.21
C TYR A 125 -51.68 0.26 -28.14
N GLN A 126 -51.85 1.52 -28.56
CA GLN A 126 -53.06 2.00 -29.24
C GLN A 126 -52.81 3.32 -29.97
N LEU A 127 -53.74 3.72 -30.85
CA LEU A 127 -53.74 5.02 -31.51
C LEU A 127 -53.54 6.23 -30.60
N LEU A 128 -53.08 7.35 -31.17
CA LEU A 128 -52.82 8.58 -30.40
C LEU A 128 -53.11 9.91 -31.12
N ILE A 129 -53.21 9.92 -32.45
CA ILE A 129 -53.63 11.12 -33.17
C ILE A 129 -54.30 10.77 -34.49
N GLU A 130 -55.24 11.63 -34.88
CA GLU A 130 -55.94 11.64 -36.14
C GLU A 130 -55.83 13.03 -36.77
N TRP A 131 -55.40 13.11 -38.03
CA TRP A 131 -55.22 14.38 -38.74
C TRP A 131 -55.23 14.20 -40.26
N LYS A 132 -55.36 15.30 -41.00
CA LYS A 132 -55.39 15.30 -42.47
C LYS A 132 -54.70 16.52 -43.06
N VAL A 133 -54.22 16.39 -44.32
CA VAL A 133 -53.51 17.47 -45.00
C VAL A 133 -53.32 17.20 -46.50
N CYS A 134 -53.84 18.10 -47.35
CA CYS A 134 -53.42 18.15 -48.76
C CYS A 134 -51.95 18.58 -48.85
N LEU A 135 -51.14 17.77 -49.55
CA LEU A 135 -49.70 17.77 -49.36
C LEU A 135 -48.91 18.95 -49.95
N ASP A 136 -49.53 19.78 -50.80
CA ASP A 136 -48.87 20.96 -51.33
C ASP A 136 -48.39 21.90 -50.22
N GLY A 137 -49.03 21.85 -49.04
CA GLY A 137 -48.61 22.60 -47.86
C GLY A 137 -47.19 22.27 -47.38
N LEU A 138 -46.71 21.05 -47.58
CA LEU A 138 -45.40 20.60 -47.14
C LEU A 138 -44.39 20.62 -48.28
N LYS A 139 -44.00 21.81 -48.74
CA LYS A 139 -43.17 21.91 -49.93
C LYS A 139 -41.78 21.28 -49.74
N TYR A 140 -41.16 20.90 -50.86
CA TYR A 140 -40.09 19.90 -50.90
C TYR A 140 -38.73 20.33 -50.34
N LEU A 141 -38.40 21.64 -50.28
CA LEU A 141 -37.10 22.14 -49.80
C LEU A 141 -37.27 23.19 -48.69
N GLY A 142 -36.85 22.85 -47.47
CA GLY A 142 -37.02 23.67 -46.27
C GLY A 142 -38.48 23.88 -45.83
N GLN A 143 -39.46 23.50 -46.65
CA GLN A 143 -40.83 23.96 -46.57
C GLN A 143 -41.68 23.15 -45.60
N GLN A 144 -41.40 23.43 -44.34
CA GLN A 144 -42.13 22.95 -43.17
C GLN A 144 -43.66 23.01 -43.34
N ILE A 145 -44.34 21.94 -42.87
CA ILE A 145 -45.77 21.87 -42.59
C ILE A 145 -45.96 21.20 -41.20
N HIS A 146 -47.00 21.57 -40.43
CA HIS A 146 -46.98 21.36 -38.98
C HIS A 146 -48.37 21.24 -38.35
N ALA A 147 -48.39 20.68 -37.13
CA ALA A 147 -49.63 20.52 -36.40
C ALA A 147 -49.40 20.58 -34.88
N ARG A 148 -50.47 20.89 -34.15
CA ARG A 148 -50.63 20.45 -32.78
C ARG A 148 -52.00 19.79 -32.68
N ASN A 149 -51.98 18.54 -32.17
CA ASN A 149 -53.09 17.61 -32.00
C ASN A 149 -52.87 16.69 -30.77
N GLN A 150 -53.93 16.02 -30.29
CA GLN A 150 -53.88 15.40 -28.96
C GLN A 150 -55.05 14.46 -28.63
N ASN A 151 -55.19 13.31 -29.31
CA ASN A 151 -56.37 12.45 -29.15
C ASN A 151 -56.43 11.65 -27.84
N GLU A 152 -55.33 11.61 -27.05
CA GLU A 152 -55.30 11.04 -25.70
C GLU A 152 -54.32 11.74 -24.73
N ILE A 153 -53.24 12.30 -25.29
CA ILE A 153 -52.35 13.26 -24.64
C ILE A 153 -51.84 14.26 -25.68
N ILE A 154 -51.40 15.44 -25.23
CA ILE A 154 -50.91 16.49 -26.12
C ILE A 154 -49.63 16.07 -26.82
N PHE A 155 -49.59 16.35 -28.11
CA PHE A 155 -48.34 16.32 -28.86
C PHE A 155 -48.31 17.41 -29.93
N GLY A 156 -47.30 18.32 -29.86
CA GLY A 156 -47.05 19.34 -30.87
C GLY A 156 -46.36 18.75 -32.10
N LEU A 157 -47.17 18.15 -32.97
CA LEU A 157 -46.77 17.41 -34.16
C LEU A 157 -45.87 18.24 -35.09
N ASN A 158 -44.62 17.76 -35.16
CA ASN A 158 -43.50 18.33 -35.89
C ASN A 158 -43.00 17.40 -37.01
N ASP A 159 -42.98 17.91 -38.26
CA ASP A 159 -42.37 17.25 -39.42
C ASP A 159 -41.64 18.25 -40.31
N GLY A 160 -40.44 17.87 -40.76
CA GLY A 160 -39.51 18.75 -41.43
C GLY A 160 -39.54 18.47 -42.92
N TYR A 161 -39.26 19.54 -43.66
CA TYR A 161 -39.23 19.53 -45.11
C TYR A 161 -37.90 20.03 -45.65
N TYR A 162 -36.90 20.18 -44.78
CA TYR A 162 -35.49 20.06 -45.15
C TYR A 162 -35.27 18.87 -46.11
N GLY A 163 -34.29 18.97 -47.02
CA GLY A 163 -33.98 17.92 -47.99
C GLY A 163 -33.46 16.65 -47.34
N ASN A 173 -42.04 6.09 -63.61
CA ASN A 173 -42.76 6.52 -64.85
C ASN A 173 -42.96 8.04 -64.90
N ALA A 174 -42.62 8.72 -63.79
CA ALA A 174 -42.97 10.10 -63.47
C ALA A 174 -42.54 11.10 -64.56
N GLN A 175 -41.23 11.05 -64.85
CA GLN A 175 -40.56 11.88 -65.83
C GLN A 175 -41.31 11.81 -67.16
N LYS A 176 -41.63 10.58 -67.59
CA LYS A 176 -42.30 10.29 -68.84
C LYS A 176 -43.61 11.10 -68.97
N THR A 177 -44.51 10.96 -68.00
CA THR A 177 -45.83 11.62 -68.02
C THR A 177 -45.70 13.15 -68.04
N ILE A 178 -44.73 13.67 -67.28
CA ILE A 178 -44.47 15.10 -67.21
C ILE A 178 -44.09 15.64 -68.60
N LEU A 179 -43.18 14.91 -69.27
CA LEU A 179 -42.69 15.29 -70.59
C LEU A 179 -43.85 15.51 -71.55
N LEU A 180 -44.87 14.62 -71.49
CA LEU A 180 -46.07 14.71 -72.32
C LEU A 180 -46.74 16.08 -72.19
N GLN A 181 -46.87 16.54 -70.94
CA GLN A 181 -47.54 17.80 -70.64
C GLN A 181 -46.75 18.95 -71.27
N VAL A 182 -45.43 18.97 -71.03
CA VAL A 182 -44.56 19.99 -71.57
C VAL A 182 -44.63 20.00 -73.10
N ASP A 183 -44.70 18.81 -73.71
CA ASP A 183 -44.83 18.69 -75.16
C ASP A 183 -46.11 19.36 -75.66
N GLN A 184 -47.23 19.12 -74.95
CA GLN A 184 -48.54 19.62 -75.31
C GLN A 184 -48.63 21.16 -75.19
N ASN A 185 -47.71 21.76 -74.41
CA ASN A 185 -47.76 23.18 -74.02
C ASN A 185 -47.43 24.18 -75.14
N CYS A 186 -46.99 23.70 -76.32
CA CYS A 186 -46.77 24.61 -77.45
C CYS A 186 -46.69 23.85 -78.77
N VAL A 187 -46.53 24.62 -79.88
CA VAL A 187 -46.12 24.12 -81.19
C VAL A 187 -44.71 23.52 -81.05
N ARG A 188 -44.53 22.18 -81.29
CA ARG A 188 -43.28 21.44 -81.07
C ARG A 188 -43.09 20.18 -81.96
N ASN A 189 -41.82 19.76 -82.14
CA ASN A 189 -41.38 18.57 -82.90
C ASN A 189 -40.97 17.42 -81.98
N SER A 190 -40.48 16.31 -82.58
CA SER A 190 -39.88 15.21 -81.83
C SER A 190 -38.37 15.37 -81.68
N TYR A 191 -37.72 16.22 -82.51
CA TYR A 191 -36.29 16.54 -82.47
C TYR A 191 -35.36 15.30 -82.38
N ASP A 192 -34.53 15.17 -81.32
CA ASP A 192 -33.56 14.08 -81.18
C ASP A 192 -34.17 12.77 -80.64
N VAL A 193 -34.93 12.08 -81.50
CA VAL A 193 -35.67 10.87 -81.16
C VAL A 193 -34.74 9.71 -80.77
N PHE A 194 -33.43 9.79 -81.07
CA PHE A 194 -32.40 8.87 -80.58
C PHE A 194 -32.55 8.57 -79.09
N SER A 195 -32.90 9.63 -78.34
CA SER A 195 -33.07 9.57 -76.90
C SER A 195 -34.14 8.55 -76.51
N LEU A 196 -35.26 8.56 -77.25
CA LEU A 196 -36.37 7.61 -77.13
C LEU A 196 -35.93 6.19 -77.48
N LEU A 197 -35.09 6.01 -78.53
CA LEU A 197 -34.60 4.70 -78.89
C LEU A 197 -33.78 4.08 -77.77
N ARG A 198 -32.80 4.84 -77.27
CA ARG A 198 -31.95 4.36 -76.18
C ARG A 198 -32.78 4.04 -74.93
N LEU A 199 -33.79 4.87 -74.62
CA LEU A 199 -34.72 4.66 -73.52
C LEU A 199 -35.51 3.37 -73.69
N HIS A 200 -36.09 3.12 -74.88
CA HIS A 200 -36.84 1.90 -75.07
C HIS A 200 -35.93 0.69 -74.83
N ARG A 201 -34.64 0.76 -75.24
CA ARG A 201 -33.65 -0.29 -74.97
C ARG A 201 -33.45 -0.52 -73.47
N ALA A 202 -33.40 0.57 -72.69
CA ALA A 202 -33.33 0.48 -71.23
C ALA A 202 -34.61 -0.13 -70.65
N GLN A 203 -35.80 0.28 -71.14
CA GLN A 203 -37.08 -0.32 -70.80
C GLN A 203 -37.00 -1.84 -71.02
N CYS A 204 -36.47 -2.24 -72.17
CA CYS A 204 -36.31 -3.65 -72.50
C CYS A 204 -35.45 -4.38 -71.46
N ALA A 205 -34.31 -3.82 -71.05
CA ALA A 205 -33.48 -4.40 -70.00
C ALA A 205 -34.29 -4.61 -68.71
N ILE A 206 -35.19 -3.67 -68.41
CA ILE A 206 -36.11 -3.79 -67.28
C ILE A 206 -37.12 -4.91 -67.52
N LYS A 207 -37.70 -4.95 -68.73
CA LYS A 207 -38.70 -5.96 -69.06
C LYS A 207 -38.10 -7.37 -68.95
N GLN A 208 -36.87 -7.58 -69.46
CA GLN A 208 -36.10 -8.81 -69.31
C GLN A 208 -36.09 -9.24 -67.86
N THR A 209 -35.79 -8.27 -66.99
CA THR A 209 -35.68 -8.52 -65.57
C THR A 209 -37.02 -9.03 -64.99
N GLN A 210 -38.14 -8.41 -65.36
CA GLN A 210 -39.49 -8.84 -64.97
C GLN A 210 -39.72 -10.30 -65.40
N VAL A 211 -39.33 -10.62 -66.63
CA VAL A 211 -39.45 -11.97 -67.16
C VAL A 211 -38.59 -12.95 -66.34
N THR A 212 -37.34 -12.57 -66.04
CA THR A 212 -36.43 -13.33 -65.19
C THR A 212 -37.12 -13.63 -63.86
N VAL A 213 -37.74 -12.61 -63.24
CA VAL A 213 -38.51 -12.75 -62.01
C VAL A 213 -39.64 -13.77 -62.17
N GLN A 214 -40.35 -13.72 -63.31
CA GLN A 214 -41.43 -14.66 -63.60
C GLN A 214 -40.90 -16.10 -63.70
N LYS A 215 -39.72 -16.30 -64.32
CA LYS A 215 -39.03 -17.60 -64.39
C LYS A 215 -38.71 -18.13 -63.00
N ILE A 216 -38.15 -17.26 -62.15
CA ILE A 216 -37.88 -17.59 -60.77
C ILE A 216 -39.17 -17.96 -60.02
N GLY A 217 -40.27 -17.24 -60.28
CA GLY A 217 -41.61 -17.54 -59.79
C GLY A 217 -42.00 -18.98 -60.07
N LYS A 218 -41.84 -19.43 -61.31
CA LYS A 218 -42.14 -20.80 -61.71
C LYS A 218 -41.14 -21.79 -61.09
N GLU A 219 -39.85 -21.45 -61.05
CA GLU A 219 -38.79 -22.29 -60.48
C GLU A 219 -39.07 -22.62 -59.01
N ILE A 220 -39.66 -21.67 -58.28
CA ILE A 220 -39.86 -21.74 -56.84
C ILE A 220 -40.71 -22.95 -56.42
N GLU A 221 -41.68 -23.35 -57.26
CA GLU A 221 -42.58 -24.45 -56.97
C GLU A 221 -42.01 -25.82 -57.38
N GLU A 222 -40.96 -25.88 -58.21
CA GLU A 222 -40.44 -27.12 -58.82
C GLU A 222 -40.03 -28.15 -57.77
N LYS A 223 -39.18 -27.74 -56.84
CA LYS A 223 -38.70 -28.60 -55.78
C LYS A 223 -39.72 -28.68 -54.63
N LEU A 224 -40.51 -27.61 -54.42
CA LEU A 224 -41.44 -27.49 -53.29
C LEU A 224 -42.52 -28.56 -53.29
N ARG A 225 -42.99 -28.98 -54.47
CA ARG A 225 -43.90 -30.09 -54.61
C ARG A 225 -43.28 -31.39 -54.05
N LEU A 226 -42.05 -31.70 -54.49
CA LEU A 226 -41.31 -32.87 -54.04
C LEU A 226 -40.98 -32.78 -52.54
N THR A 227 -40.60 -31.59 -52.06
CA THR A 227 -40.25 -31.33 -50.66
C THR A 227 -41.45 -31.49 -49.74
N SER A 228 -42.60 -30.93 -50.14
CA SER A 228 -43.88 -31.14 -49.48
C SER A 228 -44.28 -32.62 -49.55
N THR A 229 -44.00 -33.26 -50.69
CA THR A 229 -44.33 -34.64 -51.01
C THR A 229 -43.62 -35.66 -50.13
N SER A 230 -42.41 -35.34 -49.64
CA SER A 230 -41.50 -36.32 -49.09
C SER A 230 -41.06 -36.01 -47.65
N ASN A 231 -41.18 -37.02 -46.77
CA ASN A 231 -40.54 -37.08 -45.46
C ASN A 231 -39.74 -38.40 -45.36
N GLU A 232 -38.48 -38.27 -44.90
CA GLU A 232 -37.58 -39.33 -44.49
C GLU A 232 -36.92 -38.88 -43.19
N LEU A 233 -36.46 -37.62 -43.13
CA LEU A 233 -36.32 -36.79 -41.93
C LEU A 233 -35.60 -37.52 -40.79
N LYS A 234 -36.38 -38.14 -39.89
CA LYS A 234 -35.88 -38.84 -38.71
C LYS A 234 -34.86 -39.93 -39.05
N LYS A 235 -34.84 -40.40 -40.31
CA LYS A 235 -33.86 -41.35 -40.85
C LYS A 235 -32.43 -40.93 -40.54
N LYS A 236 -32.16 -39.61 -40.57
CA LYS A 236 -30.83 -39.04 -40.38
C LYS A 236 -30.32 -39.21 -38.94
N SER A 237 -31.18 -38.92 -37.95
CA SER A 237 -30.82 -38.89 -36.53
C SER A 237 -30.22 -40.23 -36.05
N GLU A 238 -30.80 -41.34 -36.53
CA GLU A 238 -30.35 -42.68 -36.21
C GLU A 238 -28.89 -42.93 -36.63
N CYS A 239 -28.55 -42.60 -37.88
CA CYS A 239 -27.19 -42.77 -38.41
C CYS A 239 -26.19 -41.82 -37.73
N LEU A 240 -26.63 -40.61 -37.39
CA LEU A 240 -25.85 -39.65 -36.64
C LEU A 240 -25.50 -40.19 -35.26
N GLN A 241 -26.50 -40.64 -34.50
CA GLN A 241 -26.31 -41.26 -33.18
C GLN A 241 -25.37 -42.45 -33.31
N LEU A 242 -25.57 -43.28 -34.35
CA LEU A 242 -24.73 -44.43 -34.66
C LEU A 242 -23.27 -44.04 -34.83
N LYS A 243 -22.99 -42.99 -35.62
CA LYS A 243 -21.64 -42.51 -35.85
C LYS A 243 -20.99 -42.10 -34.51
N ILE A 244 -21.73 -41.34 -33.69
CA ILE A 244 -21.27 -40.91 -32.36
C ILE A 244 -20.96 -42.10 -31.46
N LEU A 245 -21.96 -43.01 -31.36
CA LEU A 245 -21.99 -44.10 -30.38
C LEU A 245 -20.77 -45.01 -30.56
N VAL A 246 -20.44 -45.36 -31.82
CA VAL A 246 -19.29 -46.19 -32.16
C VAL A 246 -18.03 -45.64 -31.52
N LEU A 247 -17.82 -44.34 -31.73
CA LEU A 247 -16.62 -43.64 -31.33
C LEU A 247 -16.56 -43.57 -29.80
N GLN A 248 -17.62 -43.06 -29.16
CA GLN A 248 -17.74 -43.01 -27.71
C GLN A 248 -17.45 -44.39 -27.10
N ASN A 249 -18.11 -45.45 -27.61
CA ASN A 249 -18.00 -46.81 -27.10
C ASN A 249 -16.56 -47.29 -27.16
N GLU A 250 -15.94 -47.09 -28.32
CA GLU A 250 -14.54 -47.46 -28.55
C GLU A 250 -13.65 -46.74 -27.54
N LEU A 251 -13.77 -45.40 -27.46
CA LEU A 251 -12.96 -44.55 -26.59
C LEU A 251 -13.09 -45.02 -25.14
N GLU A 252 -14.35 -45.21 -24.71
CA GLU A 252 -14.69 -45.67 -23.37
C GLU A 252 -13.95 -46.96 -23.06
N ARG A 253 -14.17 -47.99 -23.90
CA ARG A 253 -13.55 -49.29 -23.75
C ARG A 253 -12.03 -49.15 -23.65
N GLN A 254 -11.39 -48.44 -24.58
CA GLN A 254 -9.94 -48.25 -24.56
C GLN A 254 -9.46 -47.64 -23.25
N LYS A 255 -10.00 -46.47 -22.89
CA LYS A 255 -9.50 -45.71 -21.76
C LYS A 255 -9.64 -46.53 -20.47
N LYS A 256 -10.80 -47.22 -20.33
CA LYS A 256 -11.10 -48.06 -19.18
C LYS A 256 -10.21 -49.29 -19.19
N ALA A 257 -10.01 -49.91 -20.36
CA ALA A 257 -9.11 -51.04 -20.52
C ALA A 257 -7.71 -50.63 -20.05
N LEU A 258 -7.20 -49.53 -20.64
CA LEU A 258 -5.95 -48.89 -20.26
C LEU A 258 -5.87 -48.71 -18.74
N GLY A 259 -6.72 -47.82 -18.21
CA GLY A 259 -6.66 -47.40 -16.81
C GLY A 259 -6.80 -48.55 -15.81
N ARG A 260 -7.85 -49.37 -16.00
CA ARG A 260 -8.15 -50.51 -15.13
C ARG A 260 -7.00 -51.50 -15.19
N GLU A 261 -6.59 -51.95 -16.40
CA GLU A 261 -5.59 -53.00 -16.53
C GLU A 261 -4.28 -52.61 -15.82
N VAL A 262 -3.81 -51.38 -16.06
CA VAL A 262 -2.58 -50.88 -15.46
C VAL A 262 -2.69 -50.90 -13.93
N ALA A 263 -3.69 -50.16 -13.39
CA ALA A 263 -3.90 -49.99 -11.95
C ALA A 263 -4.00 -51.35 -11.28
N LEU A 264 -4.87 -52.21 -11.85
CA LEU A 264 -5.10 -53.57 -11.37
C LEU A 264 -3.80 -54.39 -11.36
N LEU A 265 -3.16 -54.52 -12.52
CA LEU A 265 -2.10 -55.49 -12.68
C LEU A 265 -0.90 -55.08 -11.85
N HIS A 266 -0.50 -53.80 -11.91
CA HIS A 266 0.62 -53.32 -11.10
C HIS A 266 0.28 -53.51 -9.64
N LYS A 267 -0.86 -52.98 -9.20
CA LYS A 267 -1.26 -53.04 -7.81
C LYS A 267 -1.35 -54.48 -7.31
N GLN A 268 -1.91 -55.44 -8.10
CA GLN A 268 -2.00 -56.86 -7.76
C GLN A 268 -0.60 -57.37 -7.44
N GLN A 269 0.28 -57.15 -8.41
CA GLN A 269 1.63 -57.65 -8.33
C GLN A 269 2.39 -57.05 -7.13
N ILE A 270 2.42 -55.71 -7.02
CA ILE A 270 3.12 -55.02 -5.93
C ILE A 270 2.54 -55.45 -4.58
N ALA A 271 1.20 -55.51 -4.47
CA ALA A 271 0.54 -55.84 -3.21
C ALA A 271 0.94 -57.24 -2.74
N LEU A 272 0.78 -58.23 -3.64
CA LEU A 272 1.08 -59.62 -3.34
C LEU A 272 2.51 -59.74 -2.80
N GLN A 273 3.45 -59.03 -3.46
CA GLN A 273 4.87 -59.00 -3.08
C GLN A 273 5.08 -58.34 -1.72
N ASP A 274 4.61 -57.10 -1.57
CA ASP A 274 4.99 -56.28 -0.42
C ASP A 274 4.39 -56.84 0.88
N LYS A 275 3.12 -57.29 0.82
CA LYS A 275 2.51 -57.97 1.95
C LYS A 275 3.30 -59.23 2.29
N GLY A 276 3.44 -60.14 1.30
CA GLY A 276 4.14 -61.41 1.41
C GLY A 276 5.48 -61.27 2.14
N SER A 277 6.34 -60.42 1.60
CA SER A 277 7.64 -60.12 2.17
C SER A 277 7.55 -59.63 3.62
N ALA A 278 6.81 -58.53 3.90
CA ALA A 278 6.81 -57.86 5.21
C ALA A 278 6.38 -58.81 6.32
N PHE A 279 5.25 -59.51 6.11
CA PHE A 279 4.76 -60.42 7.14
C PHE A 279 5.69 -61.63 7.28
N SER A 280 6.23 -62.16 6.17
CA SER A 280 7.09 -63.34 6.23
C SER A 280 8.30 -63.05 7.10
N ALA A 281 8.91 -61.88 6.90
CA ALA A 281 10.04 -61.41 7.70
C ALA A 281 9.73 -61.51 9.19
N GLU A 282 8.56 -61.01 9.64
CA GLU A 282 8.16 -61.12 11.04
C GLU A 282 8.11 -62.58 11.51
N HIS A 283 7.33 -63.42 10.84
CA HIS A 283 7.14 -64.78 11.34
C HIS A 283 8.41 -65.62 11.20
N LEU A 284 9.33 -65.21 10.31
CA LEU A 284 10.61 -65.89 10.14
C LEU A 284 11.66 -65.39 11.14
N LYS A 285 11.53 -64.14 11.62
CA LYS A 285 12.60 -63.47 12.33
C LYS A 285 12.13 -62.91 13.68
N LEU A 286 11.07 -62.08 13.72
CA LEU A 286 10.44 -61.62 14.94
C LEU A 286 10.19 -62.82 15.86
N GLN A 287 9.65 -63.89 15.25
CA GLN A 287 9.27 -65.12 15.90
C GLN A 287 10.43 -66.11 16.08
N LEU A 288 11.68 -65.75 15.71
CA LEU A 288 12.80 -66.71 15.69
C LEU A 288 14.12 -66.13 16.19
N GLN A 289 14.61 -65.08 15.52
CA GLN A 289 15.86 -64.40 15.88
C GLN A 289 15.78 -63.87 17.32
N LYS A 290 14.61 -63.34 17.69
CA LYS A 290 14.36 -62.70 18.98
C LYS A 290 14.52 -63.75 20.09
N GLU A 291 13.79 -64.86 19.99
CA GLU A 291 13.87 -65.99 20.90
C GLU A 291 15.33 -66.50 21.01
N SER A 292 16.01 -66.66 19.86
CA SER A 292 17.38 -67.17 19.82
C SER A 292 18.33 -66.29 20.63
N LEU A 293 18.20 -64.97 20.45
CA LEU A 293 19.08 -64.03 21.11
C LEU A 293 18.57 -63.66 22.52
N ASN A 294 17.31 -63.94 22.86
CA ASN A 294 16.84 -63.93 24.25
C ASN A 294 17.56 -64.99 25.08
N GLU A 295 17.67 -66.21 24.54
CA GLU A 295 18.28 -67.32 25.27
C GLU A 295 19.72 -66.98 25.57
N LEU A 296 20.44 -66.58 24.52
CA LEU A 296 21.81 -66.13 24.63
C LEU A 296 21.92 -64.73 25.25
N ARG A 297 20.81 -64.06 25.62
CA ARG A 297 20.88 -62.87 26.45
C ARG A 297 20.78 -63.28 27.91
N LYS A 298 19.64 -63.86 28.30
CA LYS A 298 19.30 -64.07 29.69
C LYS A 298 20.31 -65.04 30.32
N GLU A 299 20.45 -66.22 29.71
CA GLU A 299 21.33 -67.29 30.15
C GLU A 299 22.76 -66.76 30.17
N CYS A 300 23.18 -66.25 29.01
CA CYS A 300 24.58 -65.94 28.79
C CYS A 300 25.06 -64.88 29.79
N THR A 301 24.35 -63.75 29.89
CA THR A 301 24.71 -62.63 30.76
C THR A 301 24.88 -63.12 32.19
N ALA A 302 23.90 -63.88 32.68
CA ALA A 302 23.94 -64.48 34.01
C ALA A 302 25.19 -65.36 34.21
N LYS A 303 25.38 -66.35 33.33
CA LYS A 303 26.44 -67.36 33.50
C LYS A 303 27.82 -66.71 33.42
N ARG A 304 27.99 -65.74 32.51
CA ARG A 304 29.24 -65.01 32.34
C ARG A 304 29.59 -64.26 33.62
N GLU A 305 28.63 -63.52 34.19
CA GLU A 305 28.88 -62.84 35.46
C GLU A 305 29.26 -63.86 36.54
N LEU A 306 28.48 -64.95 36.66
CA LEU A 306 28.74 -66.00 37.63
C LEU A 306 30.16 -66.54 37.50
N PHE A 307 30.57 -66.93 36.28
CA PHE A 307 31.93 -67.38 35.99
C PHE A 307 32.95 -66.36 36.47
N LEU A 308 32.79 -65.09 36.05
CA LEU A 308 33.75 -64.03 36.29
C LEU A 308 33.92 -63.78 37.80
N LYS A 309 32.79 -63.56 38.50
CA LYS A 309 32.77 -63.41 39.95
C LYS A 309 33.44 -64.60 40.63
N THR A 310 33.09 -65.82 40.19
CA THR A 310 33.58 -67.06 40.78
C THR A 310 35.10 -67.15 40.68
N ASN A 311 35.65 -67.02 39.46
CA ASN A 311 37.08 -67.09 39.21
C ASN A 311 37.82 -66.02 40.00
N ALA A 312 37.30 -64.79 39.96
CA ALA A 312 37.86 -63.65 40.68
C ALA A 312 37.94 -63.89 42.20
N GLN A 313 36.79 -64.20 42.84
CA GLN A 313 36.73 -64.35 44.28
C GLN A 313 37.58 -65.53 44.74
N LEU A 314 37.49 -66.66 44.02
CA LEU A 314 38.23 -67.88 44.31
C LEU A 314 39.74 -67.62 44.29
N THR A 315 40.22 -67.05 43.19
CA THR A 315 41.63 -66.81 42.94
C THR A 315 42.17 -65.72 43.85
N ILE A 316 41.34 -64.75 44.27
CA ILE A 316 41.72 -63.82 45.32
C ILE A 316 41.96 -64.60 46.61
N ARG A 317 40.95 -65.35 47.06
CA ARG A 317 41.00 -66.11 48.31
C ARG A 317 42.28 -66.95 48.39
N CYS A 318 42.59 -67.68 47.30
CA CYS A 318 43.65 -68.69 47.25
C CYS A 318 45.03 -68.13 47.62
N ARG A 319 45.29 -66.88 47.25
CA ARG A 319 46.56 -66.20 47.50
C ARG A 319 46.42 -65.02 48.47
N GLN A 320 45.21 -64.61 48.83
CA GLN A 320 44.97 -63.66 49.92
C GLN A 320 45.65 -64.18 51.19
N LEU A 321 45.46 -65.46 51.50
CA LEU A 321 46.09 -66.09 52.66
C LEU A 321 47.63 -66.06 52.55
N LEU A 322 48.18 -66.35 51.35
CA LEU A 322 49.61 -66.27 51.05
C LEU A 322 50.15 -64.85 51.17
N SER A 323 49.32 -63.83 50.84
CA SER A 323 49.70 -62.43 50.97
C SER A 323 49.71 -62.04 52.45
N GLU A 324 48.66 -62.44 53.19
CA GLU A 324 48.59 -62.35 54.64
C GLU A 324 49.88 -62.95 55.22
N LEU A 325 50.15 -64.21 54.85
CA LEU A 325 51.37 -64.96 55.16
C LEU A 325 52.64 -64.16 54.82
N SER A 326 52.66 -63.45 53.69
CA SER A 326 53.84 -62.70 53.27
C SER A 326 54.18 -61.55 54.23
N TYR A 327 53.20 -61.07 55.03
CA TYR A 327 53.44 -60.13 56.12
C TYR A 327 53.41 -60.81 57.49
N ILE A 328 52.70 -61.95 57.60
CA ILE A 328 52.47 -62.71 58.83
C ILE A 328 53.60 -63.71 59.14
N TYR A 329 54.54 -63.91 58.22
CA TYR A 329 55.71 -64.78 58.40
C TYR A 329 57.00 -63.95 58.46
N PRO A 330 57.47 -63.54 59.67
CA PRO A 330 58.83 -63.02 59.87
C PRO A 330 59.90 -64.07 60.18
N ILE A 331 59.50 -65.36 60.17
CA ILE A 331 60.33 -66.55 60.39
C ILE A 331 61.53 -66.57 59.44
N ASP A 332 61.33 -66.04 58.23
CA ASP A 332 62.36 -65.93 57.22
C ASP A 332 63.24 -64.69 57.43
N LEU A 333 62.65 -63.59 57.91
CA LEU A 333 63.29 -62.28 58.06
C LEU A 333 62.55 -61.43 59.09
N ASN A 334 63.26 -61.08 60.17
CA ASN A 334 62.70 -60.49 61.39
C ASN A 334 62.11 -59.08 61.22
N GLU A 335 61.34 -58.66 62.25
CA GLU A 335 60.84 -57.30 62.47
C GLU A 335 59.82 -56.84 61.42
N HIS A 336 58.86 -57.72 61.08
CA HIS A 336 57.68 -57.36 60.30
C HIS A 336 56.63 -56.58 61.11
N LYS A 337 55.56 -56.08 60.45
CA LYS A 337 54.60 -55.13 61.04
C LYS A 337 53.11 -55.41 60.73
N ASP A 338 52.80 -56.37 59.83
CA ASP A 338 51.46 -56.93 59.56
C ASP A 338 50.32 -55.92 59.49
N TYR A 339 50.42 -54.95 58.58
CA TYR A 339 49.36 -53.99 58.33
C TYR A 339 49.12 -53.04 59.52
N PHE A 340 50.21 -52.59 60.17
CA PHE A 340 50.15 -51.52 61.16
C PHE A 340 51.32 -50.54 60.98
N VAL A 341 51.05 -49.22 60.95
CA VAL A 341 52.08 -48.20 60.72
C VAL A 341 51.75 -46.90 61.46
N CYS A 342 52.81 -46.16 61.79
CA CYS A 342 52.73 -44.94 62.60
C CYS A 342 52.81 -43.67 61.75
N GLY A 343 52.88 -43.81 60.42
CA GLY A 343 53.05 -42.66 59.54
C GLY A 343 51.74 -42.04 59.06
N VAL A 344 50.60 -42.48 59.61
CA VAL A 344 49.28 -41.99 59.21
C VAL A 344 49.17 -40.50 59.52
N LYS A 345 49.07 -39.67 58.46
CA LYS A 345 49.10 -38.22 58.50
C LYS A 345 50.30 -37.65 59.27
N LEU A 346 51.42 -38.39 59.26
CA LEU A 346 52.60 -38.08 60.05
C LEU A 346 53.85 -38.19 59.16
N PRO A 347 54.23 -37.10 58.43
CA PRO A 347 55.31 -37.17 57.44
C PRO A 347 56.74 -37.43 57.88
N ASN A 348 56.99 -37.50 59.20
CA ASN A 348 58.30 -37.86 59.74
C ASN A 348 58.17 -38.68 61.03
N SER A 349 59.14 -39.59 61.29
CA SER A 349 59.15 -40.49 62.45
C SER A 349 60.53 -41.08 62.77
N GLU A 350 60.69 -41.54 64.03
CA GLU A 350 61.87 -42.24 64.52
C GLU A 350 61.51 -43.29 65.58
N ASP A 351 60.25 -43.80 65.56
CA ASP A 351 59.71 -44.72 66.57
C ASP A 351 60.46 -46.05 66.62
N PHE A 352 61.11 -46.39 65.50
CA PHE A 352 61.96 -47.56 65.33
C PHE A 352 63.19 -47.23 64.45
N GLN A 353 63.00 -46.37 63.43
CA GLN A 353 63.82 -46.23 62.22
C GLN A 353 65.33 -46.12 62.46
N ALA A 354 65.76 -45.07 63.19
CA ALA A 354 67.14 -44.89 63.62
C ALA A 354 67.25 -45.10 65.15
N LYS A 355 66.36 -45.92 65.75
CA LYS A 355 66.20 -46.06 67.20
C LYS A 355 66.38 -47.52 67.68
N ASP A 356 65.40 -48.40 67.41
CA ASP A 356 65.34 -49.82 67.79
C ASP A 356 65.95 -50.72 66.71
N ASP A 357 66.32 -50.14 65.55
CA ASP A 357 66.63 -50.88 64.33
C ASP A 357 68.13 -51.16 64.12
N GLY A 358 69.01 -50.42 64.81
CA GLY A 358 70.46 -50.66 64.90
C GLY A 358 71.20 -51.04 63.62
N SER A 359 71.11 -50.21 62.57
CA SER A 359 71.70 -50.39 61.24
C SER A 359 71.09 -51.55 60.44
N ILE A 360 71.05 -52.77 61.02
CA ILE A 360 70.54 -53.96 60.35
C ILE A 360 69.07 -53.82 59.95
N ALA A 361 68.18 -53.57 60.93
CA ALA A 361 66.76 -53.43 60.61
C ALA A 361 66.47 -52.16 59.81
N VAL A 362 67.37 -51.16 59.84
CA VAL A 362 67.36 -49.97 59.00
C VAL A 362 67.57 -50.32 57.52
N ALA A 363 68.52 -51.24 57.23
CA ALA A 363 68.74 -51.75 55.88
C ALA A 363 67.69 -52.79 55.46
N LEU A 364 67.23 -53.63 56.40
CA LEU A 364 66.21 -54.65 56.17
C LEU A 364 64.83 -54.04 55.83
N GLY A 365 64.46 -52.92 56.47
CA GLY A 365 63.18 -52.25 56.27
C GLY A 365 62.99 -51.75 54.83
N TYR A 366 64.09 -51.36 54.18
CA TYR A 366 64.15 -50.93 52.78
C TYR A 366 63.88 -52.06 51.79
N THR A 367 63.85 -53.33 52.25
CA THR A 367 63.56 -54.48 51.41
C THR A 367 62.08 -54.64 51.03
N ALA A 368 61.22 -53.68 51.44
CA ALA A 368 59.78 -53.73 51.23
C ALA A 368 59.40 -53.89 49.76
N HIS A 369 60.27 -53.45 48.84
CA HIS A 369 60.06 -53.57 47.41
C HIS A 369 60.03 -55.02 46.93
N LEU A 370 60.61 -55.94 47.71
CA LEU A 370 60.53 -57.39 47.46
C LEU A 370 59.11 -57.91 47.71
N VAL A 371 58.43 -57.41 48.75
CA VAL A 371 57.03 -57.73 49.00
C VAL A 371 56.15 -57.25 47.84
N SER A 372 56.47 -56.09 47.27
CA SER A 372 55.85 -55.56 46.06
C SER A 372 56.11 -56.45 44.84
N MET A 373 57.37 -56.89 44.66
CA MET A 373 57.75 -57.84 43.63
C MET A 373 57.13 -59.23 43.85
N ILE A 374 56.79 -59.59 45.09
CA ILE A 374 56.05 -60.80 45.44
C ILE A 374 54.58 -60.67 45.04
N SER A 375 53.99 -59.49 45.27
CA SER A 375 52.70 -59.08 44.76
C SER A 375 52.64 -59.21 43.24
N PHE A 376 53.78 -58.98 42.57
CA PHE A 376 53.96 -58.93 41.13
C PHE A 376 53.63 -60.23 40.39
N PHE A 377 53.49 -61.38 41.08
CA PHE A 377 53.17 -62.65 40.42
C PHE A 377 51.92 -62.54 39.55
N LEU A 378 50.80 -62.12 40.16
CA LEU A 378 49.65 -61.59 39.43
C LEU A 378 49.97 -60.16 38.98
N GLN A 379 50.53 -60.03 37.77
CA GLN A 379 51.26 -58.85 37.29
C GLN A 379 50.43 -57.56 37.30
N VAL A 380 50.92 -56.53 38.03
CA VAL A 380 50.37 -55.17 38.09
C VAL A 380 51.32 -54.16 38.74
N PRO A 381 51.32 -52.85 38.35
CA PRO A 381 52.09 -51.81 39.05
C PRO A 381 51.60 -51.34 40.42
N LEU A 382 52.35 -50.40 41.04
CA LEU A 382 52.02 -49.75 42.31
C LEU A 382 52.47 -48.28 42.29
N ARG A 383 51.97 -47.48 43.24
CA ARG A 383 51.99 -46.02 43.17
C ARG A 383 53.39 -45.39 43.31
N TYR A 384 54.33 -46.12 43.92
CA TYR A 384 55.75 -45.84 43.74
C TYR A 384 56.44 -47.11 43.25
N PRO A 385 57.32 -47.03 42.22
CA PRO A 385 57.82 -48.21 41.49
C PRO A 385 58.38 -49.31 42.38
N ILE A 386 57.91 -50.55 42.13
CA ILE A 386 58.15 -51.65 43.06
C ILE A 386 59.21 -52.63 42.57
N ILE A 387 60.46 -52.17 42.49
CA ILE A 387 61.62 -52.99 42.14
C ILE A 387 62.51 -53.16 43.36
N HIS A 388 62.96 -54.40 43.62
CA HIS A 388 63.85 -54.69 44.75
C HIS A 388 65.20 -55.22 44.28
N LYS A 389 66.28 -54.56 44.73
CA LYS A 389 67.66 -54.98 44.43
C LYS A 389 68.43 -55.12 45.75
N GLY A 390 67.80 -55.76 46.74
CA GLY A 390 68.46 -55.90 48.05
C GLY A 390 68.30 -54.65 48.92
N SER A 391 69.41 -54.15 49.52
CA SER A 391 69.36 -53.33 50.74
C SER A 391 69.95 -51.90 50.65
N ARG A 392 69.59 -51.14 49.60
CA ARG A 392 69.94 -49.72 49.44
C ARG A 392 68.96 -49.03 48.48
N SER A 393 68.83 -47.68 48.56
CA SER A 393 67.81 -46.93 47.83
C SER A 393 68.09 -45.42 47.67
N THR A 394 67.42 -44.82 46.65
CA THR A 394 67.24 -43.38 46.46
C THR A 394 65.99 -43.11 45.62
N ILE A 395 65.33 -41.98 45.87
CA ILE A 395 63.99 -41.72 45.36
C ILE A 395 64.02 -40.76 44.17
N LYS A 396 63.22 -41.07 43.14
CA LYS A 396 63.08 -40.26 41.94
C LYS A 396 62.28 -38.98 42.20
N ASP A 397 62.63 -37.91 41.47
CA ASP A 397 61.97 -36.60 41.54
C ASP A 397 60.65 -36.55 40.75
N ASN A 398 60.68 -36.90 39.44
CA ASN A 398 59.55 -36.76 38.52
C ASN A 398 59.76 -37.51 37.20
N ILE A 399 58.66 -37.77 36.44
CA ILE A 399 58.68 -38.49 35.16
C ILE A 399 57.41 -38.29 34.30
N ASN A 400 57.50 -37.38 33.31
CA ASN A 400 56.54 -37.28 32.21
C ASN A 400 57.29 -37.31 30.88
N ASP A 401 58.39 -36.55 30.82
CA ASP A 401 59.20 -36.42 29.62
C ASP A 401 60.66 -36.10 29.96
N LYS A 402 61.16 -36.62 31.09
CA LYS A 402 62.55 -36.50 31.49
C LYS A 402 63.43 -37.37 30.58
N LEU A 403 64.70 -36.94 30.44
CA LEU A 403 65.73 -37.58 29.62
C LEU A 403 66.84 -38.25 30.46
N THR A 404 67.00 -37.80 31.73
CA THR A 404 67.97 -38.35 32.69
C THR A 404 67.33 -38.57 34.07
N GLU A 405 68.00 -39.40 34.91
CA GLU A 405 67.48 -39.97 36.14
C GLU A 405 67.30 -38.92 37.25
N LYS A 406 66.35 -39.16 38.17
CA LYS A 406 65.97 -38.21 39.20
C LYS A 406 66.17 -38.76 40.62
N GLU A 407 66.89 -39.88 40.76
CA GLU A 407 67.05 -40.61 42.02
C GLU A 407 67.76 -39.79 43.11
N ARG A 408 68.31 -38.62 42.73
CA ARG A 408 68.88 -37.65 43.66
C ARG A 408 67.80 -36.87 44.43
N GLU A 409 66.52 -37.06 44.11
CA GLU A 409 65.42 -36.34 44.74
C GLU A 409 65.37 -36.56 46.27
N PHE A 410 65.75 -37.77 46.71
CA PHE A 410 66.08 -38.02 48.11
C PHE A 410 66.87 -39.32 48.28
N PRO A 411 68.17 -39.26 48.67
CA PRO A 411 68.93 -40.44 49.11
C PRO A 411 68.33 -41.14 50.32
N LEU A 412 68.34 -42.49 50.30
CA LEU A 412 67.67 -43.31 51.32
C LEU A 412 68.64 -44.13 52.19
N TYR A 413 69.71 -44.68 51.62
CA TYR A 413 70.70 -45.41 52.41
C TYR A 413 71.45 -44.48 53.38
N PRO A 414 72.04 -43.35 52.92
CA PRO A 414 72.64 -42.37 53.83
C PRO A 414 71.64 -41.36 54.40
N LYS A 415 71.86 -41.00 55.67
CA LYS A 415 71.12 -39.94 56.35
C LYS A 415 71.35 -38.57 55.71
N GLY A 416 72.45 -38.41 54.96
CA GLY A 416 72.91 -37.17 54.36
C GLY A 416 71.97 -36.57 53.31
N GLY A 417 70.99 -37.35 52.84
CA GLY A 417 69.93 -36.81 52.00
C GLY A 417 68.86 -35.99 52.74
N GLU A 418 69.03 -35.79 54.06
CA GLU A 418 68.00 -35.41 55.05
C GLU A 418 67.00 -34.33 54.64
N LYS A 419 67.48 -33.23 54.04
CA LYS A 419 66.62 -32.10 53.65
C LYS A 419 65.60 -32.55 52.60
N LEU A 420 66.11 -33.20 51.55
CA LEU A 420 65.35 -33.83 50.48
C LEU A 420 64.53 -35.01 51.03
N GLN A 421 65.12 -35.77 51.96
CA GLN A 421 64.51 -36.90 52.64
C GLN A 421 63.27 -36.50 53.44
N PHE A 422 63.15 -35.24 53.87
CA PHE A 422 61.93 -34.75 54.51
C PHE A 422 60.72 -34.79 53.57
N ASP A 423 60.97 -34.92 52.26
CA ASP A 423 59.96 -34.88 51.20
C ASP A 423 59.66 -36.27 50.59
N TYR A 424 60.67 -36.99 50.08
CA TYR A 424 60.46 -38.18 49.23
C TYR A 424 59.94 -39.41 49.99
N GLY A 425 60.21 -39.47 51.30
CA GLY A 425 59.59 -40.38 52.25
C GLY A 425 58.05 -40.29 52.26
N VAL A 426 57.51 -39.10 51.96
CA VAL A 426 56.08 -38.89 51.73
C VAL A 426 55.55 -39.72 50.54
N TYR A 427 56.38 -39.99 49.52
CA TYR A 427 55.97 -40.84 48.40
C TYR A 427 55.70 -42.29 48.85
N LEU A 428 56.62 -42.89 49.61
CA LEU A 428 56.41 -44.25 50.11
C LEU A 428 55.27 -44.31 51.13
N LEU A 429 55.12 -43.26 51.96
CA LEU A 429 53.97 -43.07 52.84
C LEU A 429 52.67 -43.05 52.05
N ASN A 430 52.63 -42.34 50.90
CA ASN A 430 51.49 -42.33 50.00
C ASN A 430 51.22 -43.73 49.39
N LYS A 431 52.29 -44.48 49.07
CA LYS A 431 52.18 -45.85 48.60
C LYS A 431 51.49 -46.75 49.64
N ASN A 432 51.91 -46.57 50.90
CA ASN A 432 51.42 -47.30 52.07
C ASN A 432 49.95 -46.96 52.34
N ILE A 433 49.60 -45.67 52.44
CA ILE A 433 48.24 -45.22 52.77
C ILE A 433 47.23 -45.66 51.71
N ALA A 434 47.60 -45.67 50.42
CA ALA A 434 46.75 -46.18 49.36
C ALA A 434 46.42 -47.66 49.55
N GLN A 435 47.46 -48.49 49.78
CA GLN A 435 47.29 -49.92 49.99
C GLN A 435 46.52 -50.22 51.29
N LEU A 436 46.80 -49.48 52.37
CA LEU A 436 46.11 -49.63 53.65
C LEU A 436 44.62 -49.30 53.49
N ARG A 437 44.27 -48.15 52.89
CA ARG A 437 42.88 -47.78 52.64
C ARG A 437 42.21 -48.85 51.78
N TYR A 438 42.91 -49.36 50.76
CA TYR A 438 42.44 -50.48 49.95
C TYR A 438 42.25 -51.79 50.73
N GLN A 439 43.02 -52.04 51.82
CA GLN A 439 42.75 -53.16 52.73
C GLN A 439 41.50 -52.89 53.58
N HIS A 440 41.38 -51.67 54.11
CA HIS A 440 40.34 -51.30 55.05
C HIS A 440 38.96 -51.23 54.37
N GLY A 441 38.94 -50.72 53.12
CA GLY A 441 37.72 -50.48 52.37
C GLY A 441 37.86 -49.29 51.43
N GLU B 5 18.68 2.31 6.83
CA GLU B 5 18.83 2.57 5.39
C GLU B 5 17.65 1.97 4.64
N LYS B 6 17.42 0.66 4.79
CA LYS B 6 16.38 -0.07 4.05
C LYS B 6 16.58 0.04 2.53
N PHE B 7 17.83 -0.12 2.09
CA PHE B 7 18.30 0.20 0.74
C PHE B 7 17.82 1.59 0.29
N HIS B 8 18.07 2.60 1.14
CA HIS B 8 17.54 3.96 1.03
C HIS B 8 16.03 4.01 0.80
N TYR B 9 15.28 3.42 1.73
CA TYR B 9 13.86 3.15 1.60
C TYR B 9 13.03 4.40 1.21
N ILE B 10 12.11 4.22 0.26
CA ILE B 10 11.24 5.28 -0.26
C ILE B 10 9.76 4.87 -0.38
N TYR B 11 8.85 5.82 -0.37
CA TYR B 11 7.42 5.57 -0.19
C TYR B 11 6.69 5.07 -1.46
N SER B 12 5.42 4.66 -1.29
CA SER B 12 4.56 4.17 -2.36
C SER B 12 4.23 5.29 -3.34
N CYS B 13 3.79 6.44 -2.82
CA CYS B 13 3.60 7.64 -3.61
C CYS B 13 4.91 8.23 -4.15
N ASP B 14 6.09 7.82 -3.65
CA ASP B 14 7.38 8.14 -4.25
C ASP B 14 7.76 7.26 -5.46
N LEU B 15 7.07 6.13 -5.65
CA LEU B 15 7.06 5.39 -6.91
C LEU B 15 6.19 6.08 -7.98
N ASP B 16 6.08 5.53 -9.21
CA ASP B 16 5.53 6.29 -10.34
C ASP B 16 4.90 5.53 -11.53
N ILE B 17 5.24 4.26 -11.80
CA ILE B 17 5.08 3.69 -13.14
C ILE B 17 4.48 2.28 -13.17
N ASN B 18 4.12 1.85 -14.36
CA ASN B 18 3.47 0.60 -14.71
C ASN B 18 4.13 -0.67 -14.18
N VAL B 19 3.52 -1.85 -14.42
CA VAL B 19 4.03 -3.15 -13.95
C VAL B 19 4.09 -4.24 -15.05
N GLN B 20 4.97 -5.25 -14.86
CA GLN B 20 5.22 -6.40 -15.76
C GLN B 20 5.77 -7.65 -15.04
N LEU B 21 4.88 -8.59 -14.72
CA LEU B 21 5.17 -9.89 -14.11
C LEU B 21 5.56 -10.95 -15.15
N LYS B 22 5.32 -12.22 -14.81
CA LYS B 22 5.28 -13.32 -15.77
C LYS B 22 4.44 -14.50 -15.26
N ILE B 23 4.06 -15.39 -16.18
CA ILE B 23 3.00 -16.36 -15.94
C ILE B 23 3.27 -17.71 -16.62
N GLY B 24 3.40 -18.77 -15.80
CA GLY B 24 3.87 -20.10 -16.20
C GLY B 24 2.78 -21.13 -16.50
N SER B 25 2.66 -22.16 -15.63
CA SER B 25 1.96 -23.42 -15.88
C SER B 25 1.20 -23.97 -14.66
N LEU B 26 0.55 -25.14 -14.81
CA LEU B 26 -0.39 -25.68 -13.81
C LEU B 26 -0.39 -27.21 -13.68
N GLU B 27 -0.79 -27.69 -12.48
CA GLU B 27 -1.06 -29.08 -12.15
C GLU B 27 -2.58 -29.32 -12.03
N GLY B 28 -3.10 -30.26 -12.84
CA GLY B 28 -4.54 -30.37 -13.08
C GLY B 28 -5.29 -31.37 -12.20
N LYS B 29 -6.61 -31.15 -12.07
CA LYS B 29 -7.56 -32.09 -11.46
C LYS B 29 -7.87 -33.33 -12.33
N ARG B 30 -7.65 -33.24 -13.66
CA ARG B 30 -7.71 -34.37 -14.59
C ARG B 30 -9.13 -34.92 -14.84
N GLU B 31 -10.17 -34.07 -14.79
CA GLU B 31 -11.56 -34.50 -15.01
C GLU B 31 -11.85 -34.97 -16.45
N GLN B 32 -11.12 -34.40 -17.42
CA GLN B 32 -11.07 -34.84 -18.82
C GLN B 32 -9.63 -34.72 -19.31
N LYS B 33 -9.40 -34.98 -20.61
CA LYS B 33 -8.05 -35.15 -21.13
C LYS B 33 -7.18 -33.88 -21.05
N SER B 34 -5.84 -34.08 -21.02
CA SER B 34 -4.87 -33.03 -21.33
C SER B 34 -5.07 -32.57 -22.79
N TYR B 35 -4.82 -31.29 -23.04
CA TYR B 35 -5.43 -30.59 -24.17
C TYR B 35 -6.95 -30.70 -24.05
N LYS B 36 -7.62 -31.37 -25.01
CA LYS B 36 -8.99 -31.82 -24.72
C LYS B 36 -9.43 -33.09 -25.46
N ALA B 37 -10.19 -33.88 -24.71
CA ALA B 37 -11.08 -34.94 -25.11
C ALA B 37 -12.43 -34.56 -24.54
N VAL B 38 -13.47 -35.15 -25.11
CA VAL B 38 -14.75 -34.51 -25.01
C VAL B 38 -15.33 -34.96 -23.67
N LEU B 39 -15.66 -33.97 -22.84
CA LEU B 39 -15.67 -34.00 -21.38
C LEU B 39 -16.08 -35.34 -20.76
N GLU B 40 -15.15 -35.99 -20.03
CA GLU B 40 -15.34 -37.31 -19.43
C GLU B 40 -16.26 -37.26 -18.20
N ASP B 41 -17.48 -37.82 -18.33
CA ASP B 41 -18.51 -37.79 -17.28
C ASP B 41 -19.56 -38.89 -17.49
N PRO B 42 -19.76 -39.83 -16.53
CA PRO B 42 -20.77 -40.90 -16.67
C PRO B 42 -22.24 -40.44 -16.84
N MET B 43 -22.54 -39.19 -16.46
CA MET B 43 -23.83 -38.53 -16.69
C MET B 43 -24.02 -38.12 -18.16
N LEU B 44 -23.24 -38.75 -19.05
CA LEU B 44 -23.28 -38.57 -20.50
C LEU B 44 -24.65 -38.88 -21.11
N LYS B 45 -25.56 -39.51 -20.32
CA LYS B 45 -26.95 -39.81 -20.68
C LYS B 45 -27.60 -38.63 -21.42
N PHE B 46 -27.49 -37.43 -20.82
CA PHE B 46 -27.87 -36.20 -21.49
C PHE B 46 -26.67 -35.52 -22.16
N SER B 47 -25.50 -35.58 -21.49
CA SER B 47 -24.35 -34.74 -21.81
C SER B 47 -23.75 -34.99 -23.20
N GLY B 48 -23.85 -36.23 -23.71
CA GLY B 48 -23.36 -36.57 -25.04
C GLY B 48 -24.06 -35.77 -26.14
N LEU B 49 -25.36 -35.54 -25.96
CA LEU B 49 -26.21 -34.76 -26.85
C LEU B 49 -25.75 -33.30 -26.95
N TYR B 50 -24.99 -32.82 -25.95
CA TYR B 50 -24.49 -31.44 -25.92
C TYR B 50 -23.25 -31.24 -26.80
N GLN B 51 -23.00 -32.17 -27.73
CA GLN B 51 -21.97 -32.13 -28.77
C GLN B 51 -20.54 -32.04 -28.22
N GLU B 52 -20.36 -32.34 -26.92
CA GLU B 52 -19.05 -32.31 -26.27
C GLU B 52 -18.06 -33.08 -27.14
N THR B 53 -17.05 -32.33 -27.55
CA THR B 53 -16.00 -32.79 -28.45
C THR B 53 -14.71 -32.34 -27.79
N CYS B 54 -13.59 -32.78 -28.35
CA CYS B 54 -12.31 -32.19 -27.97
C CYS B 54 -12.39 -30.66 -28.10
N SER B 55 -11.66 -29.93 -27.22
CA SER B 55 -11.77 -28.48 -27.02
C SER B 55 -10.45 -27.85 -26.57
N ASP B 56 -10.49 -26.55 -26.23
CA ASP B 56 -9.40 -25.86 -25.58
C ASP B 56 -9.91 -24.62 -24.83
N LEU B 57 -9.67 -24.60 -23.51
CA LEU B 57 -9.99 -23.45 -22.68
C LEU B 57 -9.08 -22.25 -22.98
N TYR B 58 -9.39 -21.12 -22.38
CA TYR B 58 -8.41 -20.08 -22.15
C TYR B 58 -8.81 -19.42 -20.85
N VAL B 59 -8.49 -18.15 -20.74
CA VAL B 59 -8.85 -17.41 -19.57
C VAL B 59 -8.96 -15.95 -19.91
N THR B 60 -9.57 -15.25 -18.99
CA THR B 60 -9.56 -13.82 -18.92
C THR B 60 -9.31 -13.36 -17.48
N CYS B 61 -8.75 -12.16 -17.27
CA CYS B 61 -8.61 -11.57 -15.94
C CYS B 61 -8.74 -10.04 -15.93
N GLN B 62 -9.37 -9.53 -14.86
CA GLN B 62 -9.40 -8.13 -14.46
C GLN B 62 -9.09 -8.05 -12.96
N VAL B 63 -9.55 -6.98 -12.32
CA VAL B 63 -9.32 -6.75 -10.90
C VAL B 63 -10.47 -5.94 -10.34
N PHE B 64 -10.62 -5.99 -9.03
CA PHE B 64 -11.62 -5.25 -8.31
C PHE B 64 -11.09 -4.79 -6.99
N ALA B 65 -11.52 -3.60 -6.55
CA ALA B 65 -11.58 -3.36 -5.12
C ALA B 65 -13.00 -3.77 -4.77
N GLU B 66 -13.18 -4.91 -4.08
CA GLU B 66 -14.43 -5.66 -4.08
C GLU B 66 -15.65 -4.77 -3.80
N GLY B 67 -16.56 -4.72 -4.78
CA GLY B 67 -17.59 -3.69 -4.88
C GLY B 67 -17.49 -2.92 -6.20
N LYS B 68 -16.28 -2.69 -6.69
CA LYS B 68 -15.98 -2.23 -8.04
C LYS B 68 -14.97 -3.16 -8.68
N PRO B 69 -15.39 -4.05 -9.62
CA PRO B 69 -14.55 -4.78 -10.57
C PRO B 69 -13.83 -3.85 -11.53
N LEU B 70 -12.96 -3.05 -10.93
CA LEU B 70 -12.24 -1.96 -11.52
C LEU B 70 -11.66 -2.29 -12.89
N ALA B 71 -10.76 -3.25 -12.96
CA ALA B 71 -9.82 -3.31 -14.07
C ALA B 71 -10.46 -3.79 -15.36
N LEU B 72 -9.83 -3.38 -16.44
CA LEU B 72 -9.97 -3.98 -17.74
C LEU B 72 -9.79 -5.50 -17.64
N PRO B 73 -10.78 -6.28 -18.09
CA PRO B 73 -10.55 -7.67 -18.44
C PRO B 73 -9.55 -7.76 -19.60
N VAL B 74 -8.69 -8.78 -19.60
CA VAL B 74 -7.80 -9.13 -20.72
C VAL B 74 -7.75 -10.65 -20.93
N ARG B 75 -7.80 -11.08 -22.21
CA ARG B 75 -7.92 -12.49 -22.61
C ARG B 75 -6.58 -13.14 -22.99
N THR B 76 -6.61 -14.43 -23.39
CA THR B 76 -5.42 -15.20 -23.74
C THR B 76 -5.49 -15.82 -25.14
N SER B 77 -4.35 -15.88 -25.85
CA SER B 77 -4.18 -16.61 -27.10
C SER B 77 -3.82 -18.09 -26.88
N TYR B 78 -3.02 -18.73 -27.75
CA TYR B 78 -2.89 -20.20 -27.82
C TYR B 78 -1.48 -20.76 -27.55
N LYS B 79 -1.40 -21.88 -26.81
CA LYS B 79 -0.23 -22.76 -26.64
C LYS B 79 -0.68 -24.18 -26.30
N ALA B 80 0.06 -25.20 -26.76
CA ALA B 80 -0.36 -26.59 -26.66
C ALA B 80 -0.38 -27.08 -25.19
N PHE B 81 -1.45 -27.77 -24.78
CA PHE B 81 -1.58 -28.26 -23.41
C PHE B 81 -0.70 -29.48 -23.10
N SER B 82 0.01 -30.00 -24.11
CA SER B 82 1.16 -30.87 -23.88
C SER B 82 2.22 -30.16 -23.03
N THR B 83 2.38 -28.85 -23.21
CA THR B 83 3.20 -28.01 -22.35
C THR B 83 2.59 -27.80 -20.96
N ARG B 84 1.47 -28.45 -20.64
CA ARG B 84 0.56 -28.04 -19.57
C ARG B 84 0.23 -26.55 -19.67
N TRP B 85 0.10 -26.06 -20.91
CA TRP B 85 -0.10 -24.65 -21.25
C TRP B 85 0.96 -23.71 -20.65
N ASN B 86 2.16 -24.19 -20.35
CA ASN B 86 3.23 -23.36 -19.80
C ASN B 86 3.52 -22.20 -20.74
N TRP B 87 3.10 -21.00 -20.34
CA TRP B 87 3.27 -19.80 -21.15
C TRP B 87 4.65 -19.20 -20.94
N ASN B 88 4.99 -18.95 -19.67
CA ASN B 88 6.04 -18.00 -19.27
C ASN B 88 5.98 -16.70 -20.07
N GLU B 89 4.77 -16.25 -20.41
CA GLU B 89 4.58 -14.88 -20.85
C GLU B 89 5.11 -13.96 -19.77
N TRP B 90 5.49 -12.74 -20.14
CA TRP B 90 5.85 -11.73 -19.18
C TRP B 90 4.77 -10.69 -19.38
N LEU B 91 4.07 -10.39 -18.31
CA LEU B 91 2.70 -9.96 -18.43
C LEU B 91 2.48 -8.69 -17.64
N LYS B 92 1.95 -7.67 -18.31
CA LYS B 92 2.09 -6.30 -17.84
C LYS B 92 0.76 -5.54 -17.83
N LEU B 93 0.61 -4.69 -16.82
CA LEU B 93 -0.43 -3.68 -16.76
C LEU B 93 0.22 -2.30 -16.57
N PRO B 94 -0.03 -1.34 -17.47
CA PRO B 94 0.52 0.01 -17.38
C PRO B 94 0.20 0.80 -16.10
N VAL B 95 -0.64 0.24 -15.22
CA VAL B 95 -1.07 0.84 -13.97
C VAL B 95 0.14 1.26 -13.16
N LYS B 96 0.28 2.57 -13.04
CA LYS B 96 1.36 3.09 -12.26
C LYS B 96 1.24 2.58 -10.83
N TYR B 97 2.35 2.21 -10.19
CA TYR B 97 2.31 1.68 -8.84
C TYR B 97 1.57 2.60 -7.86
N PRO B 98 1.70 3.95 -7.91
CA PRO B 98 0.91 4.81 -7.04
C PRO B 98 -0.59 4.72 -7.28
N ASP B 99 -0.99 4.37 -8.51
CA ASP B 99 -2.37 4.19 -8.91
C ASP B 99 -3.04 2.95 -8.29
N LEU B 100 -2.30 2.09 -7.58
CA LEU B 100 -2.79 0.82 -7.03
C LEU B 100 -3.28 0.94 -5.58
N PRO B 101 -4.54 0.56 -5.24
CA PRO B 101 -5.01 0.52 -3.85
C PRO B 101 -4.41 -0.64 -3.06
N ARG B 102 -4.11 -0.39 -1.77
CA ARG B 102 -3.46 -1.36 -0.89
C ARG B 102 -4.34 -2.59 -0.62
N ASN B 103 -5.65 -2.37 -0.45
CA ASN B 103 -6.63 -3.44 -0.48
C ASN B 103 -7.34 -3.42 -1.83
N ALA B 104 -7.01 -4.40 -2.65
CA ALA B 104 -7.72 -4.78 -3.88
C ALA B 104 -7.45 -6.25 -4.18
N GLN B 105 -8.23 -6.84 -5.09
CA GLN B 105 -8.26 -8.26 -5.38
C GLN B 105 -8.24 -8.54 -6.90
N VAL B 106 -7.45 -9.53 -7.31
CA VAL B 106 -7.45 -10.07 -8.66
C VAL B 106 -8.72 -10.89 -8.90
N ALA B 107 -9.21 -10.84 -10.14
CA ALA B 107 -10.31 -11.68 -10.59
C ALA B 107 -9.92 -12.31 -11.94
N LEU B 108 -9.87 -13.64 -12.00
CA LEU B 108 -9.56 -14.38 -13.22
C LEU B 108 -10.51 -15.58 -13.40
N THR B 109 -10.85 -15.90 -14.65
CA THR B 109 -11.67 -17.05 -14.97
C THR B 109 -11.22 -17.76 -16.25
N ILE B 110 -11.22 -19.08 -16.21
CA ILE B 110 -11.20 -19.88 -17.40
C ILE B 110 -12.40 -19.52 -18.26
N TRP B 111 -12.15 -19.53 -19.55
CA TRP B 111 -13.10 -19.35 -20.61
C TRP B 111 -12.71 -20.34 -21.70
N ASP B 112 -12.94 -20.03 -22.98
CA ASP B 112 -12.52 -20.88 -24.10
C ASP B 112 -11.88 -20.07 -25.26
N VAL B 113 -11.25 -20.75 -26.25
CA VAL B 113 -10.51 -20.06 -27.32
C VAL B 113 -10.37 -20.76 -28.70
N TYR B 114 -10.95 -21.95 -28.92
CA TYR B 114 -10.80 -22.66 -30.20
C TYR B 114 -12.10 -23.36 -30.65
N GLY B 115 -13.19 -22.57 -30.73
CA GLY B 115 -14.47 -22.89 -31.36
C GLY B 115 -15.09 -24.26 -31.08
N PRO B 116 -15.55 -24.57 -29.84
CA PRO B 116 -16.05 -25.90 -29.49
C PRO B 116 -17.42 -26.33 -30.00
N GLY B 117 -17.68 -27.66 -29.94
CA GLY B 117 -19.02 -28.23 -29.93
C GLY B 117 -19.63 -28.15 -28.53
N LYS B 118 -19.29 -27.03 -27.87
CA LYS B 118 -19.39 -26.75 -26.45
C LYS B 118 -19.48 -25.24 -26.26
N ALA B 119 -19.92 -24.81 -25.08
CA ALA B 119 -19.94 -23.38 -24.79
C ALA B 119 -18.85 -23.11 -23.76
N VAL B 120 -18.16 -22.01 -23.98
CA VAL B 120 -16.87 -21.65 -23.43
C VAL B 120 -16.72 -21.85 -21.90
N PRO B 121 -15.85 -22.77 -21.41
CA PRO B 121 -15.88 -23.19 -20.01
C PRO B 121 -15.49 -22.15 -18.98
N VAL B 122 -16.38 -21.90 -18.03
CA VAL B 122 -16.06 -21.13 -16.84
C VAL B 122 -14.97 -21.82 -16.00
N GLY B 123 -14.36 -21.07 -15.09
CA GLY B 123 -13.51 -21.66 -14.07
C GLY B 123 -12.76 -20.58 -13.29
N GLY B 124 -13.38 -20.04 -12.24
CA GLY B 124 -12.95 -18.82 -11.58
C GLY B 124 -11.78 -18.95 -10.61
N THR B 125 -11.32 -17.79 -10.10
CA THR B 125 -10.37 -17.64 -9.00
C THR B 125 -10.25 -16.17 -8.55
N THR B 126 -9.95 -15.93 -7.26
CA THR B 126 -9.72 -14.58 -6.72
C THR B 126 -8.73 -14.58 -5.55
N VAL B 127 -7.94 -13.50 -5.41
CA VAL B 127 -6.91 -13.31 -4.37
C VAL B 127 -6.51 -11.84 -4.18
N SER B 128 -5.93 -11.46 -3.02
CA SER B 128 -5.58 -10.07 -2.67
C SER B 128 -4.24 -9.58 -3.22
N LEU B 129 -4.05 -8.25 -3.17
CA LEU B 129 -2.86 -7.56 -3.63
C LEU B 129 -1.70 -7.62 -2.63
N PHE B 130 -1.85 -6.96 -1.47
CA PHE B 130 -0.74 -6.59 -0.63
C PHE B 130 -0.20 -7.75 0.19
N GLY B 131 1.06 -7.62 0.64
CA GLY B 131 1.59 -8.45 1.72
C GLY B 131 1.03 -8.06 3.09
N LYS B 132 1.56 -8.67 4.18
CA LYS B 132 1.17 -8.39 5.57
C LYS B 132 1.47 -6.93 5.98
N TYR B 133 2.61 -6.43 5.50
CA TYR B 133 2.98 -5.04 5.67
C TYR B 133 2.43 -4.14 4.55
N GLY B 134 1.50 -4.63 3.73
CA GLY B 134 0.85 -3.80 2.71
C GLY B 134 1.55 -3.76 1.35
N MET B 135 2.85 -4.03 1.26
CA MET B 135 3.57 -3.94 -0.01
C MET B 135 3.12 -5.05 -0.97
N PHE B 136 2.59 -4.65 -2.12
CA PHE B 136 2.25 -5.52 -3.24
C PHE B 136 3.41 -6.43 -3.66
N ARG B 137 4.65 -5.97 -3.45
CA ARG B 137 5.86 -6.71 -3.75
C ARG B 137 5.91 -8.06 -3.03
N GLN B 138 5.24 -8.19 -1.88
CA GLN B 138 5.08 -9.48 -1.20
C GLN B 138 4.38 -10.54 -2.06
N GLY B 139 3.54 -10.13 -3.01
CA GLY B 139 2.90 -11.03 -3.95
C GLY B 139 3.76 -11.45 -5.15
N MET B 140 4.99 -10.96 -5.32
CA MET B 140 5.71 -10.98 -6.60
C MET B 140 5.72 -12.32 -7.36
N HIS B 141 6.13 -13.42 -6.71
CA HIS B 141 5.96 -14.78 -7.24
C HIS B 141 5.16 -15.65 -6.26
N ASP B 142 4.33 -16.59 -6.76
CA ASP B 142 3.35 -17.30 -5.94
C ASP B 142 2.70 -18.51 -6.64
N LEU B 143 1.74 -19.17 -5.98
CA LEU B 143 1.03 -20.34 -6.51
C LEU B 143 -0.44 -20.44 -6.04
N LYS B 144 -1.32 -20.98 -6.89
CA LYS B 144 -2.77 -20.99 -6.65
C LYS B 144 -3.54 -22.17 -7.25
N VAL B 145 -4.70 -22.50 -6.67
CA VAL B 145 -5.55 -23.61 -7.10
C VAL B 145 -6.98 -23.13 -7.36
N TRP B 146 -7.70 -23.73 -8.34
CA TRP B 146 -9.14 -23.50 -8.59
C TRP B 146 -9.80 -24.45 -9.60
N PRO B 147 -11.17 -24.55 -9.71
CA PRO B 147 -11.88 -25.43 -10.64
C PRO B 147 -12.78 -24.67 -11.64
N ASN B 148 -13.90 -25.28 -12.06
CA ASN B 148 -14.98 -24.66 -12.82
C ASN B 148 -15.82 -23.67 -11.99
N VAL B 149 -16.01 -23.98 -10.71
CA VAL B 149 -16.26 -23.01 -9.63
C VAL B 149 -15.03 -22.11 -9.45
N GLU B 150 -14.77 -21.54 -8.24
CA GLU B 150 -13.68 -20.56 -8.13
C GLU B 150 -12.86 -20.59 -6.85
N ALA B 151 -11.53 -20.58 -7.00
CA ALA B 151 -10.58 -20.81 -5.92
C ALA B 151 -9.24 -20.09 -6.02
N ASP B 152 -8.55 -19.94 -4.89
CA ASP B 152 -7.16 -19.49 -4.87
C ASP B 152 -6.29 -20.34 -3.95
N GLY B 153 -4.99 -20.49 -4.20
CA GLY B 153 -4.11 -21.16 -3.23
C GLY B 153 -3.52 -20.21 -2.17
N SER B 154 -2.92 -19.10 -2.61
CA SER B 154 -2.29 -18.11 -1.72
C SER B 154 -3.30 -17.29 -0.93
N GLU B 155 -4.49 -17.04 -1.50
CA GLU B 155 -5.56 -16.26 -0.85
C GLU B 155 -6.94 -16.76 -1.29
N PRO B 156 -7.36 -17.93 -0.80
CA PRO B 156 -8.39 -18.75 -1.44
C PRO B 156 -9.78 -18.17 -1.61
N THR B 157 -10.21 -18.06 -2.88
CA THR B 157 -11.63 -18.11 -3.22
C THR B 157 -12.19 -19.52 -2.91
N LYS B 158 -13.51 -19.69 -2.89
CA LYS B 158 -14.16 -20.91 -2.43
C LYS B 158 -14.23 -22.08 -3.44
N THR B 159 -13.11 -22.82 -3.63
CA THR B 159 -13.05 -24.11 -4.35
C THR B 159 -11.70 -24.83 -4.12
N PRO B 160 -11.18 -25.78 -4.96
CA PRO B 160 -9.90 -26.47 -4.72
C PRO B 160 -8.71 -25.53 -4.60
N GLY B 161 -7.97 -25.66 -3.49
CA GLY B 161 -7.21 -24.55 -2.93
C GLY B 161 -8.19 -23.59 -2.25
N ARG B 162 -8.36 -23.81 -0.95
CA ARG B 162 -9.44 -23.26 -0.14
C ARG B 162 -8.99 -22.69 1.22
N THR B 163 -7.78 -23.03 1.70
CA THR B 163 -7.13 -22.42 2.87
C THR B 163 -5.70 -21.97 2.55
N SER B 164 -5.29 -20.81 3.10
CA SER B 164 -4.11 -20.08 2.66
C SER B 164 -2.83 -20.32 3.51
N SER B 165 -2.88 -19.99 4.81
CA SER B 165 -1.67 -19.68 5.59
C SER B 165 -0.94 -20.88 6.22
N THR B 166 -1.63 -21.68 7.05
CA THR B 166 -1.04 -22.75 7.86
C THR B 166 -0.67 -24.00 7.05
N LEU B 167 -1.13 -24.10 5.80
CA LEU B 167 -0.84 -25.20 4.88
C LEU B 167 0.65 -25.36 4.64
N SER B 168 1.31 -24.25 4.33
CA SER B 168 2.75 -24.17 4.32
C SER B 168 3.25 -24.25 5.77
N GLU B 169 4.00 -25.29 6.11
CA GLU B 169 4.56 -25.48 7.44
C GLU B 169 6.05 -25.82 7.35
N ASP B 170 6.37 -26.98 6.78
CA ASP B 170 7.69 -27.21 6.19
C ASP B 170 7.87 -26.33 4.95
N GLN B 171 6.82 -26.19 4.14
CA GLN B 171 6.78 -25.19 3.08
C GLN B 171 6.86 -23.75 3.60
N MET B 172 6.36 -23.46 4.80
CA MET B 172 6.54 -22.17 5.46
C MET B 172 7.96 -21.99 6.00
N SER B 173 8.57 -23.06 6.50
CA SER B 173 10.00 -23.13 6.77
C SER B 173 10.79 -22.82 5.49
N ARG B 174 10.35 -23.35 4.35
CA ARG B 174 10.91 -22.99 3.05
C ARG B 174 10.70 -21.51 2.71
N LEU B 175 9.55 -20.91 3.05
CA LEU B 175 9.32 -19.48 2.88
C LEU B 175 10.26 -18.62 3.74
N ALA B 176 10.44 -18.98 5.01
CA ALA B 176 11.36 -18.31 5.92
C ALA B 176 12.81 -18.38 5.39
N LYS B 177 13.23 -19.55 4.91
CA LYS B 177 14.51 -19.72 4.24
C LYS B 177 14.57 -18.98 2.90
N LEU B 178 13.47 -18.84 2.16
CA LEU B 178 13.39 -18.04 0.94
C LEU B 178 13.62 -16.56 1.21
N THR B 179 13.14 -16.04 2.34
CA THR B 179 13.46 -14.70 2.77
C THR B 179 14.95 -14.55 3.05
N LYS B 180 15.59 -15.52 3.70
CA LYS B 180 17.04 -15.51 3.87
C LYS B 180 17.77 -15.65 2.53
N ALA B 181 17.42 -16.61 1.67
CA ALA B 181 18.05 -16.78 0.36
C ALA B 181 17.91 -15.50 -0.48
N HIS B 182 16.76 -14.82 -0.37
CA HIS B 182 16.53 -13.49 -0.91
C HIS B 182 17.46 -12.44 -0.30
N ARG B 183 17.52 -12.35 1.03
CA ARG B 183 18.39 -11.42 1.75
C ARG B 183 19.88 -11.75 1.64
N GLN B 184 20.23 -12.93 1.12
CA GLN B 184 21.49 -13.63 1.39
C GLN B 184 21.80 -13.66 2.90
N GLY B 185 20.85 -14.17 3.69
CA GLY B 185 20.92 -14.27 5.14
C GLY B 185 22.27 -14.82 5.60
N HIS B 186 22.97 -14.02 6.40
CA HIS B 186 24.42 -14.13 6.57
C HIS B 186 24.90 -15.03 7.71
N MET B 187 24.00 -15.45 8.61
CA MET B 187 24.35 -16.19 9.83
C MET B 187 24.71 -17.68 9.63
N VAL B 188 24.49 -18.25 8.43
CA VAL B 188 24.75 -19.66 8.12
C VAL B 188 25.31 -19.88 6.71
N LYS B 189 25.95 -21.05 6.51
CA LYS B 189 26.72 -21.38 5.33
C LYS B 189 25.89 -21.59 4.05
N VAL B 190 26.38 -21.07 2.93
CA VAL B 190 25.79 -21.23 1.60
C VAL B 190 26.82 -21.70 0.56
N ASP B 191 27.93 -22.29 1.01
CA ASP B 191 29.01 -22.81 0.17
C ASP B 191 28.56 -23.98 -0.72
N TRP B 192 29.46 -24.60 -1.51
CA TRP B 192 29.08 -25.65 -2.46
C TRP B 192 28.40 -26.87 -1.83
N LEU B 193 28.69 -27.15 -0.54
CA LEU B 193 27.92 -28.09 0.25
C LEU B 193 26.44 -27.67 0.30
N ASP B 194 26.15 -26.42 0.66
CA ASP B 194 24.81 -25.85 0.61
C ASP B 194 24.25 -25.68 -0.81
N ARG B 195 25.09 -25.44 -1.83
CA ARG B 195 24.66 -25.49 -3.23
C ARG B 195 24.08 -26.85 -3.59
N LEU B 196 24.79 -27.92 -3.24
CA LEU B 196 24.29 -29.27 -3.34
C LEU B 196 23.11 -29.55 -2.37
N THR B 197 23.03 -28.88 -1.21
CA THR B 197 21.86 -28.93 -0.33
C THR B 197 20.62 -28.35 -1.01
N PHE B 198 20.82 -27.33 -1.85
CA PHE B 198 19.78 -26.85 -2.73
C PHE B 198 19.36 -27.91 -3.76
N ARG B 199 20.26 -28.83 -4.16
CA ARG B 199 19.88 -30.04 -4.89
C ARG B 199 18.87 -30.90 -4.12
N GLU B 200 19.05 -31.00 -2.79
CA GLU B 200 18.10 -31.64 -1.88
C GLU B 200 16.78 -30.90 -1.80
N ILE B 201 16.79 -29.56 -1.79
CA ILE B 201 15.57 -28.79 -1.84
C ILE B 201 14.78 -29.03 -3.15
N GLU B 202 15.49 -29.18 -4.29
CA GLU B 202 14.90 -29.58 -5.57
C GLU B 202 14.15 -30.90 -5.42
N MET B 203 14.72 -31.79 -4.60
CA MET B 203 14.07 -33.03 -4.19
C MET B 203 12.75 -32.75 -3.44
N ILE B 204 12.74 -31.96 -2.34
CA ILE B 204 11.56 -31.69 -1.50
C ILE B 204 10.39 -31.07 -2.27
N ASN B 205 10.67 -30.31 -3.34
CA ASN B 205 9.68 -29.68 -4.21
C ASN B 205 8.64 -30.72 -4.69
N GLU B 206 9.16 -31.90 -5.03
CA GLU B 206 8.38 -33.01 -5.57
C GLU B 206 7.41 -33.61 -4.55
N SER B 207 7.71 -33.56 -3.24
CA SER B 207 6.81 -34.01 -2.16
C SER B 207 5.53 -33.19 -2.24
N GLU B 208 5.77 -31.88 -2.27
CA GLU B 208 4.75 -30.89 -2.54
C GLU B 208 3.96 -31.28 -3.79
N LYS B 209 4.63 -31.79 -4.85
CA LYS B 209 4.05 -32.23 -6.13
C LYS B 209 2.97 -33.31 -5.99
N ARG B 210 3.11 -34.26 -5.06
CA ARG B 210 2.05 -35.23 -4.77
C ARG B 210 0.78 -34.51 -4.32
N SER B 211 0.97 -33.73 -3.26
CA SER B 211 -0.06 -32.88 -2.70
C SER B 211 -0.70 -31.97 -3.76
N SER B 212 0.09 -31.57 -4.77
CA SER B 212 -0.31 -30.77 -5.93
C SER B 212 -1.32 -31.41 -6.90
N ASN B 213 -1.64 -32.69 -6.75
CA ASN B 213 -2.64 -33.38 -7.55
C ASN B 213 -4.07 -32.82 -7.45
N PHE B 214 -4.32 -31.87 -6.54
CA PHE B 214 -5.57 -31.13 -6.47
C PHE B 214 -5.80 -30.27 -7.72
N MET B 215 -5.20 -29.06 -7.79
CA MET B 215 -5.44 -28.13 -8.90
C MET B 215 -4.45 -26.93 -9.00
N TYR B 216 -3.19 -27.09 -8.57
CA TYR B 216 -2.24 -25.99 -8.38
C TYR B 216 -1.73 -25.30 -9.67
N LEU B 217 -1.04 -24.15 -9.51
CA LEU B 217 -0.50 -23.35 -10.61
C LEU B 217 0.63 -22.41 -10.15
N MET B 218 1.47 -21.96 -11.09
CA MET B 218 2.69 -21.19 -10.83
C MET B 218 2.63 -19.74 -11.36
N VAL B 219 3.09 -18.78 -10.55
CA VAL B 219 3.00 -17.34 -10.81
C VAL B 219 4.34 -16.62 -10.54
N GLU B 220 4.63 -15.54 -11.29
CA GLU B 220 5.95 -14.89 -11.26
C GLU B 220 5.88 -13.36 -11.43
N PHE B 221 6.89 -12.66 -10.89
CA PHE B 221 7.10 -11.22 -11.11
C PHE B 221 8.31 -10.67 -10.35
N ARG B 222 9.02 -9.70 -10.96
CA ARG B 222 10.17 -9.02 -10.35
C ARG B 222 10.63 -7.76 -11.13
N CYS B 223 11.51 -6.93 -10.55
CA CYS B 223 11.87 -5.62 -11.10
C CYS B 223 12.87 -5.63 -12.29
N VAL B 224 12.91 -4.54 -13.10
CA VAL B 224 13.95 -4.23 -14.11
C VAL B 224 15.16 -3.54 -13.46
N LYS B 225 15.05 -2.21 -13.12
CA LYS B 225 15.98 -1.42 -12.28
C LYS B 225 16.03 -2.06 -10.86
N CYS B 226 17.22 -2.28 -10.21
CA CYS B 226 17.37 -3.00 -8.93
C CYS B 226 18.39 -2.33 -7.94
N ASP B 227 18.82 -3.08 -6.87
CA ASP B 227 19.44 -2.61 -5.62
C ASP B 227 18.36 -1.94 -4.75
N ASP B 228 17.55 -1.09 -5.39
CA ASP B 228 16.45 -0.26 -4.88
C ASP B 228 15.51 -0.95 -3.86
N LYS B 229 15.07 -0.20 -2.83
CA LYS B 229 14.07 -0.66 -1.85
C LYS B 229 13.04 0.42 -1.46
N GLU B 230 11.80 -0.04 -1.16
CA GLU B 230 10.61 0.80 -1.04
C GLU B 230 9.60 0.28 -0.01
N TYR B 231 8.58 1.09 0.27
CA TYR B 231 7.45 0.73 1.13
C TYR B 231 6.21 1.55 0.74
N GLY B 232 5.18 1.55 1.60
CA GLY B 232 3.97 2.36 1.45
C GLY B 232 4.19 3.86 1.69
N ILE B 233 3.10 4.64 1.63
CA ILE B 233 3.12 6.09 1.80
C ILE B 233 2.70 6.59 3.19
N VAL B 234 1.85 5.84 3.91
CA VAL B 234 1.56 5.99 5.33
C VAL B 234 2.54 5.16 6.20
N TYR B 235 2.38 5.15 7.54
CA TYR B 235 3.36 4.52 8.46
C TYR B 235 2.79 3.71 9.64
N TYR B 236 3.47 2.61 9.95
CA TYR B 236 3.34 1.78 11.16
C TYR B 236 4.67 1.02 11.40
N GLU B 237 4.95 0.64 12.66
CA GLU B 237 6.29 0.25 13.09
C GLU B 237 6.63 -1.24 12.90
N LYS B 238 6.13 -1.89 11.85
CA LYS B 238 6.42 -3.31 11.60
C LYS B 238 7.92 -3.60 11.40
N ASP B 239 8.72 -2.59 11.03
CA ASP B 239 10.18 -2.65 10.93
C ASP B 239 10.88 -2.96 12.27
N GLY B 240 10.18 -2.82 13.41
CA GLY B 240 10.67 -3.26 14.72
C GLY B 240 10.98 -4.76 14.76
N ASP B 241 10.31 -5.55 13.92
CA ASP B 241 10.73 -6.89 13.59
C ASP B 241 12.06 -6.85 12.82
N GLU B 242 13.14 -7.15 13.54
CA GLU B 242 14.51 -7.17 13.04
C GLU B 242 15.39 -8.14 13.85
N SER B 243 16.55 -8.52 13.30
CA SER B 243 17.41 -9.57 13.85
C SER B 243 18.91 -9.32 13.64
N SER B 244 19.76 -9.97 14.46
CA SER B 244 21.22 -9.94 14.39
C SER B 244 21.85 -11.18 15.02
N PRO B 245 23.10 -11.60 14.68
CA PRO B 245 23.74 -12.82 15.20
C PRO B 245 23.85 -12.90 16.74
N SER B 261 -15.06 25.98 7.91
CA SER B 261 -15.94 27.05 8.46
C SER B 261 -15.83 28.30 7.57
N MET B 262 -14.72 29.07 7.63
CA MET B 262 -14.44 30.08 6.59
C MET B 262 -13.81 29.41 5.37
N GLU B 263 -13.75 28.06 5.45
CA GLU B 263 -13.28 27.11 4.45
C GLU B 263 -14.40 26.81 3.45
N ASN B 264 -14.30 25.73 2.65
CA ASN B 264 -15.07 25.43 1.43
C ASN B 264 -16.59 25.57 1.59
N LEU B 265 -17.08 25.57 2.84
CA LEU B 265 -18.48 25.79 3.17
C LEU B 265 -18.90 27.21 2.76
N VAL B 266 -18.08 28.23 3.11
CA VAL B 266 -18.27 29.63 2.72
C VAL B 266 -18.35 29.74 1.20
N GLU B 267 -17.37 29.18 0.49
CA GLU B 267 -17.29 29.30 -0.96
C GLU B 267 -18.41 28.55 -1.70
N SER B 268 -18.83 27.38 -1.19
CA SER B 268 -19.85 26.53 -1.80
C SER B 268 -21.15 27.30 -2.08
N LYS B 269 -21.56 28.10 -1.08
CA LYS B 269 -22.70 28.99 -1.17
C LYS B 269 -22.55 29.94 -2.35
N HIS B 270 -21.37 30.58 -2.43
CA HIS B 270 -21.07 31.61 -3.42
C HIS B 270 -21.24 31.06 -4.84
N HIS B 271 -20.73 29.85 -5.09
CA HIS B 271 -20.95 29.16 -6.35
C HIS B 271 -22.44 28.98 -6.62
N LYS B 272 -23.19 28.41 -5.67
CA LYS B 272 -24.57 28.06 -5.97
C LYS B 272 -25.37 29.32 -6.29
N LEU B 273 -25.02 30.40 -5.57
CA LEU B 273 -25.53 31.76 -5.76
C LEU B 273 -25.04 32.36 -7.08
N ALA B 274 -23.77 32.09 -7.48
CA ALA B 274 -23.23 32.57 -8.74
C ALA B 274 -23.96 31.88 -9.89
N ARG B 275 -24.04 30.54 -9.86
CA ARG B 275 -24.86 29.79 -10.80
C ARG B 275 -26.30 30.29 -10.76
N SER B 276 -27.03 30.14 -11.88
CA SER B 276 -28.36 30.71 -12.11
C SER B 276 -28.44 32.25 -12.12
N LEU B 277 -27.82 32.96 -11.17
CA LEU B 277 -27.82 34.42 -11.14
C LEU B 277 -26.84 35.01 -12.15
N ARG B 278 -25.63 34.44 -12.20
CA ARG B 278 -24.73 34.44 -13.34
C ARG B 278 -25.09 33.29 -14.30
N SER B 279 -24.48 33.32 -15.49
CA SER B 279 -24.70 32.39 -16.61
C SER B 279 -26.06 32.55 -17.32
N GLY B 280 -27.15 32.70 -16.55
CA GLY B 280 -28.48 32.91 -17.11
C GLY B 280 -28.59 34.30 -17.74
N PRO B 281 -28.65 35.38 -16.94
CA PRO B 281 -28.66 36.74 -17.46
C PRO B 281 -27.37 37.14 -18.19
N SER B 282 -27.50 38.17 -19.04
CA SER B 282 -26.55 38.52 -20.11
C SER B 282 -26.49 37.46 -21.24
N ASP B 283 -27.10 37.76 -22.39
CA ASP B 283 -27.11 36.98 -23.63
C ASP B 283 -27.30 37.88 -24.88
N HIS B 284 -27.66 37.29 -26.05
CA HIS B 284 -27.86 38.03 -27.30
C HIS B 284 -28.94 39.12 -27.20
N ASP B 285 -28.55 40.40 -27.36
CA ASP B 285 -29.36 41.56 -26.97
C ASP B 285 -30.67 41.77 -27.77
N LEU B 286 -31.77 42.06 -27.04
CA LEU B 286 -33.09 42.39 -27.57
C LEU B 286 -33.94 43.15 -26.53
N LYS B 287 -35.00 43.83 -26.98
CA LYS B 287 -35.83 44.70 -26.15
C LYS B 287 -36.76 43.93 -25.19
N PRO B 288 -36.88 44.37 -23.92
CA PRO B 288 -37.91 43.89 -22.98
C PRO B 288 -39.34 43.98 -23.52
N ASN B 289 -40.19 43.04 -23.13
CA ASN B 289 -41.49 42.82 -23.78
C ASN B 289 -42.71 43.23 -22.92
N ALA B 290 -42.86 42.68 -21.71
CA ALA B 290 -44.10 42.78 -20.91
C ALA B 290 -44.35 44.17 -20.29
N ALA B 291 -45.63 44.46 -19.97
CA ALA B 291 -46.07 45.66 -19.25
C ALA B 291 -45.53 45.78 -17.82
N THR B 292 -44.98 44.69 -17.28
CA THR B 292 -44.13 44.75 -16.11
C THR B 292 -42.98 45.75 -16.30
N ARG B 293 -42.54 46.01 -17.54
CA ARG B 293 -41.60 47.07 -17.88
C ARG B 293 -42.10 48.46 -17.47
N ASP B 294 -43.38 48.74 -17.68
CA ASP B 294 -43.99 49.98 -17.26
C ASP B 294 -43.98 50.13 -15.73
N GLN B 295 -44.32 49.07 -15.00
CA GLN B 295 -44.21 49.02 -13.54
C GLN B 295 -42.76 49.19 -13.07
N LEU B 296 -41.83 48.51 -13.75
CA LEU B 296 -40.42 48.56 -13.45
C LEU B 296 -39.81 49.92 -13.74
N ASN B 297 -40.33 50.69 -14.71
CA ASN B 297 -39.89 52.06 -14.96
C ASN B 297 -40.10 52.92 -13.70
N ILE B 298 -41.25 52.74 -13.05
CA ILE B 298 -41.51 53.33 -11.74
C ILE B 298 -40.53 52.82 -10.68
N ILE B 299 -40.30 51.51 -10.63
CA ILE B 299 -39.44 50.89 -9.63
C ILE B 299 -37.99 51.37 -9.73
N VAL B 300 -37.45 51.48 -10.95
CA VAL B 300 -36.11 52.00 -11.20
C VAL B 300 -36.02 53.49 -10.89
N SER B 301 -37.17 54.19 -10.92
CA SER B 301 -37.19 55.61 -10.66
C SER B 301 -37.14 55.91 -9.17
N TYR B 302 -36.96 54.88 -8.33
CA TYR B 302 -36.60 54.96 -6.93
C TYR B 302 -35.29 55.75 -6.73
N PRO B 303 -35.15 56.59 -5.67
CA PRO B 303 -34.00 57.50 -5.52
C PRO B 303 -32.64 56.84 -5.23
N PRO B 304 -31.48 57.55 -5.32
CA PRO B 304 -30.16 56.99 -4.98
C PRO B 304 -30.07 56.05 -3.79
N THR B 305 -30.59 56.48 -2.64
CA THR B 305 -30.58 55.71 -1.42
C THR B 305 -31.15 54.30 -1.64
N LYS B 306 -32.15 54.15 -2.51
CA LYS B 306 -32.85 52.91 -2.87
C LYS B 306 -31.96 51.77 -3.40
N GLN B 307 -31.20 51.14 -2.51
CA GLN B 307 -30.26 50.05 -2.78
C GLN B 307 -30.94 48.76 -3.27
N LEU B 308 -30.31 48.12 -4.26
CA LEU B 308 -30.91 47.03 -5.06
C LEU B 308 -30.93 45.65 -4.36
N THR B 309 -31.78 44.78 -4.88
CA THR B 309 -32.08 43.46 -4.35
C THR B 309 -31.32 42.31 -5.00
N TYR B 310 -31.30 41.16 -4.32
CA TYR B 310 -30.74 39.90 -4.81
C TYR B 310 -31.43 39.32 -6.06
N GLU B 311 -32.67 39.78 -6.37
CA GLU B 311 -33.48 39.36 -7.51
C GLU B 311 -33.67 40.51 -8.50
N GLU B 312 -33.90 41.75 -8.02
CA GLU B 312 -33.98 42.93 -8.88
C GLU B 312 -32.68 43.16 -9.67
N GLN B 313 -31.53 42.94 -9.06
CA GLN B 313 -30.23 42.97 -9.73
C GLN B 313 -30.17 42.02 -10.93
N ASP B 314 -30.78 40.85 -10.78
CA ASP B 314 -30.88 39.86 -11.85
C ASP B 314 -31.76 40.32 -13.01
N LEU B 315 -32.86 41.02 -12.71
CA LEU B 315 -33.79 41.50 -13.73
C LEU B 315 -33.10 42.47 -14.67
N VAL B 316 -32.36 43.44 -14.11
CA VAL B 316 -31.59 44.36 -14.93
C VAL B 316 -30.52 43.60 -15.72
N TRP B 317 -29.88 42.61 -15.10
CA TRP B 317 -28.93 41.76 -15.80
C TRP B 317 -29.59 40.99 -16.97
N LYS B 318 -30.92 40.92 -17.04
CA LYS B 318 -31.69 40.57 -18.24
C LYS B 318 -32.05 41.75 -19.17
N PHE B 319 -32.68 42.81 -18.65
CA PHE B 319 -33.42 43.78 -19.46
C PHE B 319 -32.59 44.89 -20.13
N ARG B 320 -31.40 44.56 -20.62
CA ARG B 320 -30.35 45.48 -21.04
C ARG B 320 -30.76 46.55 -22.09
N TYR B 321 -31.70 46.27 -22.99
CA TYR B 321 -31.98 47.19 -24.09
C TYR B 321 -32.59 48.52 -23.61
N TYR B 322 -33.60 48.47 -22.75
CA TYR B 322 -34.19 49.66 -22.16
C TYR B 322 -33.18 50.42 -21.29
N LEU B 323 -32.31 49.71 -20.55
CA LEU B 323 -31.25 50.30 -19.75
C LEU B 323 -30.25 51.09 -20.60
N THR B 324 -29.82 50.50 -21.70
CA THR B 324 -28.99 51.16 -22.69
C THR B 324 -29.62 52.48 -23.16
N ASN B 325 -30.92 52.45 -23.43
CA ASN B 325 -31.68 53.53 -24.06
C ASN B 325 -31.93 54.67 -23.09
N GLN B 326 -32.34 54.33 -21.88
CA GLN B 326 -32.56 55.33 -20.85
C GLN B 326 -31.19 55.78 -20.36
N GLU B 327 -30.73 56.87 -20.95
CA GLU B 327 -29.36 57.33 -20.90
C GLU B 327 -28.82 57.50 -19.47
N LYS B 328 -29.72 57.76 -18.51
CA LYS B 328 -29.33 58.05 -17.13
C LYS B 328 -29.71 56.92 -16.17
N ALA B 329 -30.44 55.90 -16.67
CA ALA B 329 -30.79 54.72 -15.88
C ALA B 329 -29.58 53.79 -15.65
N LEU B 330 -28.51 53.94 -16.46
CA LEU B 330 -27.33 53.08 -16.43
C LEU B 330 -26.79 52.88 -15.01
N THR B 331 -26.75 53.96 -14.21
CA THR B 331 -26.18 53.96 -12.86
C THR B 331 -26.83 52.93 -11.94
N LYS B 332 -28.17 52.81 -11.97
CA LYS B 332 -28.90 51.84 -11.15
C LYS B 332 -28.40 50.41 -11.41
N PHE B 333 -28.12 50.10 -12.69
CA PHE B 333 -27.54 48.83 -13.10
C PHE B 333 -26.10 48.72 -12.59
N LEU B 334 -25.33 49.82 -12.70
CA LEU B 334 -23.97 49.90 -12.19
C LEU B 334 -23.88 49.73 -10.67
N LYS B 335 -24.94 50.12 -9.93
CA LYS B 335 -25.06 49.81 -8.50
C LYS B 335 -25.16 48.30 -8.28
N CYS B 336 -25.80 47.56 -9.20
CA CYS B 336 -26.05 46.12 -9.07
C CYS B 336 -24.77 45.29 -9.22
N VAL B 337 -23.97 45.60 -10.24
CA VAL B 337 -22.81 44.80 -10.62
C VAL B 337 -21.61 45.07 -9.70
N ASN B 338 -20.65 44.13 -9.78
CA ASN B 338 -19.23 44.33 -9.49
C ASN B 338 -18.42 43.57 -10.55
N TRP B 339 -17.15 43.99 -10.74
CA TRP B 339 -16.31 43.48 -11.84
C TRP B 339 -15.50 42.26 -11.42
N ASP B 340 -16.22 41.27 -10.83
CA ASP B 340 -15.76 40.10 -10.10
C ASP B 340 -14.98 39.16 -11.01
N LEU B 341 -15.52 38.93 -12.21
CA LEU B 341 -14.99 38.00 -13.20
C LEU B 341 -14.62 38.75 -14.48
N PRO B 342 -13.51 38.44 -15.21
CA PRO B 342 -13.28 38.97 -16.56
C PRO B 342 -14.44 38.91 -17.56
N GLN B 343 -15.28 37.88 -17.45
CA GLN B 343 -16.49 37.73 -18.24
C GLN B 343 -17.47 38.87 -17.92
N GLU B 344 -17.68 39.17 -16.62
CA GLU B 344 -18.43 40.35 -16.18
C GLU B 344 -17.80 41.60 -16.79
N ALA B 345 -16.50 41.83 -16.54
CA ALA B 345 -15.75 42.99 -16.97
C ALA B 345 -15.89 43.19 -18.48
N LYS B 346 -15.79 42.10 -19.26
CA LYS B 346 -16.00 42.03 -20.70
C LYS B 346 -17.33 42.66 -21.13
N GLN B 347 -18.44 42.13 -20.59
CA GLN B 347 -19.77 42.67 -20.89
C GLN B 347 -19.90 44.09 -20.36
N ALA B 348 -19.32 44.38 -19.20
CA ALA B 348 -19.40 45.69 -18.56
C ALA B 348 -18.74 46.75 -19.44
N LEU B 349 -17.49 46.51 -19.89
CA LEU B 349 -16.76 47.46 -20.71
C LEU B 349 -17.35 47.55 -22.12
N GLU B 350 -17.93 46.44 -22.65
CA GLU B 350 -18.74 46.49 -23.87
C GLU B 350 -19.88 47.49 -23.75
N LEU B 351 -20.66 47.38 -22.67
CA LEU B 351 -21.90 48.12 -22.48
C LEU B 351 -21.62 49.57 -22.07
N LEU B 352 -20.46 49.84 -21.45
CA LEU B 352 -19.97 51.18 -21.10
C LEU B 352 -20.07 52.11 -22.31
N GLY B 353 -19.56 51.63 -23.45
CA GLY B 353 -19.72 52.32 -24.73
C GLY B 353 -21.15 52.31 -25.25
N LYS B 354 -21.84 51.16 -25.18
CA LYS B 354 -23.15 50.92 -25.78
C LYS B 354 -24.22 51.87 -25.25
N TRP B 355 -24.17 52.18 -23.94
CA TRP B 355 -25.23 52.89 -23.24
C TRP B 355 -25.32 54.37 -23.66
N LYS B 356 -26.55 54.89 -23.88
CA LYS B 356 -26.78 56.30 -24.22
C LYS B 356 -26.25 57.11 -23.05
N PRO B 357 -25.46 58.19 -23.31
CA PRO B 357 -24.64 58.87 -22.31
C PRO B 357 -25.21 59.16 -20.93
N MET B 358 -24.46 58.77 -19.89
CA MET B 358 -24.82 58.95 -18.49
C MET B 358 -24.92 60.43 -18.12
N ASP B 359 -25.69 60.72 -17.07
CA ASP B 359 -25.78 62.06 -16.51
C ASP B 359 -24.46 62.46 -15.85
N VAL B 360 -24.01 63.69 -16.09
CA VAL B 360 -22.87 64.29 -15.40
C VAL B 360 -23.09 64.31 -13.88
N GLU B 361 -24.36 64.45 -13.46
CA GLU B 361 -24.74 64.36 -12.05
C GLU B 361 -24.47 62.95 -11.51
N ASP B 362 -25.05 61.94 -12.18
CA ASP B 362 -24.95 60.55 -11.75
C ASP B 362 -23.52 60.02 -11.86
N SER B 363 -22.68 60.70 -12.68
CA SER B 363 -21.25 60.48 -12.78
C SER B 363 -20.51 60.64 -11.44
N LEU B 364 -21.08 61.38 -10.46
CA LEU B 364 -20.45 61.55 -9.14
C LEU B 364 -20.47 60.26 -8.31
N GLU B 365 -21.55 59.48 -8.38
CA GLU B 365 -21.77 58.27 -7.57
C GLU B 365 -20.72 57.18 -7.87
N LEU B 366 -20.30 57.08 -9.14
CA LEU B 366 -19.47 56.00 -9.66
C LEU B 366 -17.99 56.18 -9.32
N LEU B 367 -17.58 57.39 -8.91
CA LEU B 367 -16.20 57.68 -8.50
C LEU B 367 -15.88 57.14 -7.11
N SER B 368 -16.89 56.60 -6.41
CA SER B 368 -16.79 56.07 -5.05
C SER B 368 -15.93 54.82 -5.00
N SER B 369 -15.40 54.51 -3.82
CA SER B 369 -14.53 53.36 -3.62
C SER B 369 -15.23 52.03 -3.94
N HIS B 370 -16.57 52.03 -3.99
CA HIS B 370 -17.44 50.93 -4.42
C HIS B 370 -16.90 50.30 -5.71
N TYR B 371 -16.45 51.17 -6.62
CA TYR B 371 -16.12 50.82 -7.99
C TYR B 371 -14.65 51.10 -8.27
N THR B 372 -13.78 50.20 -7.77
CA THR B 372 -12.32 50.35 -7.85
C THR B 372 -11.79 50.38 -9.28
N ASN B 373 -12.60 49.90 -10.25
CA ASN B 373 -12.23 49.72 -11.65
C ASN B 373 -11.82 51.05 -12.32
N PRO B 374 -10.54 51.20 -12.75
CA PRO B 374 -10.09 52.31 -13.60
C PRO B 374 -10.90 52.72 -14.83
N THR B 375 -11.40 51.76 -15.63
CA THR B 375 -12.15 52.06 -16.85
C THR B 375 -13.40 52.89 -16.54
N VAL B 376 -14.10 52.51 -15.46
CA VAL B 376 -15.27 53.23 -14.96
C VAL B 376 -14.88 54.67 -14.64
N ARG B 377 -13.81 54.83 -13.84
CA ARG B 377 -13.27 56.11 -13.42
C ARG B 377 -12.91 56.97 -14.65
N ARG B 378 -12.26 56.34 -15.64
CA ARG B 378 -11.88 56.95 -16.91
C ARG B 378 -13.10 57.45 -17.70
N TYR B 379 -14.15 56.63 -17.82
CA TYR B 379 -15.38 56.89 -18.56
C TYR B 379 -16.31 57.88 -17.83
N ALA B 380 -16.28 57.88 -16.49
CA ALA B 380 -17.06 58.81 -15.67
C ALA B 380 -16.62 60.25 -15.90
N VAL B 381 -15.32 60.46 -16.09
CA VAL B 381 -14.74 61.73 -16.49
C VAL B 381 -15.30 62.21 -17.83
N ALA B 382 -15.63 61.29 -18.76
CA ALA B 382 -16.26 61.63 -20.03
C ALA B 382 -17.75 61.97 -19.85
N ARG B 383 -18.44 61.26 -18.93
CA ARG B 383 -19.84 61.51 -18.60
C ARG B 383 -20.04 62.90 -18.00
N LEU B 384 -19.07 63.34 -17.18
CA LEU B 384 -19.01 64.67 -16.58
C LEU B 384 -17.85 65.51 -17.17
N ARG B 385 -17.74 65.54 -18.51
CA ARG B 385 -16.57 66.04 -19.23
C ARG B 385 -16.41 67.58 -19.24
N GLN B 386 -17.40 68.33 -18.71
CA GLN B 386 -17.45 69.79 -18.83
C GLN B 386 -16.41 70.48 -17.93
N ALA B 387 -15.24 70.82 -18.52
CA ALA B 387 -14.17 71.54 -17.83
C ALA B 387 -14.54 73.01 -17.66
N ASP B 388 -15.21 73.33 -16.53
CA ASP B 388 -15.79 74.64 -16.26
C ASP B 388 -15.70 75.00 -14.77
N ASP B 389 -15.90 76.29 -14.46
CA ASP B 389 -15.72 76.86 -13.14
C ASP B 389 -16.83 76.46 -12.15
N GLU B 390 -17.79 75.63 -12.61
CA GLU B 390 -18.76 74.95 -11.75
C GLU B 390 -18.04 74.11 -10.68
N ASP B 391 -16.86 73.59 -11.04
CA ASP B 391 -15.94 72.87 -10.17
C ASP B 391 -15.55 73.65 -8.91
N LEU B 392 -15.49 74.99 -8.99
CA LEU B 392 -15.19 75.84 -7.83
C LEU B 392 -16.25 75.72 -6.74
N LEU B 393 -17.53 75.61 -7.15
CA LEU B 393 -18.61 75.32 -6.23
C LEU B 393 -18.52 73.87 -5.70
N MET B 394 -18.11 72.92 -6.56
CA MET B 394 -17.86 71.52 -6.19
C MET B 394 -16.77 71.40 -5.11
N TYR B 395 -15.78 72.31 -5.13
CA TYR B 395 -14.73 72.45 -4.13
C TYR B 395 -15.26 72.76 -2.72
N LEU B 396 -16.56 72.99 -2.58
CA LEU B 396 -17.24 73.18 -1.29
C LEU B 396 -17.51 71.87 -0.53
N LEU B 397 -17.28 70.70 -1.15
CA LEU B 397 -17.61 69.40 -0.53
C LEU B 397 -16.72 68.23 -0.98
N GLN B 398 -15.99 68.37 -2.11
CA GLN B 398 -15.38 67.24 -2.80
C GLN B 398 -14.20 66.60 -2.06
N LEU B 399 -13.67 67.23 -1.01
CA LEU B 399 -12.45 66.78 -0.32
C LEU B 399 -12.60 65.40 0.34
N VAL B 400 -13.79 65.12 0.85
CA VAL B 400 -14.11 63.83 1.46
C VAL B 400 -14.17 62.74 0.40
N GLN B 401 -14.75 63.04 -0.77
CA GLN B 401 -14.70 62.15 -1.93
C GLN B 401 -13.24 61.89 -2.37
N ALA B 402 -12.43 62.95 -2.45
CA ALA B 402 -11.00 62.88 -2.79
C ALA B 402 -10.22 62.03 -1.79
N LEU B 403 -10.74 61.86 -0.57
CA LEU B 403 -10.17 60.97 0.43
C LEU B 403 -10.24 59.49 0.00
N LYS B 404 -11.10 59.14 -0.97
CA LYS B 404 -11.21 57.78 -1.52
C LYS B 404 -10.21 57.52 -2.66
N TYR B 405 -9.15 58.33 -2.74
CA TYR B 405 -8.22 58.32 -3.87
C TYR B 405 -6.81 57.83 -3.48
N GLU B 406 -6.52 57.52 -2.21
CA GLU B 406 -5.18 57.18 -1.73
C GLU B 406 -4.68 55.78 -2.16
N ASN B 407 -4.99 55.35 -3.40
CA ASN B 407 -4.55 54.09 -3.97
C ASN B 407 -3.79 54.34 -5.28
N PHE B 408 -4.44 55.10 -6.17
CA PHE B 408 -3.88 55.53 -7.45
C PHE B 408 -2.71 56.51 -7.24
N ASP B 409 -2.61 57.17 -6.09
CA ASP B 409 -1.47 58.01 -5.74
C ASP B 409 -0.16 57.22 -5.70
N ASP B 410 -0.22 55.98 -5.19
CA ASP B 410 0.91 55.07 -5.18
C ASP B 410 1.22 54.53 -6.59
N ILE B 411 0.19 54.48 -7.46
CA ILE B 411 0.37 54.04 -8.83
C ILE B 411 1.05 55.15 -9.63
N LYS B 412 0.46 56.35 -9.59
CA LYS B 412 0.96 57.54 -10.26
C LYS B 412 2.24 58.05 -9.60
N ASN B 413 2.57 57.60 -8.38
CA ASN B 413 3.88 57.78 -7.77
C ASN B 413 4.98 57.18 -8.66
N GLY B 414 4.67 56.11 -9.40
CA GLY B 414 5.60 55.58 -10.41
C GLY B 414 5.96 56.56 -11.53
N LEU B 415 5.12 57.59 -11.71
CA LEU B 415 5.10 58.43 -12.91
C LEU B 415 5.43 59.89 -12.60
N GLU B 416 4.58 60.58 -11.82
CA GLU B 416 4.63 62.02 -11.62
C GLU B 416 5.95 62.49 -10.99
N PRO B 417 6.38 62.01 -9.80
CA PRO B 417 7.74 62.23 -9.30
C PRO B 417 8.96 61.90 -10.17
N THR B 418 8.79 61.04 -11.18
CA THR B 418 9.87 60.47 -11.99
C THR B 418 10.27 61.36 -13.17
N LYS B 419 9.28 61.84 -13.95
CA LYS B 419 9.49 62.29 -15.33
C LYS B 419 10.27 63.61 -15.46
N LYS B 420 10.43 64.37 -14.35
CA LYS B 420 10.94 65.74 -14.37
C LYS B 420 12.17 65.94 -13.47
N ASP B 421 12.76 64.84 -12.96
CA ASP B 421 13.86 64.89 -11.98
C ASP B 421 15.12 65.52 -12.60
N ASN B 470 -9.73 67.44 -22.90
CA ASN B 470 -9.07 66.53 -23.87
C ASN B 470 -9.35 65.06 -23.51
N LEU B 471 -9.38 64.21 -24.55
CA LEU B 471 -9.48 62.75 -24.39
C LEU B 471 -8.28 62.26 -23.58
N GLU B 472 -8.55 61.41 -22.58
CA GLU B 472 -7.60 61.08 -21.54
C GLU B 472 -8.15 59.98 -20.62
N GLN B 473 -7.26 59.39 -19.81
CA GLN B 473 -7.62 58.49 -18.71
C GLN B 473 -7.04 59.00 -17.38
N ASP B 474 -6.03 59.87 -17.49
CA ASP B 474 -5.25 60.41 -16.38
C ASP B 474 -6.01 61.51 -15.64
N LEU B 475 -6.63 61.14 -14.51
CA LEU B 475 -7.35 62.05 -13.65
C LEU B 475 -6.52 63.27 -13.25
N CYS B 476 -5.20 63.13 -13.08
CA CYS B 476 -4.33 64.26 -12.75
C CYS B 476 -4.34 65.31 -13.87
N THR B 477 -4.35 64.87 -15.13
CA THR B 477 -4.45 65.80 -16.25
C THR B 477 -5.91 66.18 -16.58
N PHE B 478 -6.90 65.38 -16.16
CA PHE B 478 -8.27 65.87 -16.08
C PHE B 478 -8.32 67.07 -15.14
N LEU B 479 -7.73 66.90 -13.94
CA LEU B 479 -7.48 67.95 -12.96
C LEU B 479 -6.73 69.13 -13.58
N ILE B 480 -5.55 68.91 -14.18
CA ILE B 480 -4.76 70.01 -14.70
C ILE B 480 -5.53 70.76 -15.79
N SER B 481 -6.11 70.04 -16.76
CA SER B 481 -6.88 70.59 -17.88
C SER B 481 -8.08 71.44 -17.42
N ARG B 482 -8.72 71.05 -16.32
CA ARG B 482 -9.88 71.75 -15.79
C ARG B 482 -9.52 72.88 -14.82
N ALA B 483 -8.53 72.66 -13.93
CA ALA B 483 -8.20 73.58 -12.85
C ALA B 483 -7.25 74.69 -13.30
N CYS B 484 -6.16 74.35 -14.01
CA CYS B 484 -5.17 75.34 -14.44
C CYS B 484 -5.76 76.35 -15.45
N LYS B 485 -6.93 76.02 -16.00
CA LYS B 485 -7.75 76.85 -16.89
C LYS B 485 -8.20 78.16 -16.24
N ASN B 486 -8.13 78.23 -14.90
CA ASN B 486 -8.53 79.42 -14.15
C ASN B 486 -7.60 79.63 -12.95
N SER B 487 -7.11 80.86 -12.78
CA SER B 487 -6.19 81.19 -11.69
C SER B 487 -6.80 80.96 -10.31
N THR B 488 -8.13 81.16 -10.18
CA THR B 488 -8.87 80.92 -8.95
C THR B 488 -8.75 79.44 -8.56
N LEU B 489 -9.06 78.57 -9.53
CA LEU B 489 -9.02 77.12 -9.39
C LEU B 489 -7.59 76.59 -9.19
N ALA B 490 -6.55 77.37 -9.51
CA ALA B 490 -5.18 77.00 -9.19
C ALA B 490 -4.81 77.40 -7.76
N ASN B 491 -4.80 78.71 -7.46
CA ASN B 491 -4.16 79.25 -6.27
C ASN B 491 -5.02 79.03 -5.02
N TYR B 492 -6.31 79.40 -5.13
CA TYR B 492 -7.23 79.31 -4.00
C TYR B 492 -7.45 77.84 -3.65
N LEU B 493 -7.49 76.99 -4.68
CA LEU B 493 -7.53 75.54 -4.50
C LEU B 493 -6.26 75.03 -3.82
N TYR B 494 -5.08 75.61 -4.13
CA TYR B 494 -3.84 75.27 -3.45
C TYR B 494 -3.88 75.67 -1.97
N TRP B 495 -4.42 76.85 -1.65
CA TRP B 495 -4.59 77.29 -0.26
C TRP B 495 -5.60 76.41 0.48
N TYR B 496 -6.66 76.03 -0.22
CA TYR B 496 -7.61 75.04 0.27
C TYR B 496 -6.89 73.72 0.53
N VAL B 497 -6.02 73.28 -0.39
CA VAL B 497 -5.13 72.13 -0.30
C VAL B 497 -4.11 72.26 0.84
N ILE B 498 -3.66 73.47 1.14
CA ILE B 498 -2.76 73.77 2.24
C ILE B 498 -3.40 73.43 3.59
N VAL B 499 -4.73 73.49 3.72
CA VAL B 499 -5.41 72.98 4.91
C VAL B 499 -5.29 71.46 5.09
N GLU B 500 -5.03 70.68 4.03
CA GLU B 500 -4.72 69.25 4.10
C GLU B 500 -3.22 68.93 4.10
N CYS B 501 -2.36 69.82 3.59
CA CYS B 501 -0.92 69.77 3.82
C CYS B 501 -0.58 70.05 5.29
N GLU B 502 -1.35 70.92 5.96
CA GLU B 502 -1.43 71.02 7.42
C GLU B 502 -1.81 69.67 8.06
N ASP B 503 -1.12 69.30 9.14
CA ASP B 503 -1.31 68.02 9.85
C ASP B 503 -1.03 66.75 9.01
N GLN B 504 -0.42 66.90 7.82
CA GLN B 504 -0.04 65.76 6.97
C GLN B 504 0.94 64.80 7.65
N ASP B 505 1.64 65.23 8.70
CA ASP B 505 2.46 64.37 9.53
C ASP B 505 1.68 63.24 10.23
N THR B 506 0.42 63.45 10.63
CA THR B 506 -0.43 62.39 11.16
C THR B 506 -0.85 61.41 10.08
N GLN B 507 -1.15 61.89 8.87
CA GLN B 507 -1.49 61.06 7.73
C GLN B 507 -0.28 60.34 7.12
N GLN B 508 0.93 60.85 7.36
CA GLN B 508 2.15 60.09 7.22
C GLN B 508 2.30 59.08 8.38
N ARG B 509 2.02 59.48 9.62
CA ARG B 509 2.33 58.67 10.79
C ARG B 509 1.43 57.45 10.96
N ASP B 510 0.12 57.63 11.01
CA ASP B 510 -0.80 56.50 11.08
C ASP B 510 -0.94 55.81 9.70
N PRO B 511 -1.31 56.49 8.59
CA PRO B 511 -1.39 55.92 7.24
C PRO B 511 -0.17 55.67 6.34
N LYS B 512 0.91 56.45 6.46
CA LYS B 512 1.95 56.63 5.44
C LYS B 512 1.54 57.42 4.19
N THR B 513 0.30 57.27 3.68
CA THR B 513 -0.06 57.88 2.41
C THR B 513 -0.02 59.42 2.40
N HIS B 514 0.03 60.13 3.54
CA HIS B 514 0.23 61.59 3.49
C HIS B 514 1.62 62.00 2.99
N GLU B 515 2.63 61.14 3.16
CA GLU B 515 3.92 61.39 2.54
C GLU B 515 3.81 61.29 1.01
N MET B 516 3.08 60.28 0.52
CA MET B 516 2.71 60.18 -0.89
C MET B 516 1.90 61.41 -1.35
N TYR B 517 1.03 61.96 -0.49
CA TYR B 517 0.29 63.19 -0.75
C TYR B 517 1.18 64.43 -0.79
N LEU B 518 2.20 64.50 0.07
CA LEU B 518 3.24 65.53 0.00
C LEU B 518 4.00 65.45 -1.32
N ASN B 519 4.36 64.25 -1.79
CA ASN B 519 4.92 64.02 -3.11
C ASN B 519 3.94 64.44 -4.22
N VAL B 520 2.66 64.13 -4.05
CA VAL B 520 1.60 64.49 -4.98
C VAL B 520 1.46 66.00 -5.14
N MET B 521 1.39 66.74 -4.03
CA MET B 521 1.29 68.20 -4.06
C MET B 521 2.56 68.82 -4.65
N ARG B 522 3.74 68.31 -4.28
CA ARG B 522 5.00 68.68 -4.90
C ARG B 522 4.98 68.45 -6.41
N ARG B 523 4.42 67.33 -6.87
CA ARG B 523 4.48 66.96 -8.28
C ARG B 523 3.38 67.66 -9.09
N PHE B 524 2.26 68.02 -8.46
CA PHE B 524 1.30 68.94 -9.04
C PHE B 524 1.92 70.33 -9.24
N SER B 525 2.64 70.86 -8.23
CA SER B 525 3.36 72.13 -8.37
C SER B 525 4.40 72.08 -9.49
N GLN B 526 5.08 70.92 -9.64
CA GLN B 526 5.99 70.67 -10.74
C GLN B 526 5.26 70.65 -12.09
N ALA B 527 4.12 69.94 -12.17
CA ALA B 527 3.29 69.81 -13.36
C ALA B 527 2.74 71.16 -13.82
N LEU B 528 2.45 72.06 -12.88
CA LEU B 528 2.03 73.42 -13.20
C LEU B 528 3.23 74.28 -13.62
N LEU B 529 4.33 74.26 -12.85
CA LEU B 529 5.44 75.16 -13.10
C LEU B 529 6.17 74.82 -14.41
N LYS B 530 6.26 73.51 -14.72
CA LYS B 530 6.82 73.03 -15.99
C LYS B 530 6.00 73.48 -17.19
N GLY B 531 4.76 73.94 -16.97
CA GLY B 531 3.91 74.55 -17.99
C GLY B 531 4.59 75.76 -18.63
N ASP B 532 5.49 76.41 -17.87
CA ASP B 532 6.49 77.35 -18.40
C ASP B 532 5.88 78.44 -19.28
N LYS B 533 5.08 79.31 -18.66
CA LYS B 533 4.64 80.58 -19.21
C LYS B 533 4.55 81.57 -18.05
N SER B 534 4.47 82.87 -18.36
CA SER B 534 4.38 83.94 -17.37
C SER B 534 3.40 83.58 -16.26
N VAL B 535 2.23 83.08 -16.71
CA VAL B 535 1.10 82.65 -15.90
C VAL B 535 1.54 81.64 -14.85
N ARG B 536 2.37 80.65 -15.23
CA ARG B 536 2.76 79.54 -14.37
C ARG B 536 3.75 79.95 -13.28
N VAL B 537 4.75 80.77 -13.62
CA VAL B 537 5.66 81.27 -12.60
C VAL B 537 4.94 82.28 -11.69
N MET B 538 4.05 83.11 -12.28
CA MET B 538 3.32 84.14 -11.56
C MET B 538 2.46 83.56 -10.43
N ARG B 539 1.69 82.49 -10.73
CA ARG B 539 0.89 81.82 -9.70
C ARG B 539 1.77 81.21 -8.63
N SER B 540 2.97 80.70 -8.97
CA SER B 540 3.96 80.22 -8.02
C SER B 540 4.47 81.35 -7.12
N LEU B 541 4.59 82.57 -7.66
CA LEU B 541 5.02 83.75 -6.92
C LEU B 541 3.94 84.32 -5.98
N LEU B 542 2.66 84.33 -6.41
CA LEU B 542 1.57 84.88 -5.61
C LEU B 542 1.32 84.04 -4.36
N ALA B 543 1.45 82.70 -4.49
CA ALA B 543 1.46 81.76 -3.37
C ALA B 543 2.58 82.12 -2.40
N ALA B 544 3.79 82.34 -2.92
CA ALA B 544 4.95 82.71 -2.12
C ALA B 544 4.71 84.02 -1.36
N GLN B 545 4.22 85.07 -2.04
CA GLN B 545 3.88 86.33 -1.40
C GLN B 545 2.80 86.19 -0.34
N GLN B 546 1.74 85.41 -0.63
CA GLN B 546 0.69 85.07 0.34
C GLN B 546 1.27 84.30 1.54
N THR B 547 2.32 83.49 1.33
CA THR B 547 3.04 82.79 2.37
C THR B 547 3.72 83.75 3.36
N PHE B 548 4.02 85.00 2.97
CA PHE B 548 4.54 85.99 3.92
C PHE B 548 3.55 86.19 5.08
N VAL B 549 2.26 86.07 4.79
CA VAL B 549 1.19 86.11 5.79
C VAL B 549 1.48 85.11 6.92
N ASP B 550 2.06 83.94 6.64
CA ASP B 550 2.42 82.96 7.65
C ASP B 550 3.41 83.52 8.67
N ARG B 551 4.42 84.26 8.18
CA ARG B 551 5.39 84.98 9.02
C ARG B 551 4.63 85.97 9.90
N LEU B 552 3.70 86.71 9.30
CA LEU B 552 2.91 87.69 10.02
C LEU B 552 2.04 87.03 11.11
N VAL B 553 1.39 85.88 10.88
CA VAL B 553 0.62 85.20 11.91
C VAL B 553 1.48 84.56 13.00
N HIS B 554 2.73 84.19 12.70
CA HIS B 554 3.70 83.81 13.73
C HIS B 554 4.10 85.00 14.60
N LEU B 555 4.36 86.17 13.97
CA LEU B 555 4.53 87.42 14.69
C LEU B 555 3.27 87.77 15.51
N MET B 556 2.07 87.55 14.97
CA MET B 556 0.81 87.76 15.68
C MET B 556 0.59 86.76 16.83
N LYS B 557 1.11 85.54 16.71
CA LYS B 557 1.16 84.59 17.81
C LYS B 557 2.05 85.11 18.95
N ALA B 558 3.20 85.70 18.61
CA ALA B 558 4.05 86.38 19.59
C ALA B 558 3.36 87.62 20.21
N VAL B 559 2.68 88.46 19.41
CA VAL B 559 1.95 89.62 19.93
C VAL B 559 0.78 89.21 20.84
N GLN B 560 0.08 88.10 20.52
CA GLN B 560 -0.97 87.52 21.36
C GLN B 560 -0.42 87.11 22.72
N ARG B 561 0.81 86.59 22.75
CA ARG B 561 1.51 86.19 23.95
C ARG B 561 1.82 87.38 24.89
N GLU B 562 2.12 88.59 24.37
CA GLU B 562 2.29 89.81 25.17
C GLU B 562 0.97 90.50 25.52
N SER B 563 0.00 89.71 25.98
CA SER B 563 -1.30 90.20 26.41
C SER B 563 -1.20 91.15 27.61
N GLY B 564 -2.26 91.92 27.79
CA GLY B 564 -2.57 92.60 29.03
C GLY B 564 -4.09 92.59 29.20
N ASN B 565 -4.66 93.71 29.68
CA ASN B 565 -6.09 93.96 29.53
C ASN B 565 -6.50 94.06 28.06
N ARG B 566 -7.80 94.08 27.77
CA ARG B 566 -8.33 94.24 26.41
C ARG B 566 -7.75 95.49 25.73
N LYS B 567 -7.71 96.62 26.45
CA LYS B 567 -7.08 97.83 25.97
C LYS B 567 -5.54 97.74 25.90
N LYS B 568 -4.88 97.07 26.86
CA LYS B 568 -3.43 96.95 26.88
C LYS B 568 -2.86 96.05 25.78
N LYS B 569 -3.53 94.94 25.49
CA LYS B 569 -3.25 94.14 24.31
C LYS B 569 -3.59 94.88 23.02
N ASN B 570 -4.71 95.62 22.96
CA ASN B 570 -5.09 96.40 21.79
C ASN B 570 -4.05 97.48 21.46
N GLU B 571 -3.51 98.17 22.46
CA GLU B 571 -2.42 99.12 22.30
C GLU B 571 -1.14 98.44 21.78
N ARG B 572 -0.73 97.33 22.39
CA ARG B 572 0.43 96.55 21.93
C ARG B 572 0.27 96.12 20.47
N LEU B 573 -0.92 95.66 20.10
CA LEU B 573 -1.28 95.31 18.73
C LEU B 573 -1.23 96.53 17.80
N GLN B 574 -1.85 97.65 18.14
CA GLN B 574 -1.84 98.87 17.35
C GLN B 574 -0.43 99.42 17.13
N ALA B 575 0.44 99.36 18.15
CA ALA B 575 1.82 99.80 18.07
C ALA B 575 2.66 98.85 17.22
N LEU B 576 2.59 97.55 17.54
CA LEU B 576 3.38 96.54 16.84
C LEU B 576 2.97 96.46 15.37
N LEU B 577 1.66 96.53 15.10
CA LEU B 577 1.10 96.63 13.75
C LEU B 577 1.43 97.97 13.09
N GLY B 578 1.56 99.04 13.87
CA GLY B 578 1.91 100.34 13.31
C GLY B 578 3.23 100.27 12.54
N ASP B 579 4.30 99.80 13.20
CA ASP B 579 5.59 99.64 12.57
C ASP B 579 5.60 98.44 11.60
N ASN B 580 5.32 97.25 12.14
CA ASN B 580 5.52 96.00 11.42
C ASN B 580 4.45 95.78 10.35
N GLU B 581 3.17 95.92 10.75
CA GLU B 581 2.05 95.66 9.87
C GLU B 581 1.91 96.72 8.78
N LYS B 582 2.11 98.01 9.10
CA LYS B 582 2.10 99.04 8.06
C LYS B 582 3.22 98.81 7.04
N MET B 583 4.44 98.52 7.53
CA MET B 583 5.61 98.31 6.68
C MET B 583 5.41 97.10 5.76
N ASN B 584 4.98 95.96 6.33
CA ASN B 584 4.78 94.74 5.57
C ASN B 584 3.62 94.86 4.57
N LEU B 585 2.50 95.45 5.02
CA LEU B 585 1.27 95.59 4.24
C LEU B 585 1.48 96.46 3.00
N SER B 586 2.19 97.59 3.17
CA SER B 586 2.64 98.44 2.08
C SER B 586 3.67 97.74 1.19
N ASP B 587 4.55 96.92 1.79
CA ASP B 587 5.70 96.28 1.15
C ASP B 587 5.32 95.24 0.09
N VAL B 588 4.24 94.48 0.33
CA VAL B 588 3.84 93.39 -0.53
C VAL B 588 3.27 93.88 -1.87
N GLU B 589 3.70 93.24 -2.98
CA GLU B 589 3.25 93.62 -4.31
C GLU B 589 2.01 92.81 -4.75
N LEU B 590 0.82 93.39 -4.53
CA LEU B 590 -0.45 92.95 -5.12
C LEU B 590 -0.78 91.45 -4.95
N ILE B 591 -0.46 90.87 -3.78
CA ILE B 591 -0.95 89.55 -3.41
C ILE B 591 -2.45 89.59 -3.17
N PRO B 592 -3.24 88.58 -3.63
CA PRO B 592 -4.70 88.66 -3.55
C PRO B 592 -5.37 88.57 -2.18
N LEU B 593 -6.64 89.01 -2.14
CA LEU B 593 -7.48 89.05 -0.95
C LEU B 593 -8.03 87.66 -0.59
N PRO B 594 -8.27 87.34 0.71
CA PRO B 594 -8.99 86.13 1.13
C PRO B 594 -10.41 86.00 0.58
N LEU B 595 -11.11 87.13 0.48
CA LEU B 595 -12.45 87.19 -0.12
C LEU B 595 -12.46 87.12 -1.65
N GLU B 596 -11.33 87.40 -2.32
CA GLU B 596 -11.33 87.57 -3.77
C GLU B 596 -9.93 87.42 -4.37
N PRO B 597 -9.70 86.41 -5.26
CA PRO B 597 -8.45 86.28 -6.02
C PRO B 597 -8.08 87.49 -6.90
N GLN B 598 -9.05 88.36 -7.19
CA GLN B 598 -8.86 89.53 -8.04
C GLN B 598 -8.41 90.76 -7.26
N VAL B 599 -9.06 91.04 -6.11
CA VAL B 599 -8.64 92.13 -5.24
C VAL B 599 -7.24 91.80 -4.70
N LYS B 600 -6.40 92.83 -4.57
CA LYS B 600 -5.00 92.65 -4.17
C LYS B 600 -4.59 93.79 -3.24
N ILE B 601 -3.71 93.52 -2.27
CA ILE B 601 -3.40 94.49 -1.22
C ILE B 601 -2.28 95.45 -1.67
N ARG B 602 -2.25 96.67 -1.08
CA ARG B 602 -1.17 97.64 -1.31
C ARG B 602 -0.88 98.48 -0.05
N GLY B 603 -1.26 97.93 1.11
CA GLY B 603 -1.28 98.66 2.38
C GLY B 603 -2.23 98.00 3.39
N ILE B 604 -2.00 98.32 4.66
CA ILE B 604 -2.95 98.06 5.73
C ILE B 604 -2.91 99.29 6.64
N ILE B 605 -4.07 99.66 7.21
CA ILE B 605 -4.17 100.83 8.08
C ILE B 605 -4.17 100.34 9.52
N PRO B 606 -3.05 100.43 10.30
CA PRO B 606 -3.00 99.91 11.68
C PRO B 606 -3.80 100.73 12.71
N GLU B 607 -4.44 101.81 12.26
CA GLU B 607 -5.11 102.80 13.09
C GLU B 607 -6.44 102.29 13.65
N THR B 608 -7.36 101.86 12.76
CA THR B 608 -8.69 101.35 13.07
C THR B 608 -8.69 99.86 13.46
N ALA B 609 -7.53 99.20 13.35
CA ALA B 609 -7.34 97.79 13.67
C ALA B 609 -7.74 97.49 15.12
N THR B 610 -8.55 96.44 15.29
CA THR B 610 -9.12 96.01 16.56
C THR B 610 -9.28 94.49 16.59
N LEU B 611 -9.77 93.96 17.70
CA LEU B 611 -9.77 92.52 17.93
C LEU B 611 -11.02 92.10 18.69
N PHE B 612 -11.55 90.92 18.37
CA PHE B 612 -12.51 90.27 19.27
C PHE B 612 -11.74 89.76 20.50
N LYS B 613 -12.16 90.20 21.69
CA LYS B 613 -11.40 90.01 22.92
C LYS B 613 -11.63 88.60 23.50
N SER B 614 -11.15 87.57 22.79
CA SER B 614 -11.40 86.18 23.12
C SER B 614 -10.23 85.30 22.66
N ALA B 615 -10.11 84.10 23.26
CA ALA B 615 -8.92 83.24 23.16
C ALA B 615 -8.63 82.74 21.74
N LEU B 616 -9.64 82.74 20.86
CA LEU B 616 -9.47 82.37 19.45
C LEU B 616 -8.68 83.43 18.70
N MET B 617 -8.61 84.64 19.28
CA MET B 617 -8.03 85.86 18.73
C MET B 617 -8.61 86.22 17.36
N PRO B 618 -9.93 86.18 17.09
CA PRO B 618 -10.52 86.76 15.89
C PRO B 618 -10.23 88.25 15.65
N ALA B 619 -9.75 88.57 14.44
CA ALA B 619 -9.27 89.91 14.14
C ALA B 619 -10.34 90.79 13.47
N GLN B 620 -10.15 92.12 13.53
CA GLN B 620 -11.03 93.11 12.90
C GLN B 620 -10.21 94.28 12.33
N LEU B 621 -9.82 94.21 11.05
CA LEU B 621 -8.85 95.10 10.42
C LEU B 621 -9.26 95.54 9.01
N PHE B 622 -8.57 96.55 8.46
CA PHE B 622 -8.91 97.13 7.17
C PHE B 622 -7.66 97.44 6.33
N PHE B 623 -7.69 96.99 5.06
CA PHE B 623 -6.50 96.88 4.22
C PHE B 623 -6.63 97.79 2.99
N LYS B 624 -5.77 98.82 2.89
CA LYS B 624 -5.70 99.69 1.73
C LYS B 624 -5.19 98.92 0.52
N THR B 625 -6.07 98.62 -0.43
CA THR B 625 -5.75 97.72 -1.53
C THR B 625 -5.09 98.44 -2.70
N GLU B 626 -4.59 97.64 -3.66
CA GLU B 626 -4.21 98.04 -5.00
C GLU B 626 -5.37 98.78 -5.68
N ASP B 627 -6.61 98.34 -5.38
CA ASP B 627 -7.86 98.95 -5.85
C ASP B 627 -8.23 100.21 -5.06
N GLY B 628 -7.35 100.69 -4.18
CA GLY B 628 -7.55 101.92 -3.40
C GLY B 628 -8.28 101.69 -2.08
N GLY B 629 -9.45 101.03 -2.16
CA GLY B 629 -10.34 100.83 -1.02
C GLY B 629 -9.71 100.07 0.14
N LYS B 630 -10.22 100.32 1.35
CA LYS B 630 -9.70 99.73 2.59
C LYS B 630 -10.55 98.54 3.03
N TYR B 631 -10.30 97.36 2.44
CA TYR B 631 -11.12 96.16 2.58
C TYR B 631 -11.04 95.57 3.99
N PRO B 632 -12.18 95.42 4.70
CA PRO B 632 -12.23 94.78 6.02
C PRO B 632 -11.92 93.28 5.94
N VAL B 633 -11.15 92.79 6.90
CA VAL B 633 -10.72 91.39 6.97
C VAL B 633 -10.63 90.88 8.40
N ILE B 634 -10.68 89.55 8.57
CA ILE B 634 -10.51 88.87 9.86
C ILE B 634 -9.65 87.59 9.71
N PHE B 635 -8.75 87.34 10.66
CA PHE B 635 -8.00 86.09 10.75
C PHE B 635 -8.36 85.36 12.05
N LYS B 636 -8.22 84.03 12.04
CA LYS B 636 -8.17 83.22 13.25
C LYS B 636 -6.96 82.30 13.13
N HIS B 637 -6.04 82.38 14.09
CA HIS B 637 -4.78 81.63 14.03
C HIS B 637 -4.63 80.80 15.30
N GLY B 638 -4.00 79.62 15.21
CA GLY B 638 -3.98 78.71 16.33
C GLY B 638 -5.34 78.03 16.56
N ASP B 639 -6.10 77.86 15.47
CA ASP B 639 -7.32 77.06 15.45
C ASP B 639 -7.46 76.31 14.13
N ASP B 640 -7.76 75.01 14.21
CA ASP B 640 -8.13 74.21 13.05
C ASP B 640 -9.63 74.41 12.80
N LEU B 641 -9.89 75.36 11.89
CA LEU B 641 -11.21 75.93 11.67
C LEU B 641 -12.03 75.12 10.64
N ARG B 642 -11.61 73.88 10.30
CA ARG B 642 -12.18 73.04 9.26
C ARG B 642 -13.68 72.78 9.43
N GLN B 643 -14.21 72.73 10.66
CA GLN B 643 -15.64 72.57 10.91
C GLN B 643 -16.46 73.68 10.25
N ASP B 644 -15.95 74.92 10.32
CA ASP B 644 -16.64 76.11 9.81
C ASP B 644 -16.41 76.27 8.30
N GLN B 645 -15.18 76.02 7.81
CA GLN B 645 -14.83 76.12 6.40
C GLN B 645 -15.71 75.20 5.56
N LEU B 646 -15.93 73.97 6.01
CA LEU B 646 -16.80 72.99 5.35
C LEU B 646 -18.27 73.42 5.42
N ILE B 647 -18.74 73.86 6.59
CA ILE B 647 -20.13 74.26 6.80
C ILE B 647 -20.51 75.44 5.89
N LEU B 648 -19.68 76.50 5.84
CA LEU B 648 -19.94 77.66 4.98
C LEU B 648 -19.86 77.29 3.50
N GLN B 649 -19.00 76.33 3.14
CA GLN B 649 -18.82 75.85 1.77
C GLN B 649 -20.06 75.08 1.29
N ILE B 650 -20.53 74.12 2.10
CA ILE B 650 -21.75 73.37 1.83
C ILE B 650 -22.97 74.30 1.76
N ILE B 651 -23.02 75.28 2.68
CA ILE B 651 -24.03 76.34 2.68
C ILE B 651 -24.03 77.04 1.32
N SER B 652 -22.85 77.38 0.80
CA SER B 652 -22.65 78.00 -0.52
C SER B 652 -23.20 77.14 -1.67
N LEU B 653 -23.00 75.81 -1.59
CA LEU B 653 -23.51 74.86 -2.56
C LEU B 653 -25.04 74.81 -2.55
N MET B 654 -25.61 74.69 -1.34
CA MET B 654 -27.06 74.68 -1.15
C MET B 654 -27.64 76.00 -1.67
N ASP B 655 -27.02 77.13 -1.30
CA ASP B 655 -27.37 78.47 -1.76
C ASP B 655 -27.37 78.59 -3.28
N LYS B 656 -26.45 77.90 -3.99
CA LYS B 656 -26.42 77.94 -5.44
C LYS B 656 -27.64 77.25 -6.06
N LEU B 657 -27.95 76.04 -5.57
CA LEU B 657 -29.16 75.35 -6.00
C LEU B 657 -30.40 76.18 -5.64
N LEU B 658 -30.45 76.70 -4.41
CA LEU B 658 -31.57 77.50 -3.95
C LEU B 658 -31.74 78.77 -4.82
N ARG B 659 -30.63 79.42 -5.20
CA ARG B 659 -30.68 80.54 -6.15
C ARG B 659 -31.08 80.09 -7.56
N LYS B 660 -30.78 78.83 -7.95
CA LYS B 660 -31.33 78.24 -9.17
C LYS B 660 -32.86 78.08 -9.09
N GLU B 661 -33.41 78.01 -7.87
CA GLU B 661 -34.85 78.01 -7.62
C GLU B 661 -35.42 79.41 -7.32
N ASN B 662 -34.60 80.48 -7.43
CA ASN B 662 -35.04 81.88 -7.37
C ASN B 662 -35.51 82.35 -5.99
N LEU B 663 -35.20 81.64 -4.90
CA LEU B 663 -35.35 82.17 -3.55
C LEU B 663 -33.97 82.39 -2.92
N ASP B 664 -33.72 83.62 -2.45
CA ASP B 664 -32.50 84.01 -1.75
C ASP B 664 -32.77 84.15 -0.24
N LEU B 665 -31.95 83.49 0.60
CA LEU B 665 -32.16 83.39 2.04
C LEU B 665 -31.63 84.60 2.82
N LYS B 666 -30.88 85.49 2.15
CA LYS B 666 -30.27 86.71 2.69
C LYS B 666 -29.21 86.46 3.76
N LEU B 667 -28.73 85.22 3.89
CA LEU B 667 -27.63 84.87 4.78
C LEU B 667 -26.30 85.27 4.14
N THR B 668 -25.25 85.51 4.96
CA THR B 668 -23.93 85.91 4.47
C THR B 668 -22.93 84.74 4.47
N PRO B 669 -22.68 84.09 3.32
CA PRO B 669 -21.56 83.15 3.15
C PRO B 669 -20.15 83.77 3.17
N TYR B 670 -19.67 84.19 4.34
CA TYR B 670 -18.34 84.78 4.48
C TYR B 670 -17.23 83.80 4.05
N LYS B 671 -16.33 84.26 3.18
CA LYS B 671 -15.25 83.42 2.65
C LYS B 671 -14.27 83.04 3.77
N VAL B 672 -13.67 81.85 3.65
CA VAL B 672 -12.68 81.31 4.58
C VAL B 672 -11.64 80.45 3.83
N LEU B 673 -10.37 80.50 4.25
CA LEU B 673 -9.27 79.77 3.64
C LEU B 673 -8.04 79.71 4.56
N ALA B 674 -7.07 78.84 4.20
CA ALA B 674 -5.83 78.67 4.94
C ALA B 674 -4.63 78.93 4.01
N THR B 675 -3.64 79.73 4.46
CA THR B 675 -2.50 80.12 3.61
C THR B 675 -1.36 79.11 3.69
N SER B 676 -0.97 78.71 4.92
CA SER B 676 -0.07 77.59 5.21
C SER B 676 -0.09 77.26 6.72
N THR B 677 0.46 76.08 7.10
CA THR B 677 0.81 75.70 8.48
C THR B 677 -0.31 75.93 9.52
N LYS B 678 -1.54 75.49 9.19
CA LYS B 678 -2.75 75.64 10.02
C LYS B 678 -3.17 77.07 10.38
N HIS B 679 -2.54 78.10 9.81
CA HIS B 679 -3.02 79.49 9.90
C HIS B 679 -4.14 79.73 8.87
N GLY B 680 -5.08 80.64 9.17
CA GLY B 680 -6.19 80.89 8.26
C GLY B 680 -6.88 82.25 8.43
N PHE B 681 -7.66 82.62 7.41
CA PHE B 681 -8.28 83.94 7.27
C PHE B 681 -9.65 83.88 6.60
N MET B 682 -10.42 84.97 6.73
CA MET B 682 -11.82 85.02 6.30
C MET B 682 -12.33 86.45 6.08
N GLN B 683 -13.48 86.59 5.40
CA GLN B 683 -14.15 87.87 5.21
C GLN B 683 -14.70 88.41 6.54
N PHE B 684 -14.48 89.71 6.81
CA PHE B 684 -14.96 90.35 8.03
C PHE B 684 -16.47 90.61 7.99
N ILE B 685 -17.04 90.97 9.14
CA ILE B 685 -18.48 91.15 9.30
C ILE B 685 -18.83 92.40 10.10
N GLN B 686 -19.91 93.07 9.69
CA GLN B 686 -20.62 94.07 10.47
C GLN B 686 -21.92 93.47 11.04
N SER B 687 -22.22 93.77 12.32
CA SER B 687 -23.18 92.99 13.10
C SER B 687 -24.05 93.83 14.05
N VAL B 688 -25.21 93.27 14.43
CA VAL B 688 -26.00 93.72 15.59
C VAL B 688 -26.44 92.48 16.40
N PRO B 689 -25.50 91.77 17.09
CA PRO B 689 -25.57 90.33 17.43
C PRO B 689 -26.63 89.79 18.39
N VAL B 690 -27.35 90.63 19.14
CA VAL B 690 -28.14 90.15 20.28
C VAL B 690 -29.51 90.80 20.36
N ALA B 691 -30.39 90.15 21.13
CA ALA B 691 -31.68 90.68 21.53
C ALA B 691 -31.58 92.08 22.19
N GLU B 692 -30.42 92.43 22.72
CA GLU B 692 -30.11 93.76 23.26
C GLU B 692 -30.27 94.91 22.25
N VAL B 693 -30.07 94.70 20.94
CA VAL B 693 -30.34 95.72 19.94
C VAL B 693 -31.84 96.03 19.85
N LEU B 694 -32.66 94.97 19.83
CA LEU B 694 -34.12 95.05 19.86
C LEU B 694 -34.66 95.57 21.20
N ASP B 695 -33.97 95.30 22.31
CA ASP B 695 -34.27 95.82 23.65
C ASP B 695 -33.83 97.27 23.86
N THR B 696 -32.78 97.71 23.18
CA THR B 696 -32.40 99.11 23.09
C THR B 696 -33.43 99.90 22.27
N GLU B 697 -33.94 99.29 21.21
CA GLU B 697 -35.15 99.72 20.53
C GLU B 697 -36.44 99.42 21.33
N GLY B 698 -37.58 99.95 20.91
CA GLY B 698 -38.82 99.84 21.70
C GLY B 698 -39.52 98.48 21.61
N SER B 699 -39.39 97.82 20.45
CA SER B 699 -40.01 96.55 20.09
C SER B 699 -39.36 96.07 18.79
N ILE B 700 -39.75 94.91 18.25
CA ILE B 700 -39.34 94.57 16.89
C ILE B 700 -39.77 95.65 15.89
N GLN B 701 -40.97 96.19 16.09
CA GLN B 701 -41.54 97.25 15.25
C GLN B 701 -40.77 98.57 15.41
N ASN B 702 -40.54 98.96 16.67
CA ASN B 702 -39.79 100.17 17.01
C ASN B 702 -38.35 100.10 16.52
N PHE B 703 -37.74 98.91 16.55
CA PHE B 703 -36.41 98.65 15.99
C PHE B 703 -36.37 98.93 14.50
N PHE B 704 -37.40 98.50 13.76
CA PHE B 704 -37.50 98.82 12.34
C PHE B 704 -37.63 100.33 12.12
N ARG B 705 -38.56 100.97 12.84
CA ARG B 705 -38.90 102.37 12.70
C ARG B 705 -37.71 103.30 12.99
N LYS B 706 -36.91 102.95 14.00
CA LYS B 706 -35.77 103.75 14.44
C LYS B 706 -34.74 103.85 13.32
N TYR B 707 -34.39 102.68 12.77
CA TYR B 707 -33.30 102.54 11.81
C TYR B 707 -33.75 102.97 10.42
N ALA B 708 -34.89 102.44 10.00
CA ALA B 708 -35.48 102.63 8.68
C ALA B 708 -36.92 103.15 8.83
N PRO B 709 -37.11 104.47 9.08
CA PRO B 709 -38.46 105.08 9.20
C PRO B 709 -39.41 104.97 8.00
N SER B 710 -38.96 104.39 6.88
CA SER B 710 -39.86 103.95 5.82
C SER B 710 -40.83 102.90 6.36
N GLU B 711 -40.28 101.91 7.09
CA GLU B 711 -41.06 100.97 7.88
C GLU B 711 -41.91 101.71 8.91
N ASN B 712 -41.27 102.60 9.68
CA ASN B 712 -41.93 103.43 10.70
C ASN B 712 -42.82 102.59 11.63
N GLY B 713 -42.32 101.41 12.05
CA GLY B 713 -43.09 100.46 12.84
C GLY B 713 -44.31 99.95 12.09
N PRO B 714 -45.52 99.94 12.70
CA PRO B 714 -46.73 99.56 11.97
C PRO B 714 -47.29 100.65 11.05
N ASN B 715 -46.99 101.92 11.37
CA ASN B 715 -47.59 103.08 10.74
C ASN B 715 -47.04 103.37 9.34
N GLY B 716 -45.79 102.94 9.07
CA GLY B 716 -45.21 103.08 7.75
C GLY B 716 -45.37 101.83 6.88
N ILE B 717 -44.56 101.78 5.82
CA ILE B 717 -44.48 100.66 4.89
C ILE B 717 -43.03 100.51 4.42
N SER B 718 -42.38 99.43 4.87
CA SER B 718 -40.94 99.25 4.86
C SER B 718 -40.38 98.80 3.50
N ALA B 719 -41.25 98.27 2.63
CA ALA B 719 -40.89 97.67 1.35
C ALA B 719 -39.85 96.55 1.51
N GLU B 720 -38.71 96.69 0.81
CA GLU B 720 -37.71 95.65 0.65
C GLU B 720 -37.01 95.26 1.97
N VAL B 721 -36.94 96.16 2.97
CA VAL B 721 -36.40 95.80 4.28
C VAL B 721 -37.22 94.65 4.87
N MET B 722 -38.54 94.78 4.80
CA MET B 722 -39.50 93.78 5.24
C MET B 722 -39.54 92.57 4.30
N ASP B 723 -39.50 92.81 2.98
CA ASP B 723 -39.53 91.74 1.98
C ASP B 723 -38.33 90.80 2.12
N THR B 724 -37.14 91.41 2.21
CA THR B 724 -35.87 90.72 2.45
C THR B 724 -35.90 89.96 3.77
N TYR B 725 -36.50 90.56 4.82
CA TYR B 725 -36.70 89.90 6.10
C TYR B 725 -37.58 88.65 5.97
N VAL B 726 -38.75 88.76 5.32
CA VAL B 726 -39.72 87.66 5.23
C VAL B 726 -39.20 86.50 4.37
N LYS B 727 -38.62 86.81 3.21
CA LYS B 727 -37.99 85.80 2.34
C LYS B 727 -36.76 85.18 3.01
N SER B 728 -36.02 85.99 3.80
CA SER B 728 -34.86 85.54 4.58
C SER B 728 -35.28 84.55 5.68
N CYS B 729 -36.33 84.93 6.44
CA CYS B 729 -36.87 84.11 7.51
C CYS B 729 -37.38 82.78 6.97
N ALA B 730 -38.08 82.82 5.82
CA ALA B 730 -38.53 81.63 5.10
C ALA B 730 -37.36 80.74 4.64
N GLY B 731 -36.15 81.31 4.49
CA GLY B 731 -34.92 80.57 4.19
C GLY B 731 -34.26 79.91 5.41
N TYR B 732 -34.14 80.68 6.51
CA TYR B 732 -33.41 80.30 7.71
C TYR B 732 -34.02 79.10 8.45
N CYS B 733 -35.35 79.00 8.44
CA CYS B 733 -36.07 77.85 8.98
C CYS B 733 -35.74 76.56 8.22
N VAL B 734 -35.69 76.64 6.88
CA VAL B 734 -35.31 75.51 6.05
C VAL B 734 -33.89 75.05 6.33
N ILE B 735 -32.94 76.01 6.52
CA ILE B 735 -31.57 75.66 6.89
C ILE B 735 -31.49 74.97 8.27
N THR B 736 -32.33 75.40 9.22
CA THR B 736 -32.36 74.80 10.56
C THR B 736 -32.97 73.39 10.58
N TYR B 737 -33.94 73.12 9.67
CA TYR B 737 -34.53 71.79 9.49
C TYR B 737 -33.47 70.76 9.12
N ILE B 738 -32.64 71.13 8.12
CA ILE B 738 -31.69 70.23 7.50
C ILE B 738 -30.45 70.07 8.39
N LEU B 739 -29.82 71.18 8.80
CA LEU B 739 -28.51 71.14 9.44
C LEU B 739 -28.55 70.78 10.94
N GLY B 740 -29.72 70.95 11.59
CA GLY B 740 -29.89 70.59 12.99
C GLY B 740 -28.94 71.37 13.91
N VAL B 741 -28.98 72.70 13.76
CA VAL B 741 -28.12 73.64 14.46
C VAL B 741 -28.33 73.58 15.98
N GLY B 742 -27.22 73.73 16.75
CA GLY B 742 -27.26 73.66 18.21
C GLY B 742 -26.75 74.93 18.90
N ASP B 743 -26.98 75.03 20.21
CA ASP B 743 -26.55 76.12 21.08
C ASP B 743 -27.00 77.52 20.58
N ARG B 744 -28.22 77.61 20.06
CA ARG B 744 -28.84 78.89 19.75
C ARG B 744 -29.28 79.64 21.02
N HIS B 745 -29.15 80.97 21.02
CA HIS B 745 -29.61 81.88 22.07
C HIS B 745 -29.96 83.26 21.51
N LEU B 746 -30.56 84.09 22.38
CA LEU B 746 -30.83 85.51 22.17
C LEU B 746 -29.55 86.32 21.89
N ASP B 747 -28.40 85.76 22.24
CA ASP B 747 -27.08 86.34 21.98
C ASP B 747 -26.40 85.79 20.71
N ASN B 748 -27.05 84.92 19.93
CA ASN B 748 -26.56 84.42 18.64
C ASN B 748 -27.48 84.83 17.48
N LEU B 749 -27.85 86.12 17.45
CA LEU B 749 -28.98 86.63 16.67
C LEU B 749 -28.69 88.03 16.08
N LEU B 750 -27.81 88.09 15.07
CA LEU B 750 -27.39 89.33 14.40
C LEU B 750 -28.44 89.90 13.46
N LEU B 751 -29.38 90.66 14.02
CA LEU B 751 -30.38 91.40 13.28
C LEU B 751 -29.77 92.64 12.60
N THR B 752 -29.31 92.50 11.35
CA THR B 752 -28.93 93.63 10.53
C THR B 752 -30.17 94.47 10.20
N LYS B 753 -30.15 95.74 10.63
CA LYS B 753 -31.31 96.65 10.53
C LYS B 753 -31.83 96.90 9.11
N THR B 754 -31.06 96.50 8.08
CA THR B 754 -31.38 96.64 6.67
C THR B 754 -32.39 95.60 6.13
N GLY B 755 -32.59 94.48 6.84
CA GLY B 755 -33.43 93.38 6.37
C GLY B 755 -32.74 92.02 6.30
N LYS B 756 -31.40 92.02 6.37
CA LYS B 756 -30.57 90.82 6.32
C LYS B 756 -30.48 90.12 7.69
N LEU B 757 -31.11 88.94 7.79
CA LEU B 757 -31.09 88.17 9.04
C LEU B 757 -29.81 87.33 9.12
N PHE B 758 -29.15 87.35 10.29
CA PHE B 758 -28.02 86.46 10.53
C PHE B 758 -28.22 85.71 11.86
N HIS B 759 -28.88 84.55 11.84
CA HIS B 759 -28.66 83.58 12.92
C HIS B 759 -27.38 82.82 12.58
N ILE B 760 -26.54 82.45 13.59
CA ILE B 760 -25.12 82.26 13.28
C ILE B 760 -24.40 81.01 13.82
N ASP B 761 -24.94 80.29 14.82
CA ASP B 761 -24.11 79.36 15.61
C ASP B 761 -23.96 77.96 14.97
N PHE B 762 -23.48 77.90 13.71
CA PHE B 762 -23.49 76.68 12.92
C PHE B 762 -22.49 75.61 13.38
N GLY B 763 -21.55 75.95 14.27
CA GLY B 763 -20.50 75.03 14.72
C GLY B 763 -21.03 73.80 15.47
N TYR B 764 -22.11 74.02 16.23
CA TYR B 764 -22.90 72.95 16.84
C TYR B 764 -23.92 72.48 15.81
N ILE B 765 -23.81 71.21 15.43
CA ILE B 765 -24.62 70.64 14.37
C ILE B 765 -24.95 69.19 14.73
N LEU B 766 -25.84 68.61 13.93
CA LEU B 766 -26.40 67.28 14.18
C LEU B 766 -27.00 67.23 15.60
N GLY B 767 -27.60 68.37 15.99
CA GLY B 767 -28.29 68.51 17.26
C GLY B 767 -27.38 68.60 18.47
N ARG B 768 -26.08 68.92 18.29
CA ARG B 768 -25.14 68.99 19.41
C ARG B 768 -25.54 70.10 20.40
N ASP B 769 -26.22 69.68 21.48
CA ASP B 769 -26.74 70.42 22.65
C ASP B 769 -26.92 69.40 23.79
N PRO B 770 -26.91 69.77 25.10
CA PRO B 770 -26.88 68.78 26.18
C PRO B 770 -28.08 67.83 26.33
N LYS B 771 -29.29 68.36 26.09
CA LYS B 771 -30.55 67.60 26.00
C LYS B 771 -31.68 68.44 25.38
N PRO B 772 -32.17 69.55 25.99
CA PRO B 772 -33.02 70.48 25.27
C PRO B 772 -32.11 71.27 24.34
N LEU B 773 -32.69 71.66 23.20
CA LEU B 773 -31.91 72.23 22.11
C LEU B 773 -32.76 73.15 21.23
N PRO B 774 -32.17 73.87 20.24
CA PRO B 774 -32.94 74.64 19.25
C PRO B 774 -33.87 73.79 18.37
N PRO B 775 -35.04 74.33 17.95
CA PRO B 775 -35.98 73.59 17.09
C PRO B 775 -35.53 73.43 15.65
N PRO B 776 -36.21 72.63 14.79
CA PRO B 776 -35.98 72.62 13.35
C PRO B 776 -36.44 73.91 12.65
N MET B 777 -37.41 74.61 13.26
CA MET B 777 -37.86 75.93 12.81
C MET B 777 -36.88 77.03 13.24
N LYS B 778 -37.26 78.30 13.00
CA LYS B 778 -36.48 79.47 13.44
C LYS B 778 -37.38 80.63 13.90
N LEU B 779 -37.79 80.57 15.18
CA LEU B 779 -38.66 81.52 15.84
C LEU B 779 -38.54 81.39 17.36
N ASN B 780 -38.63 82.53 18.06
CA ASN B 780 -38.62 82.63 19.52
C ASN B 780 -39.61 83.70 19.98
N LYS B 781 -39.88 83.75 21.29
CA LYS B 781 -40.99 84.53 21.82
C LYS B 781 -40.85 86.05 21.58
N GLU B 782 -39.63 86.57 21.38
CA GLU B 782 -39.40 87.97 20.98
C GLU B 782 -39.96 88.28 19.58
N MET B 783 -39.65 87.41 18.62
CA MET B 783 -40.23 87.49 17.29
C MET B 783 -41.74 87.20 17.31
N VAL B 784 -42.21 86.39 18.28
CA VAL B 784 -43.61 86.12 18.51
C VAL B 784 -44.40 87.38 18.84
N GLU B 785 -43.76 88.45 19.36
CA GLU B 785 -44.36 89.77 19.53
C GLU B 785 -44.81 90.34 18.18
N GLY B 786 -43.84 90.61 17.29
CA GLY B 786 -44.09 91.21 15.99
C GLY B 786 -44.94 90.33 15.05
N MET B 787 -44.58 89.04 14.99
CA MET B 787 -45.22 88.06 14.11
C MET B 787 -46.64 87.70 14.56
N GLY B 788 -46.95 87.77 15.85
CA GLY B 788 -48.30 87.53 16.35
C GLY B 788 -49.28 88.61 15.92
N GLY B 789 -48.80 89.86 15.84
CA GLY B 789 -49.54 90.98 15.29
C GLY B 789 -49.66 90.86 13.76
N THR B 790 -48.50 90.78 13.08
CA THR B 790 -48.42 90.64 11.63
C THR B 790 -48.67 89.19 11.20
N GLN B 791 -49.55 88.50 11.94
CA GLN B 791 -49.84 87.09 11.73
C GLN B 791 -50.51 86.91 10.37
N SER B 792 -51.53 87.75 10.11
CA SER B 792 -52.34 87.72 8.90
C SER B 792 -51.49 87.89 7.64
N GLU B 793 -50.42 88.69 7.73
CA GLU B 793 -49.60 89.07 6.59
C GLU B 793 -48.26 88.31 6.61
N GLN B 794 -47.41 88.62 7.59
CA GLN B 794 -46.04 88.13 7.63
C GLN B 794 -45.97 86.63 7.97
N TYR B 795 -46.80 86.10 8.89
CA TYR B 795 -46.76 84.67 9.17
C TYR B 795 -47.31 83.87 7.99
N GLN B 796 -48.32 84.40 7.30
CA GLN B 796 -48.85 83.74 6.11
C GLN B 796 -47.81 83.77 5.00
N GLU B 797 -47.16 84.91 4.76
CA GLU B 797 -46.12 85.03 3.74
C GLU B 797 -44.95 84.10 4.05
N PHE B 798 -44.53 84.06 5.32
CA PHE B 798 -43.57 83.10 5.83
C PHE B 798 -44.02 81.67 5.47
N ARG B 799 -45.27 81.31 5.83
CA ARG B 799 -45.91 80.00 5.65
C ARG B 799 -45.99 79.59 4.17
N LYS B 800 -46.32 80.54 3.27
CA LYS B 800 -46.42 80.31 1.82
C LYS B 800 -45.05 80.12 1.16
N GLN B 801 -44.07 80.99 1.53
CA GLN B 801 -42.73 80.92 0.97
C GLN B 801 -42.09 79.56 1.30
N CYS B 802 -42.04 79.19 2.58
CA CYS B 802 -41.46 77.92 3.01
C CYS B 802 -42.18 76.71 2.37
N TYR B 803 -43.52 76.75 2.24
CA TYR B 803 -44.30 75.68 1.63
C TYR B 803 -43.87 75.45 0.18
N THR B 804 -43.79 76.55 -0.60
CA THR B 804 -43.35 76.47 -1.98
C THR B 804 -41.89 76.03 -2.09
N ALA B 805 -41.03 76.51 -1.18
CA ALA B 805 -39.58 76.28 -1.21
C ALA B 805 -39.23 74.80 -1.06
N PHE B 806 -39.75 74.12 -0.02
CA PHE B 806 -39.47 72.71 0.23
C PHE B 806 -39.87 71.89 -0.99
N LEU B 807 -41.01 72.24 -1.57
CA LEU B 807 -41.58 71.51 -2.70
C LEU B 807 -40.67 71.56 -3.93
N HIS B 808 -39.91 72.66 -4.13
CA HIS B 808 -38.90 72.78 -5.18
C HIS B 808 -37.63 71.99 -4.88
N LEU B 809 -37.16 72.00 -3.61
CA LEU B 809 -35.96 71.26 -3.24
C LEU B 809 -36.22 69.74 -3.24
N ARG B 810 -37.46 69.32 -2.99
CA ARG B 810 -37.92 67.94 -3.19
C ARG B 810 -37.72 67.49 -4.65
N ARG B 811 -37.66 68.44 -5.61
CA ARG B 811 -37.44 68.15 -7.03
C ARG B 811 -36.05 67.56 -7.31
N TYR B 812 -34.97 68.18 -6.78
CA TYR B 812 -33.65 68.05 -7.38
C TYR B 812 -32.47 67.82 -6.41
N SER B 813 -32.72 67.80 -5.09
CA SER B 813 -31.66 67.54 -4.12
C SER B 813 -31.18 66.08 -4.13
N ASN B 814 -31.66 65.27 -5.08
CA ASN B 814 -31.20 63.90 -5.24
C ASN B 814 -29.67 63.84 -5.45
N LEU B 815 -29.13 64.79 -6.23
CA LEU B 815 -27.69 64.94 -6.44
C LEU B 815 -26.96 65.21 -5.12
N ILE B 816 -27.57 65.98 -4.21
CA ILE B 816 -27.00 66.18 -2.89
C ILE B 816 -26.87 64.84 -2.16
N LEU B 817 -27.78 63.88 -2.39
CA LEU B 817 -27.62 62.53 -1.83
C LEU B 817 -26.32 61.89 -2.34
N ASN B 818 -25.98 62.08 -3.62
CA ASN B 818 -24.69 61.64 -4.18
C ASN B 818 -23.52 62.38 -3.53
N LEU B 819 -23.63 63.71 -3.42
CA LEU B 819 -22.61 64.56 -2.81
C LEU B 819 -22.33 64.14 -1.37
N PHE B 820 -23.42 63.98 -0.60
CA PHE B 820 -23.48 63.47 0.77
C PHE B 820 -22.73 62.15 0.86
N SER B 821 -22.98 61.22 -0.08
CA SER B 821 -22.37 59.91 -0.14
C SER B 821 -20.84 59.94 -0.30
N LEU B 822 -20.27 61.10 -0.65
CA LEU B 822 -18.83 61.30 -0.81
C LEU B 822 -18.26 62.29 0.23
N MET B 823 -18.90 63.47 0.33
CA MET B 823 -18.64 64.55 1.29
C MET B 823 -18.77 64.09 2.75
N VAL B 824 -19.45 62.96 3.00
CA VAL B 824 -19.53 62.36 4.32
C VAL B 824 -18.19 61.76 4.77
N ASP B 825 -17.21 61.61 3.86
CA ASP B 825 -15.88 61.07 4.15
C ASP B 825 -14.92 62.13 4.72
N ALA B 826 -15.45 63.18 5.37
CA ALA B 826 -14.67 64.27 5.96
C ALA B 826 -14.39 64.08 7.47
N ASN B 827 -13.94 65.15 8.16
CA ASN B 827 -13.30 65.06 9.47
C ASN B 827 -14.25 65.27 10.66
N ILE B 828 -15.47 65.75 10.41
CA ILE B 828 -16.35 66.36 11.42
C ILE B 828 -16.53 65.45 12.65
N PRO B 829 -16.31 65.98 13.89
CA PRO B 829 -16.36 65.21 15.15
C PRO B 829 -17.45 64.15 15.38
N ASP B 830 -17.04 63.01 15.95
CA ASP B 830 -17.86 61.88 16.37
C ASP B 830 -18.45 61.09 15.20
N ILE B 831 -17.93 61.32 13.97
CA ILE B 831 -18.41 60.66 12.76
C ILE B 831 -18.17 59.15 12.78
N ALA B 832 -17.43 58.65 13.78
CA ALA B 832 -17.18 57.23 13.97
C ALA B 832 -18.48 56.44 14.19
N LEU B 833 -19.54 57.10 14.69
CA LEU B 833 -20.81 56.45 15.03
C LEU B 833 -21.94 56.76 14.04
N GLU B 834 -21.99 58.01 13.53
CA GLU B 834 -23.17 58.64 12.95
C GLU B 834 -23.62 58.18 11.54
N PRO B 835 -22.75 57.79 10.57
CA PRO B 835 -23.12 57.59 9.17
C PRO B 835 -24.44 56.96 8.71
N ASP B 836 -24.68 55.69 9.05
CA ASP B 836 -25.83 54.93 8.53
C ASP B 836 -27.16 55.45 9.09
N LYS B 837 -27.17 55.74 10.39
CA LYS B 837 -28.26 56.44 11.05
C LYS B 837 -28.50 57.82 10.42
N THR B 838 -27.45 58.55 10.04
CA THR B 838 -27.57 59.86 9.42
C THR B 838 -28.22 59.77 8.04
N VAL B 839 -27.76 58.86 7.17
CA VAL B 839 -28.33 58.72 5.84
C VAL B 839 -29.84 58.40 5.88
N LYS B 840 -30.25 57.46 6.74
CA LYS B 840 -31.66 57.18 7.00
C LYS B 840 -32.39 58.39 7.58
N LYS B 841 -31.78 59.07 8.56
CA LYS B 841 -32.37 60.21 9.25
C LYS B 841 -32.62 61.35 8.28
N VAL B 842 -31.71 61.62 7.34
CA VAL B 842 -31.86 62.67 6.35
C VAL B 842 -33.11 62.44 5.50
N GLN B 843 -33.26 61.25 4.91
CA GLN B 843 -34.39 60.85 4.06
C GLN B 843 -35.73 60.87 4.83
N ASP B 844 -35.69 60.48 6.11
CA ASP B 844 -36.84 60.48 7.01
C ASP B 844 -37.21 61.91 7.46
N LYS B 845 -36.20 62.72 7.83
CA LYS B 845 -36.38 64.06 8.39
C LYS B 845 -37.07 64.97 7.37
N PHE B 846 -36.75 64.76 6.09
CA PHE B 846 -37.40 65.47 4.99
C PHE B 846 -38.44 64.59 4.30
N ARG B 847 -38.74 63.44 4.94
CA ARG B 847 -39.76 62.44 4.60
C ARG B 847 -39.93 62.34 3.09
N LEU B 848 -38.83 62.15 2.36
CA LEU B 848 -38.93 62.02 0.91
C LEU B 848 -39.78 60.79 0.58
N ASP B 849 -39.80 59.81 1.51
CA ASP B 849 -40.68 58.65 1.64
C ASP B 849 -42.17 59.00 1.50
N LEU B 850 -42.56 60.24 1.84
CA LEU B 850 -43.95 60.68 1.85
C LEU B 850 -44.05 62.14 1.39
N SER B 851 -44.35 62.36 0.10
CA SER B 851 -44.41 63.71 -0.48
C SER B 851 -45.76 64.39 -0.17
N ASP B 852 -46.11 64.44 1.12
CA ASP B 852 -47.41 64.93 1.55
C ASP B 852 -47.25 66.28 2.21
N GLU B 853 -47.88 67.33 1.65
CA GLU B 853 -47.84 68.67 2.24
C GLU B 853 -48.57 68.71 3.60
N GLU B 854 -49.26 67.63 3.99
CA GLU B 854 -49.74 67.38 5.35
C GLU B 854 -48.60 67.33 6.37
N ALA B 855 -47.39 67.00 5.91
CA ALA B 855 -46.23 67.10 6.78
C ALA B 855 -45.97 68.57 7.16
N VAL B 856 -46.13 69.52 6.22
CA VAL B 856 -46.08 70.95 6.49
C VAL B 856 -47.22 71.35 7.43
N HIS B 857 -48.40 70.73 7.31
CA HIS B 857 -49.48 70.91 8.28
C HIS B 857 -49.05 70.46 9.68
N TYR B 858 -48.39 69.29 9.79
CA TYR B 858 -47.79 68.80 11.03
C TYR B 858 -46.75 69.80 11.59
N MET B 859 -45.88 70.30 10.71
CA MET B 859 -44.89 71.31 11.07
C MET B 859 -45.55 72.63 11.49
N GLN B 860 -46.66 73.03 10.85
CA GLN B 860 -47.45 74.22 11.17
C GLN B 860 -48.12 74.09 12.53
N SER B 861 -48.56 72.87 12.90
CA SER B 861 -49.01 72.56 14.25
C SER B 861 -47.87 72.73 15.28
N LEU B 862 -46.65 72.30 14.94
CA LEU B 862 -45.47 72.56 15.75
C LEU B 862 -45.23 74.07 15.90
N ILE B 863 -45.43 74.85 14.84
CA ILE B 863 -45.39 76.31 14.87
C ILE B 863 -46.41 76.89 15.85
N ASP B 864 -47.66 76.39 15.84
CA ASP B 864 -48.68 76.75 16.82
C ASP B 864 -48.22 76.46 18.25
N GLU B 865 -47.65 75.27 18.45
CA GLU B 865 -47.02 74.85 19.69
C GLU B 865 -45.87 75.76 20.11
N SER B 866 -45.14 76.36 19.13
CA SER B 866 -44.05 77.30 19.40
C SER B 866 -44.53 78.61 20.04
N VAL B 867 -45.62 79.21 19.53
CA VAL B 867 -46.22 80.37 20.17
C VAL B 867 -46.80 79.99 21.54
N HIS B 868 -47.44 78.81 21.56
CA HIS B 868 -47.95 78.12 22.73
C HIS B 868 -46.89 77.78 23.79
N ALA B 869 -45.60 77.79 23.43
CA ALA B 869 -44.50 77.05 24.08
C ALA B 869 -44.37 77.27 25.60
N LEU B 870 -44.68 78.47 26.11
CA LEU B 870 -44.77 78.74 27.54
C LEU B 870 -45.64 77.72 28.28
N PHE B 871 -46.58 77.09 27.56
CA PHE B 871 -47.41 75.98 28.02
C PHE B 871 -47.50 74.85 26.98
N ALA B 872 -46.47 74.69 26.13
CA ALA B 872 -46.44 73.62 25.14
C ALA B 872 -45.02 73.04 24.97
N GLN C 12 3.46 44.35 16.84
CA GLN C 12 2.67 43.72 17.94
C GLN C 12 1.68 44.71 18.55
N ILE C 13 2.11 45.82 19.17
CA ILE C 13 1.23 46.64 20.00
C ILE C 13 0.19 47.39 19.16
N LEU C 14 0.57 48.06 18.07
CA LEU C 14 -0.48 48.48 17.13
C LEU C 14 -0.76 47.34 16.15
N SER C 15 -1.77 47.57 15.31
CA SER C 15 -1.90 46.82 14.07
C SER C 15 -2.50 47.79 13.03
N VAL C 16 -3.62 47.43 12.39
CA VAL C 16 -4.24 48.30 11.39
C VAL C 16 -4.93 49.52 12.00
N GLU C 17 -4.89 49.68 13.33
CA GLU C 17 -5.18 50.96 13.97
C GLU C 17 -4.12 51.27 15.03
N SER C 18 -3.76 52.56 15.10
CA SER C 18 -3.02 53.20 16.17
C SER C 18 -3.74 53.00 17.53
N TYR C 19 -5.03 52.66 17.45
CA TYR C 19 -5.97 52.46 18.55
C TYR C 19 -5.77 51.10 19.25
N PHE C 20 -4.99 50.16 18.67
CA PHE C 20 -4.76 48.83 19.22
C PHE C 20 -3.64 48.79 20.28
N SER C 21 -3.58 47.66 21.05
CA SER C 21 -2.47 47.25 21.91
C SER C 21 -2.07 45.77 21.76
N ASP C 22 -2.32 45.19 20.57
CA ASP C 22 -1.89 43.85 20.13
C ASP C 22 -2.12 43.66 18.60
N ILE C 23 -1.76 42.48 18.03
CA ILE C 23 -2.02 42.16 16.63
C ILE C 23 -3.52 41.99 16.32
N HIS C 24 -4.13 42.96 15.60
CA HIS C 24 -5.55 42.96 15.21
C HIS C 24 -5.78 43.06 13.69
N ASP C 25 -6.85 42.42 13.18
CA ASP C 25 -7.17 42.50 11.76
C ASP C 25 -7.79 43.85 11.36
N PHE C 26 -8.88 44.29 12.01
CA PHE C 26 -9.64 45.49 11.61
C PHE C 26 -10.49 46.06 12.74
N GLU C 27 -10.81 47.36 12.67
CA GLU C 27 -11.92 47.90 13.44
C GLU C 27 -13.22 47.56 12.72
N TYR C 28 -14.19 46.95 13.45
CA TYR C 28 -15.59 46.78 13.02
C TYR C 28 -16.51 47.87 13.64
N ASP C 29 -17.83 47.79 13.41
CA ASP C 29 -18.85 48.82 13.69
C ASP C 29 -19.01 49.31 15.16
N LYS C 30 -19.52 50.55 15.35
CA LYS C 30 -19.86 51.14 16.66
C LYS C 30 -21.30 51.70 16.73
N SER C 31 -21.87 51.82 17.96
CA SER C 31 -23.27 52.19 18.20
C SER C 31 -23.52 52.73 19.62
N LEU C 32 -24.67 53.40 19.84
CA LEU C 32 -25.11 53.87 21.16
C LEU C 32 -26.60 53.61 21.38
N GLY C 33 -26.97 53.03 22.52
CA GLY C 33 -28.35 52.71 22.81
C GLY C 33 -29.21 53.92 23.13
N SER C 34 -30.52 53.70 23.11
CA SER C 34 -31.46 54.48 23.89
C SER C 34 -31.65 53.88 25.29
N THR C 35 -31.64 52.54 25.42
CA THR C 35 -31.81 51.84 26.70
C THR C 35 -30.50 51.74 27.50
N ARG C 36 -29.36 51.95 26.78
CA ARG C 36 -27.98 51.77 27.25
C ARG C 36 -27.03 52.74 26.53
N PHE C 37 -25.75 52.72 26.98
CA PHE C 37 -24.69 53.61 26.50
C PHE C 37 -24.07 53.09 25.19
N PHE C 38 -22.82 53.52 24.90
CA PHE C 38 -22.07 53.16 23.70
C PHE C 38 -21.50 51.73 23.74
N LYS C 39 -21.20 51.18 22.53
CA LYS C 39 -20.55 49.87 22.33
C LYS C 39 -19.86 49.82 20.95
N VAL C 40 -18.93 48.84 20.77
CA VAL C 40 -18.15 48.65 19.55
C VAL C 40 -17.78 47.17 19.32
N ALA C 41 -17.41 46.79 18.07
CA ALA C 41 -16.90 45.46 17.69
C ALA C 41 -15.46 45.51 17.14
N ARG C 42 -14.67 44.43 17.33
CA ARG C 42 -13.25 44.40 16.98
C ARG C 42 -12.82 43.02 16.49
N ALA C 43 -12.09 42.90 15.35
CA ALA C 43 -11.68 41.62 14.80
C ALA C 43 -10.18 41.33 15.01
N LYS C 44 -9.81 40.75 16.16
CA LYS C 44 -8.42 40.55 16.54
C LYS C 44 -7.81 39.32 15.85
N HIS C 45 -6.65 39.46 15.17
CA HIS C 45 -5.93 38.31 14.63
C HIS C 45 -5.00 37.65 15.69
N ARG C 46 -5.61 37.17 16.79
CA ARG C 46 -4.96 36.52 17.92
C ARG C 46 -4.38 35.18 17.47
N GLU C 47 -3.08 34.97 17.71
CA GLU C 47 -2.43 33.80 17.14
C GLU C 47 -2.63 33.80 15.61
N GLY C 48 -2.72 35.00 14.97
CA GLY C 48 -3.07 35.19 13.57
C GLY C 48 -4.56 34.96 13.23
N LEU C 49 -5.30 34.28 14.12
CA LEU C 49 -6.71 33.96 13.92
C LEU C 49 -7.57 35.20 14.19
N VAL C 50 -8.11 35.82 13.12
CA VAL C 50 -8.98 37.01 13.16
C VAL C 50 -10.40 36.71 13.64
N VAL C 51 -10.77 37.19 14.83
CA VAL C 51 -12.06 36.92 15.46
C VAL C 51 -12.70 38.18 16.06
N VAL C 52 -14.01 38.36 15.88
CA VAL C 52 -14.78 39.55 16.21
C VAL C 52 -15.19 39.60 17.69
N LYS C 53 -14.22 39.87 18.58
CA LYS C 53 -14.37 40.09 20.02
C LYS C 53 -15.16 41.35 20.42
N VAL C 54 -15.61 41.45 21.68
CA VAL C 54 -16.19 42.65 22.26
C VAL C 54 -15.13 43.74 22.43
N PHE C 55 -15.50 45.01 22.19
CA PHE C 55 -14.62 46.14 22.51
C PHE C 55 -14.99 46.74 23.86
N ALA C 56 -13.95 47.09 24.62
CA ALA C 56 -14.14 47.85 25.85
C ALA C 56 -12.81 48.45 26.31
N ILE C 57 -12.90 49.58 27.04
CA ILE C 57 -11.77 50.21 27.70
C ILE C 57 -11.96 50.13 29.22
N GLN C 58 -10.99 49.55 29.94
CA GLN C 58 -11.06 49.53 31.39
C GLN C 58 -10.69 50.89 32.00
N ASP C 59 -9.87 51.70 31.31
CA ASP C 59 -9.47 53.05 31.71
C ASP C 59 -10.63 53.88 32.30
N PRO C 60 -11.63 54.32 31.51
CA PRO C 60 -12.87 54.90 32.06
C PRO C 60 -13.87 54.14 32.94
N THR C 61 -13.80 52.79 33.02
CA THR C 61 -14.75 51.96 33.77
C THR C 61 -14.23 51.52 35.15
N LEU C 62 -12.97 51.88 35.47
CA LEU C 62 -12.38 51.61 36.79
C LEU C 62 -13.29 52.06 37.94
N PRO C 63 -13.86 53.30 37.96
CA PRO C 63 -14.85 53.74 38.95
C PRO C 63 -15.92 52.75 39.41
N LEU C 64 -16.39 51.92 38.48
CA LEU C 64 -17.36 50.87 38.80
C LEU C 64 -16.60 49.56 39.04
N THR C 65 -16.07 48.95 37.97
CA THR C 65 -15.40 47.64 38.03
C THR C 65 -16.27 46.59 38.76
N SER C 66 -17.61 46.81 38.78
CA SER C 66 -18.66 45.98 39.41
C SER C 66 -18.67 44.60 38.79
N TYR C 67 -17.93 44.48 37.69
CA TYR C 67 -17.86 43.37 36.77
C TYR C 67 -17.49 42.08 37.48
N LYS C 68 -16.88 42.16 38.66
CA LYS C 68 -16.58 41.01 39.50
C LYS C 68 -17.72 39.99 39.44
N GLN C 69 -18.94 40.40 39.82
CA GLN C 69 -20.15 39.58 39.80
C GLN C 69 -20.45 39.05 38.39
N GLU C 70 -20.34 39.95 37.42
CA GLU C 70 -20.72 39.70 36.03
C GLU C 70 -19.81 38.61 35.45
N LEU C 71 -18.49 38.71 35.73
CA LEU C 71 -17.44 37.77 35.38
C LEU C 71 -17.67 36.40 36.01
N GLU C 72 -18.20 36.37 37.24
CA GLU C 72 -18.47 35.11 37.92
C GLU C 72 -19.70 34.41 37.34
N GLU C 73 -20.79 35.16 37.15
CA GLU C 73 -21.96 34.63 36.45
C GLU C 73 -21.54 34.20 35.05
N LEU C 74 -20.59 34.94 34.42
CA LEU C 74 -20.00 34.49 33.16
C LEU C 74 -19.36 33.12 33.35
N LYS C 75 -18.49 32.97 34.36
CA LYS C 75 -17.83 31.69 34.61
C LYS C 75 -18.86 30.57 34.81
N ILE C 76 -19.91 30.82 35.63
CA ILE C 76 -21.01 29.89 35.93
C ILE C 76 -21.75 29.48 34.65
N ARG C 77 -21.96 30.44 33.75
CA ARG C 77 -22.71 30.22 32.51
C ARG C 77 -21.84 29.55 31.44
N LEU C 78 -20.64 30.10 31.19
CA LEU C 78 -19.72 29.65 30.14
C LEU C 78 -19.22 28.24 30.41
N ASN C 79 -19.30 27.80 31.68
CA ASN C 79 -19.00 26.43 32.10
C ASN C 79 -19.77 25.39 31.29
N SER C 80 -21.01 25.72 30.88
CA SER C 80 -21.93 24.83 30.19
C SER C 80 -22.00 25.09 28.68
N ALA C 81 -21.27 24.27 27.90
CA ALA C 81 -21.26 24.33 26.43
C ALA C 81 -22.43 23.55 25.81
N GLN C 82 -23.62 24.17 25.84
CA GLN C 82 -24.85 23.61 25.30
C GLN C 82 -25.12 24.14 23.89
N ASN C 83 -26.40 24.26 23.51
CA ASN C 83 -26.80 24.87 22.25
C ASN C 83 -26.66 26.41 22.28
N CYS C 84 -26.30 26.97 23.44
CA CYS C 84 -25.98 28.39 23.58
C CYS C 84 -24.56 28.68 23.09
N LEU C 85 -24.13 29.96 23.05
CA LEU C 85 -22.74 30.30 22.77
C LEU C 85 -21.95 30.55 24.08
N PRO C 86 -21.20 29.59 24.67
CA PRO C 86 -20.03 29.90 25.50
C PRO C 86 -18.84 30.58 24.78
N PHE C 87 -18.41 31.74 25.28
CA PHE C 87 -17.22 32.44 24.76
C PHE C 87 -15.92 31.75 25.18
N GLN C 88 -14.91 31.71 24.29
CA GLN C 88 -13.67 30.95 24.53
C GLN C 88 -12.80 31.53 25.65
N LYS C 89 -12.95 32.85 25.92
CA LYS C 89 -12.25 33.54 27.01
C LYS C 89 -12.84 34.94 27.34
N ALA C 90 -14.18 35.18 27.28
CA ALA C 90 -14.76 36.53 27.33
C ALA C 90 -14.38 37.32 28.60
N SER C 91 -14.90 36.87 29.78
CA SER C 91 -14.68 37.38 31.14
C SER C 91 -13.20 37.63 31.41
N GLU C 92 -12.41 36.69 30.89
CA GLU C 92 -10.98 36.57 31.09
C GLU C 92 -10.18 37.67 30.39
N LYS C 93 -10.81 38.46 29.49
CA LYS C 93 -10.07 39.31 28.55
C LYS C 93 -10.23 40.82 28.82
N ALA C 94 -10.50 41.16 30.09
CA ALA C 94 -10.40 42.52 30.60
C ALA C 94 -8.94 43.00 30.71
N SER C 95 -8.65 44.27 30.35
CA SER C 95 -7.40 45.00 30.64
C SER C 95 -7.56 46.52 30.44
N GLU C 96 -6.65 47.33 31.01
CA GLU C 96 -6.71 48.79 31.10
C GLU C 96 -7.03 49.48 29.76
N LYS C 97 -6.06 49.51 28.84
CA LYS C 97 -6.30 50.11 27.53
C LYS C 97 -7.21 49.24 26.64
N ALA C 98 -7.46 47.96 27.00
CA ALA C 98 -8.09 46.98 26.12
C ALA C 98 -8.84 45.85 26.85
N ALA C 99 -10.06 46.13 27.32
CA ALA C 99 -10.87 45.16 28.04
C ALA C 99 -11.72 44.28 27.11
N MET C 100 -11.12 43.85 25.99
CA MET C 100 -11.84 43.36 24.82
C MET C 100 -12.33 41.91 24.99
N LEU C 101 -13.54 41.68 25.57
CA LEU C 101 -14.06 40.32 25.87
C LEU C 101 -13.96 39.39 24.67
N PHE C 102 -13.14 38.36 24.80
CA PHE C 102 -12.80 37.45 23.71
C PHE C 102 -14.00 36.69 23.13
N ARG C 103 -14.11 36.67 21.80
CA ARG C 103 -15.10 35.89 21.02
C ARG C 103 -14.60 35.59 19.59
N GLN C 104 -15.23 34.61 18.93
CA GLN C 104 -14.93 34.21 17.55
C GLN C 104 -15.35 35.27 16.51
N TYR C 105 -15.17 35.00 15.19
CA TYR C 105 -15.39 35.90 14.06
C TYR C 105 -16.84 36.33 13.76
N VAL C 106 -17.65 36.56 14.80
CA VAL C 106 -19.06 36.86 14.66
C VAL C 106 -19.35 38.22 14.04
N ARG C 107 -20.21 38.19 13.02
CA ARG C 107 -20.99 39.34 12.60
C ARG C 107 -22.32 38.92 11.94
N ASP C 108 -22.56 37.60 11.75
CA ASP C 108 -23.74 37.06 11.08
C ASP C 108 -24.99 37.07 11.96
N ASN C 109 -25.50 38.25 12.33
CA ASN C 109 -26.72 38.33 13.11
C ASN C 109 -27.90 37.66 12.43
N LEU C 110 -28.92 37.38 13.21
CA LEU C 110 -29.83 36.31 12.85
C LEU C 110 -30.76 36.64 11.66
N TYR C 111 -31.49 37.75 11.67
CA TYR C 111 -32.35 38.12 10.52
C TYR C 111 -31.49 38.38 9.30
N ASP C 112 -30.29 38.87 9.56
CA ASP C 112 -29.26 39.03 8.55
C ASP C 112 -28.98 37.71 7.86
N ARG C 113 -28.70 36.65 8.61
CA ARG C 113 -28.52 35.32 8.05
C ARG C 113 -29.77 34.80 7.32
N ILE C 114 -30.98 35.08 7.83
CA ILE C 114 -32.22 34.58 7.24
C ILE C 114 -32.45 35.14 5.84
N SER C 115 -32.38 36.45 5.71
CA SER C 115 -32.46 37.11 4.41
C SER C 115 -31.22 36.79 3.55
N THR C 116 -30.09 36.37 4.15
CA THR C 116 -28.91 35.90 3.44
C THR C 116 -29.10 34.58 2.69
N ARG C 117 -29.93 33.69 3.19
CA ARG C 117 -30.22 32.44 2.50
C ARG C 117 -31.68 32.05 2.68
N PRO C 118 -32.60 32.70 1.92
CA PRO C 118 -33.96 32.21 1.73
C PRO C 118 -33.95 30.85 1.05
N PHE C 119 -32.91 30.58 0.25
CA PHE C 119 -32.57 29.27 -0.26
C PHE C 119 -32.49 28.23 0.87
N LEU C 120 -31.96 28.63 2.01
CA LEU C 120 -31.95 27.83 3.22
C LEU C 120 -33.27 27.89 4.01
N ASN C 121 -33.97 29.03 4.02
CA ASN C 121 -35.22 29.17 4.77
C ASN C 121 -36.24 28.10 4.36
N ASN C 122 -36.65 27.27 5.34
CA ASN C 122 -37.54 26.14 5.10
C ASN C 122 -38.39 25.82 6.32
N ILE C 123 -39.49 25.10 6.08
CA ILE C 123 -40.54 24.81 7.06
C ILE C 123 -39.94 24.20 8.33
N GLU C 124 -39.29 23.04 8.14
CA GLU C 124 -38.63 22.35 9.23
C GLU C 124 -37.51 23.22 9.81
N LYS C 125 -36.73 23.85 8.93
CA LYS C 125 -35.54 24.57 9.32
C LYS C 125 -35.87 25.69 10.32
N ARG C 126 -36.89 26.50 10.05
CA ARG C 126 -37.25 27.61 10.94
C ARG C 126 -37.61 27.04 12.30
N TRP C 127 -38.49 26.03 12.29
CA TRP C 127 -38.90 25.29 13.46
C TRP C 127 -37.70 24.68 14.20
N ILE C 128 -36.72 24.11 13.49
CA ILE C 128 -35.51 23.54 14.08
C ILE C 128 -34.67 24.61 14.76
N ALA C 129 -34.47 25.72 14.06
CA ALA C 129 -33.71 26.85 14.56
C ALA C 129 -34.38 27.33 15.85
N PHE C 130 -35.66 27.65 15.74
CA PHE C 130 -36.52 28.05 16.85
C PHE C 130 -36.40 27.08 18.02
N GLN C 131 -36.41 25.76 17.76
CA GLN C 131 -36.39 24.78 18.85
C GLN C 131 -35.02 24.72 19.55
N ILE C 132 -33.93 24.89 18.79
CA ILE C 132 -32.59 24.98 19.33
C ILE C 132 -32.43 26.17 20.29
N LEU C 133 -33.03 27.31 19.91
CA LEU C 133 -33.12 28.47 20.79
C LEU C 133 -33.95 28.18 22.04
N THR C 134 -35.08 27.48 21.90
CA THR C 134 -35.98 27.16 23.01
C THR C 134 -35.29 26.35 24.10
N ALA C 135 -34.45 25.38 23.73
CA ALA C 135 -33.67 24.59 24.68
C ALA C 135 -32.72 25.48 25.51
N VAL C 136 -32.06 26.44 24.87
CA VAL C 136 -31.22 27.43 25.53
C VAL C 136 -32.00 28.28 26.53
N ASP C 137 -33.19 28.75 26.16
CA ASP C 137 -34.05 29.55 27.02
C ASP C 137 -34.43 28.82 28.31
N GLN C 138 -35.06 27.64 28.17
CA GLN C 138 -35.47 26.83 29.31
C GLN C 138 -34.25 26.40 30.16
N ALA C 139 -33.08 26.17 29.56
CA ALA C 139 -31.84 25.86 30.28
C ALA C 139 -31.31 27.03 31.13
N HIS C 140 -31.23 28.25 30.58
CA HIS C 140 -30.74 29.42 31.32
C HIS C 140 -31.73 29.89 32.40
N LYS C 141 -33.03 29.68 32.20
CA LYS C 141 -34.04 29.87 33.25
C LYS C 141 -33.77 28.95 34.43
N SER C 142 -33.44 27.69 34.17
CA SER C 142 -33.08 26.69 35.17
C SER C 142 -31.72 26.98 35.83
N GLY C 143 -30.67 27.23 35.02
CA GLY C 143 -29.37 27.71 35.45
C GLY C 143 -29.41 29.20 35.70
N VAL C 144 -30.26 29.60 36.66
CA VAL C 144 -30.90 30.89 36.73
C VAL C 144 -30.04 32.09 36.31
N ARG C 145 -30.44 32.67 35.18
CA ARG C 145 -29.97 33.94 34.66
C ARG C 145 -31.18 34.70 34.09
N HIS C 146 -32.20 34.90 34.94
CA HIS C 146 -33.51 35.45 34.58
C HIS C 146 -33.48 36.90 34.05
N GLY C 147 -34.56 37.31 33.38
CA GLY C 147 -34.84 38.69 33.01
C GLY C 147 -34.01 39.28 31.85
N ASP C 148 -33.28 38.46 31.10
CA ASP C 148 -32.41 38.93 30.02
C ASP C 148 -33.17 39.48 28.79
N ILE C 149 -32.52 40.41 28.07
CA ILE C 149 -33.01 41.03 26.83
C ILE C 149 -32.70 40.18 25.58
N LYS C 150 -33.49 40.37 24.50
CA LYS C 150 -33.34 39.66 23.24
C LYS C 150 -33.46 40.57 22.01
N THR C 151 -32.56 40.36 21.05
CA THR C 151 -32.64 40.84 19.68
C THR C 151 -31.69 39.98 18.84
N GLU C 152 -31.74 40.07 17.50
CA GLU C 152 -30.91 39.26 16.61
C GLU C 152 -29.40 39.51 16.70
N ASN C 153 -29.03 40.59 17.39
CA ASN C 153 -27.69 40.85 17.88
C ASN C 153 -27.16 39.76 18.83
N VAL C 154 -28.06 39.04 19.51
CA VAL C 154 -27.75 37.98 20.46
C VAL C 154 -27.26 36.69 19.79
N MET C 155 -27.35 36.53 18.45
CA MET C 155 -27.04 35.25 17.83
C MET C 155 -26.26 35.29 16.51
N VAL C 156 -25.74 34.11 16.16
CA VAL C 156 -24.93 33.80 14.97
C VAL C 156 -25.18 32.36 14.56
N THR C 157 -24.89 32.01 13.31
CA THR C 157 -25.28 30.72 12.75
C THR C 157 -24.05 29.83 12.50
N SER C 158 -23.96 28.68 13.20
CA SER C 158 -22.75 27.86 13.10
C SER C 158 -22.80 26.90 11.92
N TRP C 159 -21.67 26.20 11.70
CA TRP C 159 -21.56 25.18 10.68
C TRP C 159 -22.48 23.99 10.96
N ASN C 160 -22.89 23.78 12.23
CA ASN C 160 -23.92 22.78 12.58
C ASN C 160 -25.31 23.41 12.70
N TRP C 161 -25.44 24.63 12.13
CA TRP C 161 -26.70 25.38 12.06
C TRP C 161 -27.32 25.61 13.43
N VAL C 162 -26.47 25.62 14.44
CA VAL C 162 -26.96 25.81 15.79
C VAL C 162 -27.09 27.32 16.04
N LEU C 163 -28.20 27.69 16.67
CA LEU C 163 -28.44 29.05 17.10
C LEU C 163 -27.70 29.31 18.42
N LEU C 164 -26.38 29.57 18.32
CA LEU C 164 -25.53 29.77 19.50
C LEU C 164 -25.84 31.12 20.16
N THR C 165 -26.67 31.07 21.22
CA THR C 165 -27.17 32.24 21.93
C THR C 165 -26.12 32.83 22.86
N ASP C 166 -25.77 34.11 22.66
CA ASP C 166 -24.89 34.84 23.56
C ASP C 166 -25.69 35.70 24.56
N PHE C 167 -25.03 36.74 25.10
CA PHE C 167 -25.60 37.67 26.08
C PHE C 167 -25.30 39.13 25.73
N ALA C 168 -25.04 39.41 24.44
CA ALA C 168 -24.74 40.76 23.97
C ALA C 168 -25.77 41.20 22.91
N SER C 169 -26.96 41.56 23.40
CA SER C 169 -28.12 41.84 22.57
C SER C 169 -28.04 43.15 21.76
N PHE C 170 -27.00 43.99 21.93
CA PHE C 170 -26.67 44.99 20.92
C PHE C 170 -25.49 44.47 20.10
N LYS C 171 -25.69 44.32 18.80
CA LYS C 171 -24.62 43.94 17.91
C LYS C 171 -24.57 45.04 16.88
N PRO C 172 -23.61 45.98 17.00
CA PRO C 172 -23.47 47.06 16.02
C PRO C 172 -23.27 46.54 14.60
N THR C 173 -22.64 45.37 14.45
CA THR C 173 -22.76 44.56 13.26
C THR C 173 -24.14 43.87 13.19
N TYR C 174 -25.18 44.55 12.70
CA TYR C 174 -26.50 43.91 12.51
C TYR C 174 -27.53 44.69 11.67
N LEU C 175 -28.19 43.94 10.75
CA LEU C 175 -29.32 44.34 9.90
C LEU C 175 -29.83 43.08 9.14
N PRO C 176 -30.67 43.17 8.06
CA PRO C 176 -30.94 42.08 7.10
C PRO C 176 -29.77 41.59 6.23
N GLU C 177 -30.04 40.79 5.16
CA GLU C 177 -29.04 40.50 4.10
C GLU C 177 -29.63 40.34 2.69
N ASP C 178 -29.37 39.20 2.00
CA ASP C 178 -29.48 38.94 0.55
C ASP C 178 -30.91 38.95 -0.03
N ASN C 179 -31.67 39.98 0.30
CA ASN C 179 -33.09 40.18 0.01
C ASN C 179 -33.36 40.34 -1.48
N PRO C 180 -34.01 39.36 -2.15
CA PRO C 180 -34.15 39.36 -3.60
C PRO C 180 -35.02 40.45 -4.18
N ALA C 181 -36.01 40.95 -3.45
CA ALA C 181 -36.72 42.13 -3.90
C ALA C 181 -36.30 43.33 -3.03
N ASP C 182 -35.86 44.44 -3.67
CA ASP C 182 -35.26 45.59 -2.99
C ASP C 182 -34.92 46.76 -3.93
N PHE C 183 -35.24 47.99 -3.47
CA PHE C 183 -34.73 49.29 -3.91
C PHE C 183 -34.82 50.23 -2.69
N ASN C 184 -33.98 50.02 -1.67
CA ASN C 184 -34.14 50.62 -0.35
C ASN C 184 -32.88 51.29 0.21
N TYR C 185 -33.06 52.49 0.76
CA TYR C 185 -32.07 53.21 1.55
C TYR C 185 -31.80 52.56 2.92
N PHE C 186 -30.73 53.01 3.58
CA PHE C 186 -30.33 52.53 4.90
C PHE C 186 -31.39 52.72 6.00
N PHE C 187 -31.33 51.87 7.04
CA PHE C 187 -32.42 51.68 8.00
C PHE C 187 -31.98 51.50 9.47
N ASP C 188 -30.73 51.84 9.79
CA ASP C 188 -30.26 51.86 11.18
C ASP C 188 -31.06 52.88 12.02
N THR C 189 -31.14 52.65 13.33
CA THR C 189 -31.97 53.45 14.23
C THR C 189 -33.47 53.43 13.87
N SER C 190 -34.01 52.27 13.48
CA SER C 190 -35.31 52.18 12.82
C SER C 190 -36.55 52.54 13.68
N ARG C 191 -36.56 52.18 14.98
CA ARG C 191 -37.59 52.64 15.91
C ARG C 191 -37.02 53.06 17.28
N ARG C 192 -35.72 53.37 17.33
CA ARG C 192 -35.00 53.81 18.53
C ARG C 192 -33.63 54.40 18.18
N ARG C 193 -32.82 54.70 19.21
CA ARG C 193 -31.46 55.25 19.02
C ARG C 193 -30.46 54.25 18.44
N THR C 194 -30.86 52.97 18.28
CA THR C 194 -30.10 51.89 17.64
C THR C 194 -31.02 50.87 16.95
N CYS C 195 -30.55 49.62 16.72
CA CYS C 195 -31.27 48.55 16.03
C CYS C 195 -32.67 48.23 16.61
N TYR C 196 -33.58 47.68 15.78
CA TYR C 196 -34.98 47.43 16.13
C TYR C 196 -35.16 46.46 17.31
N ILE C 197 -35.45 47.02 18.49
CA ILE C 197 -35.52 46.30 19.75
C ILE C 197 -36.80 45.49 19.97
N ALA C 198 -36.79 44.68 21.03
CA ALA C 198 -37.94 43.92 21.50
C ALA C 198 -38.43 44.47 22.85
N PRO C 199 -39.52 45.29 22.91
CA PRO C 199 -39.98 45.89 24.18
C PRO C 199 -40.43 44.93 25.29
N GLU C 200 -40.29 45.38 26.54
CA GLU C 200 -40.81 44.70 27.73
C GLU C 200 -41.90 45.56 28.38
N ARG C 201 -43.12 45.05 28.53
CA ARG C 201 -44.28 45.83 28.98
C ARG C 201 -44.12 46.40 30.38
N PHE C 202 -43.52 45.63 31.29
CA PHE C 202 -43.28 46.04 32.66
C PHE C 202 -42.16 47.09 32.78
N VAL C 203 -41.07 46.88 32.01
CA VAL C 203 -39.93 47.79 32.00
C VAL C 203 -40.34 49.13 31.40
N ASP C 204 -40.78 49.15 30.13
CA ASP C 204 -41.15 50.37 29.40
C ASP C 204 -42.45 50.99 29.91
N GLY C 205 -43.55 50.25 29.76
CA GLY C 205 -44.89 50.75 30.04
C GLY C 205 -45.14 50.97 31.52
N GLY C 206 -44.47 50.18 32.39
CA GLY C 206 -44.46 50.41 33.82
C GLY C 206 -43.42 51.46 34.23
N MET C 207 -42.21 51.02 34.60
CA MET C 207 -41.20 51.87 35.20
C MET C 207 -40.50 52.76 34.15
N PHE C 208 -39.37 52.25 33.62
CA PHE C 208 -38.60 52.91 32.58
C PHE C 208 -38.00 51.84 31.66
N ALA C 209 -38.06 52.09 30.34
CA ALA C 209 -37.49 51.19 29.35
C ALA C 209 -35.97 51.02 29.50
N THR C 210 -35.34 52.02 30.14
CA THR C 210 -33.92 52.03 30.47
C THR C 210 -33.56 50.98 31.53
N GLU C 211 -32.30 50.56 31.51
CA GLU C 211 -31.76 49.59 32.47
C GLU C 211 -31.32 50.26 33.79
N LEU C 212 -30.83 51.50 33.74
CA LEU C 212 -30.20 52.19 34.86
C LEU C 212 -31.18 52.66 35.95
N GLU C 213 -30.65 52.90 37.17
CA GLU C 213 -31.32 53.56 38.29
C GLU C 213 -31.32 55.10 38.16
N TYR C 214 -32.36 55.77 38.71
CA TYR C 214 -32.60 57.23 38.76
C TYR C 214 -33.69 57.58 39.80
N MET C 215 -34.39 58.74 39.73
CA MET C 215 -35.65 58.99 40.47
C MET C 215 -36.57 59.99 39.73
N ARG C 216 -36.53 59.93 38.37
CA ARG C 216 -37.15 60.86 37.40
C ARG C 216 -37.32 60.22 36.00
N ASP C 217 -37.65 61.02 34.95
CA ASP C 217 -38.32 60.48 33.76
C ASP C 217 -37.98 61.09 32.38
N PRO C 218 -36.76 60.89 31.80
CA PRO C 218 -36.46 61.29 30.40
C PRO C 218 -37.18 60.58 29.25
N SER C 219 -36.99 61.06 28.01
CA SER C 219 -37.70 60.58 26.83
C SER C 219 -36.81 59.91 25.78
N THR C 220 -35.84 60.64 25.21
CA THR C 220 -35.01 60.14 24.11
C THR C 220 -34.32 58.83 24.49
N PRO C 221 -33.75 58.73 25.72
CA PRO C 221 -33.64 57.45 26.42
C PRO C 221 -34.77 57.42 27.44
N LEU C 222 -35.38 56.25 27.69
CA LEU C 222 -36.78 56.27 28.08
C LEU C 222 -37.07 55.93 29.55
N VAL C 223 -37.79 56.90 30.15
CA VAL C 223 -38.14 56.95 31.56
C VAL C 223 -39.43 57.75 31.82
N ASP C 224 -40.01 58.37 30.78
CA ASP C 224 -41.19 59.23 30.84
C ASP C 224 -42.40 58.56 31.47
N LEU C 225 -42.41 57.21 31.53
CA LEU C 225 -43.47 56.45 32.19
C LEU C 225 -43.50 56.64 33.72
N ASN C 226 -42.34 56.53 34.41
CA ASN C 226 -42.30 56.68 35.88
C ASN C 226 -40.93 57.09 36.44
N SER C 227 -40.93 57.70 37.65
CA SER C 227 -39.79 58.30 38.36
C SER C 227 -38.87 57.26 39.02
N ASN C 228 -38.44 56.25 38.23
CA ASN C 228 -37.63 55.10 38.64
C ASN C 228 -38.16 54.43 39.92
N GLN C 229 -39.49 54.47 40.13
CA GLN C 229 -40.15 54.03 41.35
C GLN C 229 -39.50 54.60 42.63
N ARG C 230 -38.96 55.83 42.54
CA ARG C 230 -38.12 56.50 43.55
C ARG C 230 -36.90 55.65 43.98
N THR C 231 -35.95 55.44 43.05
CA THR C 231 -34.62 54.86 43.29
C THR C 231 -34.59 53.32 43.46
N ARG C 232 -35.36 52.55 42.66
CA ARG C 232 -35.41 51.08 42.71
C ARG C 232 -34.47 50.38 41.71
N GLY C 233 -34.11 49.10 41.90
CA GLY C 233 -33.16 48.42 41.01
C GLY C 233 -33.84 47.56 39.93
N GLU C 234 -33.05 46.88 39.09
CA GLU C 234 -33.57 45.91 38.13
C GLU C 234 -34.13 44.67 38.85
N LEU C 235 -35.17 44.04 38.30
CA LEU C 235 -35.87 42.92 38.91
C LEU C 235 -36.08 41.78 37.90
N LYS C 236 -35.03 40.99 37.73
CA LYS C 236 -34.95 39.95 36.70
C LYS C 236 -35.99 38.84 36.87
N ARG C 237 -36.86 38.67 35.87
CA ARG C 237 -37.95 37.69 35.90
C ARG C 237 -38.16 37.05 34.53
N ALA C 238 -38.73 35.83 34.55
CA ALA C 238 -39.08 35.07 33.36
C ALA C 238 -40.12 35.79 32.48
N MET C 239 -41.02 36.56 33.10
CA MET C 239 -42.05 37.33 32.41
C MET C 239 -41.45 38.41 31.49
N ASP C 240 -40.34 39.02 31.91
CA ASP C 240 -39.61 40.01 31.12
C ASP C 240 -38.90 39.36 29.92
N ILE C 241 -38.41 38.13 30.10
CA ILE C 241 -37.85 37.31 29.02
C ILE C 241 -38.90 36.94 27.97
N PHE C 242 -40.11 36.53 28.39
CA PHE C 242 -41.20 36.18 27.48
C PHE C 242 -41.63 37.36 26.59
N SER C 243 -41.62 38.56 27.18
CA SER C 243 -41.89 39.82 26.49
C SER C 243 -40.93 40.01 25.31
N ALA C 244 -39.62 39.95 25.56
CA ALA C 244 -38.60 40.20 24.55
C ALA C 244 -38.60 39.14 23.44
N GLY C 245 -38.70 37.86 23.82
CA GLY C 245 -38.77 36.76 22.85
C GLY C 245 -39.90 36.95 21.83
N CYS C 246 -41.07 37.41 22.32
CA CYS C 246 -42.28 37.67 21.56
C CYS C 246 -42.07 38.63 20.37
N VAL C 247 -41.18 39.63 20.49
CA VAL C 247 -40.95 40.62 19.44
C VAL C 247 -39.94 40.16 18.38
N ILE C 248 -38.92 39.39 18.77
CA ILE C 248 -37.99 38.80 17.82
C ILE C 248 -38.67 37.73 16.93
N ALA C 249 -39.65 37.00 17.49
CA ALA C 249 -40.41 35.97 16.78
C ALA C 249 -41.16 36.50 15.55
N GLU C 250 -41.96 37.57 15.72
CA GLU C 250 -42.81 38.09 14.64
C GLU C 250 -41.96 38.57 13.47
N LEU C 251 -40.83 39.20 13.76
CA LEU C 251 -39.82 39.54 12.78
C LEU C 251 -39.51 38.35 11.85
N PHE C 252 -39.32 37.14 12.39
CA PHE C 252 -39.16 35.95 11.56
C PHE C 252 -40.38 35.74 10.66
N THR C 253 -41.57 35.72 11.27
CA THR C 253 -42.80 35.33 10.59
C THR C 253 -43.15 36.27 9.43
N GLU C 254 -43.17 37.58 9.73
CA GLU C 254 -43.41 38.63 8.75
C GLU C 254 -42.18 38.89 7.88
N GLY C 255 -41.01 38.35 8.26
CA GLY C 255 -39.73 38.71 7.66
C GLY C 255 -39.31 40.16 7.96
N VAL C 256 -40.12 40.85 8.80
CA VAL C 256 -39.98 42.27 9.15
C VAL C 256 -40.53 42.53 10.56
N PRO C 257 -39.93 43.44 11.37
CA PRO C 257 -40.35 43.67 12.77
C PRO C 257 -41.70 44.36 12.96
N LEU C 258 -42.13 44.39 14.23
CA LEU C 258 -43.44 44.89 14.64
C LEU C 258 -43.37 46.27 15.30
N PHE C 259 -42.15 46.80 15.49
CA PHE C 259 -41.84 47.98 16.30
C PHE C 259 -42.39 49.29 15.71
N ASP C 260 -43.54 49.71 16.23
CA ASP C 260 -44.16 51.00 15.93
C ASP C 260 -44.50 51.70 17.24
N LEU C 261 -44.35 53.03 17.30
CA LEU C 261 -44.70 53.79 18.50
C LEU C 261 -46.21 53.73 18.79
N SER C 262 -47.04 53.66 17.75
CA SER C 262 -48.46 53.38 17.84
C SER C 262 -48.72 52.00 18.47
N GLN C 263 -48.01 50.99 17.95
CA GLN C 263 -48.03 49.65 18.52
C GLN C 263 -47.57 49.64 19.98
N LEU C 264 -46.57 50.44 20.37
CA LEU C 264 -46.07 50.55 21.73
C LEU C 264 -47.05 51.23 22.69
N LEU C 265 -47.76 52.29 22.25
CA LEU C 265 -48.86 52.88 22.99
C LEU C 265 -49.97 51.86 23.21
N ALA C 266 -50.26 51.10 22.17
CA ALA C 266 -51.21 50.01 22.20
C ALA C 266 -50.74 48.86 23.13
N TYR C 267 -49.44 48.57 23.23
CA TYR C 267 -48.87 47.63 24.19
C TYR C 267 -48.94 48.11 25.64
N ARG C 268 -48.78 49.40 25.89
CA ARG C 268 -49.09 50.00 27.19
C ARG C 268 -50.58 49.84 27.54
N ASN C 269 -51.45 50.02 26.55
CA ASN C 269 -52.86 49.69 26.62
C ASN C 269 -53.14 48.17 26.69
N GLY C 270 -52.13 47.30 26.57
CA GLY C 270 -52.27 45.84 26.58
C GLY C 270 -53.08 45.28 25.40
N HIS C 271 -53.26 46.05 24.31
CA HIS C 271 -54.09 45.70 23.17
C HIS C 271 -53.73 46.53 21.93
N PHE C 272 -53.41 45.88 20.81
CA PHE C 272 -52.56 46.45 19.76
C PHE C 272 -53.23 46.62 18.38
N PHE C 273 -52.39 46.67 17.31
CA PHE C 273 -52.82 46.67 15.91
C PHE C 273 -52.25 45.49 15.10
N PRO C 274 -52.64 44.21 15.37
CA PRO C 274 -52.20 43.06 14.57
C PRO C 274 -52.65 43.11 13.11
N GLU C 275 -51.93 42.35 12.27
CA GLU C 275 -52.22 42.13 10.86
C GLU C 275 -51.60 40.79 10.46
N GLN C 276 -51.93 39.71 11.18
CA GLN C 276 -51.19 38.43 11.17
C GLN C 276 -50.94 37.92 9.75
N VAL C 277 -49.68 38.00 9.32
CA VAL C 277 -49.29 37.92 7.91
C VAL C 277 -49.06 36.50 7.40
N LEU C 278 -49.12 35.48 8.27
CA LEU C 278 -48.90 34.10 7.87
C LEU C 278 -49.93 33.15 8.51
N ASN C 279 -50.43 32.20 7.72
CA ASN C 279 -51.39 31.20 8.14
C ASN C 279 -50.81 30.21 9.17
N LYS C 280 -49.52 29.87 9.07
CA LYS C 280 -48.91 29.02 10.08
C LYS C 280 -48.69 29.77 11.40
N ILE C 281 -48.62 31.10 11.36
CA ILE C 281 -48.46 31.98 12.52
C ILE C 281 -49.80 32.28 13.19
N GLU C 282 -50.85 32.58 12.43
CA GLU C 282 -52.20 32.61 12.96
C GLU C 282 -52.74 31.20 13.22
N ASP C 283 -52.05 30.16 12.74
CA ASP C 283 -52.33 28.75 13.05
C ASP C 283 -52.22 28.62 14.55
N HIS C 284 -53.23 28.01 15.15
CA HIS C 284 -53.40 27.98 16.60
C HIS C 284 -52.10 27.65 17.32
N SER C 285 -51.41 26.64 16.76
CA SER C 285 -50.11 26.09 17.11
C SER C 285 -49.13 27.21 17.47
N ILE C 286 -49.09 28.27 16.65
CA ILE C 286 -48.20 29.42 16.79
C ILE C 286 -48.91 30.64 17.38
N ARG C 287 -50.17 30.87 16.96
CA ARG C 287 -50.92 32.08 17.26
C ARG C 287 -51.16 32.24 18.76
N GLU C 288 -51.50 31.12 19.43
CA GLU C 288 -51.98 31.14 20.81
C GLU C 288 -50.88 31.54 21.80
N LEU C 289 -49.74 30.83 21.74
CA LEU C 289 -48.65 31.10 22.68
C LEU C 289 -48.05 32.49 22.44
N VAL C 290 -48.05 32.97 21.19
CA VAL C 290 -47.70 34.33 20.82
C VAL C 290 -48.65 35.35 21.45
N THR C 291 -49.96 35.05 21.38
CA THR C 291 -51.02 35.84 21.99
C THR C 291 -50.90 35.87 23.52
N GLN C 292 -50.47 34.72 24.10
CA GLN C 292 -50.22 34.56 25.51
C GLN C 292 -49.10 35.49 25.99
N MET C 293 -48.04 35.63 25.18
CA MET C 293 -47.00 36.62 25.34
C MET C 293 -47.56 38.05 25.18
N ILE C 294 -48.50 38.24 24.26
CA ILE C 294 -49.05 39.53 23.83
C ILE C 294 -50.06 40.22 24.76
N HIS C 295 -50.87 39.49 25.56
CA HIS C 295 -51.97 40.10 26.30
C HIS C 295 -51.50 41.02 27.44
N ARG C 296 -50.82 40.44 28.44
CA ARG C 296 -50.01 41.13 29.43
C ARG C 296 -49.09 40.07 30.03
N GLU C 297 -47.77 40.21 29.86
CA GLU C 297 -46.83 39.12 30.17
C GLU C 297 -46.94 38.65 31.62
N PRO C 298 -46.89 39.56 32.62
CA PRO C 298 -47.15 39.17 34.01
C PRO C 298 -48.62 38.92 34.39
N ASP C 299 -49.58 39.59 33.72
CA ASP C 299 -51.00 39.49 34.07
C ASP C 299 -51.63 38.20 33.57
N LYS C 300 -51.40 37.90 32.28
CA LYS C 300 -51.66 36.59 31.68
C LYS C 300 -50.54 35.61 32.09
N ARG C 301 -50.51 34.42 31.45
CA ARG C 301 -49.33 33.57 31.50
C ARG C 301 -48.88 33.17 30.10
N LEU C 302 -47.56 33.18 29.90
CA LEU C 302 -46.89 32.46 28.83
C LEU C 302 -45.78 31.63 29.46
N GLU C 303 -45.76 30.33 29.13
CA GLU C 303 -44.75 29.45 29.66
C GLU C 303 -44.04 28.76 28.50
N ALA C 304 -42.70 28.88 28.44
CA ALA C 304 -41.85 28.12 27.52
C ALA C 304 -42.10 26.63 27.73
N GLU C 305 -42.24 26.24 29.00
CA GLU C 305 -42.76 24.95 29.43
C GLU C 305 -44.08 24.58 28.73
N ASP C 306 -45.13 25.43 28.82
CA ASP C 306 -46.47 25.19 28.25
C ASP C 306 -46.38 25.00 26.74
N TYR C 307 -45.57 25.88 26.16
CA TYR C 307 -45.18 25.84 24.76
C TYR C 307 -44.57 24.49 24.39
N LEU C 308 -43.64 23.98 25.22
CA LEU C 308 -42.89 22.75 24.96
C LEU C 308 -43.82 21.54 25.09
N LYS C 309 -44.58 21.49 26.19
CA LYS C 309 -45.53 20.44 26.46
C LYS C 309 -46.55 20.36 25.32
N GLN C 310 -46.94 21.56 24.87
CA GLN C 310 -47.89 21.71 23.79
C GLN C 310 -47.18 21.96 22.45
N GLN C 311 -46.02 21.31 22.20
CA GLN C 311 -45.46 21.37 20.87
C GLN C 311 -46.47 20.86 19.86
N ARG C 312 -46.69 21.66 18.80
CA ARG C 312 -47.62 21.46 17.71
C ARG C 312 -47.79 19.97 17.41
N GLY C 313 -46.66 19.33 17.09
CA GLY C 313 -46.54 17.90 17.24
C GLY C 313 -45.68 17.60 18.47
N ASN C 314 -46.13 16.74 19.41
CA ASN C 314 -45.30 16.39 20.56
C ASN C 314 -44.21 15.40 20.14
N ALA C 315 -44.29 14.83 18.92
CA ALA C 315 -43.21 14.08 18.25
C ALA C 315 -41.92 14.90 18.16
N PHE C 316 -42.07 16.16 17.81
CA PHE C 316 -40.98 17.07 17.48
C PHE C 316 -40.12 17.32 18.73
N PRO C 317 -40.61 17.80 19.91
CA PRO C 317 -39.81 17.85 21.12
C PRO C 317 -38.94 16.62 21.35
N GLU C 318 -39.49 15.42 21.14
CA GLU C 318 -38.76 14.18 21.35
C GLU C 318 -37.69 14.03 20.27
N ILE C 319 -38.03 14.28 19.00
CA ILE C 319 -37.08 14.28 17.89
C ILE C 319 -35.92 15.21 18.23
N PHE C 320 -36.25 16.39 18.80
CA PHE C 320 -35.23 17.32 19.28
C PHE C 320 -34.40 16.63 20.35
N TYR C 321 -34.98 16.42 21.55
CA TYR C 321 -34.18 16.04 22.70
C TYR C 321 -33.45 14.70 22.51
N THR C 322 -34.01 13.76 21.72
CA THR C 322 -33.32 12.51 21.40
C THR C 322 -32.03 12.81 20.64
N PHE C 323 -32.19 13.58 19.57
CA PHE C 323 -31.03 13.87 18.74
C PHE C 323 -30.16 14.95 19.39
N LEU C 324 -30.66 15.72 20.38
CA LEU C 324 -29.86 16.65 21.17
C LEU C 324 -28.63 15.96 21.73
N GLN C 325 -28.72 14.64 21.97
CA GLN C 325 -27.58 13.91 22.54
C GLN C 325 -26.40 13.95 21.56
N PRO C 326 -26.55 13.40 20.33
CA PRO C 326 -25.75 13.85 19.20
C PRO C 326 -25.37 15.35 19.12
N TYR C 327 -26.25 16.31 19.41
CA TYR C 327 -25.83 17.71 19.34
C TYR C 327 -24.79 18.06 20.41
N MET C 328 -24.91 17.43 21.58
CA MET C 328 -23.90 17.59 22.62
C MET C 328 -22.58 16.96 22.15
N ALA C 329 -22.64 15.80 21.48
CA ALA C 329 -21.46 15.21 20.86
C ALA C 329 -20.87 16.16 19.81
N GLN C 330 -21.71 16.91 19.08
CA GLN C 330 -21.35 17.97 18.14
C GLN C 330 -20.57 19.07 18.86
N PHE C 331 -21.02 19.48 20.06
CA PHE C 331 -20.34 20.50 20.84
C PHE C 331 -18.96 20.00 21.34
N ALA C 332 -18.85 18.69 21.60
CA ALA C 332 -17.57 18.04 21.90
C ALA C 332 -16.66 17.97 20.66
N LYS C 333 -17.25 17.78 19.46
CA LYS C 333 -16.55 17.58 18.20
C LYS C 333 -15.61 18.74 17.86
N GLU C 334 -15.78 19.91 18.51
CA GLU C 334 -14.86 21.04 18.39
C GLU C 334 -13.40 20.62 18.63
N THR C 335 -13.19 19.48 19.30
CA THR C 335 -11.94 18.73 19.43
C THR C 335 -11.44 18.12 18.12
N PHE C 336 -12.24 17.30 17.38
CA PHE C 336 -11.77 16.46 16.26
C PHE C 336 -12.80 16.19 15.13
N LEU C 337 -12.75 16.91 13.99
CA LEU C 337 -13.70 16.77 12.87
C LEU C 337 -13.62 15.46 12.05
N SER C 338 -12.42 15.09 11.58
CA SER C 338 -12.20 13.88 10.77
C SER C 338 -12.65 12.64 11.51
N ALA C 339 -12.35 12.56 12.82
CA ALA C 339 -12.80 11.45 13.65
C ALA C 339 -14.33 11.40 13.65
N ASP C 340 -14.99 12.55 13.80
CA ASP C 340 -16.44 12.61 13.70
C ASP C 340 -16.88 12.05 12.35
N GLU C 341 -16.46 12.60 11.19
CA GLU C 341 -16.82 12.12 9.85
C GLU C 341 -17.06 10.61 9.83
N ARG C 342 -16.02 9.84 10.12
CA ARG C 342 -15.95 8.42 9.83
C ARG C 342 -16.59 7.57 10.93
N ILE C 343 -16.36 7.89 12.19
CA ILE C 343 -17.05 7.18 13.27
C ILE C 343 -18.51 7.54 13.25
N LEU C 344 -18.82 8.74 12.73
CA LEU C 344 -20.19 9.19 12.67
C LEU C 344 -20.90 8.39 11.59
N VAL C 345 -20.25 8.07 10.46
CA VAL C 345 -20.74 7.08 9.50
C VAL C 345 -21.16 5.83 10.26
N ILE C 346 -20.24 5.25 11.04
CA ILE C 346 -20.52 4.03 11.79
C ILE C 346 -21.75 4.24 12.69
N ARG C 347 -21.67 5.27 13.54
CA ARG C 347 -22.72 5.62 14.51
C ARG C 347 -24.07 5.86 13.84
N LYS C 348 -24.07 6.59 12.72
CA LYS C 348 -25.32 7.09 12.17
C LYS C 348 -25.90 6.13 11.12
N ASP C 349 -25.21 5.01 10.85
CA ASP C 349 -25.92 3.81 10.37
C ASP C 349 -27.08 3.58 11.33
N LEU C 350 -26.71 3.52 12.61
CA LEU C 350 -27.63 3.31 13.72
C LEU C 350 -28.58 4.50 13.81
N GLY C 351 -28.05 5.73 13.72
CA GLY C 351 -28.83 6.97 13.66
C GLY C 351 -30.00 6.88 12.67
N ASN C 352 -29.74 6.35 11.46
CA ASN C 352 -30.74 6.11 10.45
C ASN C 352 -31.70 4.97 10.87
N ILE C 353 -31.13 3.87 11.33
CA ILE C 353 -31.91 2.72 11.75
C ILE C 353 -32.84 3.08 12.92
N ILE C 354 -32.46 4.10 13.71
CA ILE C 354 -33.33 4.70 14.72
C ILE C 354 -34.34 5.58 14.01
N HIS C 355 -33.81 6.54 13.23
CA HIS C 355 -34.55 7.68 12.74
C HIS C 355 -34.71 7.61 11.24
N ASN C 356 -35.97 7.49 10.81
CA ASN C 356 -36.32 7.30 9.41
C ASN C 356 -35.64 6.06 8.85
N LEU C 357 -35.65 4.96 9.63
CA LEU C 357 -35.02 3.70 9.25
C LEU C 357 -35.49 3.19 7.90
N CYS C 358 -34.49 2.88 7.07
CA CYS C 358 -34.60 1.97 5.95
C CYS C 358 -33.79 0.74 6.37
N GLY C 359 -34.35 -0.45 6.13
CA GLY C 359 -33.75 -1.71 6.53
C GLY C 359 -32.39 -1.99 5.88
N HIS C 360 -32.16 -1.45 4.67
CA HIS C 360 -30.96 -1.70 3.88
C HIS C 360 -30.17 -0.41 3.53
N ASP C 361 -30.44 0.70 4.26
CA ASP C 361 -29.62 1.91 4.34
C ASP C 361 -29.46 2.69 3.02
N LEU C 362 -30.40 2.48 2.07
CA LEU C 362 -30.46 3.26 0.83
C LEU C 362 -31.86 3.84 0.66
N PRO C 363 -32.23 4.95 1.37
CA PRO C 363 -33.59 5.43 1.33
C PRO C 363 -33.92 5.81 -0.10
N GLU C 364 -35.09 5.37 -0.54
CA GLU C 364 -35.66 5.85 -1.78
C GLU C 364 -35.92 7.36 -1.65
N LYS C 365 -35.44 8.13 -2.64
CA LYS C 365 -35.51 9.59 -2.61
C LYS C 365 -36.93 10.13 -2.84
N ALA C 366 -37.87 9.27 -3.28
CA ALA C 366 -39.27 9.62 -3.49
C ALA C 366 -40.21 8.47 -3.07
N GLU C 367 -40.17 8.10 -1.77
CA GLU C 367 -40.92 6.97 -1.22
C GLU C 367 -42.40 7.30 -0.97
N GLY C 368 -43.19 7.42 -2.05
CA GLY C 368 -44.57 7.89 -2.06
C GLY C 368 -44.70 9.34 -1.58
N GLU C 369 -45.91 9.72 -1.11
CA GLU C 369 -46.00 10.78 -0.12
C GLU C 369 -45.28 10.24 1.12
N PRO C 370 -44.08 10.77 1.48
CA PRO C 370 -43.08 10.00 2.24
C PRO C 370 -43.62 9.06 3.32
N LYS C 371 -43.42 7.74 3.11
CA LYS C 371 -43.97 6.67 3.94
C LYS C 371 -43.48 6.70 5.40
N GLU C 372 -42.27 7.25 5.63
CA GLU C 372 -41.75 7.55 6.95
C GLU C 372 -41.67 9.05 7.24
N ASN C 373 -42.16 9.89 6.30
CA ASN C 373 -42.45 11.32 6.49
C ASN C 373 -41.22 12.25 6.56
N GLY C 374 -40.14 11.92 5.85
CA GLY C 374 -38.90 12.72 5.89
C GLY C 374 -38.95 14.06 5.14
N LEU C 375 -38.34 15.10 5.75
CA LEU C 375 -37.99 16.40 5.15
C LEU C 375 -36.76 17.02 5.83
N VAL C 376 -35.70 16.20 5.96
CA VAL C 376 -34.62 16.36 6.93
C VAL C 376 -33.62 17.47 6.56
N ILE C 377 -33.93 18.70 6.96
CA ILE C 377 -33.00 19.83 6.83
C ILE C 377 -31.69 19.66 7.60
N LEU C 378 -31.65 18.69 8.52
CA LEU C 378 -30.45 18.37 9.30
C LEU C 378 -29.35 17.71 8.45
N VAL C 379 -29.66 17.10 7.29
CA VAL C 379 -28.57 16.61 6.45
C VAL C 379 -27.72 17.79 6.00
N SER C 380 -28.38 18.92 5.73
CA SER C 380 -27.73 20.17 5.35
C SER C 380 -26.90 20.73 6.53
N VAL C 381 -27.42 20.63 7.77
CA VAL C 381 -26.67 20.89 9.01
C VAL C 381 -25.31 20.18 8.95
N ILE C 382 -25.36 18.86 8.83
CA ILE C 382 -24.18 18.02 8.90
C ILE C 382 -23.26 18.27 7.71
N THR C 383 -23.85 18.38 6.51
CA THR C 383 -23.13 18.67 5.28
C THR C 383 -22.21 19.86 5.49
N SER C 384 -22.75 20.91 6.11
CA SER C 384 -22.02 22.15 6.30
C SER C 384 -20.89 22.00 7.31
N CYS C 385 -21.08 21.15 8.33
CA CYS C 385 -19.99 20.73 9.18
C CYS C 385 -18.88 20.04 8.37
N LEU C 386 -19.26 18.98 7.63
CA LEU C 386 -18.31 18.09 6.97
C LEU C 386 -17.68 18.71 5.72
N GLN C 387 -18.10 19.92 5.31
CA GLN C 387 -17.40 20.68 4.29
C GLN C 387 -15.91 20.87 4.63
N THR C 388 -15.55 21.00 5.94
CA THR C 388 -14.16 21.25 6.33
C THR C 388 -13.22 20.10 5.93
N LEU C 389 -12.17 20.43 5.14
CA LEU C 389 -11.09 19.53 4.69
C LEU C 389 -10.34 18.86 5.84
N LYS C 390 -10.12 17.58 5.66
CA LYS C 390 -9.38 16.79 6.61
C LYS C 390 -8.73 15.62 5.87
N TYR C 391 -9.52 14.55 5.65
CA TYR C 391 -9.06 13.24 5.20
C TYR C 391 -10.06 12.50 4.27
N CYS C 392 -9.54 11.59 3.41
CA CYS C 392 -10.29 10.81 2.41
C CYS C 392 -11.31 9.84 3.04
N ASP C 393 -11.31 9.77 4.38
CA ASP C 393 -12.43 9.29 5.22
C ASP C 393 -13.75 9.76 4.63
N SER C 394 -13.74 11.03 4.20
CA SER C 394 -14.86 11.73 3.58
C SER C 394 -15.41 11.03 2.33
N LYS C 395 -14.51 10.42 1.53
CA LYS C 395 -14.82 9.77 0.24
C LYS C 395 -15.89 8.69 0.45
N LEU C 396 -15.61 7.85 1.45
CA LEU C 396 -16.44 6.70 1.83
C LEU C 396 -17.85 7.14 2.19
N ALA C 397 -17.95 8.09 3.13
CA ALA C 397 -19.22 8.59 3.63
C ALA C 397 -20.05 9.22 2.51
N ALA C 398 -19.40 9.89 1.54
CA ALA C 398 -20.06 10.49 0.40
C ALA C 398 -20.67 9.42 -0.51
N LEU C 399 -19.86 8.39 -0.81
CA LEU C 399 -20.38 7.26 -1.58
C LEU C 399 -21.56 6.63 -0.84
N GLU C 400 -21.40 6.40 0.47
CA GLU C 400 -22.45 5.92 1.36
C GLU C 400 -23.68 6.81 1.26
N LEU C 401 -23.50 8.13 1.24
CA LEU C 401 -24.58 9.11 1.10
C LEU C 401 -25.26 9.01 -0.28
N ILE C 402 -24.47 8.78 -1.34
CA ILE C 402 -25.00 8.61 -2.69
C ILE C 402 -25.96 7.42 -2.70
N LEU C 403 -25.52 6.31 -2.07
CA LEU C 403 -26.32 5.12 -1.85
C LEU C 403 -27.52 5.44 -0.96
N HIS C 404 -27.26 6.16 0.13
CA HIS C 404 -28.21 6.69 1.10
C HIS C 404 -29.01 7.83 0.45
N LEU C 405 -29.70 7.52 -0.66
CA LEU C 405 -30.36 8.47 -1.55
C LEU C 405 -31.61 9.06 -0.91
N ALA C 406 -31.48 9.59 0.32
CA ALA C 406 -32.51 10.20 1.14
C ALA C 406 -33.36 11.20 0.36
N PRO C 407 -34.66 11.41 0.74
CA PRO C 407 -35.57 12.26 -0.02
C PRO C 407 -35.37 13.78 0.05
N ARG C 408 -34.20 14.25 -0.42
CA ARG C 408 -34.08 15.60 -0.95
C ARG C 408 -34.87 15.64 -2.26
N LEU C 409 -35.75 16.66 -2.40
CA LEU C 409 -36.47 16.89 -3.64
C LEU C 409 -35.47 17.11 -4.77
N SER C 410 -35.97 17.21 -6.01
CA SER C 410 -35.13 17.59 -7.13
C SER C 410 -34.37 18.87 -6.79
N VAL C 411 -35.15 19.90 -6.40
CA VAL C 411 -34.66 21.21 -5.95
C VAL C 411 -33.78 21.08 -4.71
N GLU C 412 -34.15 20.23 -3.75
CA GLU C 412 -33.45 20.10 -2.47
C GLU C 412 -32.07 19.47 -2.67
N ILE C 413 -32.05 18.38 -3.43
CA ILE C 413 -30.84 17.78 -3.95
C ILE C 413 -30.04 18.82 -4.75
N LEU C 414 -30.74 19.63 -5.53
CA LEU C 414 -30.10 20.68 -6.31
C LEU C 414 -29.44 21.73 -5.40
N LEU C 415 -30.12 22.14 -4.30
CA LEU C 415 -29.57 23.06 -3.31
C LEU C 415 -28.29 22.46 -2.73
N ASP C 416 -28.46 21.19 -2.31
CA ASP C 416 -27.40 20.32 -1.85
C ASP C 416 -26.23 20.29 -2.84
N ARG C 417 -26.53 20.35 -4.17
CA ARG C 417 -25.61 20.15 -5.29
C ARG C 417 -24.50 21.19 -5.39
N ILE C 418 -24.56 22.23 -4.57
CA ILE C 418 -23.49 23.22 -4.45
C ILE C 418 -22.10 22.59 -4.24
N THR C 419 -21.85 21.86 -3.13
CA THR C 419 -20.45 21.48 -2.81
C THR C 419 -19.89 20.32 -3.64
N PRO C 420 -20.65 19.28 -4.08
CA PRO C 420 -20.09 18.10 -4.75
C PRO C 420 -19.08 18.25 -5.89
N TYR C 421 -19.50 18.84 -7.02
CA TYR C 421 -18.60 19.15 -8.12
C TYR C 421 -17.55 20.15 -7.63
N LEU C 422 -17.98 21.05 -6.74
CA LEU C 422 -17.10 21.94 -5.99
C LEU C 422 -15.97 21.15 -5.33
N LEU C 423 -16.23 19.90 -4.90
CA LEU C 423 -15.20 19.07 -4.30
C LEU C 423 -14.47 18.19 -5.33
N HIS C 424 -15.10 17.82 -6.47
CA HIS C 424 -14.30 17.36 -7.59
C HIS C 424 -13.23 18.40 -7.89
N PHE C 425 -13.64 19.65 -8.00
CA PHE C 425 -12.69 20.72 -8.22
C PHE C 425 -11.73 20.78 -7.02
N SER C 426 -12.25 20.86 -5.77
CA SER C 426 -11.45 21.05 -4.56
C SER C 426 -10.43 19.93 -4.32
N ASN C 427 -10.65 18.76 -4.91
CA ASN C 427 -9.65 17.70 -4.92
C ASN C 427 -9.56 17.08 -6.31
N ASP C 428 -9.37 17.92 -7.35
CA ASP C 428 -8.95 17.50 -8.68
C ASP C 428 -7.54 16.90 -8.58
N SER C 429 -6.78 17.32 -7.56
CA SER C 429 -5.40 16.92 -7.25
C SER C 429 -5.27 15.42 -7.04
N VAL C 430 -6.22 14.80 -6.33
CA VAL C 430 -6.43 13.37 -6.36
C VAL C 430 -7.29 13.04 -7.58
N PRO C 431 -6.73 12.78 -8.80
CA PRO C 431 -7.51 12.52 -10.01
C PRO C 431 -8.68 11.55 -9.88
N ARG C 432 -8.57 10.51 -9.05
CA ARG C 432 -9.69 9.59 -8.92
C ARG C 432 -10.72 10.00 -7.86
N VAL C 433 -10.69 11.25 -7.34
CA VAL C 433 -11.90 11.85 -6.78
C VAL C 433 -12.98 11.95 -7.87
N ARG C 434 -12.55 12.10 -9.15
CA ARG C 434 -13.39 12.08 -10.35
C ARG C 434 -14.27 10.82 -10.42
N ALA C 435 -13.67 9.68 -10.08
CA ALA C 435 -14.36 8.40 -10.00
C ALA C 435 -15.47 8.41 -8.93
N GLU C 436 -15.23 9.04 -7.75
CA GLU C 436 -16.24 9.15 -6.68
C GLU C 436 -17.43 9.95 -7.19
N ALA C 437 -17.10 11.16 -7.65
CA ALA C 437 -18.08 12.09 -8.15
C ALA C 437 -18.92 11.46 -9.28
N LEU C 438 -18.32 10.69 -10.20
CA LEU C 438 -18.97 9.90 -11.27
C LEU C 438 -20.18 9.16 -10.73
N ARG C 439 -19.94 8.39 -9.67
CA ARG C 439 -20.98 7.53 -9.12
C ARG C 439 -22.15 8.39 -8.62
N THR C 440 -21.83 9.39 -7.80
CA THR C 440 -22.80 10.31 -7.23
C THR C 440 -23.61 10.98 -8.35
N LEU C 441 -22.97 11.48 -9.42
CA LEU C 441 -23.71 12.20 -10.45
C LEU C 441 -24.54 11.25 -11.31
N THR C 442 -23.99 10.07 -11.54
CA THR C 442 -24.75 9.01 -12.17
C THR C 442 -26.03 8.74 -11.35
N LYS C 443 -25.94 8.63 -10.02
CA LYS C 443 -27.05 8.45 -9.08
C LYS C 443 -28.04 9.60 -9.17
N VAL C 444 -27.52 10.83 -9.16
CA VAL C 444 -28.33 12.03 -9.26
C VAL C 444 -29.15 12.01 -10.55
N LEU C 445 -28.53 11.52 -11.63
CA LEU C 445 -29.15 11.41 -12.94
C LEU C 445 -30.22 10.32 -12.98
N ALA C 446 -29.92 9.21 -12.31
CA ALA C 446 -30.81 8.08 -12.22
C ALA C 446 -32.07 8.39 -11.40
N LEU C 447 -31.93 9.24 -10.36
CA LEU C 447 -33.06 9.78 -9.62
C LEU C 447 -34.01 10.48 -10.61
N VAL C 448 -35.32 10.22 -10.48
CA VAL C 448 -36.34 10.80 -11.34
C VAL C 448 -37.12 11.83 -10.52
N LYS C 449 -37.11 13.08 -11.03
CA LYS C 449 -37.63 14.25 -10.35
C LYS C 449 -37.89 15.38 -11.37
N GLU C 450 -38.55 16.45 -10.92
CA GLU C 450 -39.02 17.53 -11.79
C GLU C 450 -38.17 18.81 -11.63
N VAL C 451 -37.85 19.44 -12.78
CA VAL C 451 -37.07 20.67 -12.85
C VAL C 451 -37.94 21.87 -12.46
N PRO C 452 -37.65 22.59 -11.33
CA PRO C 452 -38.48 23.72 -10.90
C PRO C 452 -38.50 24.92 -11.85
N ARG C 453 -37.41 25.08 -12.61
CA ARG C 453 -37.23 26.17 -13.57
C ARG C 453 -36.40 25.69 -14.76
N ASN C 454 -36.68 26.25 -15.94
CA ASN C 454 -36.06 25.91 -17.21
C ASN C 454 -34.52 25.95 -17.14
N ASP C 455 -33.97 27.00 -16.52
CA ASP C 455 -32.55 27.34 -16.47
C ASP C 455 -31.70 26.26 -15.76
N ILE C 456 -32.35 25.50 -14.88
CA ILE C 456 -31.75 24.39 -14.16
C ILE C 456 -30.91 23.53 -15.12
N ASN C 457 -31.48 23.08 -16.25
CA ASN C 457 -30.81 22.20 -17.21
C ASN C 457 -29.61 22.85 -17.90
N ILE C 458 -29.58 24.20 -18.00
CA ILE C 458 -28.48 24.90 -18.68
C ILE C 458 -27.22 24.88 -17.85
N TYR C 459 -27.39 24.98 -16.55
CA TYR C 459 -26.22 24.98 -15.73
C TYR C 459 -25.43 23.67 -15.96
N PRO C 460 -25.93 22.39 -15.94
CA PRO C 460 -25.24 21.23 -16.53
C PRO C 460 -24.53 21.58 -17.81
N GLU C 461 -25.26 22.20 -18.72
CA GLU C 461 -24.76 22.45 -20.04
C GLU C 461 -23.59 23.45 -20.04
N TYR C 462 -23.22 24.02 -18.89
CA TYR C 462 -22.05 24.88 -18.75
C TYR C 462 -21.11 24.33 -17.67
N ILE C 463 -21.65 23.85 -16.56
CA ILE C 463 -20.94 23.15 -15.48
C ILE C 463 -20.12 21.99 -16.04
N LEU C 464 -20.85 21.15 -16.79
CA LEU C 464 -20.27 19.93 -17.29
C LEU C 464 -19.11 20.28 -18.25
N PRO C 465 -19.27 21.18 -19.27
CA PRO C 465 -18.14 21.75 -19.97
C PRO C 465 -16.91 22.09 -19.12
N GLY C 466 -17.08 22.89 -18.05
CA GLY C 466 -15.97 23.25 -17.18
C GLY C 466 -15.26 22.03 -16.62
N ILE C 467 -16.07 21.11 -16.07
CA ILE C 467 -15.53 19.91 -15.47
C ILE C 467 -14.82 19.05 -16.53
N ALA C 468 -15.35 19.05 -17.77
CA ALA C 468 -14.75 18.35 -18.89
C ALA C 468 -13.38 18.93 -19.27
N HIS C 469 -13.16 20.24 -19.08
CA HIS C 469 -11.80 20.76 -19.18
C HIS C 469 -10.93 20.13 -18.11
N LEU C 470 -11.45 20.06 -16.86
CA LEU C 470 -10.68 19.40 -15.80
C LEU C 470 -10.34 17.98 -16.28
N ALA C 471 -11.24 17.28 -17.02
CA ALA C 471 -10.97 15.97 -17.63
C ALA C 471 -9.79 15.92 -18.62
N GLN C 472 -9.48 17.10 -19.21
CA GLN C 472 -8.34 17.27 -20.10
C GLN C 472 -7.06 17.47 -19.28
N ASP C 473 -7.18 18.06 -18.08
CA ASP C 473 -6.09 18.21 -17.12
C ASP C 473 -5.48 16.84 -16.76
N ASP C 474 -6.32 15.90 -16.29
CA ASP C 474 -5.98 14.49 -16.15
C ASP C 474 -7.20 13.64 -16.53
N ALA C 475 -6.98 12.67 -17.40
CA ALA C 475 -8.04 11.78 -17.83
C ALA C 475 -8.16 10.55 -16.90
N THR C 476 -8.88 10.67 -15.77
CA THR C 476 -9.37 9.49 -15.03
C THR C 476 -10.52 8.81 -15.79
N ILE C 477 -10.16 7.66 -16.33
CA ILE C 477 -10.88 6.96 -17.38
C ILE C 477 -12.31 6.62 -16.97
N VAL C 478 -12.48 6.20 -15.69
CA VAL C 478 -13.72 5.71 -15.07
C VAL C 478 -14.87 6.70 -15.25
N ARG C 479 -14.56 7.96 -15.02
CA ARG C 479 -15.55 9.00 -15.23
C ARG C 479 -16.07 8.97 -16.67
N LEU C 480 -15.13 8.97 -17.64
CA LEU C 480 -15.48 8.98 -19.07
C LEU C 480 -16.34 7.77 -19.44
N ALA C 481 -15.98 6.58 -18.98
CA ALA C 481 -16.74 5.37 -19.29
C ALA C 481 -18.24 5.50 -19.00
N TYR C 482 -18.58 6.12 -17.86
CA TYR C 482 -19.95 6.36 -17.40
C TYR C 482 -20.64 7.45 -18.22
N ALA C 483 -19.83 8.31 -18.85
CA ALA C 483 -20.29 9.53 -19.50
C ALA C 483 -21.35 9.19 -20.57
N GLU C 484 -20.99 8.32 -21.52
CA GLU C 484 -21.84 7.91 -22.64
C GLU C 484 -23.16 7.26 -22.19
N ASN C 485 -23.11 6.56 -21.05
CA ASN C 485 -24.30 6.01 -20.43
C ASN C 485 -25.22 7.13 -19.93
N ILE C 486 -24.72 7.88 -18.95
CA ILE C 486 -25.50 8.92 -18.30
C ILE C 486 -25.67 10.12 -19.26
N ALA C 487 -25.16 10.06 -20.51
CA ALA C 487 -25.52 10.95 -21.62
C ALA C 487 -27.02 10.87 -21.87
N LEU C 488 -27.54 9.65 -21.91
CA LEU C 488 -28.98 9.46 -21.93
C LEU C 488 -29.65 10.01 -20.66
N LEU C 489 -28.96 9.94 -19.51
CA LEU C 489 -29.56 10.52 -18.32
C LEU C 489 -29.50 12.06 -18.33
N ALA C 490 -28.48 12.67 -18.97
CA ALA C 490 -28.44 14.11 -19.23
C ALA C 490 -29.51 14.51 -20.24
N GLU C 491 -29.80 13.62 -21.19
CA GLU C 491 -30.99 13.79 -22.01
C GLU C 491 -32.25 13.59 -21.17
N THR C 492 -32.17 12.83 -20.07
CA THR C 492 -33.27 12.79 -19.11
C THR C 492 -33.32 14.12 -18.37
N ALA C 493 -32.18 14.77 -18.08
CA ALA C 493 -32.18 16.16 -17.61
C ALA C 493 -32.82 17.11 -18.62
N LEU C 494 -32.67 16.80 -19.91
CA LEU C 494 -33.43 17.50 -20.92
C LEU C 494 -34.92 17.10 -20.91
N ARG C 495 -35.26 15.81 -20.62
CA ARG C 495 -36.67 15.40 -20.43
C ARG C 495 -37.26 16.15 -19.24
N PHE C 496 -36.48 16.27 -18.17
CA PHE C 496 -36.86 16.98 -16.95
C PHE C 496 -37.04 18.46 -17.24
N LEU C 497 -36.19 19.05 -18.10
CA LEU C 497 -36.43 20.37 -18.66
C LEU C 497 -37.73 20.40 -19.48
N GLU C 498 -37.96 19.37 -20.30
CA GLU C 498 -39.17 19.26 -21.10
C GLU C 498 -40.43 19.13 -20.23
N LEU C 499 -40.29 18.65 -18.99
CA LEU C 499 -41.36 18.68 -17.98
C LEU C 499 -41.70 20.12 -17.59
N VAL C 500 -40.69 21.01 -17.51
CA VAL C 500 -41.00 22.43 -17.38
C VAL C 500 -41.63 22.94 -18.68
N GLN C 501 -41.28 22.38 -19.84
CA GLN C 501 -41.99 22.71 -21.06
C GLN C 501 -43.46 22.31 -20.94
N LEU C 502 -43.78 21.18 -20.30
CA LEU C 502 -45.14 20.78 -19.90
C LEU C 502 -45.78 21.80 -18.96
N LYS C 503 -45.02 22.29 -17.97
CA LYS C 503 -45.53 23.32 -17.08
C LYS C 503 -45.74 24.65 -17.81
N ASN C 504 -44.81 25.00 -18.72
CA ASN C 504 -44.86 26.22 -19.52
C ASN C 504 -46.05 26.16 -20.48
N LEU C 505 -46.35 24.96 -21.03
CA LEU C 505 -47.61 24.72 -21.71
C LEU C 505 -48.77 24.94 -20.74
N ASN C 506 -48.67 24.44 -19.50
CA ASN C 506 -49.63 24.71 -18.43
C ASN C 506 -49.65 26.19 -18.00
N MET C 507 -48.92 27.08 -18.70
CA MET C 507 -48.98 28.53 -18.49
C MET C 507 -49.49 29.30 -19.72
N GLU C 508 -49.81 28.59 -20.82
CA GLU C 508 -50.45 29.19 -21.99
C GLU C 508 -51.97 29.31 -21.79
N ASN C 509 -52.52 28.54 -20.83
CA ASN C 509 -53.92 28.56 -20.41
C ASN C 509 -54.06 28.16 -18.92
N HIS C 521 -54.32 22.42 -42.95
CA HIS C 521 -52.88 22.57 -43.33
C HIS C 521 -52.67 23.37 -44.62
N PRO C 522 -53.36 23.08 -45.76
CA PRO C 522 -53.09 23.74 -47.04
C PRO C 522 -53.20 25.28 -47.09
N ASN C 523 -53.98 25.91 -46.20
CA ASN C 523 -54.08 27.38 -46.11
C ASN C 523 -52.84 28.02 -45.48
N GLY C 524 -51.91 27.21 -44.98
CA GLY C 524 -50.80 27.73 -44.20
C GLY C 524 -51.22 28.01 -42.76
N ASN C 525 -51.45 26.90 -42.03
CA ASN C 525 -51.88 26.89 -40.64
C ASN C 525 -50.76 27.37 -39.71
N TYR C 526 -51.07 27.47 -38.42
CA TYR C 526 -50.26 28.18 -37.45
C TYR C 526 -49.72 27.30 -36.30
N ASP C 527 -49.90 25.97 -36.38
CA ASP C 527 -49.47 25.02 -35.36
C ASP C 527 -47.96 25.01 -35.13
N THR C 528 -47.20 25.45 -36.15
CA THR C 528 -45.75 25.64 -36.10
C THR C 528 -45.35 26.48 -34.90
N GLU C 529 -46.14 27.51 -34.56
CA GLU C 529 -45.87 28.38 -33.42
C GLU C 529 -45.80 27.60 -32.10
N LEU C 530 -46.60 26.52 -31.95
CA LEU C 530 -46.55 25.66 -30.77
C LEU C 530 -45.20 24.95 -30.67
N GLN C 531 -44.70 24.36 -31.78
CA GLN C 531 -43.42 23.66 -31.78
C GLN C 531 -42.17 24.55 -31.94
N ALA C 532 -42.25 25.73 -32.59
CA ALA C 532 -41.08 26.43 -33.17
C ALA C 532 -39.95 26.75 -32.17
N LEU C 533 -40.34 27.18 -30.96
CA LEU C 533 -39.41 27.48 -29.87
C LEU C 533 -38.68 26.22 -29.40
N HIS C 534 -39.37 25.07 -29.38
CA HIS C 534 -38.79 23.76 -29.13
C HIS C 534 -37.83 23.34 -30.24
N GLU C 535 -38.05 23.75 -31.51
CA GLU C 535 -37.11 23.61 -32.62
C GLU C 535 -35.81 24.37 -32.34
N MET C 536 -35.97 25.62 -31.92
CA MET C 536 -34.80 26.41 -31.53
C MET C 536 -34.10 25.83 -30.28
N VAL C 537 -34.89 25.31 -29.33
CA VAL C 537 -34.40 24.57 -28.17
C VAL C 537 -33.60 23.34 -28.62
N GLN C 538 -34.14 22.60 -29.59
CA GLN C 538 -33.50 21.44 -30.18
C GLN C 538 -32.25 21.86 -30.93
N GLN C 539 -32.25 23.04 -31.60
CA GLN C 539 -31.08 23.59 -32.29
C GLN C 539 -29.99 23.91 -31.26
N LYS C 540 -30.40 24.48 -30.13
CA LYS C 540 -29.56 24.62 -28.97
C LYS C 540 -29.02 23.25 -28.51
N VAL C 541 -29.89 22.23 -28.34
CA VAL C 541 -29.47 20.92 -27.86
C VAL C 541 -28.54 20.26 -28.88
N VAL C 542 -28.74 20.56 -30.17
CA VAL C 542 -27.86 20.08 -31.21
C VAL C 542 -26.48 20.71 -31.05
N THR C 543 -26.43 21.98 -30.60
CA THR C 543 -25.14 22.56 -30.20
C THR C 543 -24.56 21.66 -29.11
N LEU C 544 -25.41 21.29 -28.15
CA LEU C 544 -25.03 20.40 -27.05
C LEU C 544 -24.85 18.94 -27.51
N LEU C 545 -25.06 18.60 -28.80
CA LEU C 545 -24.55 17.35 -29.38
C LEU C 545 -23.20 17.62 -30.04
N SER C 546 -23.12 18.79 -30.68
CA SER C 546 -21.93 19.24 -31.39
C SER C 546 -20.74 19.45 -30.45
N ASP C 547 -20.94 20.05 -29.28
CA ASP C 547 -19.80 20.31 -28.40
C ASP C 547 -19.25 18.98 -27.89
N PRO C 548 -20.09 17.99 -27.53
CA PRO C 548 -19.64 16.62 -27.41
C PRO C 548 -19.00 16.11 -28.67
N GLU C 549 -19.58 16.35 -29.84
CA GLU C 549 -18.98 15.93 -31.10
C GLU C 549 -17.58 16.53 -31.29
N ASN C 550 -17.32 17.73 -30.78
CA ASN C 550 -16.01 18.36 -30.71
C ASN C 550 -15.09 17.60 -29.75
N ILE C 551 -15.50 17.50 -28.48
CA ILE C 551 -14.73 16.80 -27.45
C ILE C 551 -14.46 15.34 -27.84
N VAL C 552 -15.46 14.72 -28.43
CA VAL C 552 -15.48 13.37 -28.96
C VAL C 552 -14.54 13.22 -30.13
N LYS C 553 -14.62 14.08 -31.15
CA LYS C 553 -13.68 14.00 -32.27
C LYS C 553 -12.25 14.26 -31.81
N GLN C 554 -12.04 15.18 -30.87
CA GLN C 554 -10.73 15.37 -30.24
C GLN C 554 -10.26 14.09 -29.54
N THR C 555 -11.12 13.45 -28.76
CA THR C 555 -10.82 12.17 -28.13
C THR C 555 -10.63 11.03 -29.16
N LEU C 556 -11.33 11.06 -30.30
CA LEU C 556 -11.28 10.07 -31.36
C LEU C 556 -9.98 10.12 -32.16
N MET C 557 -9.47 11.32 -32.45
CA MET C 557 -8.11 11.49 -32.91
C MET C 557 -7.10 11.15 -31.80
N GLU C 558 -7.43 11.49 -30.56
CA GLU C 558 -6.66 11.18 -29.36
C GLU C 558 -6.78 9.71 -28.89
N ASN C 559 -6.55 8.74 -29.79
CA ASN C 559 -6.35 7.32 -29.48
C ASN C 559 -5.23 7.08 -28.46
N GLY C 560 -4.39 8.09 -28.28
CA GLY C 560 -3.70 8.38 -27.05
C GLY C 560 -3.80 9.88 -26.84
N ILE C 561 -3.73 10.39 -25.61
CA ILE C 561 -3.43 11.81 -25.45
C ILE C 561 -2.08 12.06 -26.12
N THR C 562 -2.10 12.82 -27.23
CA THR C 562 -1.02 12.83 -28.22
C THR C 562 -0.10 14.04 -28.08
N ARG C 563 1.21 13.78 -28.01
CA ARG C 563 2.25 14.82 -27.98
C ARG C 563 3.62 14.28 -28.44
N LEU C 564 4.39 15.09 -29.20
CA LEU C 564 5.73 14.77 -29.72
C LEU C 564 5.88 13.33 -30.28
N CYS C 565 4.88 12.88 -31.07
CA CYS C 565 4.77 11.53 -31.62
C CYS C 565 4.72 10.39 -30.57
N VAL C 566 3.91 10.57 -29.52
CA VAL C 566 3.62 9.56 -28.48
C VAL C 566 2.14 9.60 -28.05
N PHE C 567 1.57 8.44 -27.67
CA PHE C 567 0.18 8.33 -27.23
C PHE C 567 0.07 7.92 -25.76
N PHE C 568 -0.50 8.75 -24.88
CA PHE C 568 -0.93 8.31 -23.57
C PHE C 568 -2.12 7.39 -23.81
N GLY C 569 -1.86 6.08 -23.73
CA GLY C 569 -2.55 4.99 -24.42
C GLY C 569 -4.06 4.87 -24.22
N ARG C 570 -4.78 5.79 -24.82
CA ARG C 570 -6.22 5.77 -24.97
C ARG C 570 -6.70 4.73 -25.98
N GLN C 571 -5.94 3.65 -26.16
CA GLN C 571 -6.48 2.37 -26.61
C GLN C 571 -7.58 1.91 -25.65
N LYS C 572 -7.59 2.45 -24.43
CA LYS C 572 -8.72 2.44 -23.49
C LYS C 572 -10.05 2.91 -24.11
N ALA C 573 -10.00 3.63 -25.25
CA ALA C 573 -11.18 3.91 -26.07
C ALA C 573 -11.94 2.63 -26.41
N ASN C 574 -11.21 1.54 -26.64
CA ASN C 574 -11.82 0.25 -26.91
C ASN C 574 -12.64 -0.27 -25.72
N ASP C 575 -12.21 0.08 -24.48
CA ASP C 575 -12.96 -0.26 -23.27
C ASP C 575 -14.28 0.53 -23.22
N VAL C 576 -14.18 1.85 -23.24
CA VAL C 576 -15.34 2.74 -23.22
C VAL C 576 -16.26 2.52 -24.43
N LEU C 577 -15.74 1.90 -25.50
CA LEU C 577 -16.42 1.65 -26.78
C LEU C 577 -17.74 0.87 -26.62
N LEU C 578 -17.78 -0.06 -25.66
CA LEU C 578 -19.00 -0.80 -25.38
C LEU C 578 -20.08 0.12 -24.79
N SER C 579 -19.70 0.89 -23.75
CA SER C 579 -20.54 1.87 -23.04
C SER C 579 -21.08 2.93 -23.99
N HIS C 580 -20.31 3.21 -25.04
CA HIS C 580 -20.56 4.29 -25.98
C HIS C 580 -21.86 4.15 -26.78
N MET C 581 -22.39 2.93 -26.97
CA MET C 581 -23.57 2.71 -27.80
C MET C 581 -24.78 3.57 -27.35
N ILE C 582 -24.85 3.88 -26.04
CA ILE C 582 -25.87 4.74 -25.40
C ILE C 582 -25.89 6.15 -25.99
N THR C 583 -24.75 6.84 -25.92
CA THR C 583 -24.60 8.15 -26.53
C THR C 583 -24.48 8.09 -28.07
N PHE C 584 -24.00 6.99 -28.68
CA PHE C 584 -23.72 6.87 -30.11
C PHE C 584 -24.96 7.09 -30.97
N LEU C 585 -26.12 6.76 -30.44
CA LEU C 585 -27.38 7.06 -31.08
C LEU C 585 -27.56 8.57 -31.32
N ASN C 586 -27.06 9.42 -30.42
CA ASN C 586 -27.31 10.87 -30.38
C ASN C 586 -26.67 11.63 -31.54
N ASP C 587 -25.33 11.59 -31.68
CA ASP C 587 -24.65 12.37 -32.72
C ASP C 587 -24.70 11.77 -34.14
N LYS C 588 -24.97 10.45 -34.31
CA LYS C 588 -24.77 9.56 -35.48
C LYS C 588 -25.16 10.03 -36.91
N ASN C 589 -26.06 11.01 -37.07
CA ASN C 589 -26.69 11.21 -38.37
C ASN C 589 -25.75 11.81 -39.43
N ASP C 590 -24.78 12.62 -38.98
CA ASP C 590 -23.61 13.03 -39.74
C ASP C 590 -22.65 11.84 -39.79
N TRP C 591 -23.23 10.70 -40.22
CA TRP C 591 -22.58 9.42 -40.42
C TRP C 591 -21.38 9.58 -41.35
N HIS C 592 -21.43 10.58 -42.25
CA HIS C 592 -20.31 11.04 -43.06
C HIS C 592 -19.11 11.39 -42.17
N LEU C 593 -19.33 12.36 -41.28
CA LEU C 593 -18.32 12.91 -40.37
C LEU C 593 -17.80 11.84 -39.40
N ARG C 594 -18.75 11.18 -38.71
CA ARG C 594 -18.42 10.12 -37.75
C ARG C 594 -17.62 9.01 -38.43
N GLY C 595 -18.13 8.62 -39.62
CA GLY C 595 -17.57 7.58 -40.46
C GLY C 595 -16.15 7.91 -40.89
N ALA C 596 -15.88 9.16 -41.26
CA ALA C 596 -14.56 9.62 -41.66
C ALA C 596 -13.57 9.52 -40.51
N PHE C 597 -13.94 10.03 -39.33
CA PHE C 597 -13.07 10.00 -38.16
C PHE C 597 -12.77 8.56 -37.73
N PHE C 598 -13.81 7.72 -37.70
CA PHE C 598 -13.69 6.31 -37.42
C PHE C 598 -12.90 5.57 -38.51
N ASP C 599 -13.04 6.00 -39.77
CA ASP C 599 -12.29 5.40 -40.86
C ASP C 599 -10.80 5.67 -40.69
N SER C 600 -10.44 6.91 -40.30
CA SER C 600 -9.08 7.30 -39.97
C SER C 600 -8.56 6.41 -38.85
N ILE C 601 -9.38 6.10 -37.85
CA ILE C 601 -9.04 5.19 -36.78
C ILE C 601 -8.85 3.75 -37.29
N VAL C 602 -9.77 3.26 -38.13
CA VAL C 602 -9.75 1.92 -38.72
C VAL C 602 -8.44 1.70 -39.48
N GLY C 603 -8.07 2.69 -40.31
CA GLY C 603 -6.90 2.60 -41.16
C GLY C 603 -5.62 2.36 -40.35
N VAL C 604 -5.51 3.05 -39.21
CA VAL C 604 -4.33 2.92 -38.37
C VAL C 604 -4.42 1.65 -37.54
N ALA C 605 -5.60 1.34 -36.97
CA ALA C 605 -5.80 0.13 -36.17
C ALA C 605 -5.45 -1.11 -37.01
N ALA C 606 -5.92 -1.10 -38.25
CA ALA C 606 -5.61 -2.13 -39.22
C ALA C 606 -4.10 -2.32 -39.35
N TYR C 607 -3.30 -1.24 -39.24
CA TYR C 607 -1.86 -1.39 -39.18
C TYR C 607 -1.37 -1.80 -37.78
N VAL C 608 -1.45 -0.90 -36.80
CA VAL C 608 -0.73 -1.05 -35.54
C VAL C 608 -1.40 -2.10 -34.62
N GLY C 609 -2.74 -2.16 -34.64
CA GLY C 609 -3.51 -2.83 -33.59
C GLY C 609 -3.82 -4.30 -33.83
N TRP C 610 -3.76 -5.10 -32.74
CA TRP C 610 -4.16 -6.50 -32.65
C TRP C 610 -5.07 -6.70 -31.44
N GLN C 611 -4.52 -6.46 -30.22
CA GLN C 611 -5.28 -6.13 -29.01
C GLN C 611 -6.26 -4.99 -29.34
N SER C 612 -5.68 -3.80 -29.63
CA SER C 612 -6.45 -2.58 -29.89
C SER C 612 -7.30 -2.61 -31.16
N SER C 613 -7.21 -3.69 -31.98
CA SER C 613 -8.09 -3.87 -33.14
C SER C 613 -9.42 -4.56 -32.79
N SER C 614 -9.71 -4.72 -31.49
CA SER C 614 -11.03 -5.13 -31.01
C SER C 614 -12.22 -4.23 -31.42
N ILE C 615 -11.91 -3.02 -31.90
CA ILE C 615 -12.87 -2.03 -32.36
C ILE C 615 -13.87 -2.63 -33.36
N LEU C 616 -13.47 -3.69 -34.09
CA LEU C 616 -14.24 -4.48 -35.05
C LEU C 616 -15.56 -5.02 -34.51
N LYS C 617 -15.60 -5.28 -33.20
CA LYS C 617 -16.81 -5.80 -32.60
C LYS C 617 -17.81 -4.66 -32.38
N PRO C 618 -17.52 -3.68 -31.46
CA PRO C 618 -18.44 -2.61 -31.10
C PRO C 618 -18.95 -1.81 -32.29
N LEU C 619 -18.22 -1.88 -33.40
CA LEU C 619 -18.55 -1.25 -34.68
C LEU C 619 -19.96 -1.61 -35.18
N LEU C 620 -20.36 -2.87 -34.98
CA LEU C 620 -21.64 -3.29 -35.53
C LEU C 620 -22.82 -2.68 -34.74
N GLN C 621 -22.57 -2.17 -33.51
CA GLN C 621 -23.49 -1.41 -32.66
C GLN C 621 -23.87 -0.08 -33.29
N GLN C 622 -23.10 0.36 -34.28
CA GLN C 622 -23.49 1.48 -35.13
C GLN C 622 -24.24 0.93 -36.34
N GLY C 623 -25.40 1.55 -36.63
CA GLY C 623 -26.33 1.09 -37.65
C GLY C 623 -26.37 1.98 -38.89
N LEU C 624 -26.30 1.31 -40.05
CA LEU C 624 -26.52 1.89 -41.38
C LEU C 624 -27.00 0.77 -42.33
N SER C 625 -28.03 1.03 -43.19
CA SER C 625 -28.56 0.08 -44.18
C SER C 625 -28.21 0.42 -45.63
N ASP C 626 -27.42 1.49 -45.81
CA ASP C 626 -26.85 1.94 -47.07
C ASP C 626 -25.90 0.87 -47.57
N ALA C 627 -26.17 0.37 -48.78
CA ALA C 627 -25.37 -0.68 -49.37
C ALA C 627 -23.93 -0.19 -49.56
N GLU C 628 -23.73 1.14 -49.73
CA GLU C 628 -22.42 1.80 -49.88
C GLU C 628 -21.49 1.47 -48.71
N GLU C 629 -22.05 1.51 -47.50
CA GLU C 629 -21.39 1.13 -46.26
C GLU C 629 -21.00 -0.35 -46.31
N PHE C 630 -21.91 -1.22 -46.77
CA PHE C 630 -21.63 -2.65 -46.97
C PHE C 630 -20.54 -2.91 -48.02
N VAL C 631 -20.47 -2.07 -49.05
CA VAL C 631 -19.42 -2.12 -50.07
C VAL C 631 -18.07 -1.65 -49.52
N ILE C 632 -18.02 -0.53 -48.79
CA ILE C 632 -16.82 -0.10 -48.09
C ILE C 632 -16.39 -1.17 -47.09
N VAL C 633 -17.35 -1.87 -46.51
CA VAL C 633 -17.15 -3.06 -45.69
C VAL C 633 -16.62 -4.24 -46.49
N LYS C 634 -17.01 -4.46 -47.74
CA LYS C 634 -16.40 -5.48 -48.58
C LYS C 634 -14.95 -5.10 -48.90
N ALA C 635 -14.65 -3.83 -49.18
CA ALA C 635 -13.29 -3.33 -49.29
C ALA C 635 -12.53 -3.39 -47.96
N LEU C 636 -13.24 -3.30 -46.85
CA LEU C 636 -12.70 -3.50 -45.51
C LEU C 636 -12.47 -4.98 -45.21
N TYR C 637 -13.33 -5.88 -45.71
CA TYR C 637 -13.22 -7.32 -45.59
C TYR C 637 -12.05 -7.81 -46.42
N ALA C 638 -11.90 -7.25 -47.62
CA ALA C 638 -10.69 -7.33 -48.42
C ALA C 638 -9.50 -6.79 -47.62
N LEU C 639 -9.66 -5.60 -47.02
CA LEU C 639 -8.70 -5.02 -46.11
C LEU C 639 -8.57 -5.76 -44.77
N THR C 640 -9.17 -6.95 -44.60
CA THR C 640 -9.26 -7.63 -43.31
C THR C 640 -9.54 -9.14 -43.39
N CYS C 641 -8.46 -9.91 -43.47
CA CYS C 641 -8.45 -11.31 -43.06
C CYS C 641 -7.17 -11.54 -42.23
N MET C 642 -7.33 -11.57 -40.90
CA MET C 642 -6.27 -11.27 -39.95
C MET C 642 -5.91 -12.43 -38.99
N CYS C 643 -4.67 -12.37 -38.48
CA CYS C 643 -3.92 -13.53 -37.98
C CYS C 643 -4.31 -14.03 -36.58
N GLN C 644 -4.37 -13.12 -35.59
CA GLN C 644 -4.50 -13.52 -34.18
C GLN C 644 -5.77 -14.35 -33.95
N LEU C 645 -5.66 -15.43 -33.17
CA LEU C 645 -6.75 -16.40 -32.98
C LEU C 645 -8.04 -15.76 -32.46
N GLY C 646 -7.92 -14.72 -31.61
CA GLY C 646 -9.05 -13.97 -31.09
C GLY C 646 -9.62 -12.91 -32.04
N LEU C 647 -8.77 -12.29 -32.86
CA LEU C 647 -9.14 -11.12 -33.67
C LEU C 647 -10.17 -11.45 -34.77
N LEU C 648 -10.36 -12.73 -35.08
CA LEU C 648 -11.40 -13.21 -35.98
C LEU C 648 -12.82 -13.17 -35.38
N GLN C 649 -12.96 -13.19 -34.05
CA GLN C 649 -14.26 -13.28 -33.39
C GLN C 649 -15.03 -11.95 -33.35
N LYS C 650 -14.33 -10.81 -33.27
CA LYS C 650 -14.95 -9.48 -33.36
C LYS C 650 -15.74 -9.36 -34.66
N PRO C 651 -15.12 -9.66 -35.82
CA PRO C 651 -15.82 -9.91 -37.07
C PRO C 651 -16.85 -11.04 -37.04
N HIS C 652 -16.62 -12.19 -36.38
CA HIS C 652 -17.62 -13.25 -36.24
C HIS C 652 -18.93 -12.66 -35.73
N VAL C 653 -18.82 -11.85 -34.69
CA VAL C 653 -20.02 -11.37 -34.06
C VAL C 653 -20.62 -10.19 -34.85
N TYR C 654 -19.81 -9.38 -35.57
CA TYR C 654 -20.37 -8.47 -36.58
C TYR C 654 -21.15 -9.30 -37.61
N GLU C 655 -20.55 -10.41 -38.06
CA GLU C 655 -21.16 -11.35 -38.99
C GLU C 655 -22.48 -11.84 -38.42
N PHE C 656 -22.55 -12.07 -37.10
CA PHE C 656 -23.80 -12.49 -36.47
C PHE C 656 -24.89 -11.44 -36.70
N ALA C 657 -24.59 -10.15 -36.51
CA ALA C 657 -25.48 -9.03 -36.84
C ALA C 657 -25.98 -9.14 -38.29
N SER C 658 -25.03 -9.45 -39.17
CA SER C 658 -25.31 -9.63 -40.58
C SER C 658 -26.09 -10.92 -40.90
N ASP C 659 -26.07 -11.91 -39.99
CA ASP C 659 -26.79 -13.16 -40.16
C ASP C 659 -28.16 -13.09 -39.48
N ILE C 660 -28.38 -12.04 -38.65
CA ILE C 660 -29.73 -11.61 -38.32
C ILE C 660 -30.33 -10.99 -39.59
N ALA C 661 -29.68 -9.93 -40.10
CA ALA C 661 -30.15 -9.26 -41.32
C ALA C 661 -29.03 -9.16 -42.36
N PRO C 662 -29.01 -10.02 -43.40
CA PRO C 662 -28.19 -9.79 -44.60
C PRO C 662 -28.41 -8.42 -45.26
N PHE C 663 -27.30 -7.73 -45.57
CA PHE C 663 -27.31 -6.31 -45.91
C PHE C 663 -27.08 -6.00 -47.40
N LEU C 664 -26.48 -6.93 -48.18
CA LEU C 664 -26.10 -6.68 -49.57
C LEU C 664 -26.29 -7.87 -50.53
N CYS C 665 -27.34 -8.68 -50.34
CA CYS C 665 -27.90 -9.63 -51.31
C CYS C 665 -26.85 -10.56 -51.95
N HIS C 666 -26.84 -10.60 -53.29
CA HIS C 666 -25.98 -11.48 -54.06
C HIS C 666 -24.51 -11.05 -53.96
N PRO C 667 -24.13 -9.74 -54.03
CA PRO C 667 -22.76 -9.30 -53.76
C PRO C 667 -22.23 -9.79 -52.41
N ASN C 668 -23.08 -9.70 -51.38
CA ASN C 668 -22.80 -10.28 -50.08
C ASN C 668 -22.60 -11.80 -50.20
N LEU C 669 -23.51 -12.46 -50.93
CA LEU C 669 -23.47 -13.90 -51.17
C LEU C 669 -22.13 -14.31 -51.80
N TRP C 670 -21.57 -13.52 -52.72
CA TRP C 670 -20.27 -13.79 -53.33
C TRP C 670 -19.10 -13.62 -52.36
N ILE C 671 -19.07 -12.56 -51.56
CA ILE C 671 -18.03 -12.38 -50.53
C ILE C 671 -18.05 -13.56 -49.54
N ARG C 672 -19.25 -13.99 -49.16
CA ARG C 672 -19.48 -15.16 -48.31
C ARG C 672 -18.97 -16.44 -48.98
N TYR C 673 -19.21 -16.57 -50.30
CA TYR C 673 -18.72 -17.70 -51.08
C TYR C 673 -17.20 -17.75 -51.08
N GLY C 674 -16.55 -16.59 -51.27
CA GLY C 674 -15.10 -16.43 -51.19
C GLY C 674 -14.55 -16.90 -49.84
N ALA C 675 -15.24 -16.51 -48.76
CA ALA C 675 -14.96 -16.98 -47.42
C ALA C 675 -15.11 -18.51 -47.27
N VAL C 676 -16.17 -19.12 -47.81
CA VAL C 676 -16.51 -20.52 -47.61
C VAL C 676 -15.43 -21.52 -48.05
N GLY C 677 -14.75 -21.26 -49.18
CA GLY C 677 -13.66 -22.12 -49.64
C GLY C 677 -12.46 -22.05 -48.71
N PHE C 678 -12.08 -20.84 -48.27
CA PHE C 678 -11.06 -20.65 -47.25
C PHE C 678 -11.47 -21.36 -45.96
N ILE C 679 -12.76 -21.23 -45.58
CA ILE C 679 -13.39 -21.92 -44.47
C ILE C 679 -13.40 -23.44 -44.63
N THR C 680 -13.30 -23.96 -45.85
CA THR C 680 -13.09 -25.38 -46.10
C THR C 680 -11.73 -25.85 -45.56
N VAL C 681 -10.80 -24.93 -45.32
CA VAL C 681 -9.70 -25.09 -44.37
C VAL C 681 -10.09 -24.50 -43.01
N VAL C 682 -9.78 -25.21 -41.93
CA VAL C 682 -10.12 -24.72 -40.58
C VAL C 682 -9.29 -25.39 -39.50
N ALA C 683 -8.71 -24.58 -38.61
CA ALA C 683 -8.39 -25.03 -37.26
C ALA C 683 -9.71 -25.19 -36.48
N ARG C 684 -9.68 -25.85 -35.32
CA ARG C 684 -10.84 -25.80 -34.42
C ARG C 684 -11.13 -24.40 -33.88
N GLN C 685 -10.15 -23.48 -33.86
CA GLN C 685 -10.36 -22.05 -33.69
C GLN C 685 -11.39 -21.50 -34.68
N ILE C 686 -11.48 -22.14 -35.84
CA ILE C 686 -12.45 -21.81 -36.88
C ILE C 686 -13.82 -22.45 -36.62
N SER C 687 -13.89 -23.48 -35.77
CA SER C 687 -15.07 -24.32 -35.62
C SER C 687 -16.27 -23.58 -35.03
N THR C 688 -16.05 -22.49 -34.26
CA THR C 688 -17.15 -21.65 -33.77
C THR C 688 -17.93 -20.99 -34.92
N ALA C 689 -17.22 -20.61 -35.99
CA ALA C 689 -17.82 -19.94 -37.14
C ALA C 689 -18.76 -20.84 -37.94
N ASP C 690 -18.62 -22.17 -37.81
CA ASP C 690 -19.45 -23.16 -38.51
C ASP C 690 -20.91 -23.03 -38.06
N VAL C 691 -21.11 -22.93 -36.75
CA VAL C 691 -22.41 -22.73 -36.15
C VAL C 691 -23.02 -21.39 -36.64
N TYR C 692 -22.23 -20.29 -36.63
CA TYR C 692 -22.64 -18.98 -37.14
C TYR C 692 -23.06 -19.05 -38.61
N CYS C 693 -22.31 -19.83 -39.38
CA CYS C 693 -22.57 -19.99 -40.80
C CYS C 693 -23.89 -20.73 -41.06
N LYS C 694 -24.37 -21.56 -40.13
CA LYS C 694 -25.65 -22.24 -40.30
C LYS C 694 -26.82 -21.26 -40.32
N LEU C 695 -26.66 -20.03 -39.83
CA LEU C 695 -27.68 -18.98 -39.94
C LEU C 695 -27.84 -18.53 -41.39
N MET C 696 -26.73 -18.47 -42.13
CA MET C 696 -26.75 -17.98 -43.49
C MET C 696 -27.63 -18.88 -44.39
N PRO C 697 -27.45 -20.21 -44.49
CA PRO C 697 -28.50 -21.13 -44.94
C PRO C 697 -29.84 -21.27 -44.21
N TYR C 698 -29.86 -21.15 -42.87
CA TYR C 698 -31.10 -21.14 -42.09
C TYR C 698 -32.02 -20.05 -42.63
N LEU C 699 -31.45 -18.89 -42.96
CA LEU C 699 -32.10 -17.86 -43.77
C LEU C 699 -32.27 -18.42 -45.18
N ASP C 700 -33.47 -18.88 -45.54
CA ASP C 700 -33.78 -19.38 -46.89
C ASP C 700 -33.51 -18.30 -47.94
N PRO C 701 -32.45 -18.47 -48.76
CA PRO C 701 -32.13 -17.62 -49.91
C PRO C 701 -33.17 -17.55 -51.04
N ILE C 707 -35.38 -21.08 -51.91
CA ILE C 707 -34.88 -22.41 -52.38
C ILE C 707 -33.39 -22.59 -52.02
N ILE C 708 -33.15 -22.83 -50.72
CA ILE C 708 -31.82 -22.97 -50.13
C ILE C 708 -31.00 -24.06 -50.82
N GLN C 709 -31.63 -25.17 -51.19
CA GLN C 709 -30.93 -26.41 -51.56
C GLN C 709 -30.08 -26.29 -52.83
N ILE C 710 -30.38 -25.42 -53.80
CA ILE C 710 -29.54 -25.32 -55.00
C ILE C 710 -28.19 -24.67 -54.73
N GLU C 711 -28.20 -23.52 -54.06
CA GLU C 711 -26.99 -22.81 -53.65
C GLU C 711 -26.19 -23.67 -52.68
N ARG C 712 -26.90 -24.30 -51.74
CA ARG C 712 -26.34 -25.30 -50.85
C ARG C 712 -25.64 -26.42 -51.62
N LYS C 713 -26.25 -26.91 -52.70
CA LYS C 713 -25.66 -27.95 -53.56
C LYS C 713 -24.38 -27.48 -54.25
N LEU C 714 -24.42 -26.29 -54.85
CA LEU C 714 -23.26 -25.70 -55.51
C LEU C 714 -22.08 -25.55 -54.54
N VAL C 715 -22.34 -25.00 -53.35
CA VAL C 715 -21.34 -24.87 -52.31
C VAL C 715 -20.92 -26.21 -51.71
N LEU C 716 -21.83 -27.17 -51.61
CA LEU C 716 -21.57 -28.51 -51.08
C LEU C 716 -20.56 -29.25 -51.94
N LEU C 717 -20.71 -29.15 -53.26
CA LEU C 717 -19.70 -29.59 -54.22
C LEU C 717 -18.36 -28.90 -53.95
N SER C 718 -18.37 -27.57 -53.77
CA SER C 718 -17.22 -26.75 -53.45
C SER C 718 -16.59 -27.00 -52.06
N VAL C 719 -17.19 -27.80 -51.17
CA VAL C 719 -16.63 -28.09 -49.86
C VAL C 719 -17.05 -29.46 -49.30
N LEU C 720 -17.05 -30.49 -50.14
CA LEU C 720 -17.65 -31.78 -49.80
C LEU C 720 -16.77 -32.70 -48.94
N LYS C 721 -16.23 -32.19 -47.83
CA LYS C 721 -15.35 -32.95 -46.92
C LYS C 721 -15.95 -34.25 -46.38
N GLU C 722 -17.29 -34.26 -46.28
CA GLU C 722 -18.09 -35.46 -46.31
C GLU C 722 -19.44 -35.12 -46.94
N PRO C 723 -20.18 -36.11 -47.45
CA PRO C 723 -21.19 -35.90 -48.47
C PRO C 723 -22.43 -35.13 -48.03
N VAL C 724 -22.88 -35.29 -46.79
CA VAL C 724 -24.22 -34.83 -46.37
C VAL C 724 -24.31 -34.43 -44.89
N SER C 725 -25.36 -33.64 -44.58
CA SER C 725 -25.71 -33.10 -43.26
C SER C 725 -27.18 -32.61 -43.19
N ARG C 726 -27.56 -31.91 -42.10
CA ARG C 726 -28.88 -31.28 -41.94
C ARG C 726 -28.79 -29.92 -41.20
N SER C 727 -29.72 -29.62 -40.27
CA SER C 727 -29.82 -28.35 -39.56
C SER C 727 -28.58 -27.98 -38.73
N ILE C 728 -28.56 -26.79 -38.14
CA ILE C 728 -27.41 -26.21 -37.46
C ILE C 728 -26.65 -27.15 -36.51
N PHE C 729 -27.36 -27.94 -35.69
CA PHE C 729 -26.76 -28.95 -34.82
C PHE C 729 -26.26 -30.18 -35.59
N ASP C 730 -27.08 -30.66 -36.53
CA ASP C 730 -26.71 -31.66 -37.53
C ASP C 730 -25.59 -31.23 -38.48
N TYR C 731 -25.04 -30.02 -38.33
CA TYR C 731 -23.81 -29.60 -38.97
C TYR C 731 -22.57 -30.37 -38.51
N ALA C 732 -22.63 -31.06 -37.36
CA ALA C 732 -21.48 -31.79 -36.80
C ALA C 732 -21.01 -33.01 -37.63
N LEU C 733 -21.81 -33.52 -38.58
CA LEU C 733 -21.64 -34.86 -39.18
C LEU C 733 -20.58 -35.03 -40.30
N ARG C 734 -20.45 -34.11 -41.26
CA ARG C 734 -19.68 -34.35 -42.50
C ARG C 734 -18.17 -34.10 -42.39
N SER C 735 -17.56 -34.54 -41.28
CA SER C 735 -16.21 -34.15 -40.90
C SER C 735 -15.10 -34.62 -41.84
N LYS C 736 -14.10 -33.75 -41.98
CA LYS C 736 -12.76 -34.06 -42.44
C LYS C 736 -11.75 -33.24 -41.61
N ASP C 737 -10.51 -33.73 -41.48
CA ASP C 737 -9.60 -33.27 -40.43
C ASP C 737 -9.02 -31.85 -40.60
N ILE C 738 -9.07 -31.05 -39.52
CA ILE C 738 -8.20 -29.91 -39.28
C ILE C 738 -6.74 -30.35 -39.03
N THR C 739 -5.76 -29.43 -39.05
CA THR C 739 -4.38 -29.76 -38.66
C THR C 739 -3.56 -28.56 -38.19
N SER C 740 -3.45 -28.42 -36.85
CA SER C 740 -2.47 -27.56 -36.22
C SER C 740 -1.02 -27.96 -36.58
N LEU C 741 -0.81 -29.24 -36.89
CA LEU C 741 0.51 -29.87 -37.10
C LEU C 741 1.24 -29.39 -38.35
N PHE C 742 0.70 -29.68 -39.54
CA PHE C 742 1.33 -29.28 -40.79
C PHE C 742 1.35 -27.75 -40.95
N ARG C 743 0.37 -27.05 -40.36
CA ARG C 743 0.41 -25.60 -40.29
C ARG C 743 1.57 -25.07 -39.45
N HIS C 744 1.97 -25.77 -38.38
CA HIS C 744 3.19 -25.43 -37.65
C HIS C 744 4.43 -25.52 -38.55
N LEU C 745 4.54 -26.61 -39.31
CA LEU C 745 5.55 -26.74 -40.35
C LEU C 745 5.46 -25.61 -41.38
N HIS C 746 4.25 -25.23 -41.78
CA HIS C 746 4.00 -24.14 -42.71
C HIS C 746 4.41 -22.77 -42.17
N MET C 747 4.27 -22.53 -40.87
CA MET C 747 4.76 -21.31 -40.22
C MET C 747 6.28 -21.26 -40.22
N ARG C 748 6.95 -22.40 -40.00
CA ARG C 748 8.39 -22.49 -40.20
C ARG C 748 8.78 -22.17 -41.64
N GLN C 749 7.97 -22.63 -42.60
CA GLN C 749 8.08 -22.27 -44.00
C GLN C 749 7.55 -20.87 -44.36
N LYS C 750 7.24 -19.98 -43.40
CA LYS C 750 6.96 -18.56 -43.69
C LYS C 750 8.20 -17.94 -44.34
N LYS C 751 9.36 -18.56 -44.08
CA LYS C 751 10.66 -18.33 -44.71
C LYS C 751 10.65 -18.50 -46.24
N ARG C 752 9.80 -19.40 -46.81
CA ARG C 752 9.88 -19.74 -48.23
C ARG C 752 8.53 -19.68 -48.97
N ASN C 753 8.50 -18.85 -50.02
CA ASN C 753 7.37 -18.63 -50.94
C ASN C 753 7.96 -18.35 -52.33
N GLY C 754 7.22 -18.68 -53.39
CA GLY C 754 7.87 -18.99 -54.65
C GLY C 754 8.45 -20.41 -54.56
N SER C 755 8.37 -21.17 -55.67
CA SER C 755 8.37 -22.63 -55.63
C SER C 755 7.14 -23.16 -54.90
N LEU C 756 6.75 -22.56 -53.77
CA LEU C 756 5.52 -22.89 -53.07
C LEU C 756 4.27 -22.63 -53.90
N PRO C 757 4.16 -21.59 -54.79
CA PRO C 757 3.15 -21.58 -55.86
C PRO C 757 3.47 -22.38 -57.13
N ASP C 758 4.70 -22.90 -57.23
CA ASP C 758 5.16 -23.69 -58.37
C ASP C 758 4.90 -25.20 -58.20
N CYS C 759 4.91 -25.73 -56.96
CA CYS C 759 4.66 -27.13 -56.64
C CYS C 759 3.17 -27.53 -56.64
N PRO C 760 2.19 -26.61 -56.35
CA PRO C 760 0.75 -26.92 -56.40
C PRO C 760 0.18 -27.39 -57.73
N PRO C 761 0.43 -26.73 -58.88
CA PRO C 761 -0.05 -27.28 -60.14
C PRO C 761 0.56 -28.66 -60.39
N PRO C 762 1.88 -28.96 -60.20
CA PRO C 762 2.42 -30.33 -60.18
C PRO C 762 1.76 -31.26 -59.17
N GLU C 763 1.31 -30.72 -58.05
CA GLU C 763 0.56 -31.51 -57.08
C GLU C 763 -0.79 -31.98 -57.63
N ASP C 764 -1.40 -31.27 -58.60
CA ASP C 764 -2.62 -31.71 -59.28
C ASP C 764 -2.37 -33.07 -59.95
N PRO C 765 -1.36 -33.22 -60.84
CA PRO C 765 -0.86 -34.52 -61.25
C PRO C 765 -0.35 -35.44 -60.15
N ALA C 766 0.61 -34.98 -59.35
CA ALA C 766 1.31 -35.83 -58.38
C ALA C 766 0.31 -36.53 -57.45
N ILE C 767 -0.80 -35.84 -57.11
CA ILE C 767 -1.94 -36.42 -56.43
C ILE C 767 -2.78 -37.29 -57.39
N ALA C 768 -3.31 -36.67 -58.45
CA ALA C 768 -4.29 -37.29 -59.33
C ALA C 768 -3.76 -37.59 -60.74
N GLN C 769 -3.63 -36.54 -61.57
CA GLN C 769 -3.38 -36.57 -63.02
C GLN C 769 -1.93 -36.93 -63.38
N LEU C 770 -1.53 -36.75 -64.64
CA LEU C 770 -0.13 -36.94 -65.06
C LEU C 770 0.32 -35.84 -66.04
N LEU C 771 -0.30 -34.65 -65.95
CA LEU C 771 -0.15 -33.56 -66.91
C LEU C 771 1.28 -33.00 -66.94
N LYS C 772 1.97 -33.02 -65.77
CA LYS C 772 3.28 -32.43 -65.53
C LYS C 772 4.06 -33.18 -64.44
N LYS C 773 5.39 -32.96 -64.38
CA LYS C 773 6.30 -33.37 -63.31
C LYS C 773 7.32 -32.26 -63.01
N LEU C 774 7.86 -32.21 -61.77
CA LEU C 774 8.62 -31.06 -61.24
C LEU C 774 10.12 -31.39 -60.97
N LEU C 775 11.05 -30.42 -61.21
CA LEU C 775 12.50 -30.53 -60.98
C LEU C 775 13.08 -29.36 -60.18
N SER C 776 12.24 -28.79 -59.30
CA SER C 776 12.47 -27.56 -58.54
C SER C 776 13.43 -27.77 -57.36
N GLN C 777 14.16 -28.90 -57.34
CA GLN C 777 15.16 -29.25 -56.34
C GLN C 777 16.26 -28.20 -56.22
N GLY C 778 16.33 -27.24 -57.17
CA GLY C 778 17.14 -26.03 -57.03
C GLY C 778 16.88 -25.25 -55.73
N MET C 779 15.67 -25.35 -55.18
CA MET C 779 15.28 -24.73 -53.92
C MET C 779 15.50 -25.64 -52.71
N THR C 780 15.73 -26.95 -52.96
CA THR C 780 16.00 -27.97 -51.93
C THR C 780 14.84 -28.13 -50.92
N GLU C 781 15.15 -27.97 -49.62
CA GLU C 781 14.24 -28.05 -48.47
C GLU C 781 13.59 -29.43 -48.33
N GLU C 782 14.40 -30.47 -48.52
CA GLU C 782 13.93 -31.85 -48.62
C GLU C 782 13.34 -32.42 -47.31
N GLU C 783 13.84 -32.00 -46.13
CA GLU C 783 13.71 -32.71 -44.85
C GLU C 783 12.28 -33.14 -44.53
N GLU C 784 11.29 -32.26 -44.77
CA GLU C 784 9.88 -32.58 -44.53
C GLU C 784 9.37 -33.66 -45.49
N ASP C 785 9.66 -33.50 -46.80
CA ASP C 785 9.32 -34.47 -47.83
C ASP C 785 10.03 -35.81 -47.59
N LYS C 786 11.26 -35.76 -47.07
CA LYS C 786 12.05 -36.91 -46.65
C LYS C 786 11.40 -37.62 -45.45
N LEU C 787 10.84 -36.82 -44.53
CA LEU C 787 10.12 -37.32 -43.36
C LEU C 787 8.68 -37.68 -43.71
N LEU C 788 7.95 -38.10 -42.68
CA LEU C 788 6.55 -38.49 -42.83
C LEU C 788 5.64 -37.30 -43.17
N ALA C 789 6.16 -36.08 -43.03
CA ALA C 789 5.45 -34.84 -43.36
C ALA C 789 5.06 -34.78 -44.85
N LEU C 790 5.75 -35.53 -45.71
CA LEU C 790 5.38 -35.73 -47.12
C LEU C 790 3.94 -36.23 -47.33
N LYS C 791 3.41 -37.06 -46.40
CA LYS C 791 2.14 -37.77 -46.55
C LYS C 791 0.89 -36.87 -46.56
N ASP C 792 0.91 -35.74 -45.83
CA ASP C 792 -0.27 -34.96 -45.52
C ASP C 792 -0.99 -34.36 -46.73
N PHE C 793 -0.27 -34.08 -47.83
CA PHE C 793 -0.87 -33.50 -49.01
C PHE C 793 -1.74 -34.50 -49.79
N MET C 794 -1.33 -35.76 -49.81
CA MET C 794 -2.11 -36.81 -50.44
C MET C 794 -3.45 -36.96 -49.72
N MET C 795 -3.41 -36.85 -48.38
CA MET C 795 -4.55 -37.05 -47.49
C MET C 795 -5.50 -35.85 -47.51
N LYS C 796 -4.94 -34.64 -47.39
CA LYS C 796 -5.75 -33.48 -47.09
C LYS C 796 -5.23 -32.22 -47.79
N SER C 797 -3.96 -31.87 -47.52
CA SER C 797 -3.42 -30.55 -47.83
C SER C 797 -3.53 -30.20 -49.32
N ASN C 798 -3.90 -28.92 -49.57
CA ASN C 798 -4.32 -28.39 -50.87
C ASN C 798 -4.06 -26.88 -50.99
N LYS C 799 -4.12 -26.42 -52.25
CA LYS C 799 -3.42 -25.25 -52.76
C LYS C 799 -4.02 -23.90 -52.32
N ALA C 800 -5.35 -23.72 -52.41
CA ALA C 800 -5.99 -22.41 -52.28
C ALA C 800 -5.92 -21.85 -50.85
N LYS C 801 -6.13 -22.73 -49.88
CA LYS C 801 -5.95 -22.45 -48.46
C LYS C 801 -4.54 -21.88 -48.25
N ALA C 802 -3.56 -22.57 -48.85
CA ALA C 802 -2.16 -22.16 -48.80
C ALA C 802 -1.90 -20.82 -49.50
N ASN C 803 -2.63 -20.44 -50.56
CA ASN C 803 -2.51 -19.13 -51.18
C ASN C 803 -3.11 -18.02 -50.31
N ILE C 804 -4.25 -18.29 -49.68
CA ILE C 804 -4.81 -17.31 -48.74
C ILE C 804 -3.85 -17.16 -47.55
N VAL C 805 -3.38 -18.33 -47.08
CA VAL C 805 -2.37 -18.42 -46.03
C VAL C 805 -1.09 -17.69 -46.48
N ASP C 806 -0.64 -17.84 -47.73
CA ASP C 806 0.54 -17.18 -48.29
C ASP C 806 0.35 -15.66 -48.28
N GLN C 807 -0.84 -15.18 -48.70
CA GLN C 807 -1.19 -13.77 -48.58
C GLN C 807 -1.00 -13.32 -47.13
N SER C 808 -1.63 -14.02 -46.19
CA SER C 808 -1.49 -13.77 -44.76
C SER C 808 -0.04 -13.89 -44.26
N HIS C 809 0.76 -14.78 -44.87
CA HIS C 809 2.17 -14.97 -44.55
C HIS C 809 3.01 -13.76 -44.97
N LEU C 810 2.63 -13.13 -46.08
CA LEU C 810 3.21 -11.86 -46.50
C LEU C 810 2.86 -10.77 -45.50
N HIS C 811 1.59 -10.72 -45.03
CA HIS C 811 1.19 -9.84 -43.96
C HIS C 811 2.08 -10.07 -42.74
N ASP C 812 2.28 -11.33 -42.35
CA ASP C 812 3.20 -11.72 -41.29
C ASP C 812 4.59 -11.13 -41.54
N SER C 813 5.13 -11.40 -42.74
CA SER C 813 6.44 -10.89 -43.15
C SER C 813 6.49 -9.36 -43.00
N SER C 814 5.37 -8.67 -43.26
CA SER C 814 5.27 -7.21 -43.18
C SER C 814 5.21 -6.70 -41.74
N GLN C 815 4.55 -7.45 -40.84
CA GLN C 815 4.55 -7.15 -39.42
C GLN C 815 5.96 -7.32 -38.87
N LYS C 816 6.74 -8.17 -39.55
CA LYS C 816 8.15 -8.43 -39.28
C LYS C 816 9.04 -7.61 -40.23
N ARG C 959 19.64 -16.27 25.85
CA ARG C 959 20.58 -17.37 25.53
C ARG C 959 20.81 -18.28 26.75
N ILE C 960 20.65 -17.72 27.95
CA ILE C 960 21.08 -18.36 29.19
C ILE C 960 19.95 -18.45 30.23
N ALA C 961 18.67 -18.40 29.81
CA ALA C 961 17.53 -18.27 30.72
C ALA C 961 17.46 -19.33 31.82
N LYS C 962 17.93 -20.56 31.54
CA LYS C 962 18.04 -21.63 32.53
C LYS C 962 19.43 -21.64 33.17
N GLN C 963 20.46 -21.41 32.34
CA GLN C 963 21.87 -21.41 32.70
C GLN C 963 22.25 -20.31 33.70
N MET C 964 21.42 -19.26 33.91
CA MET C 964 21.68 -18.27 34.96
C MET C 964 20.61 -18.24 36.07
N MET C 965 19.70 -19.23 36.10
CA MET C 965 18.67 -19.35 37.14
C MET C 965 19.21 -20.06 38.39
N GLU C 966 19.90 -21.21 38.20
CA GLU C 966 20.45 -22.00 39.31
C GLU C 966 21.82 -22.64 38.99
N ASN C 967 22.23 -22.59 37.72
CA ASN C 967 23.49 -23.17 37.26
C ASN C 967 24.66 -22.20 37.49
N ALA C 968 25.88 -22.75 37.53
CA ALA C 968 27.11 -21.95 37.48
C ALA C 968 27.72 -21.92 36.07
N GLU C 969 28.80 -21.13 35.86
CA GLU C 969 29.38 -20.90 34.54
C GLU C 969 30.91 -21.03 34.51
N TRP C 970 31.45 -21.45 33.35
CA TRP C 970 32.87 -21.58 33.08
C TRP C 970 33.16 -21.52 31.58
N GLU C 971 34.46 -21.40 31.20
CA GLU C 971 34.92 -21.27 29.82
C GLU C 971 35.97 -22.32 29.46
N SER C 972 35.94 -22.78 28.20
CA SER C 972 36.68 -23.96 27.71
C SER C 972 38.19 -23.73 27.59
N LYS C 973 38.98 -24.81 27.72
CA LYS C 973 40.44 -24.75 27.84
C LYS C 973 41.17 -25.79 26.97
N PRO C 974 41.26 -25.66 25.62
CA PRO C 974 42.21 -26.43 24.77
C PRO C 974 43.71 -26.36 25.08
N PRO C 975 44.38 -27.53 25.09
CA PRO C 975 45.84 -27.71 25.08
C PRO C 975 46.69 -27.22 23.89
N PRO C 976 48.00 -26.91 24.10
CA PRO C 976 49.03 -26.96 23.04
C PRO C 976 49.13 -28.24 22.20
N PRO C 977 49.72 -28.20 20.97
CA PRO C 977 50.11 -29.40 20.22
C PRO C 977 50.83 -30.49 20.99
N GLY C 978 50.27 -31.71 20.87
CA GLY C 978 50.50 -32.80 21.81
C GLY C 978 51.17 -34.02 21.18
N TRP C 979 51.69 -33.88 19.95
CA TRP C 979 52.42 -34.97 19.29
C TRP C 979 53.81 -35.15 19.91
N ARG C 980 54.34 -34.05 20.45
CA ARG C 980 55.68 -33.99 21.01
C ARG C 980 55.81 -34.91 22.22
N PRO C 981 55.04 -34.73 23.32
CA PRO C 981 55.11 -35.64 24.47
C PRO C 981 54.90 -37.14 24.29
N LYS C 982 55.87 -37.93 24.79
CA LYS C 982 55.58 -39.27 25.23
C LYS C 982 54.73 -39.15 26.50
N GLY C 983 53.89 -40.16 26.69
CA GLY C 983 53.07 -40.32 27.87
C GLY C 983 53.61 -41.43 28.76
N LEU C 984 53.90 -41.07 30.02
CA LEU C 984 54.21 -42.04 31.07
C LEU C 984 53.05 -42.12 32.06
N LEU C 985 52.69 -43.35 32.41
CA LEU C 985 51.55 -43.62 33.27
C LEU C 985 51.80 -43.05 34.68
N VAL C 986 51.05 -41.97 35.01
CA VAL C 986 51.19 -41.20 36.24
C VAL C 986 50.22 -41.62 37.35
N ALA C 987 49.04 -42.18 37.00
CA ALA C 987 48.01 -42.51 38.00
C ALA C 987 47.08 -43.66 37.58
N HIS C 988 46.39 -44.27 38.57
CA HIS C 988 45.47 -45.40 38.40
C HIS C 988 44.37 -45.38 39.46
N LEU C 989 43.13 -45.72 39.02
CA LEU C 989 41.93 -45.60 39.86
C LEU C 989 40.71 -46.22 39.19
N HIS C 990 39.50 -46.05 39.79
CA HIS C 990 38.28 -46.78 39.47
C HIS C 990 36.99 -46.12 40.01
N GLU C 991 35.88 -46.15 39.23
CA GLU C 991 34.57 -45.62 39.63
C GLU C 991 33.85 -46.57 40.58
N HIS C 992 33.85 -47.83 40.17
CA HIS C 992 33.42 -49.03 40.86
C HIS C 992 33.91 -50.20 40.00
N LYS C 993 33.66 -51.45 40.43
CA LYS C 993 34.00 -52.61 39.62
C LYS C 993 33.15 -52.66 38.34
N SER C 994 31.90 -52.19 38.44
CA SER C 994 30.98 -52.08 37.31
C SER C 994 31.53 -51.12 36.26
N ALA C 995 31.27 -51.42 34.97
CA ALA C 995 31.70 -50.59 33.85
C ALA C 995 31.26 -49.13 34.01
N VAL C 996 32.07 -48.22 33.46
CA VAL C 996 31.80 -46.79 33.53
C VAL C 996 30.59 -46.50 32.65
N ASN C 997 29.52 -45.91 33.25
CA ASN C 997 28.32 -45.62 32.47
C ASN C 997 28.61 -44.62 31.35
N ARG C 998 29.21 -43.46 31.71
CA ARG C 998 29.93 -42.56 30.80
C ARG C 998 30.90 -41.65 31.56
N ILE C 999 31.88 -41.10 30.80
CA ILE C 999 32.90 -40.18 31.29
C ILE C 999 32.60 -38.75 30.81
N ARG C 1000 32.90 -37.77 31.70
CA ARG C 1000 32.87 -36.36 31.34
C ARG C 1000 33.91 -35.58 32.15
N VAL C 1001 34.62 -34.65 31.51
CA VAL C 1001 35.56 -33.81 32.23
C VAL C 1001 35.14 -32.35 32.07
N SER C 1002 34.90 -31.68 33.20
CA SER C 1002 34.59 -30.25 33.24
C SER C 1002 35.76 -29.44 32.70
N ASP C 1003 35.47 -28.23 32.22
CA ASP C 1003 36.49 -27.25 31.89
C ASP C 1003 37.05 -26.63 33.18
N GLU C 1004 36.16 -26.31 34.13
CA GLU C 1004 36.53 -25.82 35.44
C GLU C 1004 37.35 -26.88 36.18
N HIS C 1005 38.60 -26.51 36.53
CA HIS C 1005 39.54 -27.28 37.35
C HIS C 1005 39.73 -28.72 36.86
N SER C 1006 39.49 -28.94 35.56
CA SER C 1006 39.27 -30.25 34.97
C SER C 1006 38.50 -31.20 35.89
N LEU C 1007 37.40 -30.71 36.52
CA LEU C 1007 36.58 -31.51 37.43
C LEU C 1007 36.07 -32.75 36.72
N PHE C 1008 36.46 -33.90 37.27
CA PHE C 1008 36.35 -35.18 36.59
C PHE C 1008 35.08 -35.86 37.03
N ALA C 1009 34.20 -36.14 36.07
CA ALA C 1009 32.91 -36.75 36.36
C ALA C 1009 32.81 -38.12 35.68
N THR C 1010 32.33 -39.09 36.46
CA THR C 1010 32.30 -40.51 36.13
C THR C 1010 31.22 -41.18 36.97
N CYS C 1011 30.81 -42.38 36.57
CA CYS C 1011 29.74 -43.07 37.28
C CYS C 1011 29.83 -44.56 37.04
N SER C 1012 29.33 -45.30 38.04
CA SER C 1012 29.19 -46.75 37.95
C SER C 1012 28.00 -47.11 37.06
N ASN C 1013 28.00 -48.31 36.46
CA ASN C 1013 26.85 -48.82 35.70
C ASN C 1013 25.57 -48.78 36.54
N ASP C 1014 25.68 -48.95 37.87
CA ASP C 1014 24.58 -49.06 38.82
C ASP C 1014 23.76 -47.78 38.94
N GLY C 1015 24.24 -46.65 38.42
CA GLY C 1015 23.62 -45.34 38.63
C GLY C 1015 24.07 -44.62 39.90
N THR C 1016 25.32 -44.89 40.33
CA THR C 1016 25.98 -44.22 41.45
C THR C 1016 27.14 -43.37 40.93
N VAL C 1017 27.08 -42.06 41.21
CA VAL C 1017 28.04 -41.12 40.65
C VAL C 1017 29.40 -41.18 41.38
N LYS C 1018 30.47 -40.79 40.67
CA LYS C 1018 31.87 -40.86 41.07
C LYS C 1018 32.64 -39.69 40.46
N ILE C 1019 32.88 -38.62 41.24
CA ILE C 1019 33.46 -37.38 40.74
C ILE C 1019 34.73 -37.07 41.50
N TRP C 1020 35.62 -36.28 40.90
CA TRP C 1020 36.92 -35.94 41.47
C TRP C 1020 37.37 -34.55 41.03
N ASN C 1021 38.33 -33.99 41.77
CA ASN C 1021 38.94 -32.70 41.45
C ASN C 1021 40.39 -32.87 40.99
N SER C 1022 40.70 -32.47 39.73
CA SER C 1022 42.04 -32.66 39.17
C SER C 1022 43.07 -31.79 39.88
N GLN C 1023 42.70 -30.55 40.24
CA GLN C 1023 43.61 -29.66 40.96
C GLN C 1023 43.90 -30.18 42.37
N LYS C 1024 42.90 -30.83 43.02
CA LYS C 1024 43.10 -31.51 44.29
C LYS C 1024 44.12 -32.64 44.14
N MET C 1025 44.03 -33.41 43.05
CA MET C 1025 44.99 -34.46 42.74
C MET C 1025 46.39 -33.89 42.47
N GLU C 1026 46.49 -32.78 41.71
CA GLU C 1026 47.75 -32.08 41.46
C GLU C 1026 48.42 -31.64 42.76
N GLY C 1027 47.59 -31.26 43.75
CA GLY C 1027 48.03 -30.85 45.08
C GLY C 1027 48.21 -32.04 46.03
N LYS C 1028 47.13 -32.42 46.73
CA LYS C 1028 47.10 -33.43 47.77
C LYS C 1028 47.61 -34.80 47.31
N THR C 1029 47.39 -35.13 46.02
CA THR C 1029 47.77 -36.40 45.39
C THR C 1029 46.97 -37.61 45.92
N THR C 1030 46.05 -37.40 46.88
CA THR C 1030 45.26 -38.46 47.50
C THR C 1030 44.11 -38.96 46.62
N THR C 1031 43.71 -38.17 45.61
CA THR C 1031 42.43 -38.21 44.93
C THR C 1031 42.04 -39.58 44.33
N THR C 1032 43.01 -40.46 44.01
CA THR C 1032 42.77 -41.80 43.47
C THR C 1032 42.13 -42.77 44.46
N ARG C 1033 42.27 -42.53 45.77
CA ARG C 1033 41.82 -43.46 46.80
C ARG C 1033 40.31 -43.40 47.04
N SER C 1034 39.69 -42.22 46.85
CA SER C 1034 38.35 -41.89 47.32
C SER C 1034 37.61 -40.89 46.43
N ILE C 1035 36.28 -41.00 46.37
CA ILE C 1035 35.40 -40.17 45.55
C ILE C 1035 35.34 -38.76 46.14
N LEU C 1036 35.48 -37.73 45.30
CA LEU C 1036 35.21 -36.36 45.72
C LEU C 1036 33.70 -36.11 45.85
N THR C 1037 32.90 -36.52 44.84
CA THR C 1037 31.47 -36.29 44.85
C THR C 1037 30.67 -37.48 44.29
N TYR C 1038 29.49 -37.69 44.90
CA TYR C 1038 28.53 -38.71 44.51
C TYR C 1038 27.13 -38.08 44.36
N SER C 1039 26.23 -38.80 43.67
CA SER C 1039 24.79 -38.55 43.66
C SER C 1039 24.04 -39.87 43.45
N ARG C 1040 22.91 -39.98 44.17
CA ARG C 1040 21.91 -41.02 44.01
C ARG C 1040 21.12 -40.67 42.76
N ILE C 1041 21.16 -41.53 41.72
CA ILE C 1041 20.26 -41.33 40.59
C ILE C 1041 18.97 -42.11 40.82
N GLY C 1042 19.09 -43.26 41.48
CA GLY C 1042 18.01 -44.22 41.65
C GLY C 1042 17.67 -45.07 40.42
N GLY C 1043 18.55 -45.11 39.40
CA GLY C 1043 18.39 -45.96 38.21
C GLY C 1043 19.59 -45.90 37.26
N ARG C 1044 19.72 -46.91 36.35
CA ARG C 1044 20.89 -47.11 35.48
C ARG C 1044 21.06 -45.95 34.51
N VAL C 1045 22.26 -45.34 34.56
CA VAL C 1045 22.56 -44.21 33.70
C VAL C 1045 22.68 -44.71 32.26
N LYS C 1046 21.85 -44.13 31.39
CA LYS C 1046 21.84 -44.35 29.96
C LYS C 1046 22.81 -43.40 29.24
N THR C 1047 22.99 -42.16 29.73
CA THR C 1047 23.87 -41.17 29.09
C THR C 1047 24.35 -40.08 30.04
N LEU C 1048 25.45 -39.43 29.66
CA LEU C 1048 26.00 -38.26 30.32
C LEU C 1048 26.46 -37.21 29.30
N THR C 1049 26.20 -35.93 29.61
CA THR C 1049 26.76 -34.80 28.87
C THR C 1049 26.81 -33.55 29.78
N PHE C 1050 27.94 -32.83 29.74
CA PHE C 1050 28.07 -31.57 30.49
C PHE C 1050 27.21 -30.46 29.87
N CYS C 1051 26.72 -29.53 30.67
CA CYS C 1051 26.11 -28.30 30.15
C CYS C 1051 27.19 -27.39 29.58
N GLN C 1052 27.13 -27.05 28.29
CA GLN C 1052 28.18 -26.25 27.66
C GLN C 1052 28.29 -24.86 28.30
N GLY C 1053 29.51 -24.50 28.76
CA GLY C 1053 29.75 -23.25 29.46
C GLY C 1053 29.24 -23.23 30.91
N SER C 1054 29.00 -24.42 31.49
CA SER C 1054 28.41 -24.51 32.83
C SER C 1054 29.08 -25.59 33.69
N HIS C 1055 28.99 -25.43 35.03
CA HIS C 1055 29.38 -26.44 35.99
C HIS C 1055 28.29 -27.50 36.14
N TYR C 1056 27.06 -27.20 35.68
CA TYR C 1056 25.95 -28.12 35.72
C TYR C 1056 26.21 -29.34 34.82
N LEU C 1057 25.61 -30.46 35.24
CA LEU C 1057 25.78 -31.72 34.56
C LEU C 1057 24.41 -32.35 34.34
N ALA C 1058 24.15 -32.83 33.11
CA ALA C 1058 22.90 -33.46 32.70
C ALA C 1058 23.05 -34.97 32.55
N ILE C 1059 22.13 -35.72 33.15
CA ILE C 1059 22.16 -37.16 33.20
C ILE C 1059 20.78 -37.75 32.88
N ALA C 1060 20.77 -38.85 32.12
CA ALA C 1060 19.56 -39.57 31.74
C ALA C 1060 19.63 -41.05 32.13
N SER C 1061 18.48 -41.62 32.49
CA SER C 1061 18.35 -42.97 33.05
C SER C 1061 17.49 -43.89 32.18
N ASP C 1062 17.72 -45.20 32.29
CA ASP C 1062 17.01 -46.23 31.53
C ASP C 1062 15.48 -46.27 31.76
N ASN C 1063 14.99 -45.60 32.80
CA ASN C 1063 13.55 -45.37 33.01
C ASN C 1063 12.94 -44.27 32.13
N GLY C 1064 13.72 -43.63 31.26
CA GLY C 1064 13.33 -42.45 30.49
C GLY C 1064 13.51 -41.14 31.26
N ALA C 1065 13.59 -41.21 32.60
CA ALA C 1065 13.79 -40.04 33.46
C ALA C 1065 15.10 -39.32 33.15
N VAL C 1066 15.05 -37.98 33.11
CA VAL C 1066 16.23 -37.13 32.89
C VAL C 1066 16.22 -35.97 33.88
N GLN C 1067 17.40 -35.51 34.28
CA GLN C 1067 17.53 -34.42 35.25
C GLN C 1067 18.88 -33.70 35.14
N LEU C 1068 18.95 -32.49 35.70
CA LEU C 1068 20.13 -31.65 35.65
C LEU C 1068 20.60 -31.27 37.06
N LEU C 1069 21.81 -31.73 37.44
CA LEU C 1069 22.37 -31.35 38.73
C LEU C 1069 23.10 -30.02 38.62
N GLY C 1070 22.78 -29.11 39.55
CA GLY C 1070 23.60 -27.96 39.89
C GLY C 1070 24.66 -28.34 40.92
N ILE C 1071 25.85 -27.77 40.77
CA ILE C 1071 26.94 -28.05 41.70
C ILE C 1071 26.87 -27.10 42.89
N GLU C 1072 26.73 -27.66 44.11
CA GLU C 1072 26.98 -26.90 45.33
C GLU C 1072 28.35 -27.27 45.89
N ALA C 1073 29.25 -26.29 45.92
CA ALA C 1073 30.63 -26.46 46.37
C ALA C 1073 31.18 -25.13 46.85
N SER C 1074 31.99 -25.19 47.91
CA SER C 1074 32.77 -24.04 48.33
C SER C 1074 33.98 -23.86 47.39
N LYS C 1075 34.59 -22.66 47.40
CA LYS C 1075 35.65 -22.26 46.48
C LYS C 1075 37.05 -22.32 47.11
N LEU C 1076 37.18 -22.99 48.29
CA LEU C 1076 38.43 -23.11 49.04
C LEU C 1076 39.43 -24.03 48.31
N PRO C 1077 40.69 -23.57 48.00
CA PRO C 1077 41.74 -24.42 47.44
C PRO C 1077 41.86 -25.85 47.96
N LYS C 1078 41.71 -26.81 47.04
CA LYS C 1078 41.75 -28.26 47.26
C LYS C 1078 40.72 -28.76 48.27
N SER C 1079 39.62 -28.01 48.52
CA SER C 1079 38.70 -28.35 49.61
C SER C 1079 37.23 -27.96 49.37
N PRO C 1080 36.60 -28.18 48.18
CA PRO C 1080 35.16 -28.01 47.99
C PRO C 1080 34.20 -28.74 48.92
N LYS C 1081 33.26 -27.98 49.52
CA LYS C 1081 32.10 -28.52 50.19
C LYS C 1081 31.33 -29.42 49.21
N ILE C 1082 30.67 -30.48 49.71
CA ILE C 1082 30.06 -31.47 48.82
C ILE C 1082 28.55 -31.60 49.05
N HIS C 1083 27.76 -31.42 47.95
CA HIS C 1083 26.32 -31.65 47.91
C HIS C 1083 25.81 -31.75 46.47
N PRO C 1084 25.30 -32.91 46.03
CA PRO C 1084 24.44 -33.03 44.83
C PRO C 1084 23.01 -32.46 44.85
N LEU C 1085 22.62 -31.71 43.80
CA LEU C 1085 21.29 -31.12 43.74
C LEU C 1085 20.71 -31.09 42.32
N GLN C 1086 19.80 -32.04 42.09
CA GLN C 1086 18.92 -32.03 40.94
C GLN C 1086 18.07 -30.76 40.95
N SER C 1087 18.46 -29.80 40.10
CA SER C 1087 17.86 -28.47 39.99
C SER C 1087 16.60 -28.46 39.12
N ARG C 1088 16.58 -29.30 38.08
CA ARG C 1088 15.47 -29.43 37.16
C ARG C 1088 15.27 -30.88 36.72
N ILE C 1089 14.04 -31.18 36.30
CA ILE C 1089 13.60 -32.53 35.96
C ILE C 1089 12.91 -32.53 34.59
N LEU C 1090 13.07 -33.64 33.87
CA LEU C 1090 12.46 -33.86 32.56
C LEU C 1090 11.87 -35.27 32.49
N ASP C 1091 10.74 -35.38 31.80
CA ASP C 1091 9.82 -36.48 31.97
C ASP C 1091 10.38 -37.84 31.53
N GLN C 1092 10.24 -38.84 32.40
CA GLN C 1092 10.24 -40.23 31.97
C GLN C 1092 9.06 -40.51 31.04
N LYS C 1093 9.12 -41.61 30.27
CA LYS C 1093 8.09 -41.92 29.28
C LYS C 1093 8.00 -43.42 28.94
N GLU C 1094 6.90 -43.82 28.30
CA GLU C 1094 6.75 -45.15 27.71
C GLU C 1094 7.79 -45.42 26.62
N ASP C 1095 8.24 -44.36 25.93
CA ASP C 1095 9.48 -44.35 25.20
C ASP C 1095 10.66 -44.05 26.13
N GLY C 1096 11.62 -44.98 26.20
CA GLY C 1096 12.87 -44.82 26.93
C GLY C 1096 13.86 -43.87 26.25
N CYS C 1097 15.04 -43.69 26.88
CA CYS C 1097 16.09 -42.78 26.41
C CYS C 1097 17.15 -43.39 25.48
N VAL C 1098 17.83 -42.52 24.73
CA VAL C 1098 19.08 -42.75 24.01
C VAL C 1098 19.91 -41.46 24.03
N VAL C 1099 21.24 -41.61 23.93
CA VAL C 1099 22.20 -40.65 24.47
C VAL C 1099 22.27 -39.28 23.77
N ASP C 1100 22.92 -38.33 24.44
CA ASP C 1100 22.81 -36.92 24.13
C ASP C 1100 24.08 -36.12 24.41
N MET C 1101 24.27 -35.08 23.61
CA MET C 1101 25.20 -34.00 23.88
C MET C 1101 24.43 -32.68 23.88
N HIS C 1102 24.82 -31.76 24.76
CA HIS C 1102 24.13 -30.48 24.96
C HIS C 1102 24.97 -29.32 24.41
N HIS C 1103 24.30 -28.35 23.77
CA HIS C 1103 24.94 -27.36 22.93
C HIS C 1103 24.42 -25.95 23.15
N PHE C 1104 25.19 -25.13 23.87
CA PHE C 1104 25.14 -23.68 23.72
C PHE C 1104 25.93 -23.27 22.46
N ASN C 1105 25.43 -22.32 21.66
CA ASN C 1105 25.90 -22.14 20.29
C ASN C 1105 26.56 -20.77 20.04
N SER C 1106 27.36 -20.30 21.02
CA SER C 1106 28.19 -19.09 20.92
C SER C 1106 27.36 -17.82 20.66
N GLY C 1107 27.32 -17.36 19.40
CA GLY C 1107 26.46 -16.26 18.96
C GLY C 1107 24.98 -16.63 18.85
N ALA C 1108 24.59 -17.80 19.41
CA ALA C 1108 23.25 -18.37 19.33
C ALA C 1108 22.90 -19.24 20.55
N GLN C 1109 21.65 -19.73 20.57
CA GLN C 1109 20.93 -20.28 21.73
C GLN C 1109 21.49 -21.60 22.26
N SER C 1110 20.94 -22.04 23.40
CA SER C 1110 21.25 -23.32 24.02
C SER C 1110 20.08 -24.30 23.87
N VAL C 1111 20.41 -25.49 23.36
CA VAL C 1111 19.53 -26.62 23.21
C VAL C 1111 20.29 -27.93 23.46
N LEU C 1112 19.56 -28.96 23.90
CA LEU C 1112 20.06 -30.30 24.12
C LEU C 1112 19.25 -31.30 23.29
N ALA C 1113 19.93 -32.26 22.66
CA ALA C 1113 19.28 -33.23 21.81
C ALA C 1113 19.55 -34.66 22.29
N TYR C 1114 18.49 -35.45 22.40
CA TYR C 1114 18.56 -36.86 22.76
C TYR C 1114 17.68 -37.71 21.84
N ALA C 1115 18.09 -38.95 21.58
CA ALA C 1115 17.25 -39.88 20.85
C ALA C 1115 16.22 -40.53 21.79
N THR C 1116 14.99 -40.73 21.32
CA THR C 1116 14.00 -41.57 21.99
C THR C 1116 14.21 -43.06 21.64
N VAL C 1117 13.50 -43.97 22.33
CA VAL C 1117 13.56 -45.42 22.07
C VAL C 1117 12.99 -45.83 20.70
N ASN C 1118 12.16 -44.97 20.11
CA ASN C 1118 11.76 -45.07 18.71
C ASN C 1118 12.84 -44.59 17.72
N GLY C 1119 14.03 -44.18 18.21
CA GLY C 1119 15.14 -43.77 17.35
C GLY C 1119 15.11 -42.28 17.00
N SER C 1120 13.99 -41.60 17.26
CA SER C 1120 13.81 -40.20 16.88
C SER C 1120 14.71 -39.31 17.72
N LEU C 1121 15.43 -38.43 17.03
CA LEU C 1121 16.03 -37.27 17.68
C LEU C 1121 14.89 -36.35 18.13
N VAL C 1122 15.05 -35.82 19.35
CA VAL C 1122 14.15 -34.85 19.97
C VAL C 1122 15.02 -33.77 20.64
N GLY C 1123 14.81 -32.52 20.21
CA GLY C 1123 15.82 -31.49 20.40
C GLY C 1123 15.25 -30.34 21.23
N TRP C 1124 15.47 -30.42 22.53
CA TRP C 1124 14.88 -29.47 23.44
C TRP C 1124 15.70 -28.19 23.57
N ASP C 1125 15.03 -27.04 23.51
CA ASP C 1125 15.60 -25.77 23.93
C ASP C 1125 15.86 -25.83 25.43
N LEU C 1126 17.13 -25.67 25.83
CA LEU C 1126 17.60 -25.91 27.19
C LEU C 1126 17.06 -24.85 28.15
N ARG C 1127 17.08 -23.61 27.68
CA ARG C 1127 16.55 -22.47 28.40
C ARG C 1127 15.06 -22.65 28.71
N SER C 1128 14.32 -23.27 27.78
CA SER C 1128 12.91 -23.61 27.94
C SER C 1128 12.71 -24.91 28.73
N SER C 1129 13.77 -25.72 28.87
CA SER C 1129 13.71 -27.13 29.30
C SER C 1129 12.56 -27.88 28.60
N SER C 1130 12.33 -27.57 27.30
CA SER C 1130 11.18 -27.99 26.52
C SER C 1130 11.57 -28.20 25.06
N ASN C 1131 10.77 -28.96 24.28
CA ASN C 1131 11.15 -29.31 22.91
C ASN C 1131 11.28 -28.09 21.99
N ALA C 1132 12.19 -28.16 21.01
CA ALA C 1132 12.34 -27.14 19.97
C ALA C 1132 12.35 -27.72 18.55
N TRP C 1133 12.71 -29.01 18.35
CA TRP C 1133 12.77 -29.69 17.04
C TRP C 1133 12.71 -31.22 17.21
N THR C 1134 12.26 -31.92 16.17
CA THR C 1134 12.20 -33.38 16.17
C THR C 1134 12.64 -33.91 14.80
N LEU C 1135 13.53 -34.91 14.80
CA LEU C 1135 14.00 -35.52 13.55
C LEU C 1135 13.96 -37.04 13.69
N LYS C 1136 13.14 -37.69 12.84
CA LYS C 1136 12.77 -39.09 13.03
C LYS C 1136 13.64 -40.03 12.21
N HIS C 1137 14.39 -40.92 12.89
CA HIS C 1137 15.19 -41.94 12.23
C HIS C 1137 14.31 -43.13 11.83
N ASP C 1138 14.80 -43.91 10.84
CA ASP C 1138 14.03 -44.97 10.19
C ASP C 1138 14.50 -46.37 10.62
N LEU C 1139 13.54 -47.28 10.81
CA LEU C 1139 13.76 -48.70 11.10
C LEU C 1139 14.84 -49.29 10.17
N LYS C 1140 14.87 -48.88 8.91
CA LYS C 1140 15.81 -49.34 7.89
C LYS C 1140 17.29 -49.03 8.15
N SER C 1141 17.60 -47.96 8.89
CA SER C 1141 18.99 -47.55 9.17
C SER C 1141 19.64 -48.37 10.28
N GLY C 1142 18.86 -49.16 11.02
CA GLY C 1142 19.22 -49.62 12.37
C GLY C 1142 19.23 -48.48 13.37
N LEU C 1143 19.64 -48.78 14.60
CA LEU C 1143 19.77 -47.79 15.67
C LEU C 1143 20.94 -46.82 15.43
N ILE C 1144 21.07 -45.81 16.30
CA ILE C 1144 22.25 -44.95 16.33
C ILE C 1144 23.47 -45.69 16.88
N THR C 1145 24.56 -45.75 16.11
CA THR C 1145 25.85 -46.31 16.51
C THR C 1145 26.91 -45.25 16.88
N SER C 1146 26.73 -44.01 16.40
CA SER C 1146 27.49 -42.83 16.84
C SER C 1146 26.68 -41.53 16.59
N PHE C 1147 27.00 -40.45 17.33
CA PHE C 1147 26.43 -39.11 17.14
C PHE C 1147 27.53 -38.04 17.01
N ALA C 1148 27.40 -37.13 16.03
CA ALA C 1148 28.33 -36.02 15.80
C ALA C 1148 27.63 -34.81 15.15
N VAL C 1149 28.30 -33.64 15.19
CA VAL C 1149 27.72 -32.38 14.73
C VAL C 1149 28.78 -31.47 14.08
N ASP C 1150 28.34 -30.60 13.17
CA ASP C 1150 29.20 -29.59 12.57
C ASP C 1150 29.68 -28.55 13.60
N ILE C 1151 30.70 -27.76 13.22
CA ILE C 1151 31.32 -26.76 14.09
C ILE C 1151 30.32 -25.69 14.56
N HIS C 1152 29.44 -25.24 13.66
CA HIS C 1152 28.35 -24.34 14.00
C HIS C 1152 27.05 -25.10 14.30
N GLN C 1153 27.14 -26.42 14.49
CA GLN C 1153 26.04 -27.38 14.64
C GLN C 1153 25.14 -27.56 13.40
N CYS C 1154 25.44 -26.89 12.28
CA CYS C 1154 24.53 -26.77 11.13
C CYS C 1154 24.18 -28.11 10.45
N TRP C 1155 25.20 -28.95 10.22
CA TRP C 1155 25.03 -30.30 9.72
C TRP C 1155 25.26 -31.31 10.83
N LEU C 1156 24.25 -32.09 11.19
CA LEU C 1156 24.45 -33.26 12.01
C LEU C 1156 25.00 -34.41 11.17
N CYS C 1157 25.87 -35.21 11.78
CA CYS C 1157 26.45 -36.41 11.18
C CYS C 1157 26.24 -37.59 12.14
N ILE C 1158 25.67 -38.69 11.66
CA ILE C 1158 25.29 -39.84 12.48
C ILE C 1158 25.67 -41.17 11.83
N GLY C 1159 26.23 -42.10 12.61
CA GLY C 1159 26.54 -43.45 12.13
C GLY C 1159 25.49 -44.44 12.61
N THR C 1160 24.95 -45.26 11.71
CA THR C 1160 23.90 -46.19 12.06
C THR C 1160 24.44 -47.56 12.43
N SER C 1161 23.58 -48.37 13.06
CA SER C 1161 23.84 -49.75 13.44
C SER C 1161 23.85 -50.67 12.22
N SER C 1162 22.97 -50.42 11.23
CA SER C 1162 23.29 -50.81 9.86
C SER C 1162 24.41 -49.89 9.41
N GLY C 1163 25.44 -50.40 8.71
CA GLY C 1163 26.61 -49.61 8.33
C GLY C 1163 26.35 -48.62 7.21
N THR C 1164 25.49 -47.67 7.54
CA THR C 1164 25.11 -46.52 6.77
C THR C 1164 25.38 -45.28 7.60
N MET C 1165 25.90 -44.24 6.96
CA MET C 1165 26.11 -42.92 7.55
C MET C 1165 25.03 -41.98 7.02
N ALA C 1166 24.35 -41.28 7.94
CA ALA C 1166 23.23 -40.40 7.63
C ALA C 1166 23.48 -39.01 8.19
N CYS C 1167 23.11 -37.97 7.44
CA CYS C 1167 23.31 -36.59 7.85
C CYS C 1167 21.97 -35.85 7.89
N TRP C 1168 21.87 -34.86 8.77
CA TRP C 1168 20.69 -34.03 8.89
C TRP C 1168 21.10 -32.55 8.81
N ASP C 1169 20.52 -31.83 7.86
CA ASP C 1169 20.61 -30.38 7.85
C ASP C 1169 19.69 -29.83 8.93
N MET C 1170 20.23 -29.33 10.04
CA MET C 1170 19.42 -28.71 11.07
C MET C 1170 18.89 -27.33 10.66
N ARG C 1171 19.63 -26.61 9.81
CA ARG C 1171 19.19 -25.35 9.21
C ARG C 1171 17.88 -25.51 8.42
N PHE C 1172 17.69 -26.70 7.82
CA PHE C 1172 16.49 -27.12 7.11
C PHE C 1172 15.58 -28.03 7.98
N GLN C 1173 16.06 -28.50 9.14
CA GLN C 1173 15.38 -29.43 10.06
C GLN C 1173 14.93 -30.70 9.33
N LEU C 1174 15.86 -31.37 8.64
CA LEU C 1174 15.56 -32.64 7.98
C LEU C 1174 16.81 -33.50 7.83
N PRO C 1175 16.67 -34.84 7.85
CA PRO C 1175 17.65 -35.73 7.25
C PRO C 1175 17.92 -35.28 5.83
N ILE C 1176 19.18 -34.98 5.55
CA ILE C 1176 19.64 -34.63 4.24
C ILE C 1176 19.61 -35.86 3.33
N SER C 1177 20.36 -36.90 3.72
CA SER C 1177 20.58 -38.10 2.91
C SER C 1177 21.38 -39.16 3.67
N SER C 1178 21.67 -40.25 2.95
CA SER C 1178 22.45 -41.40 3.43
C SER C 1178 23.55 -41.82 2.45
N HIS C 1179 24.55 -42.51 3.00
CA HIS C 1179 25.56 -43.29 2.31
C HIS C 1179 25.78 -44.58 3.10
N CYS C 1180 26.38 -45.61 2.49
CA CYS C 1180 26.66 -46.85 3.20
C CYS C 1180 27.86 -47.56 2.56
N HIS C 1181 29.04 -47.41 3.16
CA HIS C 1181 30.24 -48.05 2.63
C HIS C 1181 30.04 -49.55 2.54
N PRO C 1182 30.38 -50.21 1.39
CA PRO C 1182 29.83 -51.53 1.06
C PRO C 1182 29.75 -52.67 2.08
N SER C 1183 30.76 -52.77 2.95
CA SER C 1183 30.81 -53.80 3.96
C SER C 1183 29.72 -53.63 5.02
N ARG C 1184 29.23 -52.39 5.21
CA ARG C 1184 28.03 -52.03 5.95
C ARG C 1184 27.95 -52.55 7.40
N ALA C 1185 29.09 -52.64 8.10
CA ALA C 1185 29.14 -52.97 9.53
C ALA C 1185 28.74 -51.79 10.43
N ARG C 1186 28.27 -52.10 11.64
CA ARG C 1186 27.79 -51.11 12.61
C ARG C 1186 28.88 -50.15 13.08
N ILE C 1187 28.68 -48.85 12.87
CA ILE C 1187 29.68 -47.83 13.12
C ILE C 1187 30.10 -47.75 14.59
N ARG C 1188 31.42 -47.69 14.87
CA ARG C 1188 31.92 -47.56 16.23
C ARG C 1188 31.80 -46.13 16.78
N ARG C 1189 32.25 -45.15 15.98
CA ARG C 1189 32.35 -43.74 16.36
C ARG C 1189 32.45 -42.85 15.11
N LEU C 1190 32.28 -41.53 15.26
CA LEU C 1190 32.40 -40.53 14.18
C LEU C 1190 32.99 -39.19 14.68
N SER C 1191 33.79 -38.48 13.85
CA SER C 1191 34.40 -37.21 14.22
C SER C 1191 34.93 -36.36 13.05
N MET C 1192 35.36 -35.10 13.33
CA MET C 1192 35.73 -34.07 12.36
C MET C 1192 37.10 -33.43 12.64
N HIS C 1193 37.78 -33.03 11.55
CA HIS C 1193 39.17 -32.60 11.62
C HIS C 1193 39.34 -31.21 10.99
N PRO C 1194 40.41 -30.41 11.24
CA PRO C 1194 40.79 -29.29 10.38
C PRO C 1194 40.99 -29.79 8.93
N LEU C 1195 40.53 -29.00 7.96
CA LEU C 1195 40.07 -29.56 6.70
C LEU C 1195 38.75 -30.27 6.96
N TYR C 1196 37.83 -29.49 7.56
CA TYR C 1196 36.53 -29.85 8.13
C TYR C 1196 35.67 -30.62 7.13
N GLN C 1197 36.00 -30.44 5.84
CA GLN C 1197 35.27 -31.04 4.72
C GLN C 1197 35.38 -32.56 4.76
N SER C 1198 36.37 -33.09 5.49
CA SER C 1198 36.56 -34.52 5.62
C SER C 1198 36.50 -34.98 7.09
N TRP C 1199 36.03 -36.22 7.23
CA TRP C 1199 35.38 -36.74 8.43
C TRP C 1199 35.78 -38.20 8.63
N VAL C 1200 35.83 -38.62 9.90
CA VAL C 1200 36.45 -39.88 10.28
C VAL C 1200 35.36 -40.88 10.68
N ILE C 1201 35.32 -42.03 9.99
CA ILE C 1201 34.42 -43.13 10.32
C ILE C 1201 35.23 -44.35 10.82
N ALA C 1202 34.86 -44.89 12.00
CA ALA C 1202 35.75 -45.73 12.82
C ALA C 1202 35.51 -47.25 12.80
N ALA C 1203 34.33 -47.74 12.33
CA ALA C 1203 34.11 -49.17 12.14
C ALA C 1203 33.06 -49.51 11.09
N VAL C 1204 33.48 -49.47 9.83
CA VAL C 1204 32.92 -50.26 8.76
C VAL C 1204 34.08 -50.96 8.03
N GLN C 1205 33.87 -52.20 7.57
CA GLN C 1205 34.95 -53.14 7.20
C GLN C 1205 35.76 -53.69 8.40
N GLY C 1206 36.63 -54.68 8.13
CA GLY C 1206 37.32 -55.50 9.13
C GLY C 1206 38.68 -54.96 9.60
N ASN C 1207 39.75 -55.24 8.84
CA ASN C 1207 41.14 -54.92 9.19
C ASN C 1207 41.51 -53.42 9.11
N ASN C 1208 40.63 -52.59 8.56
CA ASN C 1208 40.78 -51.15 8.52
C ASN C 1208 40.54 -50.50 9.88
N GLU C 1209 41.43 -49.59 10.27
CA GLU C 1209 41.33 -48.75 11.46
C GLU C 1209 40.42 -47.52 11.26
N VAL C 1210 40.46 -46.90 10.07
CA VAL C 1210 39.72 -45.69 9.76
C VAL C 1210 39.39 -45.61 8.26
N SER C 1211 38.14 -45.19 7.94
CA SER C 1211 37.61 -44.96 6.59
C SER C 1211 37.23 -43.48 6.41
N MET C 1212 38.24 -42.63 6.60
CA MET C 1212 38.09 -41.19 6.59
C MET C 1212 37.63 -40.78 5.21
N TRP C 1213 36.52 -40.06 5.22
CA TRP C 1213 35.80 -39.78 4.01
C TRP C 1213 35.33 -38.33 3.97
N ASP C 1214 35.38 -37.79 2.78
CA ASP C 1214 35.05 -36.39 2.57
C ASP C 1214 33.53 -36.24 2.39
N MET C 1215 32.94 -35.48 3.32
CA MET C 1215 31.51 -35.26 3.50
C MET C 1215 30.80 -34.82 2.21
N GLU C 1216 31.43 -33.90 1.46
CA GLU C 1216 30.88 -33.44 0.19
C GLU C 1216 30.97 -34.51 -0.90
N THR C 1217 31.98 -35.40 -0.78
CA THR C 1217 32.34 -36.40 -1.78
C THR C 1217 31.57 -37.72 -1.60
N GLY C 1218 31.21 -38.04 -0.35
CA GLY C 1218 30.68 -39.36 0.01
C GLY C 1218 31.79 -40.42 0.18
N ASP C 1219 33.05 -40.03 -0.03
CA ASP C 1219 34.11 -40.98 -0.41
C ASP C 1219 35.32 -40.92 0.52
N ARG C 1220 35.79 -42.12 0.85
CA ARG C 1220 36.92 -42.42 1.69
C ARG C 1220 38.23 -41.89 1.09
N ARG C 1221 38.48 -40.58 1.21
CA ARG C 1221 39.70 -39.94 0.74
C ARG C 1221 40.97 -40.61 1.29
N PHE C 1222 40.85 -41.18 2.50
CA PHE C 1222 41.89 -42.00 3.11
C PHE C 1222 41.31 -43.28 3.69
N THR C 1223 42.14 -44.32 3.72
CA THR C 1223 41.84 -45.61 4.30
C THR C 1223 43.11 -46.15 4.98
N LEU C 1224 43.06 -46.27 6.32
CA LEU C 1224 44.18 -46.73 7.13
C LEU C 1224 43.94 -48.16 7.60
N TRP C 1225 44.93 -49.04 7.43
CA TRP C 1225 44.81 -50.45 7.83
C TRP C 1225 46.08 -50.96 8.52
N ALA C 1226 45.86 -51.75 9.58
CA ALA C 1226 46.92 -52.37 10.34
C ALA C 1226 47.51 -53.58 9.62
N SER C 1227 46.88 -53.99 8.52
CA SER C 1227 47.19 -55.14 7.70
C SER C 1227 48.61 -55.07 7.13
N SER C 1228 49.26 -56.24 7.06
CA SER C 1228 50.53 -56.41 6.37
C SER C 1228 50.39 -56.20 4.85
N ALA C 1229 49.25 -56.63 4.29
CA ALA C 1229 48.90 -56.40 2.89
C ALA C 1229 48.31 -55.01 2.65
N PRO C 1230 48.60 -54.31 1.52
CA PRO C 1230 48.04 -52.99 1.26
C PRO C 1230 46.52 -52.98 1.07
N PRO C 1231 45.89 -53.87 0.27
CA PRO C 1231 44.43 -53.99 0.29
C PRO C 1231 43.92 -54.48 1.64
N LEU C 1232 42.64 -54.23 1.89
CA LEU C 1232 41.98 -54.59 3.13
C LEU C 1232 41.65 -56.08 3.22
N SER C 1233 42.69 -56.92 3.36
CA SER C 1233 42.54 -58.30 3.82
C SER C 1233 41.83 -58.28 5.19
N GLU C 1234 40.76 -59.07 5.36
CA GLU C 1234 39.91 -59.03 6.56
C GLU C 1234 40.55 -59.72 7.78
N LEU C 1235 41.80 -59.36 8.05
CA LEU C 1235 42.65 -59.92 9.09
C LEU C 1235 42.25 -59.48 10.50
N GLN C 1236 41.23 -58.63 10.67
CA GLN C 1236 40.87 -58.10 11.97
C GLN C 1236 40.19 -59.13 12.86
N PRO C 1237 40.72 -59.39 14.08
CA PRO C 1237 39.92 -59.92 15.18
C PRO C 1237 38.82 -58.89 15.51
N SER C 1238 37.77 -59.31 16.21
CA SER C 1238 36.66 -58.45 16.61
C SER C 1238 37.12 -57.13 17.27
N PRO C 1239 38.06 -57.16 18.26
CA PRO C 1239 38.53 -55.94 18.91
C PRO C 1239 39.27 -54.94 18.01
N HIS C 1240 39.76 -55.34 16.83
CA HIS C 1240 40.30 -54.38 15.87
C HIS C 1240 39.25 -53.36 15.40
N SER C 1241 38.01 -53.81 15.21
CA SER C 1241 36.87 -52.98 14.83
C SER C 1241 36.25 -52.23 16.02
N VAL C 1242 36.55 -52.60 17.25
CA VAL C 1242 35.99 -52.01 18.46
C VAL C 1242 37.04 -51.22 19.24
N HIS C 1243 36.98 -49.88 19.16
CA HIS C 1243 37.98 -49.01 19.75
C HIS C 1243 37.50 -47.58 20.04
N GLY C 1244 38.18 -46.92 21.00
CA GLY C 1244 38.11 -45.48 21.21
C GLY C 1244 39.01 -44.69 20.25
N ILE C 1245 38.64 -43.42 20.01
CA ILE C 1245 39.38 -42.48 19.17
C ILE C 1245 39.19 -41.06 19.69
N TYR C 1246 40.21 -40.21 19.48
CA TYR C 1246 40.19 -38.80 19.85
C TYR C 1246 40.91 -37.96 18.79
N CYS C 1247 40.27 -36.88 18.32
CA CYS C 1247 40.82 -36.01 17.29
C CYS C 1247 40.58 -34.54 17.63
N SER C 1248 41.42 -33.68 17.04
CA SER C 1248 41.33 -32.24 17.26
C SER C 1248 41.24 -31.46 15.95
N PRO C 1249 40.09 -30.85 15.58
CA PRO C 1249 39.98 -29.76 14.61
C PRO C 1249 40.80 -28.48 14.75
N ALA C 1250 41.67 -28.45 15.78
CA ALA C 1250 42.53 -27.36 16.20
C ALA C 1250 43.78 -27.88 16.93
N ASP C 1251 44.52 -26.98 17.60
CA ASP C 1251 45.57 -27.32 18.57
C ASP C 1251 46.74 -28.09 17.93
N GLY C 1252 47.19 -27.69 16.72
CA GLY C 1252 48.31 -28.33 16.03
C GLY C 1252 47.97 -29.64 15.32
N ASN C 1253 46.66 -30.00 15.25
CA ASN C 1253 46.11 -31.05 14.40
C ASN C 1253 46.50 -32.49 14.79
N PRO C 1254 46.86 -32.82 16.05
CA PRO C 1254 46.93 -34.19 16.56
C PRO C 1254 45.70 -35.08 16.45
N ILE C 1255 45.97 -36.39 16.25
CA ILE C 1255 44.99 -37.46 16.37
C ILE C 1255 45.55 -38.65 17.17
N LEU C 1256 44.70 -39.22 18.04
CA LEU C 1256 45.01 -40.37 18.88
C LEU C 1256 44.02 -41.50 18.61
N LEU C 1257 44.50 -42.75 18.59
CA LEU C 1257 43.70 -43.88 18.12
C LEU C 1257 44.01 -45.15 18.91
N THR C 1258 42.97 -45.72 19.56
CA THR C 1258 43.10 -47.04 20.15
C THR C 1258 43.07 -48.10 19.06
N ALA C 1259 43.97 -49.08 19.14
CA ALA C 1259 43.92 -50.30 18.35
C ALA C 1259 43.47 -51.46 19.26
N GLY C 1260 42.17 -51.78 19.27
CA GLY C 1260 41.62 -52.74 20.23
C GLY C 1260 42.11 -54.18 20.04
N SER C 1261 42.58 -54.51 18.83
CA SER C 1261 43.31 -55.75 18.55
C SER C 1261 44.59 -55.88 19.37
N ASP C 1262 45.40 -54.80 19.45
CA ASP C 1262 46.65 -54.72 20.19
C ASP C 1262 46.53 -54.04 21.57
N MET C 1263 45.31 -53.62 21.94
CA MET C 1263 44.92 -53.00 23.21
C MET C 1263 45.74 -51.74 23.56
N LYS C 1264 46.16 -50.96 22.54
CA LYS C 1264 47.16 -49.90 22.72
C LYS C 1264 46.79 -48.58 22.03
N ILE C 1265 47.47 -47.49 22.46
CA ILE C 1265 47.24 -46.13 21.96
C ILE C 1265 48.28 -45.77 20.88
N ARG C 1266 47.84 -45.76 19.62
CA ARG C 1266 48.65 -45.21 18.53
C ARG C 1266 48.46 -43.69 18.44
N PHE C 1267 49.42 -43.02 17.81
CA PHE C 1267 49.36 -41.60 17.50
C PHE C 1267 49.46 -41.46 15.98
N TRP C 1268 48.77 -40.44 15.46
CA TRP C 1268 48.84 -40.09 14.05
C TRP C 1268 48.70 -38.57 13.90
N ASP C 1269 49.79 -37.96 13.43
CA ASP C 1269 49.94 -36.52 13.41
C ASP C 1269 49.65 -36.03 12.00
N LEU C 1270 48.62 -35.18 11.86
CA LEU C 1270 48.29 -34.60 10.57
C LEU C 1270 49.45 -33.78 10.01
N ALA C 1271 50.34 -33.30 10.89
CA ALA C 1271 51.59 -32.62 10.53
C ALA C 1271 52.61 -33.54 9.84
N TYR C 1272 52.72 -34.83 10.24
CA TYR C 1272 53.65 -35.81 9.65
C TYR C 1272 53.18 -37.25 9.86
N PRO C 1273 52.47 -37.85 8.88
CA PRO C 1273 52.08 -39.26 8.93
C PRO C 1273 53.28 -40.23 8.90
N GLU C 1274 54.37 -39.84 8.22
CA GLU C 1274 55.60 -40.62 8.16
C GLU C 1274 56.33 -40.66 9.50
N ARG C 1275 56.31 -39.56 10.27
CA ARG C 1275 57.03 -39.45 11.52
C ARG C 1275 56.17 -39.77 12.74
N SER C 1276 54.97 -40.35 12.57
CA SER C 1276 53.99 -40.53 13.62
C SER C 1276 54.43 -41.57 14.67
N TYR C 1277 55.28 -41.11 15.60
CA TYR C 1277 55.67 -41.85 16.78
C TYR C 1277 54.46 -42.08 17.64
N VAL C 1278 54.18 -43.34 17.97
CA VAL C 1278 53.03 -43.64 18.80
C VAL C 1278 53.32 -43.18 20.23
N VAL C 1279 52.27 -42.82 20.96
CA VAL C 1279 52.41 -42.38 22.35
C VAL C 1279 52.55 -43.58 23.32
N ALA C 1280 51.90 -44.73 23.05
CA ALA C 1280 51.94 -45.89 23.94
C ALA C 1280 52.78 -47.04 23.37
N GLY C 1281 53.45 -47.81 24.25
CA GLY C 1281 54.41 -48.83 23.83
C GLY C 1281 53.82 -50.21 23.50
N SER C 1282 54.70 -51.12 23.08
CA SER C 1282 54.43 -52.54 22.86
C SER C 1282 55.58 -53.38 23.41
N THR C 1283 55.25 -54.58 23.91
CA THR C 1283 56.17 -55.46 24.62
C THR C 1283 57.22 -56.09 23.70
N SER C 1284 56.81 -56.48 22.48
CA SER C 1284 57.69 -57.13 21.52
C SER C 1284 58.52 -56.12 20.72
N SER C 1285 57.86 -55.38 19.82
CA SER C 1285 58.50 -54.51 18.84
C SER C 1285 57.61 -53.31 18.51
N PRO C 1286 57.82 -52.13 19.12
CA PRO C 1286 56.92 -50.99 18.94
C PRO C 1286 57.02 -50.20 17.64
N SER C 1287 58.19 -50.12 17.00
CA SER C 1287 58.49 -49.12 15.95
C SER C 1287 57.64 -49.26 14.68
N VAL C 1288 57.11 -48.14 14.13
CA VAL C 1288 56.16 -48.16 13.01
C VAL C 1288 56.61 -47.34 11.80
N SER C 1289 56.93 -48.04 10.71
CA SER C 1289 57.16 -47.44 9.41
C SER C 1289 55.79 -47.15 8.76
N TYR C 1290 55.18 -46.02 9.11
CA TYR C 1290 53.80 -45.68 8.78
C TYR C 1290 53.55 -45.24 7.33
N TYR C 1291 54.37 -45.66 6.37
CA TYR C 1291 54.39 -45.12 5.00
C TYR C 1291 53.08 -45.30 4.23
N ARG C 1292 52.55 -44.19 3.69
CA ARG C 1292 51.40 -44.22 2.78
C ARG C 1292 51.80 -44.57 1.35
N LYS C 1293 51.17 -45.61 0.82
CA LYS C 1293 51.23 -45.99 -0.58
C LYS C 1293 49.96 -45.50 -1.31
N ILE C 1294 49.87 -45.81 -2.61
CA ILE C 1294 48.62 -45.57 -3.33
C ILE C 1294 48.29 -46.74 -4.24
N ILE C 1295 47.01 -47.10 -4.21
CA ILE C 1295 46.37 -47.81 -5.29
C ILE C 1295 45.13 -46.98 -5.60
N GLU C 1296 44.96 -46.62 -6.87
CA GLU C 1296 44.09 -45.51 -7.22
C GLU C 1296 42.64 -45.75 -6.78
N GLY C 1297 42.11 -44.76 -6.04
CA GLY C 1297 40.85 -44.88 -5.30
C GLY C 1297 41.00 -44.52 -3.83
N THR C 1298 42.17 -44.79 -3.24
CA THR C 1298 42.50 -44.36 -1.87
C THR C 1298 44.02 -44.29 -1.61
N GLU C 1299 44.44 -43.32 -0.78
CA GLU C 1299 45.83 -43.08 -0.43
C GLU C 1299 46.30 -43.97 0.75
N VAL C 1300 46.27 -45.29 0.56
CA VAL C 1300 46.32 -46.29 1.63
C VAL C 1300 47.59 -46.25 2.50
N VAL C 1301 47.41 -46.04 3.80
CA VAL C 1301 48.48 -45.99 4.80
C VAL C 1301 48.91 -47.39 5.26
N GLN C 1302 50.12 -47.80 4.88
CA GLN C 1302 50.73 -49.03 5.36
C GLN C 1302 51.40 -48.78 6.71
N GLU C 1303 50.68 -49.06 7.80
CA GLU C 1303 51.22 -49.03 9.15
C GLU C 1303 52.20 -50.20 9.34
N ILE C 1304 53.42 -50.08 8.82
CA ILE C 1304 54.46 -51.11 8.92
C ILE C 1304 55.10 -51.11 10.30
N GLN C 1305 54.27 -51.41 11.30
CA GLN C 1305 54.69 -51.83 12.62
C GLN C 1305 55.67 -53.00 12.50
N ASN C 1306 56.89 -52.81 13.01
CA ASN C 1306 57.90 -53.85 13.07
C ASN C 1306 57.43 -54.94 14.03
N LYS C 1307 57.04 -56.08 13.48
CA LYS C 1307 56.65 -57.28 14.23
C LYS C 1307 55.48 -57.03 15.21
N GLN C 1308 54.29 -56.78 14.66
CA GLN C 1308 53.08 -56.48 15.40
C GLN C 1308 52.52 -57.71 16.13
N LYS C 1309 52.63 -58.90 15.50
CA LYS C 1309 52.26 -60.20 16.07
C LYS C 1309 50.74 -60.34 16.31
N VAL C 1310 49.93 -59.97 15.29
CA VAL C 1310 48.47 -60.14 15.26
C VAL C 1310 47.93 -60.65 13.90
N GLY C 1311 46.83 -61.43 13.93
CA GLY C 1311 46.15 -62.01 12.77
C GLY C 1311 44.74 -62.52 13.09
N PRO C 1312 43.94 -63.00 12.09
CA PRO C 1312 42.57 -63.48 12.29
C PRO C 1312 42.33 -64.74 13.16
N SER C 1313 43.36 -65.31 13.82
CA SER C 1313 43.25 -66.51 14.68
C SER C 1313 44.31 -66.61 15.79
N ASP C 1314 44.11 -67.52 16.76
CA ASP C 1314 44.87 -67.57 18.01
C ASP C 1314 46.15 -68.44 17.89
N ASP C 1315 47.15 -67.96 17.12
CA ASP C 1315 48.43 -68.66 16.92
C ASP C 1315 49.51 -68.23 17.94
N THR C 1316 49.08 -67.98 19.18
CA THR C 1316 49.95 -67.75 20.33
C THR C 1316 49.23 -68.27 21.58
N PRO C 1317 49.88 -69.10 22.44
CA PRO C 1317 49.25 -69.71 23.62
C PRO C 1317 48.38 -68.94 24.63
N ARG C 1318 48.61 -67.62 24.80
CA ARG C 1318 47.95 -66.82 25.84
C ARG C 1318 47.49 -65.46 25.32
N ARG C 1319 48.42 -64.52 25.10
CA ARG C 1319 48.23 -63.27 24.35
C ARG C 1319 47.01 -62.47 24.83
N GLY C 1320 46.93 -62.19 26.15
CA GLY C 1320 45.81 -61.45 26.74
C GLY C 1320 46.23 -60.32 27.71
N PRO C 1321 45.65 -60.27 28.93
CA PRO C 1321 45.91 -59.19 29.89
C PRO C 1321 47.33 -58.95 30.39
N GLU C 1322 48.25 -59.91 30.19
CA GLU C 1322 49.64 -59.79 30.63
C GLU C 1322 50.52 -59.03 29.62
N SER C 1323 49.99 -58.66 28.44
CA SER C 1323 50.76 -58.18 27.30
C SER C 1323 50.64 -56.67 27.06
N LEU C 1324 50.68 -55.85 28.13
CA LEU C 1324 50.35 -54.43 28.00
C LEU C 1324 51.51 -53.55 28.51
N PRO C 1325 51.86 -52.40 27.85
CA PRO C 1325 52.57 -51.31 28.52
C PRO C 1325 51.95 -51.02 29.87
N VAL C 1326 52.82 -50.91 30.88
CA VAL C 1326 52.51 -51.05 32.29
C VAL C 1326 51.19 -50.38 32.69
N GLY C 1327 50.27 -51.21 33.24
CA GLY C 1327 48.88 -50.85 33.49
C GLY C 1327 47.94 -51.79 32.72
N HIS C 1328 47.75 -53.00 33.26
CA HIS C 1328 46.96 -54.06 32.66
C HIS C 1328 45.48 -53.67 32.65
N HIS C 1329 44.78 -54.05 31.57
CA HIS C 1329 43.42 -53.60 31.41
C HIS C 1329 42.70 -54.24 30.23
N ASP C 1330 41.38 -54.07 30.28
CA ASP C 1330 40.43 -54.24 29.18
C ASP C 1330 40.64 -53.12 28.15
N ILE C 1331 40.00 -53.24 26.99
CA ILE C 1331 40.08 -52.23 25.94
C ILE C 1331 39.67 -50.82 26.42
N ILE C 1332 40.38 -49.81 25.92
CA ILE C 1332 40.10 -48.41 26.15
C ILE C 1332 38.72 -48.06 25.58
N THR C 1333 37.70 -47.98 26.46
CA THR C 1333 36.34 -47.60 26.09
C THR C 1333 36.32 -46.16 25.63
N ASP C 1334 37.00 -45.31 26.42
CA ASP C 1334 37.14 -43.89 26.18
C ASP C 1334 38.58 -43.49 26.47
N VAL C 1335 39.11 -42.59 25.64
CA VAL C 1335 40.38 -41.92 25.87
C VAL C 1335 40.18 -40.44 25.59
N ALA C 1336 40.76 -39.58 26.44
CA ALA C 1336 40.57 -38.13 26.33
C ALA C 1336 41.77 -37.37 26.89
N THR C 1337 41.97 -36.15 26.38
CA THR C 1337 43.05 -35.26 26.78
C THR C 1337 42.49 -34.09 27.59
N PHE C 1338 43.22 -33.72 28.66
CA PHE C 1338 42.92 -32.60 29.53
C PHE C 1338 44.23 -31.89 29.91
N GLN C 1339 44.12 -30.66 30.44
CA GLN C 1339 45.27 -29.77 30.39
C GLN C 1339 45.32 -28.79 31.56
N THR C 1340 45.00 -29.29 32.77
CA THR C 1340 44.91 -28.49 34.00
C THR C 1340 46.20 -27.70 34.25
N THR C 1341 47.35 -28.26 33.87
CA THR C 1341 48.65 -27.60 34.00
C THR C 1341 49.45 -27.81 32.71
N GLN C 1342 50.09 -28.98 32.58
CA GLN C 1342 50.54 -29.48 31.29
C GLN C 1342 49.33 -30.10 30.58
N GLY C 1343 49.52 -30.50 29.32
CA GLY C 1343 48.62 -31.49 28.74
C GLY C 1343 48.92 -32.89 29.29
N PHE C 1344 47.86 -33.66 29.59
CA PHE C 1344 47.91 -35.06 30.02
C PHE C 1344 46.65 -35.81 29.58
N ILE C 1345 46.67 -37.16 29.62
CA ILE C 1345 45.60 -37.95 29.01
C ILE C 1345 45.10 -39.04 29.94
N VAL C 1346 43.79 -39.33 29.86
CA VAL C 1346 43.13 -40.40 30.60
C VAL C 1346 42.69 -41.51 29.63
N THR C 1347 42.92 -42.76 30.08
CA THR C 1347 42.36 -43.96 29.44
C THR C 1347 41.40 -44.63 30.41
N ALA C 1348 40.11 -44.68 30.01
CA ALA C 1348 39.06 -45.39 30.72
C ALA C 1348 38.79 -46.70 29.99
N SER C 1349 38.99 -47.79 30.71
CA SER C 1349 38.78 -49.13 30.20
C SER C 1349 37.34 -49.60 30.48
N ARG C 1350 36.95 -50.70 29.81
CA ARG C 1350 35.66 -51.34 30.03
C ARG C 1350 35.49 -51.88 31.46
N ASP C 1351 36.61 -52.02 32.19
CA ASP C 1351 36.70 -52.72 33.46
C ASP C 1351 36.40 -51.84 34.69
N GLY C 1352 35.73 -50.69 34.49
CA GLY C 1352 35.49 -49.73 35.56
C GLY C 1352 36.76 -49.07 36.09
N ILE C 1353 37.86 -49.14 35.29
CA ILE C 1353 39.22 -48.81 35.70
C ILE C 1353 39.84 -47.80 34.74
N VAL C 1354 40.68 -46.92 35.32
CA VAL C 1354 41.26 -45.79 34.63
C VAL C 1354 42.76 -45.72 34.91
N LYS C 1355 43.54 -45.34 33.88
CA LYS C 1355 44.96 -44.98 34.00
C LYS C 1355 45.28 -43.66 33.27
N VAL C 1356 46.10 -42.81 33.92
CA VAL C 1356 46.38 -41.43 33.52
C VAL C 1356 47.84 -41.35 33.07
N TRP C 1357 48.11 -40.57 32.02
CA TRP C 1357 49.43 -40.50 31.42
C TRP C 1357 49.84 -39.04 31.21
N LYS C 1358 51.15 -38.76 31.34
CA LYS C 1358 51.70 -37.41 31.31
C LYS C 1358 53.07 -37.39 30.60
N SER D 113 -44.44 27.79 -59.04
CA SER D 113 -44.40 27.81 -60.55
C SER D 113 -43.51 28.94 -61.08
N ARG D 114 -44.02 30.19 -61.03
CA ARG D 114 -43.48 31.38 -61.71
C ARG D 114 -41.96 31.53 -61.56
N ARG D 115 -41.39 31.33 -60.36
CA ARG D 115 -39.97 31.52 -60.09
C ARG D 115 -39.05 30.59 -60.91
N LEU D 116 -39.52 29.41 -61.29
CA LEU D 116 -38.81 28.47 -62.16
C LEU D 116 -38.56 29.03 -63.56
N LYS D 117 -39.49 29.85 -64.08
CA LYS D 117 -39.31 30.57 -65.34
C LYS D 117 -38.17 31.60 -65.23
N VAL D 118 -38.11 32.34 -64.12
CA VAL D 118 -37.01 33.25 -63.82
C VAL D 118 -35.66 32.52 -63.68
N THR D 119 -35.63 31.35 -63.03
CA THR D 119 -34.42 30.53 -62.95
C THR D 119 -33.96 30.02 -64.32
N GLY D 120 -34.88 29.70 -65.24
CA GLY D 120 -34.54 29.40 -66.62
C GLY D 120 -33.79 30.55 -67.29
N ASP D 121 -34.31 31.78 -67.14
CA ASP D 121 -33.66 33.00 -67.63
C ASP D 121 -32.28 33.22 -67.00
N LEU D 122 -32.13 32.95 -65.70
CA LEU D 122 -30.85 33.02 -65.02
C LEU D 122 -29.83 31.99 -65.54
N PHE D 123 -30.26 30.75 -65.83
CA PHE D 123 -29.43 29.72 -66.45
C PHE D 123 -28.93 30.15 -67.84
N ASP D 124 -29.78 30.78 -68.62
CA ASP D 124 -29.43 31.30 -69.93
C ASP D 124 -28.47 32.50 -69.86
N ILE D 125 -28.79 33.49 -69.03
CA ILE D 125 -28.03 34.74 -68.98
C ILE D 125 -26.64 34.60 -68.37
N MET D 126 -26.58 34.01 -67.17
CA MET D 126 -25.31 33.78 -66.52
C MET D 126 -24.54 32.58 -67.08
N SER D 127 -25.18 31.42 -67.10
CA SER D 127 -24.52 30.20 -67.55
C SER D 127 -24.38 30.12 -69.08
N GLY D 128 -25.53 30.11 -69.77
CA GLY D 128 -25.70 29.48 -71.07
C GLY D 128 -25.60 27.95 -70.98
N GLN D 129 -24.58 27.51 -70.23
CA GLN D 129 -24.18 26.13 -69.99
C GLN D 129 -25.28 25.28 -69.34
N THR D 130 -25.83 25.67 -68.18
CA THR D 130 -26.69 24.80 -67.38
C THR D 130 -27.95 24.32 -68.13
N ASP D 131 -28.68 25.25 -68.73
CA ASP D 131 -29.90 24.95 -69.48
C ASP D 131 -29.64 24.07 -70.72
N VAL D 132 -28.49 24.22 -71.38
CA VAL D 132 -28.09 23.38 -72.51
C VAL D 132 -27.52 22.02 -72.09
N ASP D 133 -26.94 21.91 -70.89
CA ASP D 133 -26.46 20.67 -70.33
C ASP D 133 -27.61 19.72 -69.95
N HIS D 134 -28.75 20.23 -69.47
CA HIS D 134 -29.85 19.38 -69.00
C HIS D 134 -30.30 18.34 -70.03
N PRO D 135 -30.62 18.72 -71.30
CA PRO D 135 -30.96 17.75 -72.35
C PRO D 135 -29.81 16.83 -72.74
N LEU D 136 -28.59 17.38 -72.84
CA LEU D 136 -27.43 16.60 -73.26
C LEU D 136 -27.05 15.55 -72.22
N CYS D 137 -26.95 15.95 -70.95
CA CYS D 137 -26.68 15.08 -69.81
C CYS D 137 -27.83 14.10 -69.52
N GLU D 138 -29.05 14.36 -70.02
CA GLU D 138 -30.15 13.41 -69.99
C GLU D 138 -29.77 12.06 -70.63
N GLU D 139 -28.99 12.09 -71.72
CA GLU D 139 -28.26 10.92 -72.20
C GLU D 139 -26.84 10.84 -71.61
N CYS D 140 -26.11 11.97 -71.46
CA CYS D 140 -24.67 11.94 -71.20
C CYS D 140 -24.33 11.39 -69.81
N THR D 141 -24.95 11.95 -68.75
CA THR D 141 -24.79 11.45 -67.40
C THR D 141 -25.40 10.06 -67.29
N ASP D 142 -26.59 9.89 -67.91
CA ASP D 142 -27.28 8.61 -67.98
C ASP D 142 -26.36 7.53 -68.53
N THR D 143 -25.54 7.87 -69.54
CA THR D 143 -24.63 6.92 -70.19
C THR D 143 -23.68 6.28 -69.16
N LEU D 144 -23.22 7.09 -68.19
CA LEU D 144 -22.35 6.62 -67.13
C LEU D 144 -23.07 5.52 -66.34
N LEU D 145 -24.38 5.74 -66.13
CA LEU D 145 -25.25 4.84 -65.38
C LEU D 145 -25.66 3.62 -66.23
N ASP D 146 -25.82 3.80 -67.55
CA ASP D 146 -26.21 2.76 -68.50
C ASP D 146 -25.24 1.58 -68.50
N GLN D 147 -23.99 1.85 -68.10
CA GLN D 147 -23.00 0.80 -67.95
C GLN D 147 -23.46 -0.18 -66.88
N LEU D 148 -23.94 0.37 -65.74
CA LEU D 148 -24.40 -0.39 -64.59
C LEU D 148 -25.58 -1.29 -65.00
N ASP D 149 -26.59 -0.72 -65.69
CA ASP D 149 -27.71 -1.48 -66.23
C ASP D 149 -27.17 -2.67 -67.03
N THR D 150 -26.30 -2.37 -67.99
CA THR D 150 -25.68 -3.38 -68.82
C THR D 150 -25.01 -4.47 -67.97
N GLN D 151 -24.13 -4.08 -67.04
CA GLN D 151 -23.43 -5.01 -66.15
C GLN D 151 -24.42 -5.90 -65.40
N LEU D 152 -25.54 -5.33 -64.98
CA LEU D 152 -26.55 -6.08 -64.28
C LEU D 152 -27.34 -6.98 -65.23
N ASN D 153 -27.43 -6.63 -66.51
CA ASN D 153 -27.94 -7.56 -67.52
C ASN D 153 -26.93 -8.68 -67.72
N VAL D 154 -25.63 -8.38 -67.75
CA VAL D 154 -24.58 -9.40 -67.80
C VAL D 154 -24.74 -10.33 -66.60
N THR D 155 -24.93 -9.71 -65.43
CA THR D 155 -25.23 -10.40 -64.19
C THR D 155 -26.48 -11.28 -64.36
N GLU D 156 -27.55 -10.74 -64.96
CA GLU D 156 -28.80 -11.44 -65.24
C GLU D 156 -28.57 -12.67 -66.12
N ASN D 157 -27.66 -12.56 -67.09
CA ASN D 157 -27.27 -13.66 -67.96
C ASN D 157 -26.70 -14.81 -67.14
N GLU D 158 -25.81 -14.47 -66.18
CA GLU D 158 -25.25 -15.45 -65.26
C GLU D 158 -26.35 -16.09 -64.41
N CYS D 159 -27.30 -15.28 -63.91
CA CYS D 159 -28.43 -15.77 -63.12
C CYS D 159 -29.20 -16.84 -63.89
N GLN D 160 -29.51 -16.50 -65.15
CA GLN D 160 -30.13 -17.42 -66.09
C GLN D 160 -29.31 -18.71 -66.22
N ASN D 161 -27.97 -18.64 -66.25
CA ASN D 161 -27.13 -19.84 -66.35
C ASN D 161 -27.40 -20.78 -65.17
N TYR D 162 -27.68 -20.23 -63.99
CA TYR D 162 -28.04 -21.03 -62.82
C TYR D 162 -29.46 -21.57 -62.96
N LYS D 163 -30.41 -20.75 -63.47
CA LYS D 163 -31.77 -21.21 -63.71
C LYS D 163 -31.73 -22.41 -64.66
N ARG D 164 -31.07 -22.22 -65.82
CA ARG D 164 -30.72 -23.24 -66.81
C ARG D 164 -30.10 -24.49 -66.17
N CYS D 165 -29.10 -24.33 -65.29
CA CYS D 165 -28.46 -25.48 -64.66
C CYS D 165 -29.46 -26.25 -63.80
N LEU D 166 -30.30 -25.54 -63.05
CA LEU D 166 -31.32 -26.15 -62.21
C LEU D 166 -32.39 -26.86 -63.05
N GLU D 167 -32.80 -26.24 -64.18
CA GLU D 167 -33.72 -26.78 -65.17
C GLU D 167 -33.17 -28.02 -65.89
N ILE D 168 -31.98 -28.49 -65.45
CA ILE D 168 -31.42 -29.77 -65.82
C ILE D 168 -31.28 -30.62 -64.55
N LEU D 169 -30.58 -30.06 -63.54
CA LEU D 169 -30.21 -30.77 -62.32
C LEU D 169 -31.42 -31.28 -61.51
N GLU D 170 -32.54 -30.54 -61.45
CA GLU D 170 -33.72 -31.02 -60.71
C GLU D 170 -34.28 -32.28 -61.37
N GLN D 171 -34.45 -32.17 -62.69
CA GLN D 171 -35.03 -33.24 -63.50
C GLN D 171 -34.12 -34.47 -63.45
N MET D 172 -32.80 -34.25 -63.61
CA MET D 172 -31.79 -35.28 -63.46
C MET D 172 -31.89 -35.91 -62.08
N ASN D 173 -32.05 -35.10 -61.02
CA ASN D 173 -32.17 -35.63 -59.66
C ASN D 173 -33.34 -36.62 -59.55
N GLU D 174 -34.51 -36.21 -60.05
CA GLU D 174 -35.69 -37.08 -60.05
C GLU D 174 -35.39 -38.38 -60.79
N ASP D 175 -34.84 -38.24 -62.01
CA ASP D 175 -34.58 -39.32 -62.95
C ASP D 175 -33.44 -40.23 -62.47
N ASP D 176 -32.50 -39.70 -61.68
CA ASP D 176 -31.34 -40.42 -61.16
C ASP D 176 -31.75 -41.38 -60.05
N SER D 177 -32.42 -40.86 -59.00
CA SER D 177 -32.71 -41.66 -57.83
C SER D 177 -33.98 -42.50 -58.03
N GLU D 178 -35.12 -41.82 -58.15
CA GLU D 178 -36.44 -42.42 -58.37
C GLU D 178 -36.77 -43.53 -57.34
N GLN D 179 -36.32 -43.35 -56.09
CA GLN D 179 -36.53 -44.29 -54.98
C GLN D 179 -37.09 -43.55 -53.75
N LEU D 180 -38.20 -44.07 -53.18
CA LEU D 180 -38.78 -43.59 -51.93
C LEU D 180 -39.65 -44.70 -51.33
N GLN D 181 -40.10 -44.49 -50.07
CA GLN D 181 -40.93 -45.42 -49.29
C GLN D 181 -40.21 -46.71 -48.87
N MET D 182 -39.19 -47.15 -49.63
CA MET D 182 -38.35 -48.30 -49.26
C MET D 182 -37.57 -48.01 -47.97
N GLU D 183 -37.14 -46.75 -47.80
CA GLU D 183 -36.37 -46.26 -46.68
C GLU D 183 -37.04 -46.56 -45.34
N LEU D 184 -38.36 -46.41 -45.25
CA LEU D 184 -39.10 -46.64 -44.01
C LEU D 184 -39.01 -48.10 -43.58
N LYS D 185 -39.14 -49.03 -44.55
CA LYS D 185 -39.07 -50.46 -44.30
C LYS D 185 -37.67 -50.86 -43.84
N GLU D 186 -36.66 -50.44 -44.60
CA GLU D 186 -35.26 -50.75 -44.35
C GLU D 186 -34.80 -50.10 -43.03
N LEU D 187 -35.29 -48.89 -42.76
CA LEU D 187 -35.05 -48.18 -41.52
C LEU D 187 -35.68 -48.92 -40.33
N ALA D 188 -36.90 -49.46 -40.49
CA ALA D 188 -37.51 -50.23 -39.41
C ALA D 188 -36.64 -51.45 -39.09
N LEU D 189 -36.15 -52.14 -40.13
CA LEU D 189 -35.24 -53.26 -39.98
C LEU D 189 -33.96 -52.82 -39.26
N GLU D 190 -33.38 -51.70 -39.70
CA GLU D 190 -32.16 -51.15 -39.11
C GLU D 190 -32.41 -50.82 -37.63
N GLU D 191 -33.49 -50.09 -37.34
CA GLU D 191 -33.88 -49.68 -35.99
C GLU D 191 -33.83 -50.85 -35.01
N GLU D 192 -34.55 -51.95 -35.29
CA GLU D 192 -34.69 -53.03 -34.31
C GLU D 192 -33.35 -53.66 -33.92
N ARG D 193 -32.37 -53.59 -34.83
CA ARG D 193 -31.04 -54.17 -34.70
C ARG D 193 -30.09 -53.15 -34.05
N LEU D 194 -30.22 -51.90 -34.51
CA LEU D 194 -29.44 -50.77 -34.02
C LEU D 194 -29.75 -50.51 -32.54
N ILE D 195 -31.06 -50.44 -32.19
CA ILE D 195 -31.48 -50.32 -30.79
C ILE D 195 -30.93 -51.51 -30.01
N GLN D 196 -30.81 -52.68 -30.64
CA GLN D 196 -30.21 -53.83 -29.98
C GLN D 196 -28.73 -53.57 -29.71
N GLU D 197 -27.97 -53.09 -30.72
CA GLU D 197 -26.56 -52.75 -30.53
C GLU D 197 -26.37 -51.77 -29.37
N LEU D 198 -27.12 -50.64 -29.36
CA LEU D 198 -26.99 -49.65 -28.30
C LEU D 198 -27.48 -50.20 -26.96
N GLU D 199 -28.46 -51.12 -26.96
CA GLU D 199 -28.92 -51.76 -25.72
C GLU D 199 -27.84 -52.68 -25.15
N ASP D 200 -27.31 -53.58 -26.01
CA ASP D 200 -26.20 -54.48 -25.67
C ASP D 200 -25.09 -53.67 -25.00
N VAL D 201 -24.69 -52.57 -25.66
CA VAL D 201 -23.70 -51.62 -25.16
C VAL D 201 -24.12 -51.07 -23.80
N GLU D 202 -25.34 -50.54 -23.67
CA GLU D 202 -25.83 -49.92 -22.43
C GLU D 202 -25.75 -50.86 -21.23
N LYS D 203 -26.26 -52.10 -21.38
CA LYS D 203 -26.30 -53.06 -20.28
C LYS D 203 -24.87 -53.34 -19.79
N ASN D 204 -24.05 -53.78 -20.72
CA ASN D 204 -22.67 -54.15 -20.47
C ASN D 204 -21.85 -52.95 -19.99
N ARG D 205 -22.13 -51.73 -20.49
CA ARG D 205 -21.51 -50.49 -20.03
C ARG D 205 -21.74 -50.35 -18.53
N LYS D 206 -23.02 -50.36 -18.12
CA LYS D 206 -23.36 -50.22 -16.72
C LYS D 206 -22.61 -51.26 -15.90
N ILE D 207 -22.80 -52.55 -16.23
CA ILE D 207 -22.14 -53.70 -15.62
C ILE D 207 -20.64 -53.46 -15.40
N VAL D 208 -19.96 -53.10 -16.50
CA VAL D 208 -18.51 -52.92 -16.54
C VAL D 208 -18.08 -51.69 -15.75
N ALA D 209 -18.80 -50.57 -15.92
CA ALA D 209 -18.48 -49.29 -15.31
C ALA D 209 -18.58 -49.36 -13.79
N GLU D 210 -19.71 -49.86 -13.29
CA GLU D 210 -20.00 -49.74 -11.86
C GLU D 210 -19.15 -50.71 -11.06
N ASN D 211 -18.75 -51.84 -11.65
CA ASN D 211 -17.89 -52.78 -10.93
C ASN D 211 -16.47 -52.25 -10.80
N LEU D 212 -16.02 -51.31 -11.66
CA LEU D 212 -14.71 -50.71 -11.48
C LEU D 212 -14.66 -49.99 -10.13
N GLU D 213 -15.73 -49.24 -9.77
CA GLU D 213 -15.86 -48.59 -8.47
C GLU D 213 -15.64 -49.60 -7.35
N LYS D 214 -16.28 -50.78 -7.44
CA LYS D 214 -16.27 -51.82 -6.42
C LYS D 214 -14.87 -52.45 -6.30
N VAL D 215 -14.24 -52.70 -7.45
CA VAL D 215 -12.87 -53.18 -7.58
C VAL D 215 -11.90 -52.20 -6.89
N GLN D 216 -12.02 -50.91 -7.23
CA GLN D 216 -11.13 -49.88 -6.72
C GLN D 216 -11.39 -49.59 -5.23
N ALA D 217 -12.65 -49.69 -4.78
CA ALA D 217 -13.01 -49.61 -3.37
C ALA D 217 -12.14 -50.56 -2.53
N GLU D 218 -11.97 -51.81 -3.00
CA GLU D 218 -11.09 -52.77 -2.34
C GLU D 218 -9.62 -52.34 -2.40
N ALA D 219 -9.17 -51.72 -3.51
CA ALA D 219 -7.81 -51.18 -3.62
C ALA D 219 -7.54 -50.10 -2.55
N GLU D 220 -8.53 -49.23 -2.30
CA GLU D 220 -8.45 -48.23 -1.24
C GLU D 220 -8.42 -48.92 0.12
N ARG D 221 -9.24 -49.97 0.27
CA ARG D 221 -9.32 -50.82 1.45
C ARG D 221 -7.92 -51.39 1.76
N LEU D 222 -7.23 -51.94 0.75
CA LEU D 222 -5.86 -52.40 0.92
C LEU D 222 -4.98 -51.33 1.57
N ASP D 223 -5.12 -50.05 1.17
CA ASP D 223 -4.31 -48.95 1.68
C ASP D 223 -4.48 -48.77 3.19
N GLN D 224 -5.67 -49.09 3.69
CA GLN D 224 -6.00 -48.92 5.10
C GLN D 224 -5.27 -49.94 5.97
N GLU D 225 -5.53 -51.24 5.73
CA GLU D 225 -4.92 -52.33 6.49
C GLU D 225 -3.39 -52.29 6.35
N GLU D 226 -2.91 -51.81 5.19
CA GLU D 226 -1.49 -51.65 4.98
C GLU D 226 -0.92 -50.60 5.94
N ALA D 227 -1.64 -49.47 6.14
CA ALA D 227 -1.23 -48.47 7.12
C ALA D 227 -1.13 -49.08 8.53
N GLN D 228 -2.07 -49.96 8.91
CA GLN D 228 -2.07 -50.63 10.19
C GLN D 228 -0.88 -51.59 10.27
N TYR D 229 -0.72 -52.42 9.23
CA TYR D 229 0.37 -53.37 9.11
C TYR D 229 1.73 -52.67 9.13
N GLN D 230 1.80 -51.47 8.55
CA GLN D 230 3.03 -50.70 8.67
C GLN D 230 3.36 -50.42 10.14
N ARG D 231 2.37 -50.06 10.98
CA ARG D 231 2.62 -49.80 12.40
C ARG D 231 3.04 -51.08 13.07
N GLU D 232 2.36 -52.19 12.73
CA GLU D 232 2.70 -53.49 13.23
C GLU D 232 4.16 -53.81 12.87
N TYR D 233 4.50 -53.68 11.58
CA TYR D 233 5.83 -53.81 10.99
C TYR D 233 6.84 -52.86 11.65
N SER D 234 6.43 -51.64 12.04
CA SER D 234 7.29 -50.67 12.70
C SER D 234 7.74 -51.15 14.08
N GLU D 235 6.89 -51.96 14.70
CA GLU D 235 7.20 -52.53 15.99
C GLU D 235 8.31 -53.58 15.84
N PHE D 236 8.47 -54.22 14.67
CA PHE D 236 9.59 -55.14 14.40
C PHE D 236 10.91 -54.43 14.68
N LYS D 237 11.07 -53.17 14.22
CA LYS D 237 12.20 -52.33 14.55
C LYS D 237 12.36 -52.11 16.06
N ARG D 238 11.24 -51.89 16.78
CA ARG D 238 11.28 -51.72 18.23
C ARG D 238 11.88 -52.96 18.91
N GLN D 239 11.40 -54.15 18.51
CA GLN D 239 11.87 -55.45 19.01
C GLN D 239 13.33 -55.68 18.63
N GLN D 240 13.69 -55.40 17.37
CA GLN D 240 15.05 -55.52 16.87
C GLN D 240 15.98 -54.65 17.71
N LEU D 241 15.58 -53.39 17.95
CA LEU D 241 16.33 -52.45 18.76
C LEU D 241 16.66 -53.06 20.13
N GLU D 242 15.62 -53.57 20.80
CA GLU D 242 15.74 -54.12 22.14
C GLU D 242 16.70 -55.31 22.17
N LEU D 243 16.56 -56.19 21.18
CA LEU D 243 17.40 -57.37 21.03
C LEU D 243 18.85 -56.94 20.81
N ASP D 244 19.08 -56.06 19.82
CA ASP D 244 20.41 -55.56 19.48
C ASP D 244 21.06 -54.86 20.68
N ASP D 245 20.28 -54.02 21.38
CA ASP D 245 20.76 -53.26 22.53
C ASP D 245 21.30 -54.18 23.62
N GLU D 246 20.50 -55.15 24.08
CA GLU D 246 20.92 -56.00 25.18
C GLU D 246 21.92 -57.04 24.68
N LEU D 247 21.89 -57.37 23.38
CA LEU D 247 22.96 -58.15 22.76
C LEU D 247 24.27 -57.36 22.77
N LYS D 248 24.23 -56.05 22.51
CA LYS D 248 25.42 -55.19 22.67
C LYS D 248 25.89 -55.15 24.13
N SER D 249 24.97 -55.37 25.11
CA SER D 249 25.35 -55.59 26.50
C SER D 249 26.10 -56.91 26.70
N VAL D 250 25.69 -57.97 25.98
CA VAL D 250 26.32 -59.29 26.02
C VAL D 250 27.78 -59.21 25.54
N GLU D 251 28.04 -58.35 24.55
CA GLU D 251 29.35 -58.15 23.92
C GLU D 251 30.30 -57.37 24.86
N ASN D 252 30.93 -58.10 25.79
CA ASN D 252 31.80 -57.47 26.78
C ASN D 252 32.87 -58.42 27.39
N GLN D 253 32.56 -59.72 27.56
CA GLN D 253 33.26 -60.57 28.53
C GLN D 253 34.59 -61.16 28.03
N MET D 254 35.03 -60.83 26.81
CA MET D 254 36.22 -61.40 26.19
C MET D 254 37.51 -61.06 26.96
N ARG D 255 37.80 -59.77 27.14
CA ARG D 255 38.97 -59.41 27.93
C ARG D 255 38.77 -59.67 29.43
N TYR D 256 37.51 -59.84 29.87
CA TYR D 256 37.16 -60.30 31.22
C TYR D 256 37.65 -61.72 31.46
N ALA D 257 37.40 -62.60 30.50
CA ALA D 257 37.94 -63.96 30.49
C ALA D 257 39.46 -63.95 30.46
N GLN D 258 40.07 -63.02 29.71
CA GLN D 258 41.50 -62.73 29.76
C GLN D 258 41.91 -62.45 31.21
N THR D 259 41.33 -61.40 31.82
CA THR D 259 41.64 -60.98 33.19
C THR D 259 41.62 -62.15 34.16
N GLN D 260 40.49 -62.87 34.24
CA GLN D 260 40.26 -63.92 35.24
C GLN D 260 41.28 -65.05 35.09
N LEU D 261 41.51 -65.51 33.85
CA LEU D 261 42.44 -66.60 33.57
C LEU D 261 43.88 -66.20 33.88
N ASP D 262 44.30 -65.04 33.35
CA ASP D 262 45.67 -64.55 33.48
C ASP D 262 46.00 -64.26 34.94
N LYS D 263 45.08 -63.54 35.62
CA LYS D 263 45.24 -63.15 37.01
C LYS D 263 45.38 -64.36 37.93
N LEU D 264 44.50 -65.35 37.78
CA LEU D 264 44.55 -66.56 38.61
C LEU D 264 45.83 -67.36 38.36
N LYS D 265 46.21 -67.50 37.08
CA LYS D 265 47.41 -68.26 36.68
C LYS D 265 48.68 -67.61 37.22
N LYS D 266 48.78 -66.28 37.07
CA LYS D 266 49.91 -65.48 37.53
C LYS D 266 49.99 -65.47 39.06
N THR D 267 48.84 -65.26 39.71
CA THR D 267 48.70 -65.20 41.16
C THR D 267 49.29 -66.42 41.85
N ASN D 268 49.27 -67.56 41.16
CA ASN D 268 49.75 -68.84 41.66
C ASN D 268 51.29 -68.95 41.75
N VAL D 269 52.06 -67.93 41.32
CA VAL D 269 53.51 -68.07 41.13
C VAL D 269 54.37 -68.00 42.39
N PHE D 270 53.82 -67.55 43.54
CA PHE D 270 54.60 -67.34 44.77
C PHE D 270 54.96 -68.67 45.47
N ASN D 271 56.26 -68.96 45.63
CA ASN D 271 56.73 -70.27 46.11
C ASN D 271 58.14 -70.26 46.73
N ALA D 272 58.87 -69.13 46.68
CA ALA D 272 60.25 -69.04 47.16
C ALA D 272 60.63 -67.61 47.58
N THR D 273 61.78 -67.46 48.25
CA THR D 273 62.20 -66.19 48.82
C THR D 273 63.12 -65.39 47.89
N PHE D 274 64.41 -65.75 47.81
CA PHE D 274 65.39 -64.97 47.06
C PHE D 274 65.76 -65.66 45.74
N HIS D 275 65.56 -64.94 44.63
CA HIS D 275 65.89 -65.43 43.29
C HIS D 275 67.40 -65.39 43.06
N ILE D 276 67.96 -66.49 42.54
CA ILE D 276 69.38 -66.59 42.25
C ILE D 276 69.57 -66.83 40.75
N TRP D 277 70.46 -66.05 40.12
CA TRP D 277 70.78 -66.21 38.72
C TRP D 277 72.28 -66.37 38.52
N HIS D 278 72.66 -67.37 37.72
CA HIS D 278 74.04 -67.62 37.35
C HIS D 278 74.51 -66.55 36.37
N SER D 279 75.74 -66.02 36.57
CA SER D 279 76.32 -64.96 35.76
C SER D 279 77.84 -65.08 35.71
N GLY D 280 78.43 -65.15 34.51
CA GLY D 280 79.89 -65.22 34.37
C GLY D 280 80.49 -66.47 35.01
N GLN D 281 81.12 -66.30 36.19
CA GLN D 281 81.63 -67.40 37.00
C GLN D 281 81.21 -67.27 38.48
N PHE D 282 80.07 -66.59 38.72
CA PHE D 282 79.51 -66.46 40.07
C PHE D 282 77.99 -66.62 40.05
N GLY D 283 77.44 -67.10 41.17
CA GLY D 283 76.01 -66.97 41.40
C GLY D 283 75.69 -65.56 41.91
N THR D 284 74.63 -64.93 41.36
CA THR D 284 74.14 -63.66 41.88
C THR D 284 72.82 -63.86 42.61
N ILE D 285 72.76 -63.49 43.90
CA ILE D 285 71.58 -63.71 44.72
C ILE D 285 70.86 -62.37 44.85
N ASN D 286 69.62 -62.31 44.34
CA ASN D 286 68.83 -61.08 44.24
C ASN D 286 69.70 -59.94 43.73
N ASN D 287 70.39 -60.17 42.60
CA ASN D 287 71.31 -59.26 41.92
C ASN D 287 72.73 -59.21 42.52
N PHE D 288 72.92 -59.37 43.84
CA PHE D 288 74.25 -59.19 44.43
C PHE D 288 75.21 -60.29 43.97
N ARG D 289 76.38 -59.88 43.46
CA ARG D 289 77.46 -60.79 43.11
C ARG D 289 78.09 -61.42 44.36
N LEU D 290 78.36 -62.73 44.29
CA LEU D 290 79.09 -63.43 45.36
C LEU D 290 80.23 -64.26 44.79
N GLY D 291 81.46 -63.83 45.10
CA GLY D 291 82.69 -64.49 44.68
C GLY D 291 83.53 -63.62 43.75
N ARG D 292 84.58 -62.99 44.29
CA ARG D 292 85.46 -62.12 43.53
C ARG D 292 86.32 -62.93 42.57
N LEU D 293 86.44 -62.44 41.32
CA LEU D 293 87.21 -63.10 40.29
C LEU D 293 88.71 -62.93 40.56
N PRO D 294 89.59 -63.94 40.28
CA PRO D 294 91.04 -63.73 40.19
C PRO D 294 91.53 -62.45 39.53
N SER D 295 90.91 -62.06 38.41
CA SER D 295 91.25 -60.85 37.68
C SER D 295 90.72 -59.56 38.35
N VAL D 296 89.57 -59.64 39.05
CA VAL D 296 88.89 -58.45 39.59
C VAL D 296 88.24 -58.74 40.95
N PRO D 297 88.84 -58.31 42.09
CA PRO D 297 88.15 -58.18 43.37
C PRO D 297 86.88 -57.32 43.35
N VAL D 298 85.73 -57.97 43.11
CA VAL D 298 84.42 -57.37 43.21
C VAL D 298 84.26 -56.69 44.57
N GLU D 299 83.51 -55.58 44.57
CA GLU D 299 83.49 -54.62 45.66
C GLU D 299 83.00 -55.25 46.96
N TRP D 300 83.71 -54.96 48.06
CA TRP D 300 83.54 -55.59 49.35
C TRP D 300 82.14 -55.35 49.95
N ASN D 301 81.52 -54.20 49.65
CA ASN D 301 80.17 -53.90 50.13
C ASN D 301 79.13 -54.78 49.44
N GLU D 302 79.32 -55.07 48.14
CA GLU D 302 78.49 -56.01 47.39
C GLU D 302 78.67 -57.43 47.94
N ILE D 303 79.93 -57.86 48.14
CA ILE D 303 80.24 -59.16 48.72
C ILE D 303 79.58 -59.29 50.10
N ASN D 304 79.76 -58.28 50.96
CA ASN D 304 79.23 -58.25 52.31
C ASN D 304 77.70 -58.22 52.31
N ALA D 305 77.10 -57.44 51.41
CA ALA D 305 75.66 -57.43 51.18
C ALA D 305 75.15 -58.81 50.74
N ALA D 306 75.83 -59.44 49.77
CA ALA D 306 75.53 -60.80 49.33
C ALA D 306 75.56 -61.78 50.52
N TRP D 307 76.55 -61.64 51.42
CA TRP D 307 76.68 -62.43 52.66
C TRP D 307 75.54 -62.16 53.63
N GLY D 308 75.15 -60.87 53.80
CA GLY D 308 73.97 -60.48 54.54
C GLY D 308 72.72 -61.22 54.07
N GLN D 309 72.43 -61.14 52.77
CA GLN D 309 71.27 -61.79 52.19
C GLN D 309 71.37 -63.32 52.24
N THR D 310 72.58 -63.88 52.15
CA THR D 310 72.84 -65.32 52.26
C THR D 310 72.49 -65.83 53.65
N VAL D 311 72.81 -65.06 54.71
CA VAL D 311 72.39 -65.32 56.08
C VAL D 311 70.86 -65.31 56.18
N LEU D 312 70.22 -64.28 55.58
CA LEU D 312 68.76 -64.15 55.58
C LEU D 312 68.09 -65.37 54.93
N LEU D 313 68.64 -65.86 53.80
CA LEU D 313 68.13 -67.02 53.08
C LEU D 313 68.24 -68.30 53.91
N LEU D 314 69.42 -68.56 54.52
CA LEU D 314 69.67 -69.77 55.30
C LEU D 314 68.71 -69.86 56.49
N HIS D 315 68.57 -68.74 57.22
CA HIS D 315 67.66 -68.57 58.35
C HIS D 315 66.23 -68.95 57.96
N ALA D 316 65.78 -68.46 56.79
CA ALA D 316 64.46 -68.79 56.25
C ALA D 316 64.30 -70.28 55.93
N LEU D 317 65.22 -70.83 55.11
CA LEU D 317 65.17 -72.22 54.64
C LEU D 317 65.07 -73.20 55.81
N ALA D 318 65.90 -72.96 56.82
CA ALA D 318 65.96 -73.69 58.07
C ALA D 318 64.59 -73.73 58.75
N ASN D 319 64.05 -72.53 59.04
CA ASN D 319 62.77 -72.33 59.72
C ASN D 319 61.57 -72.81 58.89
N LYS D 320 61.79 -73.13 57.60
CA LYS D 320 60.78 -73.69 56.71
C LYS D 320 60.76 -75.22 56.77
N MET D 321 61.96 -75.86 56.67
CA MET D 321 62.08 -77.31 56.75
C MET D 321 61.84 -77.81 58.17
N GLY D 322 62.04 -76.92 59.16
CA GLY D 322 62.13 -77.32 60.56
C GLY D 322 63.53 -77.76 60.97
N LEU D 323 64.55 -77.53 60.12
CA LEU D 323 65.94 -77.82 60.49
C LEU D 323 66.49 -76.70 61.37
N LYS D 324 67.17 -77.07 62.46
CA LYS D 324 67.70 -76.11 63.44
C LYS D 324 69.20 -76.32 63.62
N PHE D 325 69.98 -75.23 63.53
CA PHE D 325 71.44 -75.33 63.55
C PHE D 325 72.00 -75.36 64.98
N GLN D 326 72.22 -76.58 65.52
CA GLN D 326 72.53 -76.79 66.93
C GLN D 326 73.84 -76.08 67.28
N ARG D 327 74.82 -76.23 66.37
CA ARG D 327 76.18 -75.76 66.56
C ARG D 327 76.35 -74.28 66.20
N TYR D 328 75.25 -73.51 66.16
CA TYR D 328 75.30 -72.14 65.65
C TYR D 328 74.19 -71.27 66.24
N ARG D 329 74.51 -69.99 66.47
CA ARG D 329 73.49 -68.95 66.61
C ARG D 329 73.77 -67.83 65.60
N LEU D 330 72.68 -67.35 64.97
CA LEU D 330 72.77 -66.45 63.83
C LEU D 330 72.45 -65.03 64.29
N VAL D 331 73.40 -64.09 64.10
CA VAL D 331 73.16 -62.68 64.37
C VAL D 331 73.39 -61.88 63.08
N PRO D 332 72.44 -61.88 62.13
CA PRO D 332 72.40 -60.88 61.06
C PRO D 332 72.55 -59.44 61.55
N TYR D 333 73.44 -58.71 60.86
CA TYR D 333 73.69 -57.29 61.07
C TYR D 333 73.88 -56.62 59.71
N GLY D 334 72.94 -56.90 58.79
CA GLY D 334 72.97 -56.44 57.41
C GLY D 334 74.13 -57.07 56.64
N ASN D 335 74.83 -56.22 55.86
CA ASN D 335 76.05 -56.58 55.16
C ASN D 335 77.18 -56.99 56.13
N HIS D 336 77.04 -56.67 57.43
CA HIS D 336 78.03 -56.99 58.46
C HIS D 336 77.56 -58.09 59.42
N SER D 337 76.79 -59.06 58.89
CA SER D 337 76.24 -60.20 59.61
C SER D 337 77.32 -61.09 60.26
N TYR D 338 76.91 -61.87 61.28
CA TYR D 338 77.81 -62.73 62.04
C TYR D 338 77.16 -64.06 62.47
N LEU D 339 77.99 -65.11 62.61
CA LEU D 339 77.55 -66.45 63.00
C LEU D 339 78.35 -66.96 64.20
N GLU D 340 77.67 -67.04 65.36
CA GLU D 340 78.24 -67.54 66.60
C GLU D 340 78.22 -69.08 66.64
N SER D 341 79.24 -69.69 66.02
CA SER D 341 79.46 -71.13 66.03
C SER D 341 79.70 -71.53 67.48
N LEU D 342 78.82 -72.39 68.05
CA LEU D 342 78.97 -72.86 69.42
C LEU D 342 80.20 -73.76 69.58
N THR D 343 80.57 -74.49 68.50
CA THR D 343 81.81 -75.27 68.41
C THR D 343 83.06 -74.40 68.52
N ASP D 344 82.92 -73.09 68.29
CA ASP D 344 83.97 -72.09 68.43
C ASP D 344 83.62 -71.05 69.51
N LYS D 345 82.62 -71.34 70.37
CA LYS D 345 82.10 -70.46 71.44
C LYS D 345 81.80 -69.02 70.98
N SER D 346 81.36 -68.85 69.72
CA SER D 346 81.10 -67.54 69.11
C SER D 346 82.34 -66.63 69.06
N LYS D 347 83.54 -67.22 68.99
CA LYS D 347 84.80 -66.49 69.21
C LYS D 347 85.10 -65.47 68.11
N GLU D 348 84.79 -65.82 66.86
CA GLU D 348 85.08 -64.98 65.70
C GLU D 348 83.92 -65.05 64.70
N LEU D 349 82.80 -64.41 65.08
CA LEU D 349 81.54 -64.48 64.34
C LEU D 349 81.50 -63.74 62.98
N PRO D 350 82.26 -62.66 62.69
CA PRO D 350 82.04 -61.87 61.47
C PRO D 350 82.13 -62.61 60.14
N LEU D 351 81.03 -62.49 59.36
CA LEU D 351 80.96 -62.97 57.98
C LEU D 351 81.46 -61.92 56.97
N TYR D 352 81.55 -60.64 57.39
CA TYR D 352 82.15 -59.57 56.62
C TYR D 352 83.67 -59.75 56.50
N CYS D 353 84.29 -59.26 55.40
CA CYS D 353 85.61 -59.75 54.98
C CYS D 353 86.79 -58.79 55.25
N SER D 354 86.76 -57.58 54.66
CA SER D 354 87.86 -56.62 54.76
C SER D 354 87.98 -56.06 56.19
N GLY D 355 89.24 -55.94 56.68
CA GLY D 355 89.51 -55.52 58.04
C GLY D 355 90.96 -55.10 58.26
N GLY D 356 91.50 -54.32 57.31
CA GLY D 356 92.91 -53.91 57.32
C GLY D 356 93.74 -54.66 56.28
N LEU D 357 94.86 -54.04 55.87
CA LEU D 357 95.71 -54.51 54.77
C LEU D 357 96.31 -55.89 55.06
N ARG D 358 96.80 -56.11 56.30
CA ARG D 358 97.41 -57.38 56.71
C ARG D 358 96.34 -58.45 56.96
N PHE D 359 95.12 -58.01 57.31
CA PHE D 359 93.95 -58.83 57.53
C PHE D 359 93.38 -59.44 56.24
N PHE D 360 94.06 -59.28 55.09
CA PHE D 360 93.91 -60.17 53.95
C PHE D 360 94.23 -61.62 54.35
N TRP D 361 95.14 -61.78 55.32
CA TRP D 361 95.48 -63.06 55.92
C TRP D 361 94.52 -63.49 57.04
N ASP D 362 93.56 -62.62 57.42
CA ASP D 362 92.65 -62.83 58.55
C ASP D 362 91.73 -64.02 58.34
N ASN D 363 91.29 -64.60 59.46
CA ASN D 363 90.62 -65.89 59.47
C ASN D 363 89.21 -65.86 60.09
N LYS D 364 88.64 -64.66 60.35
CA LYS D 364 87.30 -64.51 60.91
C LYS D 364 86.23 -65.23 60.05
N PHE D 365 86.20 -64.89 58.77
CA PHE D 365 85.27 -65.45 57.80
C PHE D 365 85.55 -66.92 57.48
N ASP D 366 86.80 -67.38 57.60
CA ASP D 366 87.17 -68.78 57.38
C ASP D 366 86.54 -69.70 58.44
N HIS D 367 86.61 -69.31 59.72
CA HIS D 367 85.93 -70.00 60.81
C HIS D 367 84.41 -70.01 60.62
N ALA D 368 83.85 -68.86 60.26
CA ALA D 368 82.43 -68.73 59.92
C ALA D 368 82.03 -69.62 58.73
N MET D 369 82.92 -69.80 57.73
CA MET D 369 82.64 -70.60 56.54
C MET D 369 82.81 -72.11 56.80
N VAL D 370 83.78 -72.49 57.63
CA VAL D 370 83.93 -73.83 58.16
C VAL D 370 82.68 -74.20 58.95
N ALA D 371 82.25 -73.34 59.88
CA ALA D 371 81.02 -73.48 60.63
C ALA D 371 79.79 -73.63 59.73
N PHE D 372 79.68 -72.76 58.71
CA PHE D 372 78.61 -72.76 57.71
C PHE D 372 78.57 -74.04 56.88
N LEU D 373 79.72 -74.57 56.47
CA LEU D 373 79.82 -75.81 55.69
C LEU D 373 79.49 -77.04 56.53
N ASP D 374 79.85 -77.03 57.83
CA ASP D 374 79.45 -78.03 58.81
C ASP D 374 77.93 -78.03 58.99
N CYS D 375 77.34 -76.83 59.06
CA CYS D 375 75.90 -76.61 59.12
C CYS D 375 75.20 -77.07 57.83
N VAL D 376 75.85 -76.93 56.67
CA VAL D 376 75.34 -77.49 55.42
C VAL D 376 75.35 -79.01 55.47
N GLN D 377 76.40 -79.62 56.05
CA GLN D 377 76.39 -81.05 56.28
C GLN D 377 75.24 -81.43 57.20
N GLN D 378 75.05 -80.68 58.30
CA GLN D 378 73.91 -80.85 59.20
C GLN D 378 72.59 -80.80 58.44
N PHE D 379 72.39 -79.77 57.60
CA PHE D 379 71.20 -79.62 56.77
C PHE D 379 70.97 -80.84 55.87
N LYS D 380 72.07 -81.33 55.24
CA LYS D 380 72.04 -82.46 54.32
C LYS D 380 71.52 -83.71 55.04
N GLU D 381 72.04 -83.97 56.24
CA GLU D 381 71.56 -85.08 57.05
C GLU D 381 70.10 -84.86 57.46
N GLU D 382 69.72 -83.63 57.84
CA GLU D 382 68.38 -83.30 58.32
C GLU D 382 67.30 -83.45 57.24
N VAL D 383 67.68 -83.33 55.95
CA VAL D 383 66.78 -83.61 54.84
C VAL D 383 66.88 -85.07 54.36
N GLU D 384 68.09 -85.66 54.45
CA GLU D 384 68.35 -87.06 54.15
C GLU D 384 67.47 -87.99 54.99
N LYS D 385 67.20 -87.63 56.25
CA LYS D 385 66.28 -88.33 57.15
C LYS D 385 64.91 -88.55 56.49
N GLY D 386 64.50 -87.59 55.65
CA GLY D 386 63.23 -87.61 54.95
C GLY D 386 63.27 -88.39 53.63
N GLU D 387 64.47 -88.66 53.09
CA GLU D 387 64.69 -89.28 51.78
C GLU D 387 63.82 -88.63 50.69
N THR D 388 63.77 -87.29 50.71
CA THR D 388 62.92 -86.45 49.88
C THR D 388 63.33 -86.50 48.40
N ARG D 389 62.94 -85.48 47.63
CA ARG D 389 63.36 -85.33 46.24
C ARG D 389 64.85 -85.01 46.17
N PHE D 390 65.75 -86.02 46.28
CA PHE D 390 67.18 -85.73 46.38
C PHE D 390 68.06 -86.98 46.48
N CYS D 391 69.35 -86.73 46.25
CA CYS D 391 70.51 -87.58 46.54
C CYS D 391 71.59 -86.70 47.15
N LEU D 392 72.83 -87.22 47.36
CA LEU D 392 73.94 -86.42 47.88
C LEU D 392 75.04 -86.18 46.83
N PRO D 393 74.77 -85.50 45.69
CA PRO D 393 75.77 -84.95 44.78
C PRO D 393 76.85 -83.98 45.24
N TYR D 394 76.82 -83.55 46.51
CA TYR D 394 77.68 -82.49 47.03
C TYR D 394 78.64 -83.01 48.10
N ARG D 395 79.84 -82.40 48.13
CA ARG D 395 80.89 -82.65 49.11
C ARG D 395 81.46 -81.31 49.57
N MET D 396 82.23 -81.30 50.67
CA MET D 396 82.83 -80.06 51.17
C MET D 396 83.86 -80.37 52.26
N ASP D 397 85.13 -80.02 52.00
CA ASP D 397 86.21 -80.16 52.98
C ASP D 397 86.15 -79.01 53.99
N VAL D 398 85.12 -79.03 54.82
CA VAL D 398 84.73 -77.93 55.69
C VAL D 398 85.84 -77.43 56.61
N GLU D 399 86.70 -78.36 57.10
CA GLU D 399 87.76 -78.06 58.05
C GLU D 399 88.84 -77.15 57.44
N LYS D 400 89.34 -77.53 56.25
CA LYS D 400 90.27 -76.71 55.48
C LYS D 400 89.56 -75.55 54.79
N GLY D 401 88.22 -75.55 54.85
CA GLY D 401 87.35 -74.76 54.00
C GLY D 401 87.37 -75.34 52.60
N LYS D 402 86.29 -76.03 52.22
CA LYS D 402 86.16 -76.51 50.85
C LYS D 402 84.70 -76.71 50.47
N ILE D 403 84.44 -76.56 49.17
CA ILE D 403 83.19 -76.91 48.54
C ILE D 403 83.49 -77.74 47.31
N GLU D 404 82.70 -78.80 47.12
CA GLU D 404 83.01 -79.90 46.22
C GLU D 404 81.75 -80.41 45.54
N ASP D 405 81.93 -80.82 44.27
CA ASP D 405 80.83 -81.28 43.42
C ASP D 405 81.21 -82.64 42.84
N THR D 406 80.18 -83.50 42.65
CA THR D 406 80.36 -84.91 42.36
C THR D 406 79.62 -85.30 41.08
N GLY D 407 80.27 -86.18 40.29
CA GLY D 407 79.94 -86.40 38.89
C GLY D 407 81.17 -86.18 38.01
N GLY D 408 81.00 -85.41 36.93
CA GLY D 408 82.01 -85.21 35.88
C GLY D 408 83.26 -84.43 36.32
N SER D 409 83.07 -83.41 37.18
CA SER D 409 84.15 -82.54 37.61
C SER D 409 84.98 -83.18 38.74
N GLY D 410 84.28 -83.66 39.79
CA GLY D 410 84.89 -84.28 40.97
C GLY D 410 85.62 -83.30 41.91
N GLY D 411 85.89 -82.08 41.42
CA GLY D 411 86.77 -81.13 42.09
C GLY D 411 86.18 -80.52 43.37
N SER D 412 87.10 -80.13 44.27
CA SER D 412 86.78 -79.30 45.42
C SER D 412 87.75 -78.11 45.47
N TYR D 413 87.19 -76.91 45.64
CA TYR D 413 87.95 -75.66 45.75
C TYR D 413 87.73 -75.11 47.16
N SER D 414 88.71 -74.36 47.67
CA SER D 414 88.72 -74.02 49.09
C SER D 414 87.78 -72.86 49.43
N ILE D 415 87.30 -72.84 50.68
CA ILE D 415 86.46 -71.77 51.20
C ILE D 415 87.29 -70.54 51.62
N LYS D 416 88.62 -70.69 51.69
CA LYS D 416 89.55 -69.59 51.95
C LYS D 416 90.34 -69.23 50.68
N THR D 417 90.37 -67.92 50.37
CA THR D 417 91.19 -67.36 49.32
C THR D 417 92.69 -67.52 49.62
N GLN D 418 93.04 -67.59 50.92
CA GLN D 418 94.40 -67.57 51.46
C GLN D 418 95.09 -66.21 51.25
N PHE D 419 95.05 -65.71 50.01
CA PHE D 419 95.23 -64.31 49.65
C PHE D 419 94.16 -63.90 48.63
N ASN D 420 94.42 -64.02 47.32
CA ASN D 420 93.45 -63.68 46.29
C ASN D 420 92.37 -64.76 46.17
N SER D 421 91.11 -64.32 45.94
CA SER D 421 90.09 -65.23 45.41
C SER D 421 90.52 -65.62 44.01
N GLU D 422 90.39 -66.90 43.67
CA GLU D 422 91.03 -67.43 42.48
C GLU D 422 90.10 -68.50 41.92
N GLU D 423 90.64 -69.69 41.63
CA GLU D 423 89.77 -70.85 41.46
C GLU D 423 89.22 -71.30 42.81
N GLN D 424 90.09 -71.39 43.82
CA GLN D 424 89.64 -71.39 45.22
C GLN D 424 88.75 -70.17 45.49
N TRP D 425 87.78 -70.34 46.38
CA TRP D 425 86.76 -69.35 46.75
C TRP D 425 85.69 -69.14 45.67
N THR D 426 86.04 -68.60 44.49
CA THR D 426 85.03 -68.29 43.47
C THR D 426 84.32 -69.54 42.95
N LYS D 427 85.07 -70.60 42.59
CA LYS D 427 84.47 -71.85 42.14
C LYS D 427 83.72 -72.56 43.28
N ALA D 428 84.23 -72.45 44.52
CA ALA D 428 83.60 -72.99 45.72
C ALA D 428 82.23 -72.35 45.95
N LEU D 429 82.15 -71.01 45.84
CA LEU D 429 80.89 -70.26 45.99
C LEU D 429 79.87 -70.69 44.93
N LYS D 430 80.28 -70.74 43.65
CA LYS D 430 79.42 -71.18 42.56
C LYS D 430 78.80 -72.56 42.79
N PHE D 431 79.61 -73.55 43.23
CA PHE D 431 79.13 -74.92 43.47
C PHE D 431 78.30 -75.02 44.76
N MET D 432 78.72 -74.33 45.83
CA MET D 432 77.95 -74.24 47.08
C MET D 432 76.58 -73.63 46.80
N LEU D 433 76.52 -72.54 46.01
CA LEU D 433 75.29 -71.91 45.56
C LEU D 433 74.43 -72.85 44.71
N THR D 434 75.03 -73.70 43.86
CA THR D 434 74.31 -74.75 43.12
C THR D 434 73.66 -75.76 44.06
N ASN D 435 74.40 -76.21 45.08
CA ASN D 435 73.88 -77.06 46.14
C ASN D 435 72.75 -76.37 46.93
N LEU D 436 72.88 -75.05 47.19
CA LEU D 436 71.86 -74.26 47.87
C LEU D 436 70.64 -74.05 46.98
N LYS D 437 70.82 -73.95 45.64
CA LYS D 437 69.74 -73.87 44.67
C LYS D 437 68.92 -75.16 44.68
N TRP D 438 69.58 -76.32 44.57
CA TRP D 438 69.00 -77.63 44.80
C TRP D 438 68.26 -77.68 46.15
N GLY D 439 68.97 -77.27 47.21
CA GLY D 439 68.45 -77.21 48.58
C GLY D 439 67.20 -76.35 48.71
N LEU D 440 67.21 -75.15 48.10
CA LEU D 440 66.06 -74.26 48.08
C LEU D 440 64.87 -74.90 47.34
N ALA D 441 65.12 -75.66 46.25
CA ALA D 441 64.09 -76.37 45.52
C ALA D 441 63.47 -77.50 46.36
N TRP D 442 64.33 -78.29 47.01
CA TRP D 442 63.93 -79.38 47.87
C TRP D 442 63.22 -78.87 49.14
N VAL D 443 63.76 -77.82 49.79
CA VAL D 443 63.14 -77.17 50.93
C VAL D 443 61.79 -76.56 50.57
N SER D 444 61.70 -75.84 49.43
CA SER D 444 60.44 -75.27 48.96
C SER D 444 59.39 -76.37 48.75
N SER D 445 59.80 -77.50 48.16
CA SER D 445 58.94 -78.68 48.05
C SER D 445 58.47 -79.14 49.44
N GLN D 446 59.41 -79.39 50.37
CA GLN D 446 59.10 -79.86 51.72
C GLN D 446 58.24 -78.85 52.50
N PHE D 447 58.47 -77.55 52.31
CA PHE D 447 57.69 -76.52 52.98
C PHE D 447 56.26 -76.48 52.44
N TYR D 448 56.12 -76.62 51.12
CA TYR D 448 54.83 -76.61 50.44
C TYR D 448 54.00 -77.85 50.78
N ASN D 449 54.65 -79.03 50.83
CA ASN D 449 54.05 -80.33 51.12
C ASN D 449 53.46 -80.35 52.54
N ALA E 1 -45.43 -3.42 -66.77
CA ALA E 1 -44.97 -3.57 -68.18
C ALA E 1 -45.44 -2.38 -69.04
N ALA E 2 -46.65 -1.86 -68.75
CA ALA E 2 -47.40 -0.96 -69.61
C ALA E 2 -46.61 0.27 -70.07
N ALA E 3 -45.70 0.79 -69.23
CA ALA E 3 -44.92 2.01 -69.54
C ALA E 3 -44.01 1.85 -70.76
N ALA E 4 -43.41 0.66 -70.96
CA ALA E 4 -42.55 0.42 -72.11
C ALA E 4 -43.37 0.42 -73.41
N ALA E 5 -44.54 -0.24 -73.37
CA ALA E 5 -45.51 -0.25 -74.45
C ALA E 5 -46.07 1.16 -74.71
N ALA E 6 -46.36 1.90 -73.64
CA ALA E 6 -46.81 3.27 -73.74
C ALA E 6 -45.76 4.18 -74.39
N ALA E 7 -44.46 3.94 -74.14
CA ALA E 7 -43.35 4.65 -74.81
C ALA E 7 -43.43 4.46 -76.33
N ALA E 8 -43.52 3.20 -76.76
CA ALA E 8 -43.65 2.87 -78.17
C ALA E 8 -44.93 3.47 -78.78
N ALA E 9 -46.09 3.29 -78.13
CA ALA E 9 -47.40 3.80 -78.55
C ALA E 9 -47.39 5.32 -78.64
N ALA E 10 -46.73 5.97 -77.68
CA ALA E 10 -46.56 7.41 -77.69
C ALA E 10 -45.70 7.87 -78.87
N ALA E 11 -44.59 7.15 -79.15
CA ALA E 11 -43.73 7.46 -80.29
C ALA E 11 -44.51 7.30 -81.61
N ALA E 12 -45.52 6.41 -81.62
CA ALA E 12 -46.44 6.25 -82.74
C ALA E 12 -47.48 7.38 -82.78
N ALA E 13 -48.01 7.78 -81.61
CA ALA E 13 -49.04 8.81 -81.45
C ALA E 13 -48.52 10.22 -81.70
N ALA E 14 -47.19 10.41 -81.62
CA ALA E 14 -46.49 11.68 -81.83
C ALA E 14 -46.76 12.25 -83.24
N ASN F 1 49.78 -43.73 -12.36
CA ASN F 1 48.42 -43.20 -12.73
C ASN F 1 48.01 -42.10 -11.74
N LYS F 2 47.03 -41.26 -12.12
CA LYS F 2 46.51 -40.22 -11.24
C LYS F 2 45.02 -40.03 -11.53
N ILE F 3 44.28 -39.51 -10.54
CA ILE F 3 42.85 -39.25 -10.70
C ILE F 3 42.65 -37.74 -10.67
N SER F 4 41.90 -37.22 -11.65
CA SER F 4 41.46 -35.83 -11.72
C SER F 4 39.94 -35.80 -11.67
N GLN F 5 39.39 -35.00 -10.75
CA GLN F 5 37.95 -34.86 -10.58
C GLN F 5 37.52 -33.51 -11.17
N PHE F 6 36.37 -33.52 -11.86
CA PHE F 6 35.79 -32.29 -12.40
C PHE F 6 34.27 -32.31 -12.26
N LYS F 7 33.72 -31.17 -11.83
CA LYS F 7 32.28 -30.95 -11.84
C LYS F 7 31.84 -30.59 -13.25
N LEU F 8 30.84 -31.34 -13.75
CA LEU F 8 30.29 -31.13 -15.07
C LEU F 8 28.79 -30.90 -14.93
N VAL F 9 28.27 -29.89 -15.64
CA VAL F 9 26.84 -29.57 -15.63
C VAL F 9 26.24 -29.76 -17.03
N LEU F 10 25.05 -30.39 -17.09
CA LEU F 10 24.27 -30.55 -18.30
C LEU F 10 23.14 -29.51 -18.29
N LEU F 11 23.04 -28.71 -19.36
CA LEU F 11 22.02 -27.67 -19.47
C LEU F 11 21.37 -27.77 -20.85
N GLY F 12 20.10 -27.39 -20.90
CA GLY F 12 19.41 -27.34 -22.17
C GLY F 12 17.91 -27.51 -21.96
N GLU F 13 17.17 -27.24 -23.02
CA GLU F 13 15.72 -27.26 -23.00
C GLU F 13 15.21 -28.65 -22.58
N SER F 14 14.08 -28.70 -21.85
CA SER F 14 13.46 -29.99 -21.50
C SER F 14 13.25 -30.87 -22.74
N ALA F 15 13.47 -32.18 -22.55
CA ALA F 15 13.17 -33.24 -23.52
C ALA F 15 14.19 -33.33 -24.67
N VAL F 16 15.29 -32.54 -24.61
CA VAL F 16 16.35 -32.57 -25.63
C VAL F 16 17.19 -33.85 -25.51
N GLY F 17 17.21 -34.47 -24.32
CA GLY F 17 17.88 -35.75 -24.13
C GLY F 17 19.06 -35.73 -23.17
N LYS F 18 19.06 -34.81 -22.20
CA LYS F 18 20.15 -34.65 -21.23
C LYS F 18 20.34 -35.88 -20.34
N SER F 19 19.23 -36.37 -19.74
CA SER F 19 19.25 -37.56 -18.88
C SER F 19 19.56 -38.81 -19.72
N SER F 20 19.13 -38.85 -20.98
CA SER F 20 19.41 -39.99 -21.86
C SER F 20 20.89 -40.04 -22.21
N LEU F 21 21.47 -38.88 -22.56
CA LEU F 21 22.88 -38.75 -22.88
C LEU F 21 23.73 -39.27 -21.71
N VAL F 22 23.43 -38.80 -20.48
CA VAL F 22 24.22 -39.17 -19.32
C VAL F 22 23.97 -40.64 -18.91
N LEU F 23 22.74 -41.15 -19.04
CA LEU F 23 22.47 -42.57 -18.78
C LEU F 23 23.31 -43.43 -19.74
N ARG F 24 23.40 -43.02 -21.01
CA ARG F 24 24.18 -43.77 -21.97
C ARG F 24 25.64 -43.82 -21.55
N PHE F 25 26.18 -42.66 -21.15
CA PHE F 25 27.59 -42.52 -20.79
C PHE F 25 27.89 -43.26 -19.49
N VAL F 26 26.99 -43.12 -18.50
CA VAL F 26 27.22 -43.62 -17.16
C VAL F 26 26.92 -45.12 -17.09
N LYS F 27 25.81 -45.53 -17.68
CA LYS F 27 25.30 -46.88 -17.49
C LYS F 27 25.36 -47.72 -18.77
N GLY F 28 25.63 -47.10 -19.93
CA GLY F 28 25.50 -47.80 -21.21
C GLY F 28 24.06 -48.22 -21.47
N GLN F 29 23.10 -47.41 -20.99
CA GLN F 29 21.67 -47.71 -21.10
C GLN F 29 20.95 -46.57 -21.81
N PHE F 30 19.76 -46.89 -22.33
CA PHE F 30 18.84 -45.95 -22.95
C PHE F 30 17.42 -46.47 -22.86
N HIS F 31 16.56 -45.59 -22.33
CA HIS F 31 15.13 -45.83 -22.16
C HIS F 31 14.36 -44.84 -23.01
N GLU F 32 13.54 -45.41 -23.88
CA GLU F 32 12.55 -44.66 -24.64
C GLU F 32 11.59 -43.89 -23.71
N PHE F 33 11.40 -44.35 -22.47
CA PHE F 33 10.40 -43.83 -21.54
C PHE F 33 11.05 -43.04 -20.41
N GLN F 34 12.28 -42.57 -20.65
CA GLN F 34 12.99 -41.79 -19.65
C GLN F 34 12.10 -40.72 -19.05
N GLU F 35 12.13 -40.62 -17.73
CA GLU F 35 11.37 -39.60 -17.02
C GLU F 35 12.13 -38.28 -17.01
N SER F 36 11.34 -37.23 -17.29
CA SER F 36 11.72 -35.86 -17.11
C SER F 36 12.27 -35.68 -15.69
N THR F 37 13.39 -34.99 -15.59
CA THR F 37 14.08 -34.81 -14.32
C THR F 37 13.40 -33.69 -13.50
N ILE F 38 13.26 -33.89 -12.18
CA ILE F 38 12.82 -32.83 -11.27
C ILE F 38 14.01 -32.32 -10.44
N GLY F 39 14.34 -31.04 -10.62
CA GLY F 39 15.45 -30.41 -9.91
C GLY F 39 16.78 -30.68 -10.61
N ALA F 40 17.51 -31.64 -10.04
CA ALA F 40 18.78 -32.08 -10.59
C ALA F 40 19.16 -33.46 -10.05
N ALA F 41 19.77 -34.25 -10.93
CA ALA F 41 20.28 -35.57 -10.60
C ALA F 41 21.81 -35.58 -10.60
N PHE F 42 22.39 -36.24 -9.58
CA PHE F 42 23.82 -36.47 -9.48
C PHE F 42 24.20 -37.85 -10.05
N LEU F 43 25.23 -37.86 -10.90
CA LEU F 43 25.77 -39.08 -11.50
C LEU F 43 27.28 -38.91 -11.59
N THR F 44 27.99 -40.03 -11.70
CA THR F 44 29.43 -40.02 -11.86
C THR F 44 29.89 -41.13 -12.79
N GLN F 45 30.92 -40.81 -13.58
CA GLN F 45 31.56 -41.76 -14.47
C GLN F 45 32.98 -41.27 -14.75
N THR F 46 33.83 -42.21 -15.16
CA THR F 46 35.23 -41.93 -15.45
C THR F 46 35.52 -42.15 -16.94
N VAL F 47 36.58 -41.51 -17.43
CA VAL F 47 37.22 -41.89 -18.69
C VAL F 47 38.70 -42.01 -18.34
N SER F 48 39.47 -42.72 -19.17
CA SER F 48 40.92 -42.78 -19.00
C SER F 48 41.61 -42.28 -20.26
N LEU F 49 42.58 -41.39 -20.09
CA LEU F 49 43.42 -40.90 -21.17
C LEU F 49 44.76 -40.42 -20.59
N ASP F 50 45.85 -40.61 -21.36
CA ASP F 50 47.18 -40.15 -20.97
C ASP F 50 47.52 -40.57 -19.53
N ASP F 51 47.16 -41.81 -19.15
CA ASP F 51 47.37 -42.41 -17.82
C ASP F 51 46.57 -41.74 -16.71
N THR F 52 45.70 -40.81 -17.06
CA THR F 52 44.91 -40.09 -16.08
C THR F 52 43.47 -40.63 -16.07
N THR F 53 42.99 -41.02 -14.87
CA THR F 53 41.60 -41.33 -14.64
C THR F 53 40.86 -40.02 -14.46
N VAL F 54 39.95 -39.67 -15.38
CA VAL F 54 39.21 -38.41 -15.31
C VAL F 54 37.81 -38.73 -14.79
N LYS F 55 37.50 -38.32 -13.56
CA LYS F 55 36.21 -38.61 -12.94
C LYS F 55 35.33 -37.36 -12.99
N PHE F 56 34.21 -37.52 -13.67
CA PHE F 56 33.20 -36.50 -13.78
C PHE F 56 32.20 -36.65 -12.65
N GLU F 57 31.98 -35.54 -11.93
CA GLU F 57 30.88 -35.37 -11.01
C GLU F 57 29.82 -34.60 -11.80
N ILE F 58 28.73 -35.30 -12.18
CA ILE F 58 27.79 -34.77 -13.16
C ILE F 58 26.53 -34.28 -12.46
N TRP F 59 26.15 -33.02 -12.74
CA TRP F 59 24.85 -32.48 -12.37
C TRP F 59 23.97 -32.39 -13.62
N ASP F 60 22.99 -33.31 -13.68
CA ASP F 60 22.01 -33.38 -14.75
C ASP F 60 20.83 -32.51 -14.35
N THR F 61 20.74 -31.27 -14.89
CA THR F 61 19.73 -30.31 -14.44
C THR F 61 18.40 -30.57 -15.16
N ALA F 62 17.29 -30.28 -14.47
CA ALA F 62 15.98 -30.16 -15.11
C ALA F 62 16.02 -28.94 -16.04
N GLY F 63 15.64 -29.15 -17.30
CA GLY F 63 15.69 -28.11 -18.31
C GLY F 63 14.54 -27.11 -18.28
N LEU F 64 13.43 -27.54 -17.66
CA LEU F 64 12.20 -26.75 -17.59
C LEU F 64 12.53 -25.36 -17.07
N GLU F 65 11.91 -24.37 -17.68
CA GLU F 65 12.27 -22.99 -17.44
C GLU F 65 11.99 -22.58 -16.00
N ARG F 66 11.03 -23.18 -15.30
CA ARG F 66 10.84 -22.84 -13.90
C ARG F 66 12.13 -23.07 -13.08
N TYR F 67 12.97 -24.01 -13.51
CA TYR F 67 14.17 -24.36 -12.77
C TYR F 67 15.36 -23.55 -13.21
N HIS F 68 15.16 -22.59 -14.10
CA HIS F 68 16.23 -21.73 -14.57
C HIS F 68 17.02 -21.12 -13.40
N SER F 69 16.30 -20.66 -12.35
CA SER F 69 16.88 -19.91 -11.26
C SER F 69 17.77 -20.78 -10.37
N LEU F 70 17.63 -22.10 -10.52
CA LEU F 70 18.41 -23.06 -9.76
C LEU F 70 19.72 -23.40 -10.48
N ALA F 71 19.76 -23.19 -11.80
CA ALA F 71 20.91 -23.57 -12.64
C ALA F 71 22.21 -22.97 -12.12
N PRO F 72 22.29 -21.65 -11.73
CA PRO F 72 23.54 -21.06 -11.26
C PRO F 72 24.14 -21.73 -10.02
N MET F 73 23.28 -22.37 -9.21
CA MET F 73 23.73 -23.12 -8.05
C MET F 73 24.49 -24.37 -8.47
N TYR F 74 24.05 -24.99 -9.58
CA TYR F 74 24.66 -26.21 -10.11
C TYR F 74 25.87 -25.94 -10.99
N TYR F 75 25.93 -24.79 -11.70
CA TYR F 75 27.10 -24.53 -12.52
C TYR F 75 28.16 -23.67 -11.80
N ARG F 76 27.88 -23.15 -10.60
CA ARG F 76 28.89 -22.48 -9.81
C ARG F 76 30.00 -23.47 -9.47
N GLY F 77 31.23 -23.16 -9.90
CA GLY F 77 32.41 -24.01 -9.72
C GLY F 77 32.49 -25.21 -10.66
N ALA F 78 31.57 -25.30 -11.64
CA ALA F 78 31.65 -26.31 -12.69
C ALA F 78 32.81 -25.98 -13.63
N GLN F 79 33.61 -27.02 -13.95
CA GLN F 79 34.79 -26.88 -14.79
C GLN F 79 34.45 -27.27 -16.24
N ALA F 80 33.32 -27.96 -16.40
CA ALA F 80 32.83 -28.37 -17.71
C ALA F 80 31.31 -28.23 -17.76
N ALA F 81 30.78 -27.95 -18.96
CA ALA F 81 29.35 -28.02 -19.22
C ALA F 81 29.10 -28.69 -20.57
N ILE F 82 27.96 -29.37 -20.67
CA ILE F 82 27.39 -29.77 -21.96
C ILE F 82 26.06 -29.05 -22.10
N VAL F 83 25.94 -28.19 -23.12
CA VAL F 83 24.66 -27.60 -23.46
C VAL F 83 24.07 -28.44 -24.60
N VAL F 84 22.87 -28.97 -24.37
CA VAL F 84 22.27 -29.95 -25.28
C VAL F 84 21.09 -29.30 -26.00
N TYR F 85 21.03 -29.51 -27.32
CA TYR F 85 19.83 -29.22 -28.09
C TYR F 85 19.40 -30.49 -28.83
N ASP F 86 18.25 -30.38 -29.49
CA ASP F 86 17.66 -31.44 -30.29
C ASP F 86 17.76 -31.02 -31.76
N ILE F 87 18.47 -31.80 -32.58
CA ILE F 87 18.70 -31.44 -33.98
C ILE F 87 17.41 -31.28 -34.78
N THR F 88 16.31 -31.89 -34.30
CA THR F 88 15.00 -31.79 -34.94
C THR F 88 14.23 -30.56 -34.47
N ASN F 89 14.85 -29.76 -33.60
CA ASN F 89 14.19 -28.61 -32.99
C ASN F 89 15.08 -27.37 -33.03
N GLU F 90 14.82 -26.47 -33.98
CA GLU F 90 15.63 -25.26 -34.18
C GLU F 90 15.51 -24.31 -32.99
N GLU F 91 14.34 -24.27 -32.38
CA GLU F 91 14.15 -23.44 -31.20
C GLU F 91 14.97 -23.93 -30.00
N SER F 92 15.08 -25.27 -29.81
CA SER F 92 15.93 -25.86 -28.78
C SER F 92 17.37 -25.39 -28.96
N PHE F 93 17.75 -25.15 -30.21
CA PHE F 93 19.07 -24.62 -30.53
C PHE F 93 19.19 -23.12 -30.19
N ALA F 94 18.11 -22.33 -30.32
CA ALA F 94 18.06 -20.93 -29.92
C ALA F 94 18.23 -20.81 -28.41
N ARG F 95 17.52 -21.67 -27.66
CA ARG F 95 17.64 -21.80 -26.20
C ARG F 95 19.03 -22.25 -25.78
N ALA F 96 19.66 -23.13 -26.58
CA ALA F 96 21.02 -23.62 -26.33
C ALA F 96 22.00 -22.45 -26.40
N LYS F 97 21.84 -21.56 -27.39
CA LYS F 97 22.70 -20.39 -27.52
C LYS F 97 22.58 -19.49 -26.29
N ASN F 98 21.37 -19.32 -25.77
CA ASN F 98 21.14 -18.49 -24.59
C ASN F 98 21.73 -19.12 -23.31
N TRP F 99 21.81 -20.46 -23.25
CA TRP F 99 22.51 -21.13 -22.15
C TRP F 99 24.01 -20.89 -22.27
N VAL F 100 24.55 -21.02 -23.49
CA VAL F 100 25.96 -20.75 -23.76
C VAL F 100 26.32 -19.32 -23.37
N LYS F 101 25.42 -18.37 -23.64
CA LYS F 101 25.63 -16.97 -23.30
C LYS F 101 25.68 -16.79 -21.79
N GLU F 102 24.67 -17.31 -21.09
CA GLU F 102 24.65 -17.28 -19.65
C GLU F 102 25.95 -17.87 -19.06
N LEU F 103 26.41 -18.99 -19.60
CA LEU F 103 27.66 -19.58 -19.14
C LEU F 103 28.83 -18.62 -19.35
N GLN F 104 28.93 -17.96 -20.52
CA GLN F 104 30.02 -17.02 -20.80
C GLN F 104 30.04 -15.87 -19.79
N ARG F 105 28.84 -15.37 -19.47
CA ARG F 105 28.68 -14.23 -18.58
C ARG F 105 28.85 -14.59 -17.09
N GLN F 106 28.37 -15.78 -16.64
CA GLN F 106 28.15 -16.04 -15.20
C GLN F 106 28.90 -17.24 -14.62
N ALA F 107 29.48 -18.10 -15.48
CA ALA F 107 30.21 -19.28 -15.02
C ALA F 107 31.69 -18.93 -14.88
N SER F 108 32.45 -19.89 -14.33
CA SER F 108 33.90 -19.79 -14.24
C SER F 108 34.49 -19.53 -15.62
N PRO F 109 35.41 -18.55 -15.76
CA PRO F 109 36.00 -18.26 -17.08
C PRO F 109 36.70 -19.44 -17.74
N ASN F 110 37.19 -20.43 -16.94
CA ASN F 110 37.94 -21.58 -17.43
C ASN F 110 37.05 -22.70 -17.98
N ILE F 111 35.72 -22.57 -17.82
CA ILE F 111 34.80 -23.66 -18.14
C ILE F 111 35.05 -24.16 -19.58
N VAL F 112 35.13 -25.49 -19.68
CA VAL F 112 35.17 -26.14 -20.98
C VAL F 112 33.73 -26.48 -21.35
N ILE F 113 33.20 -25.87 -22.43
CA ILE F 113 31.81 -26.05 -22.84
C ILE F 113 31.75 -26.95 -24.06
N ALA F 114 30.95 -28.02 -23.95
CA ALA F 114 30.63 -28.87 -25.09
C ALA F 114 29.19 -28.56 -25.52
N LEU F 115 28.97 -28.61 -26.83
CA LEU F 115 27.63 -28.46 -27.39
C LEU F 115 27.24 -29.81 -28.00
N SER F 116 26.09 -30.34 -27.55
CA SER F 116 25.56 -31.59 -28.07
C SER F 116 24.35 -31.30 -28.96
N GLY F 117 24.46 -31.69 -30.23
CA GLY F 117 23.30 -31.78 -31.10
C GLY F 117 22.73 -33.19 -31.02
N ASN F 118 21.82 -33.40 -30.07
CA ASN F 118 21.32 -34.72 -29.69
C ASN F 118 20.16 -35.15 -30.60
N LYS F 119 19.82 -36.45 -30.55
CA LYS F 119 18.77 -37.08 -31.36
C LYS F 119 19.16 -37.09 -32.84
N ALA F 120 20.47 -37.14 -33.12
CA ALA F 120 20.98 -37.16 -34.50
C ALA F 120 20.61 -38.44 -35.27
N ASP F 121 20.01 -39.40 -34.56
CA ASP F 121 19.50 -40.60 -35.20
C ASP F 121 18.23 -40.26 -35.98
N LEU F 122 17.65 -39.09 -35.68
CA LEU F 122 16.45 -38.63 -36.38
C LEU F 122 16.82 -37.61 -37.46
N ALA F 123 17.89 -37.89 -38.20
CA ALA F 123 18.45 -36.91 -39.11
C ALA F 123 17.52 -36.59 -40.29
N ASN F 124 16.55 -37.48 -40.57
CA ASN F 124 15.62 -37.21 -41.65
C ASN F 124 14.57 -36.17 -41.26
N LYS F 125 14.54 -35.81 -39.98
CA LYS F 125 13.71 -34.69 -39.53
C LYS F 125 14.57 -33.53 -39.07
N ARG F 126 15.83 -33.49 -39.52
CA ARG F 126 16.77 -32.42 -39.15
C ARG F 126 16.13 -31.06 -39.38
N ALA F 127 16.27 -30.19 -38.36
CA ALA F 127 15.93 -28.78 -38.50
C ALA F 127 17.18 -27.90 -38.39
N VAL F 128 18.18 -28.37 -37.62
CA VAL F 128 19.40 -27.62 -37.39
C VAL F 128 20.54 -28.21 -38.22
N ASP F 129 21.01 -27.41 -39.19
CA ASP F 129 22.11 -27.79 -40.07
C ASP F 129 23.39 -27.96 -39.25
N PHE F 130 24.15 -29.02 -39.57
CA PHE F 130 25.40 -29.29 -38.87
C PHE F 130 26.33 -28.08 -38.90
N GLN F 131 26.54 -27.50 -40.10
CA GLN F 131 27.56 -26.47 -40.27
C GLN F 131 27.18 -25.17 -39.57
N GLU F 132 25.88 -24.91 -39.41
CA GLU F 132 25.45 -23.76 -38.63
C GLU F 132 25.86 -23.92 -37.16
N ALA F 133 25.61 -25.12 -36.59
CA ALA F 133 25.94 -25.40 -35.21
C ALA F 133 27.46 -25.40 -35.00
N GLN F 134 28.19 -25.98 -35.96
CA GLN F 134 29.65 -26.03 -35.94
C GLN F 134 30.24 -24.62 -35.98
N SER F 135 29.67 -23.75 -36.83
CA SER F 135 30.12 -22.37 -36.99
C SER F 135 29.94 -21.62 -35.68
N TYR F 136 28.81 -21.86 -35.03
CA TYR F 136 28.55 -21.24 -33.74
C TYR F 136 29.51 -21.76 -32.66
N ALA F 137 29.77 -23.08 -32.66
CA ALA F 137 30.72 -23.73 -31.75
C ALA F 137 32.15 -23.22 -31.95
N ASP F 138 32.63 -23.25 -33.19
CA ASP F 138 33.95 -22.74 -33.54
C ASP F 138 34.15 -21.29 -33.08
N ASP F 139 33.16 -20.42 -33.34
CA ASP F 139 33.21 -19.00 -32.99
C ASP F 139 33.29 -18.76 -31.48
N ASN F 140 32.98 -19.78 -30.67
CA ASN F 140 32.86 -19.62 -29.23
C ASN F 140 33.71 -20.62 -28.45
N SER F 141 34.62 -21.31 -29.16
CA SER F 141 35.52 -22.30 -28.60
C SER F 141 34.77 -23.40 -27.84
N LEU F 142 33.62 -23.79 -28.38
CA LEU F 142 32.85 -24.91 -27.86
C LEU F 142 33.27 -26.19 -28.59
N LEU F 143 33.26 -27.32 -27.86
CA LEU F 143 33.43 -28.65 -28.44
C LEU F 143 32.07 -29.14 -28.92
N PHE F 144 31.94 -29.31 -30.25
CA PHE F 144 30.64 -29.67 -30.78
C PHE F 144 30.67 -31.04 -31.45
N MET F 145 29.69 -31.87 -31.07
CA MET F 145 29.41 -33.12 -31.75
C MET F 145 27.89 -33.30 -31.80
N GLU F 146 27.42 -33.93 -32.89
CA GLU F 146 26.06 -34.45 -32.91
C GLU F 146 26.10 -35.83 -32.27
N THR F 147 25.17 -36.04 -31.33
CA THR F 147 25.16 -37.25 -30.53
C THR F 147 23.82 -37.95 -30.72
N SER F 148 23.77 -39.21 -30.34
CA SER F 148 22.51 -39.91 -30.16
C SER F 148 22.64 -40.80 -28.94
N ALA F 149 21.95 -40.43 -27.85
CA ALA F 149 21.83 -41.29 -26.69
C ALA F 149 21.20 -42.64 -27.06
N LYS F 150 20.28 -42.63 -28.03
CA LYS F 150 19.56 -43.81 -28.50
C LYS F 150 20.53 -44.86 -29.07
N THR F 151 21.32 -44.46 -30.07
CA THR F 151 22.21 -45.37 -30.75
C THR F 151 23.59 -45.46 -30.10
N SER F 152 23.97 -44.44 -29.31
CA SER F 152 25.23 -44.29 -28.59
C SER F 152 26.25 -43.48 -29.39
N MET F 153 25.84 -42.99 -30.56
CA MET F 153 26.70 -42.24 -31.46
C MET F 153 27.27 -41.02 -30.75
N ASN F 154 28.61 -40.98 -30.70
CA ASN F 154 29.38 -39.86 -30.20
C ASN F 154 29.19 -39.53 -28.71
N VAL F 155 28.56 -40.43 -27.94
CA VAL F 155 28.28 -40.20 -26.52
C VAL F 155 29.56 -40.23 -25.70
N ASN F 156 30.28 -41.35 -25.78
CA ASN F 156 31.60 -41.53 -25.17
C ASN F 156 32.56 -40.48 -25.73
N GLU F 157 32.46 -40.21 -27.04
CA GLU F 157 33.35 -39.32 -27.77
C GLU F 157 33.28 -37.88 -27.26
N ILE F 158 32.08 -37.39 -26.93
CA ILE F 158 31.94 -36.00 -26.48
C ILE F 158 32.55 -35.84 -25.09
N PHE F 159 32.36 -36.83 -24.18
CA PHE F 159 32.92 -36.80 -22.84
C PHE F 159 34.44 -36.94 -22.88
N MET F 160 34.96 -37.71 -23.84
CA MET F 160 36.39 -37.86 -24.03
C MET F 160 37.02 -36.56 -24.55
N ALA F 161 36.30 -35.85 -25.45
CA ALA F 161 36.74 -34.57 -26.01
C ALA F 161 36.85 -33.52 -24.89
N ILE F 162 35.87 -33.52 -23.98
CA ILE F 162 35.90 -32.67 -22.79
C ILE F 162 37.14 -33.01 -21.95
N ALA F 163 37.31 -34.30 -21.60
CA ALA F 163 38.42 -34.73 -20.75
C ALA F 163 39.77 -34.27 -21.27
N LYS F 164 39.92 -34.26 -22.59
CA LYS F 164 41.16 -33.96 -23.27
C LYS F 164 41.51 -32.49 -23.11
N LYS F 165 40.48 -31.64 -23.19
CA LYS F 165 40.59 -30.18 -23.14
C LYS F 165 40.79 -29.68 -21.72
N LEU F 166 40.24 -30.39 -20.73
CA LEU F 166 40.33 -30.00 -19.33
C LEU F 166 41.79 -30.01 -18.86
N PRO F 167 42.17 -29.05 -17.98
CA PRO F 167 43.52 -29.02 -17.39
C PRO F 167 43.73 -30.25 -16.50
N LYS F 168 44.79 -31.05 -16.77
CA LYS F 168 45.01 -32.33 -16.09
C LYS F 168 46.43 -32.42 -15.49
PG GTP G . 14.23 -32.68 -18.91
O1G GTP G . 12.73 -32.40 -18.85
O2G GTP G . 14.65 -33.55 -17.74
O3G GTP G . 14.97 -31.35 -18.89
O3B GTP G . 14.48 -33.46 -20.32
PB GTP G . 15.85 -34.16 -20.82
O1B GTP G . 16.69 -33.17 -21.58
O2B GTP G . 16.60 -34.84 -19.70
O3A GTP G . 15.34 -35.22 -21.91
PA GTP G . 15.22 -36.84 -21.70
O1A GTP G . 16.54 -37.50 -21.53
O2A GTP G . 14.26 -37.22 -20.60
O5' GTP G . 14.59 -37.25 -23.13
C5' GTP G . 13.27 -36.81 -23.53
C4' GTP G . 12.75 -37.80 -24.55
O4' GTP G . 13.62 -37.84 -25.70
C3' GTP G . 12.69 -39.24 -24.02
O3' GTP G . 11.60 -39.91 -24.63
C2' GTP G . 13.97 -39.86 -24.55
O2' GTP G . 13.87 -41.25 -24.66
C1' GTP G . 14.12 -39.15 -25.90
N9 GTP G . 15.50 -39.11 -26.40
C8 GTP G . 16.62 -38.71 -25.70
N7 GTP G . 17.69 -38.81 -26.51
C5 GTP G . 17.28 -39.27 -27.73
C6 GTP G . 17.99 -39.55 -28.91
O6 GTP G . 19.20 -39.39 -28.97
N1 GTP G . 17.28 -40.01 -30.02
C2 GTP G . 15.91 -40.19 -29.93
N2 GTP G . 15.23 -40.63 -30.98
N3 GTP G . 15.23 -39.92 -28.77
C4 GTP G . 15.91 -39.45 -27.67
MG MG H . 16.18 -34.88 -17.64
#